data_7KMF
#
_entry.id   7KMF
#
_cell.length_a   1.00
_cell.length_b   1.00
_cell.length_c   1.00
_cell.angle_alpha   90.00
_cell.angle_beta   90.00
_cell.angle_gamma   90.00
#
_symmetry.space_group_name_H-M   'P 1'
#
loop_
_entity.id
_entity.type
_entity.pdbx_description
1 polymer 'Translation initiation factor eIF-2B subunit beta'
2 polymer 'Translation initiation factor eIF-2B subunit delta'
3 polymer 'Translation initiation factor eIF-2B subunit alpha'
4 polymer 'Translation initiation factor eIF-2B subunit epsilon'
5 polymer 'Translation initiation factor eIF-2B subunit gamma'
6 non-polymer 6-O-phosphono-beta-D-fructofuranose
7 water water
#
loop_
_entity_poly.entity_id
_entity_poly.type
_entity_poly.pdbx_seq_one_letter_code
_entity_poly.pdbx_strand_id
1 'polypeptide(L)'
;MDYKDDDDKENLYFQSMPGSAAKGSELSERIESFVETLKRGGGPRSSEEMARETLGLLRQIITDHRWSNAGELMELIRRE
GRRMTAAQPSETTVGNMVRRVLKIIREEYGRLHGRSDESDQQESLHKLLTSGGLNEDFSFHYAQLQSNIIEAINELLVEL
EGTMENIAAQALEHIHSNEVIMTIGFSRTVEAFLKEAARKRKFHVIVAECAPFCQGHEMAVNLSKAGIETTVMTDAAIFA
VMSRVNKVIIGTKTILANGALRAVTGTHTLALAAKHHSTPLIVCAPMFKLSPQFPNEEDSFHKFVAPEEVLPFTEGDILE
KVSVHCPVFDYVPPELITLFISNIGGNAPSYIYRLMSELYHPDDHVL
;
C,D
2 'polypeptide(L)'
;MAAVAVAVREDSGSGMKAELPPGPGAVGREMTKEEKLQLRKEKKQQKKKRKEEKGAEPETGSAVSAAQCQVGPTRELPES
GIQLGTPREKVPAGRSKAELRAERRAKQEAERALKQARKGEQGGPPPKASPSTAGETPSGVKRLPEYPQVDDLLLRRLVK
KPERQQVPTRKDYGSKVSLFSHLPQYSRQNSLTQFMSIPSSVIHPAMVRLGLQYSQGLVSGSNARCIALLRALQQVIQDY
TTPPNEELSRDLVNKLKPYMSFLTQCRPLSASMHNAIKFLNKEITSVGSSKREEEAKSELRAAIDRYVQEKIVLAAQAIS
RFAYQKISNGDVILVYGCSSLVSRILQEAWTEGRRFRVVVVDSRPWLEGRHTLRSLVHAGVPASYLLIPAASYVLPEVSK
VLLGAHALLANGSVMSRVGTAQLALVARAHNVPVLVCCETYKFCERVQTDAFVSNELDDPDDLQCKRGEHVALANWQNHA
SLRLLNLVYDVTPPELVDLVITELGMIPCSSVPVVLRVKSSDQ
;
F,E
3 'polypeptide(L)'
;MDDKELIEYFKSQMKEDPDMASAVAAIRTLLEFLKRDKGETIQGLRANLTSAIETLCGVDSSVAVSSGGELFLRFISLAS
LEYSDYSKCKKIMIERGELFLRRISLSRNKIADLCHTFIKDGATILTHAYSRVVLRVLEAAVAAKKRFSVYVTESQPDLS
GKKMAKALCHLNVPVTVVLDAAVGYIMEKADLVIVGAEGVVENGGIINKIGTNQMAVCAKAQNKPFYVVAESFKFVRLFP
LNQQDVPDKFKYKADTLKVAQTGQDLKEEHPWVDYTAPSLITLLFTDLGVLTPSAVSDELIKLYLGGENLYFQAEDKGGG
SGGGGSGGGGSASQGGLNDIFEAQKIEWHEGGGGSGGGGSGGGGSGRDQDYKDDDDK
;
H,G
4 'polypeptide(L)'
;MAAPVVAPPGVVVSRANKRSGAGPGGSGGGGARGAEEEPPPPLQAVLVADSFDRRFFPISKDQPRVLLPLANVALIDYTL
EFLTATGVQETFVFCCWKAAQIKEHLLKSKWCRPTSLNVVRIITSELYRSLGDVLRDVDAKALVRSDFLLVYGDVISNIN
ITRALEEHRLRRKLEKNVSVMTMIFKESSPSHPTRCHEDNVVVAVDSTTNRVLHFQKTQGLRRFAFPLSLFQGSSDGVEV
RYDLLDCHISICSPQVAQLFTDNFDYQTRDDFVRGLLVNEEILGNQIHMHVTAKEYGARVSNLHMYSAVCADVIRRWVYP
LTPEANFTDSTTQSCTHSRHNIYRGPEVSLGHGSILEENVLLGSGTVIGSNCFITNSVIGPGCHIGDNVVLDQTYLWQGV
RVAAGAQIHQSLLCDNAEVKERVTLKPRSVLTSQVVVGPNITLPEGSVISLHPPDAEEDEDDGEFSDDSGADQEKDKVKM
KGYNPAEVGAAGKGYLWKAAGMNMEEEEELQQNLWGLKINMEEESESESEQSMDSEEPDSRGGSPQMDDIKVFQNEVLGT
LQRGKEENISCDNLVLEINSLKYAYNISLKEVMQVLSHVVLEFPLQQMDSPLDSSRYCALLLPLLKAWSPVFRNYIKRAA
DHLEALAAIEDFFLEHEALGISMAKVLMAFYQLEILAEETILSWFSQRDTTDKGQQLRKNQQLQRFIQWLKEAEEESSED
D
;
B,I
5 'polypeptide(L)'
;MEFQAVVMAVGGGSRMTDLTSSIPKPLLPVGNKPLIWYPLNLLERVGFEEVIVVTTRDVQKALCAEFKMKMKPDIVCIPD
DADMGTADSLRYIYPKLKTDVLVLSCDLITDVALHEVVDLFRAYDASLAMLMRKGQDSIEPVPGQKGKKKAVEQRDFIGV
DSTGKRLLFMANEADLDEELVIKGSILQKHPRIRFHTGLVDAHLYCLKKYIVDFLMENGSITSIRSELIPYLVRKQFSSA
SSQQGQEEKEEDLKKKELKSLDIYSFIKEANTLNLAPYDACWNACRGDRWEDLSRSQVRCYVHIMKEGLCSRVSTLGLYM
EANRQVPKLLSALCPEEPPVHSSAQIVSKHLVGVDSLIGPETQIGEKSSIKRSVIGSSCLIKDRVTITNCLLMNSVTVEE
GSNIQGSVICNNAVIEKGADIKDCLIGSGQRIEAKAKRVNEVIVGNDQLMEI
;
J,K
#
loop_
_chem_comp.id
_chem_comp.type
_chem_comp.name
_chem_comp.formula
F6P D-saccharide, beta linking 6-O-phosphono-beta-D-fructofuranose 'C6 H13 O9 P'
#
# COMPACT_ATOMS: atom_id res chain seq x y z
N SER A 25 -6.38 -31.18 -50.36
CA SER A 25 -6.89 -29.85 -50.68
C SER A 25 -5.93 -28.77 -50.18
N GLU A 26 -6.11 -27.55 -50.71
CA GLU A 26 -5.28 -26.44 -50.28
C GLU A 26 -5.60 -26.04 -48.84
N LEU A 27 -6.88 -26.14 -48.47
CA LEU A 27 -7.29 -25.80 -47.11
C LEU A 27 -6.66 -26.72 -46.09
N SER A 28 -6.68 -28.03 -46.35
CA SER A 28 -6.22 -28.98 -45.35
C SER A 28 -4.73 -28.81 -45.08
N GLU A 29 -3.94 -28.73 -46.15
CA GLU A 29 -2.51 -28.50 -45.97
C GLU A 29 -2.25 -27.13 -45.34
N ARG A 30 -3.13 -26.16 -45.57
CA ARG A 30 -2.96 -24.89 -44.85
C ARG A 30 -3.32 -25.03 -43.37
N ILE A 31 -4.24 -25.94 -43.02
CA ILE A 31 -4.57 -26.17 -41.62
C ILE A 31 -3.38 -26.78 -40.89
N GLU A 32 -2.82 -27.88 -41.42
CA GLU A 32 -1.64 -28.40 -40.72
C GLU A 32 -0.39 -27.56 -40.91
N SER A 33 -0.32 -26.70 -41.92
CA SER A 33 0.77 -25.73 -41.94
C SER A 33 0.64 -24.75 -40.79
N PHE A 34 -0.58 -24.26 -40.52
CA PHE A 34 -0.80 -23.37 -39.39
C PHE A 34 -0.54 -24.10 -38.07
N VAL A 35 -0.99 -25.34 -37.95
CA VAL A 35 -0.79 -26.09 -36.71
C VAL A 35 0.70 -26.35 -36.47
N GLU A 36 1.43 -26.71 -37.52
CA GLU A 36 2.86 -27.00 -37.37
C GLU A 36 3.65 -25.72 -37.07
N THR A 37 3.35 -24.61 -37.74
CA THR A 37 4.04 -23.38 -37.39
C THR A 37 3.57 -22.83 -36.05
N LEU A 38 2.47 -23.35 -35.51
CA LEU A 38 2.06 -22.96 -34.16
C LEU A 38 2.80 -23.78 -33.11
N LYS A 39 2.98 -25.08 -33.34
CA LYS A 39 3.75 -25.92 -32.42
C LYS A 39 5.22 -25.52 -32.42
N ARG A 40 5.80 -25.43 -33.60
CA ARG A 40 7.26 -25.42 -33.74
C ARG A 40 7.83 -24.03 -33.55
N GLY A 41 7.42 -23.08 -34.38
CA GLY A 41 8.01 -21.77 -34.31
C GLY A 41 7.01 -20.66 -34.15
N GLY A 42 7.10 -19.67 -35.03
CA GLY A 42 6.23 -18.52 -34.97
C GLY A 42 5.26 -18.44 -36.13
N GLY A 43 5.62 -17.65 -37.14
CA GLY A 43 4.71 -17.32 -38.21
C GLY A 43 4.17 -15.92 -38.01
N PRO A 44 2.95 -15.82 -37.50
CA PRO A 44 2.43 -14.51 -37.10
C PRO A 44 3.18 -13.97 -35.90
N ARG A 45 3.82 -12.82 -36.07
CA ARG A 45 4.58 -12.20 -34.98
C ARG A 45 3.67 -11.72 -33.87
N SER A 46 2.81 -10.75 -34.17
CA SER A 46 1.97 -10.16 -33.16
C SER A 46 0.69 -10.97 -32.98
N SER A 47 0.01 -10.72 -31.85
CA SER A 47 -1.23 -11.44 -31.57
C SER A 47 -2.35 -11.01 -32.49
N GLU A 48 -2.30 -9.78 -32.99
CA GLU A 48 -3.32 -9.31 -33.93
C GLU A 48 -3.23 -10.07 -35.24
N GLU A 49 -2.01 -10.29 -35.74
CA GLU A 49 -1.83 -11.11 -36.94
C GLU A 49 -2.20 -12.56 -36.67
N MET A 50 -1.94 -13.06 -35.46
CA MET A 50 -2.33 -14.41 -35.12
C MET A 50 -3.84 -14.57 -35.15
N ALA A 51 -4.57 -13.60 -34.62
CA ALA A 51 -6.02 -13.66 -34.63
C ALA A 51 -6.57 -13.45 -36.04
N ARG A 52 -5.92 -12.61 -36.84
CA ARG A 52 -6.39 -12.40 -38.20
C ARG A 52 -6.18 -13.65 -39.04
N GLU A 53 -5.05 -14.34 -38.86
CA GLU A 53 -4.84 -15.60 -39.56
C GLU A 53 -5.79 -16.67 -39.06
N THR A 54 -6.13 -16.64 -37.77
CA THR A 54 -7.11 -17.59 -37.26
C THR A 54 -8.49 -17.36 -37.87
N LEU A 55 -8.93 -16.11 -37.99
CA LEU A 55 -10.20 -15.85 -38.68
C LEU A 55 -10.12 -16.20 -40.16
N GLY A 56 -8.97 -15.97 -40.80
CA GLY A 56 -8.84 -16.39 -42.19
C GLY A 56 -9.01 -17.90 -42.34
N LEU A 57 -8.39 -18.66 -41.43
CA LEU A 57 -8.51 -20.11 -41.48
C LEU A 57 -9.92 -20.57 -41.15
N LEU A 58 -10.56 -19.95 -40.15
CA LEU A 58 -11.92 -20.34 -39.79
C LEU A 58 -12.91 -19.99 -40.88
N ARG A 59 -12.76 -18.83 -41.50
CA ARG A 59 -13.60 -18.46 -42.63
C ARG A 59 -13.42 -19.42 -43.79
N GLN A 60 -12.17 -19.85 -44.03
CA GLN A 60 -11.93 -20.81 -45.09
C GLN A 60 -12.57 -22.15 -44.77
N ILE A 61 -12.53 -22.57 -43.49
CA ILE A 61 -13.18 -23.80 -43.06
C ILE A 61 -14.69 -23.73 -43.28
N ILE A 62 -15.29 -22.59 -42.93
CA ILE A 62 -16.71 -22.36 -43.21
C ILE A 62 -17.02 -22.51 -44.69
N THR A 63 -16.22 -21.86 -45.54
CA THR A 63 -16.55 -21.82 -46.96
C THR A 63 -16.34 -23.16 -47.64
N ASP A 64 -15.23 -23.85 -47.36
CA ASP A 64 -14.80 -24.91 -48.25
C ASP A 64 -15.18 -26.33 -47.84
N HIS A 65 -15.17 -26.67 -46.55
CA HIS A 65 -15.81 -27.92 -46.15
C HIS A 65 -17.31 -27.86 -46.42
N ARG A 66 -17.86 -29.03 -46.71
CA ARG A 66 -19.30 -29.15 -46.87
C ARG A 66 -19.93 -29.56 -45.55
N TRP A 67 -20.90 -28.79 -45.11
CA TRP A 67 -21.70 -29.08 -43.94
C TRP A 67 -23.14 -28.76 -44.26
N SER A 68 -24.06 -29.47 -43.61
CA SER A 68 -25.47 -29.26 -43.91
C SER A 68 -26.04 -28.20 -42.98
N ASN A 69 -26.01 -28.46 -41.69
CA ASN A 69 -26.49 -27.50 -40.71
C ASN A 69 -25.35 -27.08 -39.79
N ALA A 70 -25.66 -26.25 -38.81
CA ALA A 70 -24.64 -25.71 -37.91
C ALA A 70 -24.16 -26.72 -36.89
N GLY A 71 -24.81 -27.88 -36.78
CA GLY A 71 -24.39 -28.85 -35.78
C GLY A 71 -23.03 -29.44 -36.07
N GLU A 72 -22.89 -30.14 -37.19
CA GLU A 72 -21.59 -30.70 -37.55
C GLU A 72 -20.60 -29.61 -37.91
N LEU A 73 -21.08 -28.42 -38.28
CA LEU A 73 -20.18 -27.28 -38.46
C LEU A 73 -19.53 -26.90 -37.15
N MET A 74 -20.32 -26.83 -36.07
CA MET A 74 -19.75 -26.58 -34.75
C MET A 74 -18.83 -27.71 -34.32
N GLU A 75 -19.19 -28.96 -34.63
CA GLU A 75 -18.31 -30.07 -34.28
C GLU A 75 -16.98 -30.00 -35.02
N LEU A 76 -17.03 -29.64 -36.32
CA LEU A 76 -15.82 -29.52 -37.12
C LEU A 76 -14.92 -28.39 -36.62
N ILE A 77 -15.51 -27.22 -36.37
CA ILE A 77 -14.73 -26.11 -35.86
C ILE A 77 -14.23 -26.41 -34.46
N ARG A 78 -15.02 -27.12 -33.65
CA ARG A 78 -14.61 -27.45 -32.30
C ARG A 78 -13.41 -28.38 -32.31
N ARG A 79 -13.40 -29.39 -33.18
CA ARG A 79 -12.26 -30.29 -33.19
C ARG A 79 -11.04 -29.66 -33.85
N GLU A 80 -11.24 -28.80 -34.85
CA GLU A 80 -10.09 -28.10 -35.43
C GLU A 80 -9.48 -27.14 -34.43
N GLY A 81 -10.30 -26.42 -33.68
CA GLY A 81 -9.77 -25.57 -32.64
C GLY A 81 -9.19 -26.36 -31.48
N ARG A 82 -9.69 -27.58 -31.26
CA ARG A 82 -9.09 -28.45 -30.26
C ARG A 82 -7.67 -28.85 -30.66
N ARG A 83 -7.46 -29.18 -31.92
CA ARG A 83 -6.10 -29.53 -32.34
C ARG A 83 -5.22 -28.29 -32.45
N MET A 84 -5.80 -27.13 -32.79
CA MET A 84 -5.01 -25.90 -32.83
C MET A 84 -4.67 -25.41 -31.44
N THR A 85 -5.47 -25.77 -30.44
CA THR A 85 -5.18 -25.40 -29.07
C THR A 85 -4.20 -26.39 -28.44
N ALA A 86 -4.36 -27.68 -28.69
CA ALA A 86 -3.38 -28.65 -28.23
C ALA A 86 -2.07 -28.53 -28.99
N ALA A 87 -2.05 -27.84 -30.12
CA ALA A 87 -0.80 -27.55 -30.80
C ALA A 87 0.10 -26.66 -29.95
N GLN A 88 -0.48 -25.63 -29.34
CA GLN A 88 0.27 -24.71 -28.48
C GLN A 88 -0.71 -24.15 -27.48
N PRO A 89 -0.84 -24.80 -26.32
CA PRO A 89 -1.89 -24.40 -25.36
C PRO A 89 -1.66 -23.05 -24.73
N SER A 90 -0.47 -22.48 -24.83
CA SER A 90 -0.22 -21.17 -24.27
C SER A 90 -0.46 -20.06 -25.28
N GLU A 91 -0.87 -20.38 -26.49
CA GLU A 91 -1.23 -19.40 -27.51
C GLU A 91 -2.75 -19.35 -27.53
N THR A 92 -3.33 -18.59 -26.61
CA THR A 92 -4.77 -18.58 -26.46
C THR A 92 -5.47 -17.69 -27.47
N THR A 93 -4.76 -16.80 -28.15
CA THR A 93 -5.39 -15.97 -29.17
C THR A 93 -5.94 -16.82 -30.30
N VAL A 94 -5.35 -17.98 -30.54
CA VAL A 94 -5.95 -18.92 -31.47
C VAL A 94 -7.21 -19.53 -30.87
N GLY A 95 -7.17 -19.91 -29.59
CA GLY A 95 -8.31 -20.58 -29.00
C GLY A 95 -9.48 -19.68 -28.73
N ASN A 96 -9.24 -18.37 -28.56
CA ASN A 96 -10.35 -17.44 -28.40
C ASN A 96 -11.11 -17.27 -29.69
N MET A 97 -10.40 -17.06 -30.79
CA MET A 97 -11.08 -16.80 -32.05
C MET A 97 -11.74 -18.03 -32.63
N VAL A 98 -11.42 -19.22 -32.12
CA VAL A 98 -12.26 -20.38 -32.40
C VAL A 98 -13.58 -20.25 -31.65
N ARG A 99 -13.53 -19.77 -30.41
CA ARG A 99 -14.75 -19.64 -29.62
C ARG A 99 -15.61 -18.48 -30.08
N ARG A 100 -15.01 -17.42 -30.61
CA ARG A 100 -15.81 -16.33 -31.16
C ARG A 100 -16.56 -16.76 -32.40
N VAL A 101 -15.94 -17.58 -33.24
CA VAL A 101 -16.64 -18.11 -34.41
C VAL A 101 -17.74 -19.07 -33.97
N LEU A 102 -17.52 -19.83 -32.89
CA LEU A 102 -18.58 -20.69 -32.39
C LEU A 102 -19.75 -19.88 -31.85
N LYS A 103 -19.47 -18.79 -31.13
CA LYS A 103 -20.54 -17.91 -30.66
C LYS A 103 -21.26 -17.25 -31.82
N ILE A 104 -20.50 -16.86 -32.85
CA ILE A 104 -21.09 -16.26 -34.04
C ILE A 104 -22.00 -17.24 -34.76
N ILE A 105 -21.58 -18.51 -34.84
CA ILE A 105 -22.44 -19.53 -35.43
C ILE A 105 -23.70 -19.72 -34.62
N ARG A 106 -23.56 -19.76 -33.28
CA ARG A 106 -24.72 -19.98 -32.43
C ARG A 106 -25.68 -18.78 -32.46
N GLU A 107 -25.17 -17.58 -32.68
CA GLU A 107 -26.02 -16.40 -32.69
C GLU A 107 -26.54 -16.05 -34.08
N GLU A 108 -25.92 -16.56 -35.14
CA GLU A 108 -26.47 -16.40 -36.47
C GLU A 108 -27.33 -17.58 -36.89
N TYR A 109 -27.28 -18.68 -36.15
CA TYR A 109 -28.26 -19.75 -36.29
C TYR A 109 -29.44 -19.55 -35.37
N GLY A 110 -29.24 -18.85 -34.26
CA GLY A 110 -30.36 -18.53 -33.39
C GLY A 110 -31.35 -17.60 -34.03
N ARG A 111 -30.88 -16.56 -34.69
CA ARG A 111 -31.79 -15.60 -35.30
C ARG A 111 -32.44 -16.12 -36.57
N LEU A 112 -32.00 -17.25 -37.09
CA LEU A 112 -32.72 -17.96 -38.14
C LEU A 112 -33.56 -19.11 -37.60
N HIS A 113 -33.63 -19.26 -36.27
CA HIS A 113 -34.42 -20.32 -35.66
C HIS A 113 -35.50 -19.73 -34.76
N TYR A 142 -29.97 -24.69 -42.53
CA TYR A 142 -30.61 -23.77 -43.46
C TYR A 142 -29.76 -23.59 -44.71
N ALA A 143 -29.98 -22.48 -45.42
CA ALA A 143 -29.27 -22.20 -46.66
C ALA A 143 -28.37 -20.97 -46.56
N GLN A 144 -28.93 -19.82 -46.17
CA GLN A 144 -28.17 -18.57 -46.18
C GLN A 144 -27.28 -18.40 -44.96
N LEU A 145 -27.35 -19.35 -44.00
CA LEU A 145 -26.52 -19.29 -42.81
C LEU A 145 -25.05 -19.27 -43.15
N GLN A 146 -24.65 -20.04 -44.15
CA GLN A 146 -23.26 -20.05 -44.60
C GLN A 146 -22.80 -18.69 -45.05
N SER A 147 -23.71 -17.88 -45.61
CA SER A 147 -23.34 -16.51 -45.92
C SER A 147 -23.25 -15.67 -44.65
N ASN A 148 -24.25 -15.83 -43.77
CA ASN A 148 -24.42 -14.90 -42.65
C ASN A 148 -23.22 -14.92 -41.71
N ILE A 149 -22.77 -16.12 -41.36
CA ILE A 149 -21.58 -16.29 -40.54
C ILE A 149 -20.39 -15.57 -41.14
N ILE A 150 -20.21 -15.74 -42.46
CA ILE A 150 -19.09 -15.11 -43.15
C ILE A 150 -19.16 -13.60 -42.98
N GLU A 151 -20.37 -13.04 -43.14
CA GLU A 151 -20.54 -11.60 -42.97
C GLU A 151 -20.19 -11.19 -41.56
N ALA A 152 -20.65 -11.96 -40.57
CA ALA A 152 -20.31 -11.65 -39.18
C ALA A 152 -18.82 -11.78 -38.96
N ILE A 153 -18.20 -12.78 -39.59
CA ILE A 153 -16.76 -12.96 -39.48
C ILE A 153 -16.04 -11.76 -40.09
N ASN A 154 -16.55 -11.25 -41.20
CA ASN A 154 -15.99 -10.04 -41.77
C ASN A 154 -16.18 -8.86 -40.82
N GLU A 155 -17.35 -8.78 -40.19
CA GLU A 155 -17.57 -7.75 -39.18
C GLU A 155 -16.70 -7.98 -37.95
N LEU A 156 -16.26 -9.22 -37.73
CA LEU A 156 -15.28 -9.46 -36.69
C LEU A 156 -13.90 -9.01 -37.14
N LEU A 157 -13.56 -9.23 -38.42
CA LEU A 157 -12.25 -8.89 -38.91
C LEU A 157 -12.04 -7.39 -38.93
N VAL A 158 -13.05 -6.63 -39.35
CA VAL A 158 -12.97 -5.18 -39.23
C VAL A 158 -13.19 -4.73 -37.80
N GLU A 159 -13.71 -5.61 -36.94
CA GLU A 159 -13.58 -5.35 -35.50
C GLU A 159 -12.13 -5.47 -35.07
N LEU A 160 -11.41 -6.43 -35.65
CA LEU A 160 -9.96 -6.42 -35.63
C LEU A 160 -9.45 -5.35 -36.59
N GLU A 161 -8.14 -5.24 -36.68
CA GLU A 161 -7.43 -4.27 -37.53
C GLU A 161 -7.76 -2.82 -37.16
N GLY A 162 -8.53 -2.60 -36.10
CA GLY A 162 -8.87 -1.32 -35.56
C GLY A 162 -8.94 -1.44 -34.06
N THR A 163 -8.50 -2.59 -33.55
CA THR A 163 -8.38 -2.76 -32.10
C THR A 163 -7.28 -1.87 -31.55
N MET A 164 -6.19 -1.70 -32.30
CA MET A 164 -5.08 -0.90 -31.80
C MET A 164 -5.36 0.59 -31.88
N GLU A 165 -6.13 1.03 -32.88
CA GLU A 165 -6.46 2.45 -32.97
C GLU A 165 -7.50 2.87 -31.95
N ASN A 166 -8.30 1.93 -31.44
CA ASN A 166 -9.28 2.25 -30.41
C ASN A 166 -8.72 2.13 -29.01
N ILE A 167 -7.53 1.56 -28.87
CA ILE A 167 -6.85 1.50 -27.58
C ILE A 167 -5.93 2.71 -27.52
N ALA A 168 -5.32 3.04 -28.66
CA ALA A 168 -4.45 4.20 -28.72
C ALA A 168 -5.24 5.50 -28.59
N ALA A 169 -6.52 5.49 -28.95
CA ALA A 169 -7.32 6.70 -28.82
C ALA A 169 -7.54 7.08 -27.37
N GLN A 170 -7.49 6.12 -26.46
CA GLN A 170 -7.67 6.38 -25.05
C GLN A 170 -6.36 6.69 -24.34
N ALA A 171 -5.32 7.03 -25.08
CA ALA A 171 -4.01 7.27 -24.46
C ALA A 171 -4.00 8.57 -23.69
N LEU A 172 -4.62 9.61 -24.24
CA LEU A 172 -4.53 10.94 -23.64
C LEU A 172 -5.33 11.02 -22.34
N GLU A 173 -6.33 10.15 -22.19
CA GLU A 173 -7.11 10.16 -20.96
C GLU A 173 -6.32 9.56 -19.80
N HIS A 174 -5.31 8.74 -20.09
CA HIS A 174 -4.57 8.04 -19.05
C HIS A 174 -3.11 8.42 -18.96
N ILE A 175 -2.60 9.24 -19.88
CA ILE A 175 -1.20 9.64 -19.84
C ILE A 175 -1.11 11.15 -19.86
N HIS A 176 -0.38 11.71 -18.91
CA HIS A 176 -0.31 13.15 -18.71
C HIS A 176 1.11 13.62 -18.88
N SER A 177 1.24 14.92 -19.17
CA SER A 177 2.56 15.50 -19.39
C SER A 177 3.38 15.45 -18.10
N ASN A 178 4.68 15.27 -18.27
CA ASN A 178 5.67 15.12 -17.20
C ASN A 178 5.39 13.93 -16.29
N GLU A 179 4.65 12.93 -16.76
CA GLU A 179 4.51 11.69 -16.02
C GLU A 179 5.66 10.76 -16.35
N VAL A 180 5.55 9.54 -15.86
CA VAL A 180 6.56 8.51 -16.06
C VAL A 180 5.86 7.15 -16.04
N ILE A 181 6.09 6.37 -17.07
CA ILE A 181 5.39 5.12 -17.32
C ILE A 181 6.41 4.00 -17.26
N MET A 182 5.99 2.82 -16.83
CA MET A 182 6.87 1.67 -16.85
C MET A 182 6.21 0.55 -17.65
N THR A 183 6.98 -0.07 -18.53
CA THR A 183 6.50 -1.15 -19.39
C THR A 183 7.49 -2.29 -19.26
N ILE A 184 7.04 -3.52 -19.44
CA ILE A 184 7.93 -4.65 -19.20
C ILE A 184 8.46 -5.21 -20.52
N GLY A 185 7.59 -5.54 -21.47
CA GLY A 185 8.02 -6.18 -22.68
C GLY A 185 7.56 -5.39 -23.89
N PHE A 186 7.96 -5.86 -25.05
CA PHE A 186 7.52 -5.25 -26.28
C PHE A 186 6.10 -5.67 -26.57
N SER A 187 5.16 -4.74 -26.43
CA SER A 187 3.77 -4.96 -26.80
C SER A 187 3.43 -4.02 -27.93
N ARG A 188 2.81 -4.54 -28.98
CA ARG A 188 2.41 -3.67 -30.09
C ARG A 188 1.30 -2.72 -29.65
N THR A 189 0.41 -3.19 -28.78
CA THR A 189 -0.70 -2.34 -28.34
C THR A 189 -0.22 -1.26 -27.38
N VAL A 190 0.69 -1.61 -26.47
CA VAL A 190 1.20 -0.64 -25.52
C VAL A 190 2.09 0.38 -26.22
N GLU A 191 2.89 -0.08 -27.19
CA GLU A 191 3.74 0.85 -27.94
C GLU A 191 2.90 1.87 -28.69
N ALA A 192 1.85 1.41 -29.39
CA ALA A 192 0.98 2.34 -30.09
C ALA A 192 0.15 3.18 -29.11
N PHE A 193 -0.10 2.65 -27.93
CA PHE A 193 -0.70 3.45 -26.86
C PHE A 193 0.26 4.56 -26.44
N LEU A 194 1.55 4.25 -26.34
CA LEU A 194 2.52 5.27 -25.96
C LEU A 194 2.83 6.20 -27.12
N LYS A 195 2.63 5.75 -28.35
CA LYS A 195 2.85 6.63 -29.50
C LYS A 195 1.78 7.71 -29.59
N GLU A 196 0.52 7.34 -29.35
CA GLU A 196 -0.56 8.31 -29.51
C GLU A 196 -0.54 9.35 -28.41
N ALA A 197 -0.14 8.97 -27.19
CA ALA A 197 0.03 9.97 -26.15
C ALA A 197 1.30 10.78 -26.32
N ALA A 198 2.24 10.33 -27.14
CA ALA A 198 3.48 11.06 -27.32
C ALA A 198 3.33 12.28 -28.19
N ARG A 199 2.43 12.24 -29.17
CA ARG A 199 2.33 13.35 -30.12
C ARG A 199 1.61 14.55 -29.54
N LYS A 200 1.03 14.44 -28.35
CA LYS A 200 0.42 15.58 -27.68
C LYS A 200 1.11 15.97 -26.40
N ARG A 201 1.58 15.01 -25.61
CA ARG A 201 2.14 15.28 -24.31
C ARG A 201 3.62 14.91 -24.28
N LYS A 202 4.23 15.06 -23.11
CA LYS A 202 5.66 14.84 -22.93
C LYS A 202 5.85 14.04 -21.65
N PHE A 203 6.33 12.80 -21.79
CA PHE A 203 6.51 11.92 -20.65
C PHE A 203 7.82 11.16 -20.84
N HIS A 204 8.00 10.11 -20.04
CA HIS A 204 9.30 9.47 -19.87
C HIS A 204 9.05 8.01 -19.49
N VAL A 205 9.31 7.10 -20.40
CA VAL A 205 8.90 5.72 -20.23
C VAL A 205 10.09 4.88 -19.80
N ILE A 206 9.92 4.05 -18.78
CA ILE A 206 10.98 3.16 -18.33
C ILE A 206 10.62 1.75 -18.79
N VAL A 207 11.40 1.20 -19.71
CA VAL A 207 11.12 -0.12 -20.26
C VAL A 207 12.05 -1.13 -19.62
N ALA A 208 11.54 -1.90 -18.67
CA ALA A 208 12.34 -2.89 -17.94
C ALA A 208 12.46 -4.14 -18.80
N GLU A 209 13.57 -4.29 -19.50
CA GLU A 209 13.70 -5.36 -20.49
C GLU A 209 13.60 -6.73 -19.86
N CYS A 210 12.72 -7.57 -20.40
CA CYS A 210 12.37 -8.84 -19.77
C CYS A 210 13.37 -9.90 -20.19
N ALA A 211 14.36 -10.13 -19.34
CA ALA A 211 15.34 -11.17 -19.58
C ALA A 211 14.64 -12.53 -19.55
N PRO A 212 15.14 -13.52 -20.30
CA PRO A 212 16.33 -13.62 -21.15
C PRO A 212 16.17 -13.05 -22.55
N PHE A 213 14.97 -13.15 -23.14
CA PHE A 213 14.74 -12.54 -24.43
C PHE A 213 14.68 -11.03 -24.25
N CYS A 214 15.79 -10.33 -24.42
CA CYS A 214 15.85 -8.92 -24.06
C CYS A 214 14.97 -8.13 -25.02
N GLN A 215 13.66 -8.25 -24.89
CA GLN A 215 12.73 -7.75 -25.89
C GLN A 215 12.22 -6.37 -25.51
N GLY A 216 12.55 -5.90 -24.31
CA GLY A 216 12.43 -4.49 -24.01
C GLY A 216 13.51 -3.65 -24.64
N HIS A 217 14.55 -4.26 -25.20
CA HIS A 217 15.48 -3.53 -26.04
C HIS A 217 14.82 -3.08 -27.33
N GLU A 218 14.07 -3.97 -27.99
CA GLU A 218 13.42 -3.62 -29.23
C GLU A 218 12.22 -2.70 -29.02
N MET A 219 11.79 -2.46 -27.79
CA MET A 219 10.74 -1.47 -27.57
C MET A 219 11.31 -0.11 -27.21
N ALA A 220 12.35 -0.09 -26.38
CA ALA A 220 13.00 1.17 -26.02
C ALA A 220 13.74 1.80 -27.18
N VAL A 221 13.94 1.08 -28.28
CA VAL A 221 14.40 1.72 -29.51
C VAL A 221 13.22 2.23 -30.31
N ASN A 222 12.11 1.49 -30.33
CA ASN A 222 10.91 1.95 -31.01
C ASN A 222 10.33 3.20 -30.35
N LEU A 223 10.40 3.27 -29.02
CA LEU A 223 9.93 4.47 -28.33
C LEU A 223 10.91 5.62 -28.49
N SER A 224 12.21 5.33 -28.54
CA SER A 224 13.20 6.40 -28.70
C SER A 224 13.15 7.00 -30.09
N LYS A 225 12.70 6.24 -31.09
CA LYS A 225 12.60 6.78 -32.44
C LYS A 225 11.47 7.80 -32.56
N ALA A 226 10.48 7.72 -31.67
CA ALA A 226 9.38 8.66 -31.67
C ALA A 226 9.51 9.75 -30.61
N GLY A 227 10.69 9.91 -30.02
CA GLY A 227 10.96 11.02 -29.14
C GLY A 227 10.48 10.88 -27.72
N ILE A 228 9.91 9.73 -27.35
CA ILE A 228 9.60 9.49 -25.95
C ILE A 228 10.89 9.34 -25.18
N GLU A 229 11.00 10.04 -24.05
CA GLU A 229 12.22 10.01 -23.24
C GLU A 229 12.36 8.67 -22.54
N THR A 230 12.68 7.65 -23.33
CA THR A 230 12.64 6.29 -22.83
C THR A 230 13.89 5.96 -22.02
N THR A 231 13.81 4.88 -21.25
CA THR A 231 14.92 4.40 -20.43
C THR A 231 14.79 2.90 -20.27
N VAL A 232 15.77 2.15 -20.76
CA VAL A 232 15.74 0.71 -20.60
C VAL A 232 16.66 0.30 -19.45
N MET A 233 16.15 -0.55 -18.57
CA MET A 233 16.88 -0.97 -17.39
C MET A 233 16.82 -2.49 -17.26
N THR A 234 17.60 -3.01 -16.32
CA THR A 234 18.01 -4.41 -16.39
C THR A 234 16.87 -5.38 -16.09
N ASP A 235 15.89 -4.95 -15.29
CA ASP A 235 14.57 -5.43 -14.81
C ASP A 235 14.80 -6.10 -13.46
N ALA A 236 16.04 -6.16 -13.03
CA ALA A 236 16.35 -6.39 -11.63
C ALA A 236 16.13 -5.15 -10.81
N ALA A 237 15.88 -4.02 -11.47
CA ALA A 237 15.64 -2.73 -10.83
C ALA A 237 14.19 -2.30 -10.96
N ILE A 238 13.26 -3.26 -10.98
CA ILE A 238 11.85 -2.91 -11.05
C ILE A 238 11.40 -2.27 -9.74
N PHE A 239 11.75 -2.87 -8.61
CA PHE A 239 11.35 -2.32 -7.32
C PHE A 239 12.16 -1.07 -6.98
N ALA A 240 13.37 -0.96 -7.51
CA ALA A 240 14.23 0.15 -7.11
C ALA A 240 13.72 1.47 -7.65
N VAL A 241 13.40 1.53 -8.93
CA VAL A 241 12.94 2.77 -9.54
C VAL A 241 11.42 2.85 -9.54
N MET A 242 10.76 1.93 -8.86
CA MET A 242 9.30 1.96 -8.77
C MET A 242 8.79 3.16 -7.97
N SER A 243 9.60 3.66 -7.05
CA SER A 243 9.15 4.72 -6.15
C SER A 243 8.88 6.02 -6.91
N ARG A 244 9.53 6.21 -8.05
CA ARG A 244 9.35 7.43 -8.82
C ARG A 244 8.44 7.25 -10.01
N VAL A 245 7.77 6.12 -10.14
CA VAL A 245 6.98 5.80 -11.33
C VAL A 245 5.51 6.06 -11.06
N ASN A 246 4.86 6.76 -11.99
CA ASN A 246 3.47 7.19 -11.81
C ASN A 246 2.46 6.14 -12.26
N LYS A 247 2.68 5.52 -13.41
CA LYS A 247 1.78 4.49 -13.92
C LYS A 247 2.58 3.36 -14.51
N VAL A 248 1.99 2.17 -14.52
CA VAL A 248 2.56 1.02 -15.20
C VAL A 248 1.59 0.61 -16.28
N ILE A 249 2.05 0.57 -17.52
CA ILE A 249 1.23 0.19 -18.65
C ILE A 249 1.88 -1.03 -19.27
N ILE A 250 1.18 -2.16 -19.23
CA ILE A 250 1.72 -3.43 -19.69
C ILE A 250 0.79 -4.02 -20.72
N GLY A 251 1.27 -5.07 -21.38
CA GLY A 251 0.47 -5.86 -22.28
C GLY A 251 0.39 -7.30 -21.78
N THR A 252 -0.55 -8.04 -22.36
CA THR A 252 -0.82 -9.40 -21.94
C THR A 252 -0.52 -10.38 -23.06
N LYS A 253 -0.36 -11.63 -22.67
CA LYS A 253 -0.58 -12.71 -23.60
C LYS A 253 -2.03 -13.16 -23.56
N THR A 254 -2.66 -13.06 -22.40
CA THR A 254 -3.99 -13.61 -22.16
C THR A 254 -4.57 -12.93 -20.93
N ILE A 255 -5.84 -12.54 -21.02
CA ILE A 255 -6.60 -12.11 -19.85
C ILE A 255 -7.50 -13.26 -19.46
N LEU A 256 -7.27 -13.82 -18.28
CA LEU A 256 -8.07 -14.96 -17.86
C LEU A 256 -9.43 -14.49 -17.37
N ALA A 257 -10.31 -15.44 -17.11
CA ALA A 257 -11.73 -15.10 -16.98
C ALA A 257 -12.07 -14.40 -15.68
N ASN A 258 -11.17 -14.32 -14.71
CA ASN A 258 -11.44 -13.61 -13.47
C ASN A 258 -10.78 -12.25 -13.43
N GLY A 259 -10.35 -11.75 -14.58
CA GLY A 259 -9.54 -10.56 -14.60
C GLY A 259 -8.08 -10.81 -14.35
N ALA A 260 -7.71 -12.05 -14.05
CA ALA A 260 -6.31 -12.42 -13.91
C ALA A 260 -5.65 -12.39 -15.27
N LEU A 261 -4.34 -12.48 -15.28
CA LEU A 261 -3.58 -12.07 -16.44
C LEU A 261 -2.37 -12.97 -16.61
N ARG A 262 -2.05 -13.30 -17.85
CA ARG A 262 -0.88 -14.11 -18.16
C ARG A 262 0.04 -13.26 -19.03
N ALA A 263 1.13 -12.78 -18.47
CA ALA A 263 1.95 -11.85 -19.22
C ALA A 263 3.35 -12.42 -19.34
N VAL A 264 4.25 -11.64 -19.94
CA VAL A 264 5.63 -12.06 -20.05
C VAL A 264 6.23 -12.11 -18.66
N THR A 265 7.27 -12.92 -18.49
CA THR A 265 7.79 -13.19 -17.17
C THR A 265 8.41 -11.93 -16.57
N GLY A 266 8.26 -11.80 -15.26
CA GLY A 266 8.62 -10.58 -14.58
C GLY A 266 7.49 -9.58 -14.44
N THR A 267 6.31 -9.87 -15.00
CA THR A 267 5.19 -8.96 -14.83
C THR A 267 4.56 -9.09 -13.46
N HIS A 268 4.47 -10.31 -12.92
CA HIS A 268 3.91 -10.47 -11.59
C HIS A 268 4.79 -9.83 -10.54
N THR A 269 6.11 -9.87 -10.74
CA THR A 269 7.01 -9.09 -9.91
C THR A 269 6.76 -7.60 -10.10
N LEU A 270 6.56 -7.17 -11.34
CA LEU A 270 6.22 -5.80 -11.65
C LEU A 270 4.90 -5.39 -11.01
N ALA A 271 3.92 -6.28 -11.06
CA ALA A 271 2.62 -6.00 -10.47
C ALA A 271 2.72 -5.90 -8.95
N LEU A 272 3.51 -6.76 -8.32
CA LEU A 272 3.68 -6.68 -6.87
C LEU A 272 4.42 -5.41 -6.47
N ALA A 273 5.40 -5.00 -7.27
CA ALA A 273 6.08 -3.74 -7.00
C ALA A 273 5.15 -2.56 -7.17
N ALA A 274 4.26 -2.62 -8.17
CA ALA A 274 3.28 -1.55 -8.36
C ALA A 274 2.27 -1.51 -7.24
N LYS A 275 1.82 -2.67 -6.77
CA LYS A 275 0.88 -2.70 -5.66
C LYS A 275 1.54 -2.24 -4.37
N HIS A 276 2.84 -2.47 -4.21
CA HIS A 276 3.53 -2.03 -3.02
C HIS A 276 3.53 -0.51 -2.91
N HIS A 277 3.90 0.18 -4.00
CA HIS A 277 3.90 1.63 -4.04
C HIS A 277 2.56 2.20 -4.45
N SER A 278 1.54 1.35 -4.59
CA SER A 278 0.18 1.72 -5.00
C SER A 278 0.16 2.45 -6.33
N THR A 279 1.10 2.13 -7.20
CA THR A 279 1.11 2.67 -8.54
C THR A 279 0.04 1.97 -9.36
N PRO A 280 -0.82 2.70 -10.07
CA PRO A 280 -1.87 2.03 -10.86
C PRO A 280 -1.28 1.24 -12.02
N LEU A 281 -1.69 -0.01 -12.13
CA LEU A 281 -1.20 -0.90 -13.18
C LEU A 281 -2.26 -0.94 -14.28
N ILE A 282 -2.05 -0.14 -15.30
CA ILE A 282 -2.96 -0.15 -16.45
C ILE A 282 -2.56 -1.28 -17.37
N VAL A 283 -3.55 -1.92 -17.98
CA VAL A 283 -3.32 -3.05 -18.87
C VAL A 283 -3.98 -2.76 -20.20
N CYS A 284 -3.18 -2.64 -21.26
CA CYS A 284 -3.70 -2.38 -22.59
C CYS A 284 -3.77 -3.70 -23.34
N ALA A 285 -4.99 -4.19 -23.56
CA ALA A 285 -5.15 -5.48 -24.20
C ALA A 285 -6.52 -5.60 -24.85
N PRO A 286 -6.58 -5.90 -26.13
CA PRO A 286 -7.87 -6.00 -26.81
C PRO A 286 -8.64 -7.27 -26.49
N MET A 287 -9.78 -7.48 -27.16
CA MET A 287 -10.69 -8.57 -26.82
C MET A 287 -10.40 -9.88 -27.53
N PHE A 288 -9.35 -9.99 -28.33
CA PHE A 288 -8.94 -11.34 -28.69
C PHE A 288 -8.03 -11.96 -27.65
N LYS A 289 -7.45 -11.15 -26.77
CA LYS A 289 -6.60 -11.61 -25.69
C LYS A 289 -7.39 -11.96 -24.45
N LEU A 290 -8.68 -12.23 -24.59
CA LEU A 290 -9.58 -12.41 -23.47
C LEU A 290 -10.09 -13.85 -23.51
N SER A 291 -9.56 -14.71 -22.64
CA SER A 291 -9.94 -16.09 -22.82
C SER A 291 -10.84 -16.55 -21.70
N PRO A 292 -11.84 -17.38 -21.98
CA PRO A 292 -12.77 -17.79 -20.92
C PRO A 292 -12.26 -18.93 -20.08
N GLN A 293 -11.00 -18.86 -19.65
CA GLN A 293 -10.39 -19.90 -18.84
C GLN A 293 -10.00 -19.32 -17.50
N PHE A 294 -10.52 -19.91 -16.44
CA PHE A 294 -10.10 -19.55 -15.10
C PHE A 294 -8.77 -20.21 -14.81
N PRO A 295 -8.00 -19.69 -13.86
CA PRO A 295 -6.67 -20.27 -13.59
C PRO A 295 -6.74 -21.65 -12.92
N ASN A 296 -7.06 -22.65 -13.71
CA ASN A 296 -7.09 -24.02 -13.24
C ASN A 296 -5.70 -24.48 -12.86
N GLU A 297 -5.64 -25.45 -11.94
CA GLU A 297 -4.40 -26.18 -11.74
C GLU A 297 -4.35 -27.41 -12.63
N GLU A 298 -5.44 -27.68 -13.36
CA GLU A 298 -5.49 -28.87 -14.20
C GLU A 298 -4.69 -28.68 -15.48
N ASP A 299 -5.11 -27.74 -16.31
CA ASP A 299 -4.40 -27.51 -17.56
C ASP A 299 -3.12 -26.72 -17.31
N SER A 300 -2.17 -26.87 -18.23
CA SER A 300 -0.87 -26.24 -18.07
C SER A 300 -0.97 -24.75 -18.39
N PHE A 301 -0.42 -23.93 -17.50
CA PHE A 301 -0.45 -22.49 -17.62
C PHE A 301 0.82 -21.95 -18.28
N HIS A 302 1.98 -22.34 -17.78
CA HIS A 302 3.22 -21.76 -18.24
C HIS A 302 3.66 -22.35 -19.58
N LYS A 303 4.62 -21.67 -20.20
CA LYS A 303 5.37 -22.20 -21.34
C LYS A 303 6.83 -22.14 -20.96
N PHE A 304 7.56 -23.22 -21.21
CA PHE A 304 8.95 -23.33 -20.78
C PHE A 304 9.83 -23.52 -22.01
N VAL A 305 10.54 -22.46 -22.40
CA VAL A 305 11.47 -22.52 -23.52
C VAL A 305 12.78 -23.12 -23.05
N ALA A 306 13.71 -23.32 -24.00
CA ALA A 306 14.97 -23.98 -23.72
C ALA A 306 15.78 -23.21 -22.68
N PRO A 307 16.53 -23.91 -21.82
CA PRO A 307 17.36 -23.21 -20.82
C PRO A 307 18.56 -22.51 -21.41
N GLU A 308 18.83 -22.67 -22.71
CA GLU A 308 19.94 -21.99 -23.34
C GLU A 308 19.77 -20.48 -23.30
N GLU A 309 18.52 -20.01 -23.23
CA GLU A 309 18.26 -18.59 -23.07
C GLU A 309 18.76 -18.08 -21.72
N VAL A 310 18.65 -18.90 -20.68
CA VAL A 310 19.03 -18.48 -19.33
C VAL A 310 20.48 -18.87 -19.05
N LEU A 311 20.78 -20.16 -19.07
CA LEU A 311 22.12 -20.64 -18.81
C LEU A 311 22.69 -21.24 -20.08
N PRO A 312 23.70 -20.64 -20.70
CA PRO A 312 24.15 -21.12 -22.01
C PRO A 312 24.82 -22.48 -21.94
N PHE A 313 24.80 -23.16 -23.09
CA PHE A 313 25.36 -24.50 -23.21
C PHE A 313 26.85 -24.54 -22.97
N THR A 314 27.55 -23.42 -23.10
CA THR A 314 28.97 -23.35 -22.89
C THR A 314 29.36 -23.32 -21.41
N GLU A 315 28.44 -23.58 -20.50
CA GLU A 315 28.78 -23.64 -19.09
C GLU A 315 29.57 -24.89 -18.77
N GLY A 316 29.29 -25.99 -19.44
CA GLY A 316 30.11 -27.18 -19.34
C GLY A 316 29.47 -28.24 -18.45
N ASP A 317 30.26 -28.80 -17.54
CA ASP A 317 29.84 -30.00 -16.82
C ASP A 317 28.78 -29.71 -15.77
N ILE A 318 28.74 -28.48 -15.25
CA ILE A 318 27.76 -28.14 -14.22
C ILE A 318 26.34 -28.21 -14.74
N LEU A 319 26.16 -28.25 -16.06
CA LEU A 319 24.84 -28.41 -16.63
C LEU A 319 24.26 -29.79 -16.41
N GLU A 320 25.08 -30.77 -16.00
CA GLU A 320 24.50 -32.07 -15.69
C GLU A 320 23.91 -32.12 -14.30
N LYS A 321 24.26 -31.16 -13.43
CA LYS A 321 23.80 -31.15 -12.06
C LYS A 321 22.79 -30.05 -11.77
N VAL A 322 22.73 -29.03 -12.61
CA VAL A 322 21.92 -27.84 -12.37
C VAL A 322 20.64 -27.95 -13.19
N SER A 323 19.51 -27.71 -12.56
CA SER A 323 18.22 -27.71 -13.23
C SER A 323 17.85 -26.27 -13.55
N VAL A 324 17.93 -25.90 -14.82
CA VAL A 324 17.59 -24.57 -15.31
C VAL A 324 16.23 -24.66 -15.98
N HIS A 325 15.38 -23.65 -15.78
CA HIS A 325 13.98 -23.78 -16.16
C HIS A 325 13.54 -22.84 -17.27
N CYS A 326 13.66 -21.52 -17.08
CA CYS A 326 13.25 -20.49 -18.03
C CYS A 326 11.77 -20.54 -18.42
N PRO A 327 10.85 -20.16 -17.55
CA PRO A 327 9.49 -19.90 -18.00
C PRO A 327 9.40 -18.56 -18.71
N VAL A 328 8.40 -18.43 -19.57
CA VAL A 328 8.19 -17.19 -20.31
C VAL A 328 6.93 -16.45 -19.91
N PHE A 329 6.05 -17.06 -19.14
CA PHE A 329 4.80 -16.42 -18.77
C PHE A 329 4.63 -16.42 -17.27
N ASP A 330 4.03 -15.34 -16.78
CA ASP A 330 3.88 -15.10 -15.35
C ASP A 330 2.42 -14.81 -15.09
N TYR A 331 1.91 -15.36 -13.99
CA TYR A 331 0.52 -15.17 -13.62
C TYR A 331 0.38 -13.95 -12.73
N VAL A 332 -0.48 -13.02 -13.14
CA VAL A 332 -0.77 -11.83 -12.36
C VAL A 332 -2.21 -11.92 -11.87
N PRO A 333 -2.44 -12.02 -10.56
CA PRO A 333 -3.79 -12.10 -10.05
C PRO A 333 -4.51 -10.78 -10.23
N PRO A 334 -5.85 -10.79 -10.30
CA PRO A 334 -6.56 -9.56 -10.65
C PRO A 334 -6.50 -8.47 -9.60
N GLU A 335 -6.14 -8.78 -8.36
CA GLU A 335 -6.09 -7.74 -7.35
C GLU A 335 -4.90 -6.81 -7.51
N LEU A 336 -3.95 -7.14 -8.37
CA LEU A 336 -2.85 -6.24 -8.68
C LEU A 336 -3.12 -5.42 -9.93
N ILE A 337 -4.20 -5.69 -10.65
CA ILE A 337 -4.59 -4.96 -11.85
C ILE A 337 -5.49 -3.82 -11.44
N THR A 338 -5.32 -2.67 -12.10
CA THR A 338 -6.20 -1.53 -11.86
C THR A 338 -7.20 -1.34 -12.99
N LEU A 339 -6.73 -1.30 -14.24
CA LEU A 339 -7.61 -1.06 -15.38
C LEU A 339 -7.29 -2.02 -16.51
N PHE A 340 -8.31 -2.30 -17.31
CA PHE A 340 -8.15 -2.98 -18.59
C PHE A 340 -8.58 -2.03 -19.69
N ILE A 341 -7.63 -1.35 -20.33
CA ILE A 341 -7.95 -0.51 -21.46
C ILE A 341 -8.18 -1.45 -22.65
N SER A 342 -9.43 -1.72 -22.94
CA SER A 342 -9.81 -2.57 -24.05
C SER A 342 -9.96 -1.71 -25.30
N ASN A 343 -10.50 -2.28 -26.37
CA ASN A 343 -10.89 -1.46 -27.50
C ASN A 343 -12.29 -0.89 -27.34
N ILE A 344 -12.99 -1.22 -26.25
CA ILE A 344 -14.34 -0.76 -26.01
C ILE A 344 -14.43 0.11 -24.76
N GLY A 345 -13.32 0.45 -24.15
CA GLY A 345 -13.40 1.29 -22.99
C GLY A 345 -12.16 1.13 -22.12
N GLY A 346 -12.36 1.31 -20.82
CA GLY A 346 -11.29 1.20 -19.85
C GLY A 346 -11.72 0.48 -18.59
N ASN A 347 -12.60 -0.50 -18.72
CA ASN A 347 -13.32 -1.05 -17.57
C ASN A 347 -12.41 -1.82 -16.61
N ALA A 348 -12.93 -2.03 -15.41
CA ALA A 348 -12.19 -2.60 -14.30
C ALA A 348 -11.99 -4.10 -14.48
N PRO A 349 -11.05 -4.72 -13.74
CA PRO A 349 -10.95 -6.18 -13.76
C PRO A 349 -12.21 -6.88 -13.30
N SER A 350 -12.93 -6.30 -12.35
CA SER A 350 -14.13 -6.94 -11.82
C SER A 350 -15.32 -6.77 -12.75
N TYR A 351 -15.08 -6.43 -14.02
CA TYR A 351 -16.09 -6.50 -15.06
C TYR A 351 -15.75 -7.53 -16.13
N ILE A 352 -14.56 -8.14 -16.05
CA ILE A 352 -14.05 -8.95 -17.15
C ILE A 352 -14.95 -10.15 -17.41
N TYR A 353 -15.50 -10.74 -16.34
CA TYR A 353 -16.42 -11.88 -16.48
C TYR A 353 -17.61 -11.54 -17.37
N ARG A 354 -18.12 -10.31 -17.28
CA ARG A 354 -19.28 -9.96 -18.09
C ARG A 354 -18.89 -9.89 -19.55
N LEU A 355 -17.67 -9.44 -19.82
CA LEU A 355 -17.16 -9.45 -21.19
C LEU A 355 -17.06 -10.86 -21.72
N MET A 356 -16.94 -11.86 -20.84
CA MET A 356 -16.95 -13.24 -21.30
C MET A 356 -18.32 -13.61 -21.84
N SER A 357 -19.37 -13.17 -21.16
CA SER A 357 -20.70 -13.65 -21.51
C SER A 357 -21.18 -13.03 -22.82
N GLU A 358 -20.67 -11.86 -23.15
CA GLU A 358 -21.00 -11.21 -24.40
C GLU A 358 -20.13 -11.69 -25.55
N LEU A 359 -19.09 -12.46 -25.27
CA LEU A 359 -18.14 -12.90 -26.28
C LEU A 359 -18.22 -14.40 -26.55
N TYR A 360 -18.20 -15.22 -25.51
CA TYR A 360 -18.16 -16.67 -25.65
C TYR A 360 -19.36 -17.29 -24.96
N HIS A 361 -19.98 -18.24 -25.64
CA HIS A 361 -21.05 -19.01 -25.03
C HIS A 361 -20.48 -19.91 -23.93
N PRO A 362 -21.24 -20.18 -22.87
CA PRO A 362 -20.73 -21.06 -21.80
C PRO A 362 -20.42 -22.47 -22.25
N ASP A 363 -21.10 -22.99 -23.28
CA ASP A 363 -20.79 -24.33 -23.76
C ASP A 363 -19.47 -24.37 -24.52
N ASP A 364 -18.98 -23.23 -25.00
CA ASP A 364 -17.78 -23.17 -25.80
C ASP A 364 -16.54 -22.85 -24.99
N HIS A 365 -16.65 -22.83 -23.67
CA HIS A 365 -15.49 -22.52 -22.83
C HIS A 365 -14.43 -23.62 -22.94
N VAL A 366 -14.86 -24.88 -22.94
CA VAL A 366 -13.95 -26.01 -22.83
C VAL A 366 -13.70 -26.65 -24.19
N LEU A 367 -14.22 -26.05 -25.26
CA LEU A 367 -14.30 -26.65 -26.60
C LEU A 367 -15.01 -27.99 -26.52
N SER B 25 9.62 36.92 45.41
CA SER B 25 10.90 37.12 44.73
C SER B 25 10.70 37.28 43.24
N GLU B 26 11.76 37.70 42.54
CA GLU B 26 11.73 37.81 41.08
C GLU B 26 11.52 36.44 40.44
N LEU B 27 12.21 35.43 40.96
CA LEU B 27 12.15 34.09 40.37
C LEU B 27 10.78 33.47 40.54
N SER B 28 10.20 33.58 41.73
CA SER B 28 8.89 32.97 41.99
C SER B 28 7.83 33.58 41.08
N GLU B 29 7.80 34.91 41.02
CA GLU B 29 6.86 35.61 40.14
C GLU B 29 7.08 35.23 38.69
N ARG B 30 8.34 34.98 38.31
CA ARG B 30 8.59 34.53 36.95
C ARG B 30 8.10 33.09 36.74
N ILE B 31 8.12 32.27 37.79
CA ILE B 31 7.59 30.90 37.67
C ILE B 31 6.09 30.92 37.42
N GLU B 32 5.32 31.66 38.25
CA GLU B 32 3.89 31.70 37.94
C GLU B 32 3.58 32.52 36.69
N SER B 33 4.47 33.44 36.28
CA SER B 33 4.28 34.08 34.98
C SER B 33 4.40 33.07 33.85
N PHE B 34 5.38 32.18 33.94
CA PHE B 34 5.53 31.12 32.95
C PHE B 34 4.35 30.16 32.97
N VAL B 35 3.90 29.79 34.17
CA VAL B 35 2.79 28.85 34.29
C VAL B 35 1.51 29.44 33.72
N GLU B 36 1.25 30.72 34.00
CA GLU B 36 0.04 31.34 33.49
C GLU B 36 0.12 31.60 32.00
N THR B 37 1.32 31.89 31.49
CA THR B 37 1.48 31.99 30.04
C THR B 37 1.24 30.64 29.37
N LEU B 38 1.65 29.55 30.03
CA LEU B 38 1.36 28.22 29.52
C LEU B 38 -0.13 27.94 29.51
N LYS B 39 -0.84 28.33 30.57
CA LYS B 39 -2.27 28.07 30.66
C LYS B 39 -3.05 28.87 29.62
N ARG B 40 -2.74 30.16 29.49
CA ARG B 40 -3.48 30.98 28.55
C ARG B 40 -3.04 30.73 27.12
N GLY B 41 -1.76 30.42 26.90
CA GLY B 41 -1.26 30.10 25.60
C GLY B 41 -0.48 31.20 24.90
N GLY B 42 -0.09 32.25 25.61
CA GLY B 42 0.66 33.33 25.02
C GLY B 42 2.10 32.95 24.70
N ARG B 45 4.82 31.58 20.99
CA ARG B 45 6.24 31.32 20.85
C ARG B 45 6.47 29.96 20.20
N SER B 46 7.66 29.78 19.63
CA SER B 46 7.99 28.50 19.01
C SER B 46 8.40 27.49 20.07
N SER B 47 8.52 26.23 19.64
CA SER B 47 8.83 25.14 20.56
C SER B 47 10.26 25.23 21.06
N GLU B 48 11.18 25.66 20.21
CA GLU B 48 12.57 25.83 20.63
C GLU B 48 12.70 26.95 21.65
N GLU B 49 11.92 28.02 21.47
CA GLU B 49 11.87 29.08 22.48
C GLU B 49 11.22 28.57 23.77
N MET B 50 10.24 27.68 23.66
CA MET B 50 9.65 27.06 24.84
C MET B 50 10.69 26.28 25.63
N ALA B 51 11.50 25.48 24.93
CA ALA B 51 12.53 24.70 25.62
C ALA B 51 13.62 25.59 26.18
N ARG B 52 14.00 26.65 25.46
CA ARG B 52 15.03 27.55 25.95
C ARG B 52 14.57 28.30 27.20
N GLU B 53 13.31 28.74 27.21
CA GLU B 53 12.77 29.41 28.39
C GLU B 53 12.62 28.45 29.55
N THR B 54 12.26 27.19 29.27
CA THR B 54 12.20 26.19 30.32
C THR B 54 13.56 25.93 30.93
N LEU B 55 14.60 25.85 30.09
CA LEU B 55 15.95 25.67 30.63
C LEU B 55 16.40 26.88 31.43
N GLY B 56 16.08 28.09 30.96
CA GLY B 56 16.43 29.28 31.73
C GLY B 56 15.74 29.30 33.08
N LEU B 57 14.46 28.93 33.09
CA LEU B 57 13.71 28.88 34.35
C LEU B 57 14.26 27.82 35.29
N LEU B 58 14.59 26.63 34.77
CA LEU B 58 15.07 25.57 35.64
C LEU B 58 16.48 25.84 36.12
N ARG B 59 17.29 26.49 35.29
CA ARG B 59 18.59 26.97 35.73
C ARG B 59 18.46 27.97 36.86
N GLN B 60 17.49 28.88 36.76
CA GLN B 60 17.23 29.81 37.84
C GLN B 60 16.77 29.08 39.10
N ILE B 61 15.91 28.07 38.94
CA ILE B 61 15.38 27.32 40.08
C ILE B 61 16.51 26.63 40.83
N ILE B 62 17.42 25.99 40.10
CA ILE B 62 18.51 25.30 40.79
C ILE B 62 19.57 26.25 41.31
N THR B 63 19.66 27.47 40.78
CA THR B 63 20.61 28.42 41.38
C THR B 63 20.04 29.06 42.63
N ASP B 64 18.92 29.80 42.48
CA ASP B 64 18.53 30.75 43.52
C ASP B 64 17.84 30.11 44.73
N HIS B 65 17.14 28.99 44.56
CA HIS B 65 16.66 28.28 45.73
C HIS B 65 17.81 27.70 46.52
N ARG B 66 17.59 27.57 47.83
CA ARG B 66 18.53 26.94 48.73
C ARG B 66 18.14 25.48 48.89
N TRP B 67 19.12 24.60 48.75
CA TRP B 67 18.92 23.17 48.81
C TRP B 67 20.21 22.56 49.31
N SER B 68 20.09 21.57 50.20
CA SER B 68 21.31 20.98 50.75
C SER B 68 21.92 20.00 49.76
N ASN B 69 21.22 18.92 49.45
CA ASN B 69 21.74 17.91 48.55
C ASN B 69 20.82 17.77 47.34
N ALA B 70 21.14 16.81 46.48
CA ALA B 70 20.42 16.66 45.23
C ALA B 70 19.00 16.16 45.41
N GLY B 71 18.71 15.47 46.52
CA GLY B 71 17.37 14.93 46.72
C GLY B 71 16.31 15.99 46.86
N GLU B 72 16.57 17.01 47.69
CA GLU B 72 15.61 18.10 47.85
C GLU B 72 15.43 18.85 46.55
N LEU B 73 16.50 19.04 45.79
CA LEU B 73 16.39 19.76 44.53
C LEU B 73 15.62 18.94 43.50
N MET B 74 15.76 17.62 43.52
CA MET B 74 14.97 16.81 42.60
C MET B 74 13.49 16.84 42.99
N GLU B 75 13.19 16.86 44.29
CA GLU B 75 11.80 17.05 44.69
C GLU B 75 11.27 18.41 44.25
N LEU B 76 12.09 19.45 44.38
CA LEU B 76 11.70 20.80 43.97
C LEU B 76 11.46 20.89 42.46
N ILE B 77 12.41 20.39 41.67
CA ILE B 77 12.29 20.39 40.22
C ILE B 77 11.09 19.55 39.80
N ARG B 78 10.86 18.44 40.50
CA ARG B 78 9.72 17.58 40.19
C ARG B 78 8.40 18.29 40.46
N ARG B 79 8.31 19.02 41.58
CA ARG B 79 7.09 19.74 41.91
C ARG B 79 6.81 20.86 40.90
N GLU B 80 7.85 21.63 40.56
CA GLU B 80 7.65 22.73 39.62
C GLU B 80 7.37 22.21 38.22
N GLY B 81 8.00 21.10 37.84
CA GLY B 81 7.67 20.49 36.57
C GLY B 81 6.26 19.92 36.56
N ARG B 82 5.79 19.44 37.71
CA ARG B 82 4.42 18.96 37.82
C ARG B 82 3.42 20.09 37.63
N ARG B 83 3.72 21.28 38.18
CA ARG B 83 2.76 22.37 38.01
C ARG B 83 2.84 22.96 36.61
N MET B 84 4.03 22.98 36.00
CA MET B 84 4.12 23.49 34.63
C MET B 84 3.53 22.51 33.64
N THR B 85 3.60 21.21 33.94
CA THR B 85 2.98 20.21 33.09
C THR B 85 1.47 20.21 33.26
N ALA B 86 0.99 20.32 34.50
CA ALA B 86 -0.45 20.36 34.72
C ALA B 86 -1.06 21.68 34.28
N ALA B 87 -0.22 22.70 34.04
CA ALA B 87 -0.72 23.95 33.48
C ALA B 87 -1.25 23.75 32.07
N GLN B 88 -0.45 23.12 31.21
CA GLN B 88 -0.82 22.83 29.83
C GLN B 88 -0.26 21.46 29.52
N PRO B 89 -1.04 20.39 29.76
CA PRO B 89 -0.51 19.03 29.58
C PRO B 89 -0.22 18.67 28.14
N SER B 90 -0.76 19.41 27.18
CA SER B 90 -0.49 19.13 25.78
C SER B 90 0.76 19.82 25.28
N GLU B 91 1.38 20.66 26.10
CA GLU B 91 2.66 21.29 25.78
C GLU B 91 3.72 20.48 26.51
N THR B 92 4.25 19.46 25.83
CA THR B 92 5.17 18.57 26.49
C THR B 92 6.64 18.93 26.32
N THR B 93 6.95 20.01 25.63
CA THR B 93 8.34 20.42 25.57
C THR B 93 8.85 20.86 26.94
N VAL B 94 8.00 21.52 27.72
CA VAL B 94 8.39 21.91 29.07
C VAL B 94 8.55 20.69 29.98
N GLY B 95 7.69 19.69 29.83
CA GLY B 95 7.84 18.48 30.62
C GLY B 95 9.08 17.69 30.23
N ASN B 96 9.38 17.64 28.94
CA ASN B 96 10.59 16.98 28.48
C ASN B 96 11.83 17.66 29.01
N MET B 97 11.84 18.98 29.03
CA MET B 97 13.06 19.64 29.50
C MET B 97 13.17 19.57 31.01
N VAL B 98 12.05 19.47 31.73
CA VAL B 98 12.12 19.17 33.16
C VAL B 98 12.73 17.80 33.38
N ARG B 99 12.33 16.81 32.59
CA ARG B 99 12.89 15.47 32.74
C ARG B 99 14.35 15.41 32.33
N ARG B 100 14.75 16.16 31.29
CA ARG B 100 16.15 16.21 30.90
C ARG B 100 17.00 16.82 31.99
N VAL B 101 16.51 17.89 32.61
CA VAL B 101 17.26 18.47 33.72
C VAL B 101 17.32 17.51 34.88
N LEU B 102 16.26 16.75 35.14
CA LEU B 102 16.29 15.76 36.22
C LEU B 102 17.31 14.66 35.96
N LYS B 103 17.39 14.19 34.71
CA LYS B 103 18.41 13.22 34.34
C LYS B 103 19.81 13.80 34.50
N ILE B 104 19.98 15.05 34.10
CA ILE B 104 21.27 15.74 34.26
C ILE B 104 21.65 15.84 35.73
N ILE B 105 20.67 16.12 36.59
CA ILE B 105 20.93 16.22 38.03
C ILE B 105 21.36 14.89 38.58
N ARG B 106 20.66 13.82 38.22
CA ARG B 106 20.99 12.53 38.79
C ARG B 106 22.18 11.85 38.11
N GLU B 107 22.67 12.39 37.00
CA GLU B 107 23.89 11.88 36.40
C GLU B 107 25.11 12.73 36.73
N GLU B 108 24.94 13.98 37.11
CA GLU B 108 26.04 14.78 37.62
C GLU B 108 26.21 14.65 39.12
N TYR B 109 25.25 14.01 39.78
CA TYR B 109 25.40 13.62 41.17
C TYR B 109 25.87 12.17 41.29
N GLY B 110 25.55 11.35 40.29
CA GLY B 110 26.07 9.99 40.28
C GLY B 110 27.57 9.94 40.11
N ARG B 111 28.11 10.77 39.21
CA ARG B 111 29.55 10.76 38.99
C ARG B 111 30.33 11.42 40.11
N LEU B 112 29.65 12.11 41.03
CA LEU B 112 30.27 12.56 42.26
C LEU B 112 30.01 11.62 43.42
N HIS B 113 29.38 10.47 43.17
CA HIS B 113 29.10 9.50 44.21
C HIS B 113 29.80 8.18 43.90
N HIS B 141 25.47 16.20 50.18
CA HIS B 141 25.88 17.58 49.96
C HIS B 141 27.22 17.68 49.26
N TYR B 142 27.21 18.01 47.99
CA TYR B 142 28.43 18.22 47.22
C TYR B 142 28.47 19.69 46.81
N ALA B 143 29.59 20.36 47.08
CA ALA B 143 29.67 21.79 46.87
C ALA B 143 29.67 22.15 45.39
N GLN B 144 30.46 21.43 44.58
CA GLN B 144 30.59 21.78 43.18
C GLN B 144 29.43 21.28 42.33
N LEU B 145 28.54 20.47 42.92
CA LEU B 145 27.40 19.94 42.18
C LEU B 145 26.52 21.05 41.64
N GLN B 146 26.29 22.10 42.43
CA GLN B 146 25.52 23.24 41.98
C GLN B 146 26.15 23.89 40.77
N SER B 147 27.48 23.88 40.68
CA SER B 147 28.11 24.35 39.46
C SER B 147 27.97 23.34 38.34
N ASN B 148 28.16 22.05 38.67
CA ASN B 148 28.32 21.02 37.64
C ASN B 148 27.07 20.91 36.78
N ILE B 149 25.90 20.84 37.42
CA ILE B 149 24.62 20.79 36.71
C ILE B 149 24.48 21.98 35.79
N ILE B 150 24.89 23.17 36.28
CA ILE B 150 24.81 24.40 35.50
C ILE B 150 25.54 24.23 34.18
N GLU B 151 26.77 23.69 34.24
CA GLU B 151 27.55 23.52 33.03
C GLU B 151 26.86 22.56 32.08
N ALA B 152 26.31 21.47 32.63
CA ALA B 152 25.58 20.52 31.78
C ALA B 152 24.36 21.20 31.18
N ILE B 153 23.67 22.03 31.96
CA ILE B 153 22.54 22.79 31.44
C ILE B 153 23.01 23.73 30.35
N ASN B 154 24.18 24.37 30.53
CA ASN B 154 24.73 25.19 29.47
C ASN B 154 25.08 24.33 28.27
N GLU B 155 25.63 23.14 28.51
CA GLU B 155 25.89 22.22 27.40
C GLU B 155 24.60 21.71 26.78
N LEU B 156 23.50 21.76 27.52
CA LEU B 156 22.21 21.49 26.91
C LEU B 156 21.73 22.69 26.11
N LEU B 157 21.99 23.91 26.60
CA LEU B 157 21.51 25.09 25.92
C LEU B 157 22.30 25.37 24.64
N VAL B 158 23.52 24.85 24.53
CA VAL B 158 24.21 24.86 23.25
C VAL B 158 23.92 23.60 22.44
N GLU B 159 23.38 22.55 23.07
CA GLU B 159 22.76 21.49 22.29
C GLU B 159 21.51 22.03 21.61
N LEU B 160 20.71 22.80 22.34
CA LEU B 160 19.71 23.67 21.74
C LEU B 160 20.40 24.81 21.01
N GLU B 161 19.61 25.56 20.24
CA GLU B 161 20.08 26.60 19.32
C GLU B 161 21.04 26.07 18.26
N GLY B 162 21.15 24.76 18.13
CA GLY B 162 21.88 24.12 17.06
C GLY B 162 21.10 22.91 16.62
N THR B 163 19.93 22.70 17.23
CA THR B 163 19.06 21.61 16.82
C THR B 163 18.53 21.82 15.42
N MET B 164 18.16 23.06 15.09
CA MET B 164 17.58 23.32 13.78
C MET B 164 18.63 23.29 12.68
N GLU B 165 19.89 23.65 13.00
CA GLU B 165 20.95 23.57 12.01
C GLU B 165 21.34 22.13 11.72
N ASN B 166 21.40 21.27 12.73
CA ASN B 166 21.78 19.88 12.50
C ASN B 166 20.68 19.08 11.81
N ILE B 167 19.42 19.49 11.97
CA ILE B 167 18.36 18.86 11.19
C ILE B 167 18.40 19.37 9.76
N ALA B 168 18.68 20.66 9.58
CA ALA B 168 18.73 21.22 8.24
C ALA B 168 19.95 20.73 7.46
N ALA B 169 21.01 20.29 8.14
CA ALA B 169 22.18 19.79 7.44
C ALA B 169 21.87 18.51 6.68
N GLN B 170 20.94 17.70 7.17
CA GLN B 170 20.56 16.46 6.51
C GLN B 170 19.47 16.65 5.47
N ALA B 171 19.27 17.88 4.99
CA ALA B 171 18.24 18.12 4.01
C ALA B 171 18.60 17.54 2.66
N LEU B 172 19.85 17.72 2.24
CA LEU B 172 20.26 17.31 0.91
C LEU B 172 20.30 15.80 0.77
N GLU B 173 20.45 15.06 1.87
CA GLU B 173 20.43 13.61 1.82
C GLU B 173 19.03 13.06 1.63
N HIS B 174 17.99 13.87 1.82
CA HIS B 174 16.62 13.40 1.73
C HIS B 174 15.76 14.15 0.74
N ILE B 175 16.29 15.17 0.06
CA ILE B 175 15.53 15.92 -0.92
C ILE B 175 16.34 16.02 -2.19
N HIS B 176 15.75 15.63 -3.31
CA HIS B 176 16.44 15.55 -4.59
C HIS B 176 15.84 16.55 -5.56
N SER B 177 16.48 16.69 -6.70
CA SER B 177 16.00 17.61 -7.73
C SER B 177 14.71 17.07 -8.33
N ASN B 178 13.83 17.99 -8.72
CA ASN B 178 12.53 17.68 -9.31
C ASN B 178 11.67 16.83 -8.39
N GLU B 179 11.89 16.95 -7.10
CA GLU B 179 11.08 16.27 -6.09
C GLU B 179 9.82 17.07 -5.85
N VAL B 180 8.80 16.39 -5.36
CA VAL B 180 7.63 17.05 -4.81
C VAL B 180 7.41 16.58 -3.38
N ILE B 181 7.41 17.52 -2.46
CA ILE B 181 7.32 17.27 -1.03
C ILE B 181 6.00 17.84 -0.58
N MET B 182 5.35 17.21 0.38
CA MET B 182 4.12 17.79 0.91
C MET B 182 4.16 17.82 2.43
N THR B 183 3.90 19.00 2.98
CA THR B 183 3.89 19.24 4.41
C THR B 183 2.52 19.71 4.82
N ILE B 184 2.32 19.91 6.12
CA ILE B 184 0.99 20.21 6.63
C ILE B 184 0.93 21.50 7.44
N GLY B 185 1.59 21.57 8.56
CA GLY B 185 1.44 22.68 9.46
C GLY B 185 2.30 23.86 9.08
N PHE B 186 2.78 24.56 10.08
CA PHE B 186 3.89 25.49 9.96
C PHE B 186 4.84 25.16 11.09
N SER B 187 5.89 24.42 10.79
CA SER B 187 6.90 24.11 11.78
C SER B 187 8.22 24.70 11.34
N ARG B 188 8.92 25.36 12.27
CA ARG B 188 10.16 26.03 11.94
C ARG B 188 11.24 25.03 11.57
N THR B 189 11.14 23.80 12.08
CA THR B 189 12.12 22.78 11.76
C THR B 189 11.99 22.35 10.30
N VAL B 190 10.77 22.15 9.82
CA VAL B 190 10.58 21.70 8.45
C VAL B 190 10.89 22.83 7.46
N GLU B 191 10.58 24.08 7.80
CA GLU B 191 10.90 25.13 6.83
C GLU B 191 12.39 25.35 6.71
N ALA B 192 13.16 25.20 7.81
CA ALA B 192 14.60 25.26 7.69
C ALA B 192 15.15 24.07 6.94
N PHE B 193 14.52 22.91 7.09
CA PHE B 193 14.86 21.73 6.32
C PHE B 193 14.63 21.95 4.83
N LEU B 194 13.49 22.53 4.47
CA LEU B 194 13.18 22.79 3.07
C LEU B 194 13.93 23.99 2.52
N LYS B 195 14.45 24.85 3.38
CA LYS B 195 15.23 26.00 2.92
C LYS B 195 16.73 25.75 2.95
N GLU B 196 17.17 24.63 3.50
CA GLU B 196 18.55 24.23 3.29
C GLU B 196 18.71 23.34 2.08
N ALA B 197 17.70 22.54 1.77
CA ALA B 197 17.70 21.78 0.53
C ALA B 197 17.40 22.64 -0.69
N ALA B 198 16.82 23.82 -0.50
CA ALA B 198 16.51 24.68 -1.63
C ALA B 198 17.71 25.50 -2.08
N ARG B 199 18.77 25.53 -1.27
CA ARG B 199 19.96 26.29 -1.67
C ARG B 199 20.67 25.60 -2.82
N LYS B 200 20.67 24.27 -2.83
CA LYS B 200 21.34 23.53 -3.89
C LYS B 200 20.36 22.99 -4.91
N ARG B 201 19.35 22.25 -4.47
CA ARG B 201 18.47 21.59 -5.41
C ARG B 201 17.20 22.41 -5.64
N LYS B 202 16.40 21.95 -6.59
CA LYS B 202 15.16 22.63 -6.95
C LYS B 202 14.03 21.61 -6.92
N PHE B 203 12.96 21.94 -6.21
CA PHE B 203 11.88 21.00 -5.96
C PHE B 203 10.59 21.75 -5.78
N HIS B 204 9.51 20.99 -5.68
CA HIS B 204 8.16 21.50 -5.49
C HIS B 204 7.68 21.09 -4.09
N VAL B 205 6.99 21.99 -3.42
CA VAL B 205 6.51 21.73 -2.07
C VAL B 205 5.03 22.06 -2.04
N ILE B 206 4.21 21.15 -1.53
CA ILE B 206 2.79 21.40 -1.44
C ILE B 206 2.46 21.56 0.04
N VAL B 207 2.09 22.77 0.46
CA VAL B 207 1.79 23.03 1.86
C VAL B 207 0.28 22.94 2.01
N ALA B 208 -0.19 21.79 2.46
CA ALA B 208 -1.60 21.61 2.74
C ALA B 208 -1.94 22.35 4.03
N GLU B 209 -2.76 23.39 3.93
CA GLU B 209 -3.09 24.19 5.10
C GLU B 209 -3.83 23.35 6.13
N CYS B 210 -3.66 23.67 7.40
CA CYS B 210 -4.42 23.00 8.45
C CYS B 210 -5.66 23.85 8.73
N ALA B 211 -6.83 23.24 8.62
CA ALA B 211 -8.05 24.00 8.32
C ALA B 211 -8.49 24.99 9.39
N PRO B 212 -8.57 24.65 10.72
CA PRO B 212 -9.09 25.65 11.67
C PRO B 212 -8.23 26.89 11.78
N PHE B 213 -6.95 26.72 12.14
CA PHE B 213 -5.98 27.80 12.14
C PHE B 213 -5.20 27.63 10.85
N CYS B 214 -5.56 28.39 9.81
CA CYS B 214 -4.91 28.18 8.53
C CYS B 214 -3.47 28.69 8.64
N GLN B 215 -2.59 27.77 9.02
CA GLN B 215 -1.22 28.11 9.36
C GLN B 215 -0.23 27.60 8.32
N GLY B 216 -0.67 26.73 7.43
CA GLY B 216 0.11 26.46 6.24
C GLY B 216 0.15 27.62 5.26
N HIS B 217 -0.71 28.61 5.45
CA HIS B 217 -0.65 29.82 4.64
C HIS B 217 0.64 30.58 4.88
N GLU B 218 0.98 30.83 6.15
CA GLU B 218 2.23 31.53 6.43
C GLU B 218 3.44 30.65 6.20
N MET B 219 3.26 29.33 6.21
CA MET B 219 4.34 28.44 5.81
C MET B 219 4.64 28.57 4.33
N ALA B 220 3.60 28.56 3.49
CA ALA B 220 3.82 28.68 2.06
C ALA B 220 4.17 30.09 1.66
N VAL B 221 3.84 31.09 2.47
CA VAL B 221 4.39 32.41 2.23
C VAL B 221 5.87 32.43 2.59
N ASN B 222 6.25 31.77 3.69
CA ASN B 222 7.66 31.70 4.07
C ASN B 222 8.48 30.93 3.05
N LEU B 223 7.93 29.84 2.51
CA LEU B 223 8.67 29.04 1.56
C LEU B 223 8.75 29.69 0.18
N SER B 224 7.70 30.40 -0.24
CA SER B 224 7.72 31.03 -1.55
C SER B 224 8.65 32.23 -1.58
N LYS B 225 8.92 32.84 -0.42
CA LYS B 225 9.91 33.91 -0.39
C LYS B 225 11.32 33.38 -0.62
N ALA B 226 11.56 32.12 -0.27
CA ALA B 226 12.86 31.49 -0.47
C ALA B 226 12.97 30.81 -1.82
N GLY B 227 11.98 30.97 -2.68
CA GLY B 227 12.08 30.51 -4.05
C GLY B 227 11.60 29.10 -4.30
N ILE B 228 11.15 28.38 -3.27
CA ILE B 228 10.57 27.07 -3.50
C ILE B 228 9.21 27.25 -4.15
N GLU B 229 8.99 26.59 -5.28
CA GLU B 229 7.69 26.66 -5.91
C GLU B 229 6.66 25.89 -5.08
N THR B 230 5.73 26.62 -4.48
CA THR B 230 4.84 26.06 -3.49
C THR B 230 3.40 26.04 -3.98
N THR B 231 2.63 25.13 -3.42
CA THR B 231 1.21 25.01 -3.68
C THR B 231 0.48 24.97 -2.35
N VAL B 232 -0.53 25.80 -2.20
CA VAL B 232 -1.37 25.74 -1.01
C VAL B 232 -2.61 24.92 -1.34
N MET B 233 -2.93 24.02 -0.43
CA MET B 233 -4.03 23.08 -0.59
C MET B 233 -5.14 23.46 0.37
N THR B 234 -6.19 22.65 0.39
CA THR B 234 -7.32 22.99 1.23
C THR B 234 -7.56 22.01 2.36
N ASP B 235 -6.67 21.03 2.56
CA ASP B 235 -6.68 19.94 3.55
C ASP B 235 -7.71 18.88 3.21
N ALA B 236 -8.58 19.12 2.23
CA ALA B 236 -9.47 18.06 1.78
C ALA B 236 -8.85 17.27 0.65
N ALA B 237 -7.77 17.79 0.07
CA ALA B 237 -7.21 17.24 -1.14
C ALA B 237 -5.99 16.38 -0.88
N ILE B 238 -5.76 15.98 0.37
CA ILE B 238 -4.55 15.24 0.71
C ILE B 238 -4.51 13.90 0.00
N PHE B 239 -5.64 13.19 -0.03
CA PHE B 239 -5.70 11.96 -0.81
C PHE B 239 -5.68 12.22 -2.30
N ALA B 240 -6.13 13.40 -2.73
CA ALA B 240 -6.18 13.69 -4.16
C ALA B 240 -4.79 13.87 -4.72
N VAL B 241 -4.00 14.78 -4.14
CA VAL B 241 -2.67 15.08 -4.65
C VAL B 241 -1.61 14.13 -4.12
N MET B 242 -2.02 13.09 -3.40
CA MET B 242 -1.05 12.15 -2.85
C MET B 242 -0.36 11.33 -3.92
N SER B 243 -1.02 11.09 -5.06
CA SER B 243 -0.42 10.29 -6.12
C SER B 243 0.84 10.94 -6.66
N ARG B 244 0.84 12.27 -6.76
CA ARG B 244 2.01 12.98 -7.28
C ARG B 244 3.13 13.03 -6.25
N VAL B 245 2.79 13.17 -4.97
CA VAL B 245 3.76 13.53 -3.94
C VAL B 245 4.75 12.41 -3.71
N ASN B 246 6.04 12.77 -3.67
CA ASN B 246 7.13 11.81 -3.53
C ASN B 246 7.56 11.57 -2.10
N LYS B 247 7.64 12.60 -1.27
CA LYS B 247 7.96 12.46 0.14
C LYS B 247 7.06 13.36 0.94
N VAL B 248 6.77 13.00 2.18
CA VAL B 248 5.99 13.84 3.08
C VAL B 248 6.86 14.16 4.27
N ILE B 249 7.11 15.44 4.50
CA ILE B 249 7.98 15.90 5.56
C ILE B 249 7.14 16.76 6.49
N ILE B 250 6.93 16.29 7.71
CA ILE B 250 6.08 16.97 8.67
C ILE B 250 6.88 17.26 9.92
N GLY B 251 6.28 18.07 10.80
CA GLY B 251 6.81 18.30 12.12
C GLY B 251 5.79 17.87 13.17
N THR B 252 6.25 17.77 14.40
CA THR B 252 5.45 17.23 15.48
C THR B 252 5.34 18.23 16.62
N LYS B 253 4.31 18.05 17.43
CA LYS B 253 4.29 18.65 18.75
C LYS B 253 5.05 17.80 19.75
N THR B 254 5.01 16.48 19.58
CA THR B 254 5.54 15.54 20.54
C THR B 254 5.76 14.21 19.83
N ILE B 255 6.89 13.58 20.10
CA ILE B 255 7.14 12.20 19.71
C ILE B 255 6.95 11.33 20.94
N LEU B 256 5.94 10.47 20.91
CA LEU B 256 5.68 9.63 22.06
C LEU B 256 6.67 8.48 22.09
N ALA B 257 6.67 7.74 23.20
CA ALA B 257 7.76 6.83 23.47
C ALA B 257 7.75 5.58 22.59
N ASN B 258 6.67 5.31 21.87
CA ASN B 258 6.63 4.15 21.00
C ASN B 258 6.91 4.52 19.55
N GLY B 259 7.42 5.72 19.31
CA GLY B 259 7.61 6.19 17.97
C GLY B 259 6.41 6.88 17.38
N ALA B 260 5.25 6.78 18.02
CA ALA B 260 4.08 7.52 17.58
C ALA B 260 4.27 8.99 17.90
N LEU B 261 3.46 9.81 17.27
CA LEU B 261 3.62 11.25 17.46
C LEU B 261 2.29 11.96 17.51
N ARG B 262 2.23 12.97 18.37
CA ARG B 262 1.11 13.88 18.47
C ARG B 262 1.43 15.11 17.66
N ALA B 263 0.74 15.30 16.54
CA ALA B 263 1.07 16.42 15.68
C ALA B 263 -0.17 17.23 15.34
N VAL B 264 -0.01 18.21 14.44
CA VAL B 264 -1.10 19.06 13.96
C VAL B 264 -2.24 18.20 13.42
N THR B 265 -3.46 18.74 13.51
CA THR B 265 -4.66 17.90 13.49
C THR B 265 -4.87 17.16 12.17
N GLY B 266 -4.15 17.53 11.12
CA GLY B 266 -4.34 16.82 9.88
C GLY B 266 -3.34 15.70 9.61
N THR B 267 -2.39 15.48 10.51
CA THR B 267 -1.25 14.63 10.17
C THR B 267 -1.60 13.15 10.13
N HIS B 268 -2.63 12.71 10.87
CA HIS B 268 -3.01 11.31 10.76
C HIS B 268 -3.76 11.05 9.48
N THR B 269 -4.63 11.98 9.09
CA THR B 269 -5.31 11.90 7.80
C THR B 269 -4.32 11.98 6.66
N LEU B 270 -3.19 12.66 6.87
CA LEU B 270 -2.05 12.73 5.98
C LEU B 270 -1.25 11.44 5.94
N ALA B 271 -0.98 10.87 7.10
CA ALA B 271 -0.14 9.68 7.19
C ALA B 271 -0.87 8.46 6.64
N LEU B 272 -2.20 8.43 6.77
CA LEU B 272 -2.95 7.33 6.18
C LEU B 272 -2.87 7.38 4.65
N ALA B 273 -2.93 8.58 4.06
CA ALA B 273 -2.76 8.71 2.62
C ALA B 273 -1.34 8.36 2.21
N ALA B 274 -0.36 8.78 3.00
CA ALA B 274 1.03 8.46 2.69
C ALA B 274 1.30 6.96 2.78
N LYS B 275 0.70 6.28 3.75
CA LYS B 275 0.84 4.84 3.83
C LYS B 275 0.07 4.16 2.71
N HIS B 276 -1.05 4.73 2.28
CA HIS B 276 -1.83 4.15 1.21
C HIS B 276 -1.05 4.17 -0.10
N HIS B 277 -0.45 5.31 -0.42
CA HIS B 277 0.35 5.43 -1.64
C HIS B 277 1.81 5.05 -1.41
N SER B 278 2.13 4.55 -0.22
CA SER B 278 3.48 4.13 0.19
C SER B 278 4.51 5.25 0.05
N THR B 279 4.05 6.48 0.19
CA THR B 279 4.96 7.62 0.20
C THR B 279 5.68 7.66 1.55
N PRO B 280 7.00 7.82 1.57
CA PRO B 280 7.70 7.88 2.86
C PRO B 280 7.35 9.13 3.62
N LEU B 281 6.97 8.95 4.88
CA LEU B 281 6.62 10.05 5.78
C LEU B 281 7.83 10.34 6.64
N ILE B 282 8.59 11.35 6.25
CA ILE B 282 9.72 11.81 7.04
C ILE B 282 9.20 12.76 8.10
N VAL B 283 9.78 12.71 9.29
CA VAL B 283 9.39 13.56 10.40
C VAL B 283 10.62 14.29 10.91
N CYS B 284 10.66 15.59 10.76
CA CYS B 284 11.78 16.41 11.21
C CYS B 284 11.43 16.94 12.59
N ALA B 285 12.10 16.42 13.60
CA ALA B 285 11.77 16.81 14.97
C ALA B 285 12.94 16.59 15.90
N PRO B 286 13.37 17.61 16.61
CA PRO B 286 14.53 17.46 17.51
C PRO B 286 14.24 16.71 18.79
N MET B 287 15.22 16.66 19.68
CA MET B 287 15.17 15.85 20.90
C MET B 287 14.58 16.56 22.11
N PHE B 288 14.07 17.78 21.98
CA PHE B 288 13.20 18.24 23.05
C PHE B 288 11.76 17.84 22.81
N LYS B 289 11.41 17.46 21.59
CA LYS B 289 10.08 17.01 21.25
C LYS B 289 9.89 15.53 21.48
N LEU B 290 10.75 14.91 22.27
CA LEU B 290 10.77 13.47 22.45
C LEU B 290 10.23 13.18 23.85
N SER B 291 8.96 12.79 23.93
CA SER B 291 8.49 12.70 25.29
C SER B 291 8.36 11.24 25.72
N PRO B 292 8.69 10.91 26.97
CA PRO B 292 8.72 9.51 27.37
C PRO B 292 7.36 8.92 27.71
N GLN B 293 6.29 9.59 27.32
CA GLN B 293 4.95 9.10 27.62
C GLN B 293 4.44 8.22 26.49
N PHE B 294 3.90 7.08 26.87
CA PHE B 294 3.24 6.17 25.94
C PHE B 294 1.81 6.61 25.73
N PRO B 295 1.20 6.23 24.60
CA PRO B 295 -0.17 6.72 24.33
C PRO B 295 -1.26 6.02 25.13
N ASN B 296 -1.23 6.21 26.45
CA ASN B 296 -2.21 5.56 27.30
C ASN B 296 -3.52 6.32 27.30
N GLU B 297 -4.60 5.61 27.63
CA GLU B 297 -5.92 6.24 27.63
C GLU B 297 -6.16 7.04 28.89
N GLU B 298 -5.38 6.77 29.94
CA GLU B 298 -5.59 7.49 31.21
C GLU B 298 -5.21 8.96 31.07
N ASP B 299 -4.02 9.23 30.54
CA ASP B 299 -3.66 10.61 30.26
C ASP B 299 -4.31 11.06 28.96
N SER B 300 -4.82 12.29 28.96
CA SER B 300 -5.45 12.86 27.77
C SER B 300 -4.37 13.65 27.03
N PHE B 301 -4.21 13.35 25.74
CA PHE B 301 -3.18 14.03 24.97
C PHE B 301 -3.81 15.03 24.01
N HIS B 302 -5.11 14.89 23.75
CA HIS B 302 -5.81 15.84 22.90
C HIS B 302 -5.90 17.20 23.56
N LYS B 303 -5.85 18.25 22.75
CA LYS B 303 -6.17 19.59 23.18
C LYS B 303 -7.34 20.08 22.34
N PHE B 304 -8.33 20.66 22.99
CA PHE B 304 -9.52 21.15 22.32
C PHE B 304 -9.62 22.65 22.55
N VAL B 305 -9.81 23.40 21.47
CA VAL B 305 -9.87 24.86 21.54
C VAL B 305 -11.29 25.29 21.25
N ALA B 306 -11.52 26.60 21.23
CA ALA B 306 -12.86 27.13 21.09
C ALA B 306 -13.47 26.72 19.75
N PRO B 307 -14.76 26.38 19.72
CA PRO B 307 -15.40 26.03 18.46
C PRO B 307 -15.59 27.21 17.52
N GLU B 308 -15.29 28.43 17.96
CA GLU B 308 -15.35 29.59 17.09
C GLU B 308 -14.35 29.47 15.95
N GLU B 309 -13.27 28.73 16.16
CA GLU B 309 -12.32 28.44 15.08
C GLU B 309 -12.97 27.63 13.96
N VAL B 310 -13.94 26.78 14.29
CA VAL B 310 -14.56 25.90 13.31
C VAL B 310 -15.91 26.45 12.87
N LEU B 311 -16.84 26.58 13.81
CA LEU B 311 -18.17 27.09 13.51
C LEU B 311 -18.34 28.42 14.19
N PRO B 312 -18.42 29.53 13.45
CA PRO B 312 -18.41 30.84 14.09
C PRO B 312 -19.68 31.12 14.88
N PHE B 313 -19.55 32.06 15.81
CA PHE B 313 -20.62 32.41 16.72
C PHE B 313 -21.81 33.04 16.01
N THR B 314 -21.63 33.54 14.79
CA THR B 314 -22.70 34.17 14.05
C THR B 314 -23.67 33.18 13.43
N GLU B 315 -23.51 31.88 13.68
CA GLU B 315 -24.47 30.91 13.18
C GLU B 315 -25.82 31.06 13.86
N GLY B 316 -25.83 31.30 15.15
CA GLY B 316 -27.05 31.64 15.85
C GLY B 316 -27.66 30.45 16.56
N ASP B 317 -28.96 30.24 16.36
CA ASP B 317 -29.74 29.34 17.19
C ASP B 317 -29.30 27.89 17.06
N ILE B 318 -28.80 27.49 15.87
CA ILE B 318 -28.34 26.12 15.70
C ILE B 318 -27.13 25.81 16.57
N LEU B 319 -26.47 26.83 17.12
CA LEU B 319 -25.37 26.57 18.02
C LEU B 319 -25.83 26.04 19.36
N GLU B 320 -27.13 26.10 19.68
CA GLU B 320 -27.57 25.47 20.91
C GLU B 320 -27.80 23.98 20.74
N LYS B 321 -27.88 23.49 19.51
CA LYS B 321 -28.10 22.07 19.24
C LYS B 321 -26.87 21.36 18.70
N VAL B 322 -26.06 22.04 17.92
CA VAL B 322 -24.89 21.44 17.30
C VAL B 322 -23.76 21.38 18.32
N SER B 323 -23.08 20.25 18.38
CA SER B 323 -21.91 20.07 19.22
C SER B 323 -20.68 20.16 18.34
N VAL B 324 -19.97 21.28 18.40
CA VAL B 324 -18.75 21.52 17.63
C VAL B 324 -17.57 21.28 18.56
N HIS B 325 -16.49 20.70 18.02
CA HIS B 325 -15.41 20.23 18.88
C HIS B 325 -14.08 20.94 18.67
N CYS B 326 -13.53 20.92 17.46
CA CYS B 326 -12.24 21.50 17.11
C CYS B 326 -11.07 21.02 17.95
N PRO B 327 -10.58 19.80 17.76
CA PRO B 327 -9.28 19.43 18.32
C PRO B 327 -8.15 19.97 17.47
N VAL B 328 -6.99 20.13 18.09
CA VAL B 328 -5.82 20.67 17.39
C VAL B 328 -4.71 19.66 17.22
N PHE B 329 -4.80 18.49 17.85
CA PHE B 329 -3.73 17.51 17.77
C PHE B 329 -4.31 16.18 17.33
N ASP B 330 -3.48 15.38 16.66
CA ASP B 330 -3.97 14.18 16.02
C ASP B 330 -2.90 13.09 16.14
N TYR B 331 -3.27 11.97 16.75
CA TYR B 331 -2.35 10.89 16.99
C TYR B 331 -1.98 10.20 15.69
N VAL B 332 -0.67 10.02 15.46
CA VAL B 332 -0.19 9.28 14.31
C VAL B 332 0.54 8.05 14.83
N PRO B 333 0.04 6.84 14.57
CA PRO B 333 0.71 5.65 15.10
C PRO B 333 2.03 5.44 14.38
N PRO B 334 2.98 4.74 15.01
CA PRO B 334 4.34 4.67 14.44
C PRO B 334 4.47 3.85 13.18
N GLU B 335 3.50 2.98 12.86
CA GLU B 335 3.64 2.19 11.65
C GLU B 335 3.36 2.98 10.37
N LEU B 336 2.88 4.21 10.49
CA LEU B 336 2.75 5.09 9.33
C LEU B 336 3.95 5.99 9.13
N ILE B 337 4.95 5.91 10.00
CA ILE B 337 6.12 6.76 9.94
C ILE B 337 7.24 6.02 9.22
N THR B 338 8.08 6.74 8.50
CA THR B 338 9.27 6.16 7.90
C THR B 338 10.55 6.55 8.62
N LEU B 339 10.82 7.85 8.81
CA LEU B 339 12.02 8.26 9.53
C LEU B 339 11.74 9.39 10.49
N PHE B 340 12.61 9.50 11.48
CA PHE B 340 12.76 10.67 12.33
C PHE B 340 14.11 11.31 12.08
N ILE B 341 14.12 12.43 11.36
CA ILE B 341 15.33 13.21 11.19
C ILE B 341 15.53 14.01 12.46
N SER B 342 16.37 13.51 13.35
CA SER B 342 16.67 14.16 14.61
C SER B 342 17.77 15.17 14.39
N ASN B 343 18.28 15.74 15.48
CA ASN B 343 19.52 16.50 15.39
C ASN B 343 20.75 15.61 15.50
N ILE B 344 20.55 14.31 15.74
CA ILE B 344 21.64 13.36 15.89
C ILE B 344 21.63 12.31 14.79
N GLY B 345 20.81 12.47 13.77
CA GLY B 345 20.79 11.50 12.72
C GLY B 345 19.41 11.40 12.10
N GLY B 346 19.12 10.23 11.54
CA GLY B 346 17.88 10.00 10.85
C GLY B 346 17.24 8.66 11.16
N ASN B 347 17.34 8.23 12.41
CA ASN B 347 17.01 6.87 12.79
C ASN B 347 15.51 6.57 12.68
N ALA B 348 15.21 5.27 12.68
CA ALA B 348 13.87 4.76 12.45
C ALA B 348 12.99 5.00 13.68
N PRO B 349 11.65 4.90 13.53
CA PRO B 349 10.78 4.94 14.72
C PRO B 349 11.07 3.87 15.74
N SER B 350 11.42 2.66 15.27
CA SER B 350 11.67 1.53 16.16
C SER B 350 12.93 1.69 16.99
N TYR B 351 13.66 2.79 16.88
CA TYR B 351 14.79 3.09 17.74
C TYR B 351 14.46 4.07 18.85
N ILE B 352 13.25 4.63 18.85
CA ILE B 352 12.96 5.78 19.70
C ILE B 352 13.03 5.41 21.17
N TYR B 353 12.61 4.18 21.51
CA TYR B 353 12.71 3.70 22.89
C TYR B 353 14.13 3.81 23.43
N ARG B 354 15.14 3.53 22.58
CA ARG B 354 16.50 3.63 23.05
C ARG B 354 16.88 5.07 23.30
N LEU B 355 16.40 5.98 22.46
CA LEU B 355 16.61 7.40 22.70
C LEU B 355 15.92 7.85 23.98
N MET B 356 14.91 7.13 24.46
CA MET B 356 14.35 7.48 25.76
C MET B 356 15.32 7.14 26.87
N SER B 357 15.99 6.00 26.75
CA SER B 357 16.74 5.47 27.88
C SER B 357 18.00 6.29 28.14
N GLU B 358 18.52 6.96 27.11
CA GLU B 358 19.69 7.78 27.27
C GLU B 358 19.36 9.27 27.35
N LEU B 359 18.08 9.62 27.43
CA LEU B 359 17.64 10.99 27.67
C LEU B 359 16.97 11.15 29.01
N TYR B 360 16.02 10.28 29.34
CA TYR B 360 15.25 10.37 30.57
C TYR B 360 15.43 9.11 31.39
N HIS B 361 15.67 9.27 32.68
CA HIS B 361 15.70 8.15 33.59
C HIS B 361 14.29 7.56 33.71
N PRO B 362 14.16 6.24 33.88
CA PRO B 362 12.82 5.66 33.99
C PRO B 362 12.08 6.03 35.27
N ASP B 363 12.76 6.57 36.28
CA ASP B 363 12.03 7.10 37.42
C ASP B 363 11.43 8.46 37.14
N ASP B 364 11.87 9.14 36.08
CA ASP B 364 11.44 10.49 35.77
C ASP B 364 10.33 10.53 34.73
N HIS B 365 9.81 9.38 34.34
CA HIS B 365 8.77 9.33 33.33
C HIS B 365 7.47 9.97 33.83
N VAL B 366 7.10 9.66 35.07
CA VAL B 366 5.80 10.03 35.61
C VAL B 366 5.87 11.32 36.42
N LEU B 367 7.06 11.91 36.54
CA LEU B 367 7.38 12.97 37.51
C LEU B 367 7.03 12.47 38.90
N LEU C 179 15.64 11.83 -12.33
CA LEU C 179 16.64 10.94 -12.91
C LEU C 179 17.59 10.41 -11.84
N PHE C 180 18.86 10.28 -12.22
CA PHE C 180 19.90 9.80 -11.32
C PHE C 180 21.10 10.75 -11.44
N SER C 181 20.81 12.05 -11.40
CA SER C 181 21.81 13.06 -11.74
C SER C 181 22.92 13.13 -10.69
N HIS C 182 22.55 13.04 -9.41
CA HIS C 182 23.55 13.16 -8.35
C HIS C 182 24.48 11.96 -8.30
N LEU C 183 23.96 10.78 -8.61
CA LEU C 183 24.78 9.58 -8.65
C LEU C 183 25.63 9.55 -9.91
N PRO C 184 26.85 9.04 -9.83
CA PRO C 184 27.78 9.18 -10.96
C PRO C 184 27.86 8.05 -11.99
N GLN C 185 27.96 8.48 -13.26
CA GLN C 185 28.05 7.57 -14.39
C GLN C 185 29.49 7.46 -14.83
N TYR C 186 30.00 6.24 -14.90
CA TYR C 186 31.39 6.02 -15.30
C TYR C 186 31.45 4.82 -16.23
N SER C 187 32.46 4.82 -17.10
CA SER C 187 32.64 3.75 -18.08
C SER C 187 33.61 2.70 -17.57
N LEU C 192 40.97 5.35 -16.26
CA LEU C 192 41.30 6.48 -15.39
C LEU C 192 42.77 6.49 -15.05
N THR C 193 43.53 5.59 -15.65
CA THR C 193 44.95 5.44 -15.37
C THR C 193 45.83 6.04 -16.46
N GLN C 194 45.26 6.80 -17.39
CA GLN C 194 46.06 7.34 -18.49
C GLN C 194 46.93 8.51 -18.04
N PHE C 195 46.45 9.30 -17.08
CA PHE C 195 47.18 10.50 -16.67
C PHE C 195 48.37 10.20 -15.78
N MET C 196 48.27 9.19 -14.91
CA MET C 196 49.32 8.94 -13.92
C MET C 196 50.56 8.35 -14.56
N SER C 197 51.72 8.71 -14.01
CA SER C 197 52.99 8.18 -14.48
C SER C 197 53.10 6.70 -14.13
N ILE C 198 53.87 5.97 -14.96
CA ILE C 198 53.99 4.52 -14.75
C ILE C 198 54.71 4.19 -13.43
N PRO C 199 55.86 4.81 -13.09
CA PRO C 199 56.23 4.71 -11.67
C PRO C 199 55.55 5.82 -10.87
N SER C 200 54.28 5.57 -10.53
CA SER C 200 53.40 6.62 -10.01
C SER C 200 53.87 7.17 -8.67
N SER C 201 53.82 8.48 -8.53
CA SER C 201 54.14 9.15 -7.27
C SER C 201 52.96 9.87 -6.66
N VAL C 202 51.96 10.23 -7.47
CA VAL C 202 50.75 10.85 -6.93
C VAL C 202 49.97 9.86 -6.07
N ILE C 203 49.76 8.66 -6.59
CA ILE C 203 49.09 7.58 -5.87
C ILE C 203 50.08 6.43 -5.73
N HIS C 204 49.93 5.66 -4.65
CA HIS C 204 50.86 4.57 -4.38
C HIS C 204 50.70 3.47 -5.43
N PRO C 205 51.77 2.73 -5.76
CA PRO C 205 51.67 1.65 -6.75
C PRO C 205 50.60 0.60 -6.47
N ALA C 206 50.55 0.16 -5.21
CA ALA C 206 49.54 -0.81 -4.80
C ALA C 206 48.15 -0.23 -4.91
N MET C 207 47.99 1.05 -4.59
CA MET C 207 46.68 1.68 -4.69
C MET C 207 46.26 1.88 -6.13
N VAL C 208 47.22 2.11 -7.04
CA VAL C 208 46.91 2.16 -8.48
C VAL C 208 46.44 0.79 -8.96
N ARG C 209 47.15 -0.27 -8.58
CA ARG C 209 46.73 -1.62 -8.95
C ARG C 209 45.33 -1.92 -8.43
N LEU C 210 45.09 -1.56 -7.17
CA LEU C 210 43.79 -1.79 -6.55
C LEU C 210 42.69 -1.02 -7.25
N GLY C 211 42.93 0.26 -7.55
CA GLY C 211 41.91 1.07 -8.19
C GLY C 211 41.59 0.60 -9.59
N LEU C 212 42.61 0.15 -10.32
CA LEU C 212 42.34 -0.30 -11.68
C LEU C 212 41.68 -1.69 -11.68
N GLN C 213 41.99 -2.52 -10.68
CA GLN C 213 41.25 -3.78 -10.53
C GLN C 213 39.80 -3.54 -10.15
N TYR C 214 39.54 -2.51 -9.34
CA TYR C 214 38.16 -2.12 -9.07
C TYR C 214 37.46 -1.66 -10.33
N SER C 215 38.14 -0.84 -11.14
CA SER C 215 37.52 -0.26 -12.33
C SER C 215 37.21 -1.32 -13.37
N GLN C 216 38.15 -2.23 -13.63
CA GLN C 216 37.93 -3.22 -14.66
C GLN C 216 36.94 -4.29 -14.22
N GLY C 217 36.99 -4.68 -12.96
CA GLY C 217 36.15 -5.73 -12.43
C GLY C 217 36.88 -6.98 -11.98
N LEU C 218 38.18 -6.89 -11.70
CA LEU C 218 38.94 -8.06 -11.26
C LEU C 218 38.61 -8.42 -9.82
N VAL C 219 38.16 -7.46 -9.01
CA VAL C 219 37.80 -7.68 -7.62
C VAL C 219 36.38 -7.21 -7.42
N SER C 220 35.49 -8.12 -7.05
CA SER C 220 34.09 -7.83 -6.86
C SER C 220 33.62 -8.45 -5.55
N GLY C 221 32.55 -7.87 -5.00
CA GLY C 221 32.04 -8.31 -3.72
C GLY C 221 32.57 -7.44 -2.61
N SER C 222 31.71 -7.11 -1.63
CA SER C 222 32.08 -6.16 -0.58
C SER C 222 33.18 -6.72 0.31
N ASN C 223 33.11 -8.01 0.66
CA ASN C 223 34.17 -8.59 1.47
C ASN C 223 35.47 -8.68 0.72
N ALA C 224 35.44 -9.09 -0.55
CA ALA C 224 36.67 -9.19 -1.33
C ALA C 224 37.29 -7.82 -1.55
N ARG C 225 36.46 -6.81 -1.81
CA ARG C 225 36.97 -5.45 -1.96
C ARG C 225 37.56 -4.93 -0.66
N CYS C 226 36.94 -5.25 0.48
CA CYS C 226 37.51 -4.80 1.75
C CYS C 226 38.82 -5.51 2.06
N ILE C 227 38.92 -6.82 1.80
CA ILE C 227 40.18 -7.54 2.01
C ILE C 227 41.27 -6.97 1.13
N ALA C 228 40.97 -6.74 -0.15
CA ALA C 228 41.96 -6.21 -1.08
C ALA C 228 42.38 -4.79 -0.68
N LEU C 229 41.43 -3.97 -0.23
CA LEU C 229 41.75 -2.63 0.24
C LEU C 229 42.65 -2.67 1.46
N LEU C 230 42.36 -3.55 2.42
CA LEU C 230 43.18 -3.59 3.63
C LEU C 230 44.56 -4.14 3.35
N ARG C 231 44.68 -5.10 2.41
CA ARG C 231 46.00 -5.58 2.02
C ARG C 231 46.80 -4.48 1.34
N ALA C 232 46.15 -3.71 0.46
CA ALA C 232 46.83 -2.60 -0.20
C ALA C 232 47.21 -1.51 0.80
N LEU C 233 46.40 -1.28 1.83
CA LEU C 233 46.75 -0.31 2.86
C LEU C 233 47.89 -0.81 3.73
N GLN C 234 47.97 -2.12 3.97
CA GLN C 234 49.14 -2.66 4.65
C GLN C 234 50.40 -2.45 3.82
N GLN C 235 50.28 -2.61 2.50
CA GLN C 235 51.39 -2.32 1.59
C GLN C 235 51.77 -0.84 1.64
N VAL C 236 50.78 0.04 1.74
CA VAL C 236 51.04 1.48 1.82
C VAL C 236 51.76 1.83 3.12
N ILE C 237 51.29 1.28 4.23
CA ILE C 237 51.87 1.59 5.54
C ILE C 237 53.28 1.03 5.66
N GLN C 238 53.55 -0.16 5.12
CA GLN C 238 54.90 -0.71 5.26
C GLN C 238 55.91 0.05 4.41
N ASP C 239 55.44 0.72 3.35
CA ASP C 239 56.29 1.59 2.55
C ASP C 239 56.32 3.03 3.06
N TYR C 240 55.53 3.35 4.07
CA TYR C 240 55.54 4.69 4.62
C TYR C 240 56.80 4.95 5.43
N THR C 241 57.43 6.09 5.16
CA THR C 241 58.59 6.54 5.92
C THR C 241 58.34 7.99 6.33
N THR C 242 58.44 8.26 7.63
CA THR C 242 58.18 9.60 8.13
C THR C 242 59.35 10.54 7.84
N LEU C 248 53.18 11.20 13.10
CA LEU C 248 52.78 10.21 12.12
C LEU C 248 51.27 10.19 11.98
N SER C 249 50.59 10.57 13.06
CA SER C 249 49.14 10.40 13.16
C SER C 249 48.41 11.28 12.14
N ARG C 250 48.72 12.57 12.09
CA ARG C 250 48.09 13.42 11.09
C ARG C 250 48.63 13.17 9.70
N ASP C 251 49.93 12.86 9.61
CA ASP C 251 50.60 12.75 8.32
C ASP C 251 50.08 11.56 7.51
N LEU C 252 49.89 10.40 8.16
CA LEU C 252 49.40 9.24 7.43
C LEU C 252 47.97 9.44 6.97
N VAL C 253 47.13 10.08 7.79
CA VAL C 253 45.73 10.29 7.43
C VAL C 253 45.62 11.24 6.25
N ASN C 254 46.31 12.39 6.31
CA ASN C 254 46.20 13.30 5.18
C ASN C 254 47.05 12.86 3.99
N LYS C 255 47.91 11.85 4.15
CA LYS C 255 48.58 11.27 3.00
C LYS C 255 47.67 10.27 2.29
N LEU C 256 46.92 9.47 3.03
CA LEU C 256 46.11 8.44 2.39
C LEU C 256 44.67 8.90 2.13
N LYS C 257 44.30 10.12 2.47
CA LYS C 257 43.05 10.67 1.96
C LYS C 257 43.03 10.83 0.43
N PRO C 258 44.09 11.30 -0.26
CA PRO C 258 44.06 11.25 -1.73
C PRO C 258 43.93 9.85 -2.31
N TYR C 259 44.44 8.83 -1.61
CA TYR C 259 44.28 7.45 -2.08
C TYR C 259 42.82 7.08 -2.13
N MET C 260 42.06 7.46 -1.11
CA MET C 260 40.64 7.15 -1.08
C MET C 260 39.85 8.05 -2.02
N SER C 261 40.36 9.25 -2.31
CA SER C 261 39.78 10.04 -3.40
C SER C 261 39.94 9.33 -4.74
N PHE C 262 41.12 8.75 -4.98
CA PHE C 262 41.35 7.96 -6.18
C PHE C 262 40.41 6.75 -6.23
N LEU C 263 40.24 6.07 -5.08
CA LEU C 263 39.37 4.90 -5.10
C LEU C 263 37.90 5.28 -5.23
N THR C 264 37.51 6.44 -4.73
CA THR C 264 36.15 6.90 -4.97
C THR C 264 35.95 7.26 -6.44
N GLN C 265 37.01 7.70 -7.10
CA GLN C 265 36.92 7.94 -8.54
C GLN C 265 36.82 6.63 -9.32
N CYS C 266 37.60 5.61 -8.94
CA CYS C 266 37.71 4.41 -9.77
C CYS C 266 36.46 3.55 -9.68
N ARG C 267 35.95 3.33 -8.48
CA ARG C 267 34.75 2.55 -8.21
C ARG C 267 34.19 2.98 -6.88
N PRO C 268 32.95 3.47 -6.82
CA PRO C 268 32.43 4.10 -5.59
C PRO C 268 32.43 3.14 -4.41
N LEU C 269 32.96 3.62 -3.28
CA LEU C 269 33.24 2.77 -2.15
C LEU C 269 31.95 2.27 -1.51
N SER C 270 31.87 0.97 -1.29
CA SER C 270 30.77 0.42 -0.51
C SER C 270 31.03 0.64 0.97
N ALA C 271 30.00 0.42 1.78
CA ALA C 271 30.08 0.83 3.18
C ALA C 271 31.01 -0.05 3.99
N SER C 272 31.27 -1.28 3.53
CA SER C 272 32.30 -2.09 4.16
C SER C 272 33.67 -1.40 4.05
N MET C 273 33.96 -0.89 2.85
CA MET C 273 35.18 -0.11 2.64
C MET C 273 35.15 1.18 3.46
N HIS C 274 33.98 1.81 3.55
CA HIS C 274 33.86 3.06 4.31
C HIS C 274 34.17 2.86 5.79
N ASN C 275 33.60 1.81 6.39
CA ASN C 275 33.87 1.52 7.79
C ASN C 275 35.30 1.04 8.00
N ALA C 276 35.87 0.35 7.02
CA ALA C 276 37.27 -0.04 7.10
C ALA C 276 38.18 1.17 7.14
N ILE C 277 37.91 2.16 6.28
CA ILE C 277 38.70 3.38 6.24
C ILE C 277 38.50 4.21 7.50
N LYS C 278 37.27 4.25 8.01
CA LYS C 278 37.00 4.95 9.27
C LYS C 278 37.77 4.33 10.43
N PHE C 279 37.77 3.00 10.51
CA PHE C 279 38.55 2.31 11.53
C PHE C 279 40.03 2.58 11.37
N LEU C 280 40.52 2.58 10.12
CA LEU C 280 41.94 2.81 9.90
C LEU C 280 42.36 4.22 10.31
N ASN C 281 41.54 5.22 9.97
CA ASN C 281 41.85 6.59 10.36
C ASN C 281 41.78 6.76 11.87
N LYS C 282 40.82 6.11 12.53
CA LYS C 282 40.75 6.14 13.99
C LYS C 282 41.98 5.46 14.59
N GLU C 283 42.45 4.39 13.97
CA GLU C 283 43.64 3.70 14.46
C GLU C 283 44.88 4.57 14.32
N ILE C 284 45.02 5.28 13.20
CA ILE C 284 46.19 6.13 13.00
C ILE C 284 46.16 7.31 13.95
N THR C 285 44.99 7.93 14.11
CA THR C 285 44.87 9.05 15.05
C THR C 285 45.06 8.61 16.49
N SER C 286 44.72 7.35 16.80
CA SER C 286 44.91 6.83 18.15
C SER C 286 46.37 6.55 18.47
N VAL C 287 47.21 6.33 17.46
CA VAL C 287 48.61 6.00 17.70
C VAL C 287 49.34 7.26 18.12
N GLY C 288 49.97 7.22 19.29
CA GLY C 288 50.67 8.36 19.84
C GLY C 288 52.12 8.42 19.42
N SER C 289 52.87 9.29 20.09
CA SER C 289 54.28 9.47 19.81
C SER C 289 55.11 8.29 20.31
N GLU C 294 58.05 4.04 12.94
CA GLU C 294 58.92 2.87 12.83
C GLU C 294 58.25 1.64 13.46
N GLU C 295 58.30 1.56 14.79
CA GLU C 295 57.63 0.48 15.48
C GLU C 295 56.11 0.63 15.45
N ALA C 296 55.61 1.84 15.21
CA ALA C 296 54.17 2.03 15.06
C ALA C 296 53.65 1.52 13.73
N LYS C 297 54.54 1.24 12.77
CA LYS C 297 54.10 0.68 11.50
C LYS C 297 53.78 -0.80 11.63
N SER C 298 54.56 -1.52 12.45
CA SER C 298 54.26 -2.93 12.68
C SER C 298 53.01 -3.09 13.53
N GLU C 299 52.84 -2.23 14.54
CA GLU C 299 51.63 -2.27 15.36
C GLU C 299 50.40 -1.89 14.55
N LEU C 300 50.55 -0.99 13.59
CA LEU C 300 49.43 -0.64 12.72
C LEU C 300 49.09 -1.80 11.79
N ARG C 301 50.11 -2.38 11.16
CA ARG C 301 49.88 -3.41 10.15
C ARG C 301 49.25 -4.67 10.74
N ALA C 302 49.54 -4.97 12.01
CA ALA C 302 48.88 -6.10 12.65
C ALA C 302 47.43 -5.77 13.00
N ALA C 303 47.11 -4.49 13.17
CA ALA C 303 45.73 -4.11 13.47
C ALA C 303 44.83 -4.27 12.27
N ILE C 304 45.38 -4.24 11.05
CA ILE C 304 44.64 -4.71 9.89
C ILE C 304 44.38 -6.21 10.00
N ASP C 305 45.41 -6.99 10.37
CA ASP C 305 45.21 -8.42 10.53
C ASP C 305 44.25 -8.73 11.67
N ARG C 306 44.31 -7.96 12.75
CA ARG C 306 43.30 -8.08 13.79
C ARG C 306 41.97 -7.45 13.40
N TYR C 307 41.89 -6.78 12.26
CA TYR C 307 40.61 -6.33 11.75
C TYR C 307 40.00 -7.34 10.80
N VAL C 308 40.81 -7.88 9.90
CA VAL C 308 40.33 -8.84 8.91
C VAL C 308 39.90 -10.14 9.60
N GLN C 309 40.65 -10.58 10.61
CA GLN C 309 40.33 -11.85 11.25
C GLN C 309 39.02 -11.77 12.02
N GLU C 310 38.96 -10.91 13.03
CA GLU C 310 37.81 -10.99 13.93
C GLU C 310 36.64 -10.13 13.48
N LYS C 311 36.67 -9.57 12.28
CA LYS C 311 35.47 -8.94 11.73
C LYS C 311 35.10 -9.37 10.32
N ILE C 312 35.96 -10.08 9.60
CA ILE C 312 35.58 -10.52 8.26
C ILE C 312 35.68 -12.04 8.16
N VAL C 313 36.57 -12.65 8.92
CA VAL C 313 36.74 -14.10 8.86
C VAL C 313 36.02 -14.77 10.02
N LEU C 314 36.38 -14.38 11.24
CA LEU C 314 35.72 -14.94 12.41
C LEU C 314 34.24 -14.57 12.43
N ALA C 315 33.91 -13.38 11.95
CA ALA C 315 32.51 -13.00 11.80
C ALA C 315 31.80 -13.91 10.82
N ALA C 316 32.46 -14.28 9.73
CA ALA C 316 31.87 -15.19 8.76
C ALA C 316 31.63 -16.56 9.36
N GLN C 317 32.57 -17.04 10.18
CA GLN C 317 32.38 -18.33 10.85
C GLN C 317 31.22 -18.27 11.84
N ALA C 318 31.10 -17.18 12.58
CA ALA C 318 30.01 -17.05 13.54
C ALA C 318 28.66 -16.97 12.84
N ILE C 319 28.59 -16.24 11.74
CA ILE C 319 27.34 -16.15 10.97
C ILE C 319 27.00 -17.51 10.38
N SER C 320 28.02 -18.27 9.97
CA SER C 320 27.78 -19.63 9.48
C SER C 320 27.21 -20.52 10.58
N ARG C 321 27.73 -20.42 11.79
CA ARG C 321 27.20 -21.22 12.90
CA ARG C 321 27.20 -21.20 12.90
C ARG C 321 25.76 -20.84 13.22
N PHE C 322 25.44 -19.53 13.19
CA PHE C 322 24.07 -19.12 13.49
C PHE C 322 23.11 -19.54 12.40
N ALA C 323 23.51 -19.42 11.14
CA ALA C 323 22.63 -19.80 10.04
C ALA C 323 22.56 -21.29 9.83
N TYR C 324 23.44 -22.08 10.46
CA TYR C 324 23.26 -23.51 10.45
C TYR C 324 21.97 -23.91 11.15
N GLN C 325 21.55 -23.15 12.16
CA GLN C 325 20.33 -23.47 12.89
C GLN C 325 19.10 -23.29 12.01
N LYS C 326 19.10 -22.26 11.18
CA LYS C 326 17.92 -21.95 10.37
C LYS C 326 17.83 -22.76 9.09
N ILE C 327 18.78 -23.64 8.83
CA ILE C 327 18.77 -24.48 7.64
C ILE C 327 18.45 -25.89 8.10
N SER C 328 17.29 -26.40 7.72
CA SER C 328 16.84 -27.71 8.14
C SER C 328 16.93 -28.69 6.98
N ASN C 329 16.75 -29.97 7.29
CA ASN C 329 16.78 -30.98 6.24
C ASN C 329 15.56 -30.84 5.34
N GLY C 330 15.78 -30.99 4.04
CA GLY C 330 14.69 -31.05 3.10
C GLY C 330 14.18 -29.73 2.60
N ASP C 331 14.53 -28.62 3.24
CA ASP C 331 14.01 -27.35 2.75
C ASP C 331 14.81 -26.89 1.54
N VAL C 332 14.27 -25.92 0.83
CA VAL C 332 14.94 -25.37 -0.35
C VAL C 332 15.17 -23.89 -0.13
N ILE C 333 16.34 -23.42 -0.52
CA ILE C 333 16.83 -22.09 -0.16
C ILE C 333 17.08 -21.31 -1.42
N LEU C 334 16.50 -20.12 -1.51
CA LEU C 334 16.70 -19.28 -2.68
C LEU C 334 17.77 -18.27 -2.31
N VAL C 335 18.92 -18.35 -2.97
CA VAL C 335 19.96 -17.35 -2.80
C VAL C 335 19.95 -16.46 -4.02
N TYR C 336 20.69 -15.38 -3.99
CA TYR C 336 20.66 -14.43 -5.09
C TYR C 336 22.05 -13.91 -5.37
N GLY C 337 22.46 -13.92 -6.64
CA GLY C 337 23.74 -13.39 -7.01
C GLY C 337 24.87 -14.19 -6.40
N CYS C 338 25.98 -13.51 -6.15
CA CYS C 338 27.12 -14.13 -5.50
C CYS C 338 27.43 -13.38 -4.23
N SER C 339 27.50 -14.10 -3.12
CA SER C 339 27.97 -13.56 -1.87
C SER C 339 29.01 -14.51 -1.28
N SER C 340 30.11 -13.96 -0.80
CA SER C 340 31.15 -14.79 -0.22
C SER C 340 30.72 -15.39 1.10
N LEU C 341 29.70 -14.82 1.73
CA LEU C 341 29.19 -15.29 3.01
C LEU C 341 28.01 -16.23 2.86
N VAL C 342 27.11 -15.94 1.91
CA VAL C 342 25.96 -16.81 1.68
C VAL C 342 26.43 -18.17 1.18
N SER C 343 27.37 -18.17 0.25
CA SER C 343 27.89 -19.44 -0.27
C SER C 343 28.69 -20.18 0.78
N ARG C 344 29.40 -19.47 1.65
CA ARG C 344 30.09 -20.12 2.77
C ARG C 344 29.09 -20.75 3.72
N ILE C 345 27.99 -20.05 4.01
CA ILE C 345 26.96 -20.59 4.90
C ILE C 345 26.36 -21.85 4.31
N LEU C 346 26.04 -21.83 3.02
CA LEU C 346 25.46 -22.99 2.37
C LEU C 346 26.43 -24.15 2.34
N GLN C 347 27.69 -23.88 2.02
CA GLN C 347 28.67 -24.95 1.90
C GLN C 347 28.96 -25.59 3.26
N GLU C 348 29.11 -24.78 4.31
CA GLU C 348 29.36 -25.39 5.61
C GLU C 348 28.10 -26.02 6.20
N ALA C 349 26.91 -25.50 5.89
CA ALA C 349 25.70 -26.19 6.32
C ALA C 349 25.57 -27.54 5.64
N TRP C 350 25.99 -27.64 4.38
CA TRP C 350 25.98 -28.92 3.70
C TRP C 350 27.01 -29.88 4.28
N THR C 351 28.23 -29.39 4.53
CA THR C 351 29.26 -30.28 5.04
C THR C 351 29.13 -30.58 6.53
N GLU C 352 28.25 -29.91 7.25
CA GLU C 352 27.94 -30.29 8.61
C GLU C 352 26.70 -31.16 8.71
N GLY C 353 26.18 -31.66 7.59
CA GLY C 353 25.22 -32.74 7.61
C GLY C 353 23.84 -32.42 7.09
N ARG C 354 23.55 -31.19 6.70
CA ARG C 354 22.23 -30.89 6.18
C ARG C 354 22.06 -31.45 4.78
N ARG C 355 20.81 -31.68 4.41
CA ARG C 355 20.46 -32.16 3.08
C ARG C 355 19.35 -31.26 2.57
N PHE C 356 19.74 -30.15 1.96
CA PHE C 356 18.81 -29.16 1.44
C PHE C 356 19.00 -29.06 -0.07
N ARG C 357 18.38 -28.05 -0.66
CA ARG C 357 18.49 -27.78 -2.08
C ARG C 357 18.52 -26.27 -2.25
N VAL C 358 19.29 -25.79 -3.21
CA VAL C 358 19.42 -24.36 -3.42
C VAL C 358 18.83 -24.00 -4.77
N VAL C 359 18.14 -22.87 -4.82
CA VAL C 359 17.73 -22.24 -6.06
C VAL C 359 18.53 -20.96 -6.20
N VAL C 360 19.25 -20.81 -7.29
CA VAL C 360 20.09 -19.63 -7.50
C VAL C 360 19.38 -18.70 -8.46
N VAL C 361 19.00 -17.54 -7.97
CA VAL C 361 18.36 -16.52 -8.77
C VAL C 361 19.44 -15.52 -9.18
N ASP C 362 19.46 -15.16 -10.45
CA ASP C 362 20.52 -14.35 -10.99
C ASP C 362 19.96 -13.21 -11.82
N SER C 363 20.77 -12.17 -12.01
CA SER C 363 20.33 -10.99 -12.75
C SER C 363 21.38 -10.61 -13.78
N ARG C 364 20.91 -10.03 -14.86
CA ARG C 364 21.76 -9.34 -15.81
C ARG C 364 22.20 -8.00 -15.23
N PRO C 365 23.31 -7.42 -15.73
CA PRO C 365 24.30 -7.83 -16.72
C PRO C 365 25.51 -8.49 -16.13
N TRP C 366 25.62 -8.49 -14.80
CA TRP C 366 26.78 -9.10 -14.17
C TRP C 366 26.74 -10.62 -14.29
N LEU C 367 25.54 -11.19 -14.29
CA LEU C 367 25.31 -12.63 -14.35
C LEU C 367 26.13 -13.34 -13.27
N GLU C 368 25.94 -12.89 -12.04
CA GLU C 368 26.90 -13.14 -10.98
C GLU C 368 26.61 -14.41 -10.21
N GLY C 369 25.35 -14.86 -10.20
CA GLY C 369 24.99 -16.05 -9.46
C GLY C 369 25.53 -17.32 -10.06
N ARG C 370 26.02 -17.27 -11.30
CA ARG C 370 26.78 -18.39 -11.83
C ARG C 370 27.99 -18.67 -10.97
N HIS C 371 28.64 -17.62 -10.47
CA HIS C 371 29.74 -17.82 -9.55
C HIS C 371 29.29 -18.43 -8.23
N THR C 372 28.02 -18.24 -7.85
CA THR C 372 27.46 -19.07 -6.79
C THR C 372 27.25 -20.48 -7.27
N LEU C 373 26.61 -20.61 -8.45
CA LEU C 373 26.07 -21.88 -8.91
C LEU C 373 27.16 -22.92 -9.07
N ARG C 374 28.22 -22.55 -9.78
CA ARG C 374 29.36 -23.44 -9.96
C ARG C 374 29.97 -23.79 -8.61
N SER C 375 30.12 -22.80 -7.74
CA SER C 375 30.68 -23.05 -6.42
C SER C 375 29.78 -23.90 -5.56
N LEU C 376 28.48 -23.96 -5.87
CA LEU C 376 27.63 -24.91 -5.17
C LEU C 376 27.85 -26.32 -5.70
N VAL C 377 28.00 -26.45 -7.01
CA VAL C 377 28.04 -27.77 -7.63
C VAL C 377 29.33 -28.49 -7.25
N HIS C 378 30.41 -27.74 -7.06
CA HIS C 378 31.64 -28.34 -6.55
C HIS C 378 31.45 -28.88 -5.14
N ALA C 379 30.60 -28.24 -4.35
CA ALA C 379 30.31 -28.73 -3.01
C ALA C 379 29.34 -29.90 -3.01
N GLY C 380 28.75 -30.22 -4.15
CA GLY C 380 27.80 -31.31 -4.24
C GLY C 380 26.38 -30.96 -3.87
N VAL C 381 26.10 -29.71 -3.56
CA VAL C 381 24.75 -29.27 -3.22
C VAL C 381 23.87 -29.36 -4.46
N PRO C 382 22.65 -29.89 -4.36
CA PRO C 382 21.72 -29.78 -5.48
C PRO C 382 21.41 -28.32 -5.73
N ALA C 383 21.30 -27.96 -7.00
CA ALA C 383 21.15 -26.56 -7.33
C ALA C 383 20.12 -26.41 -8.45
N SER C 384 19.63 -25.19 -8.58
CA SER C 384 18.77 -24.80 -9.66
C SER C 384 19.07 -23.36 -9.97
N TYR C 385 19.00 -22.97 -11.23
CA TYR C 385 19.42 -21.65 -11.64
C TYR C 385 18.32 -21.05 -12.50
N LEU C 386 18.01 -19.79 -12.23
CA LEU C 386 17.06 -19.03 -13.05
C LEU C 386 17.17 -17.55 -12.73
N LEU C 387 16.62 -16.75 -13.63
CA LEU C 387 16.77 -15.30 -13.55
C LEU C 387 15.72 -14.71 -12.62
N ILE C 388 15.86 -13.42 -12.33
CA ILE C 388 14.89 -12.73 -11.45
C ILE C 388 13.45 -12.76 -11.95
N PRO C 389 13.15 -12.55 -13.24
CA PRO C 389 11.73 -12.60 -13.66
C PRO C 389 11.04 -13.92 -13.39
N ALA C 390 11.77 -15.01 -13.25
CA ALA C 390 11.17 -16.29 -12.94
C ALA C 390 11.10 -16.55 -11.44
N ALA C 391 11.44 -15.57 -10.61
CA ALA C 391 11.46 -15.76 -9.17
C ALA C 391 10.08 -16.08 -8.63
N SER C 392 9.06 -15.38 -9.11
CA SER C 392 7.69 -15.67 -8.73
C SER C 392 7.23 -17.04 -9.21
N TYR C 393 7.96 -17.67 -10.12
CA TYR C 393 7.67 -19.05 -10.47
C TYR C 393 8.18 -20.03 -9.42
N VAL C 394 9.31 -19.74 -8.76
CA VAL C 394 9.86 -20.69 -7.80
C VAL C 394 9.68 -20.30 -6.37
N LEU C 395 9.24 -19.11 -6.10
CA LEU C 395 8.88 -18.81 -4.72
C LEU C 395 7.72 -19.65 -4.17
N PRO C 396 6.83 -20.25 -4.98
CA PRO C 396 5.96 -21.28 -4.40
C PRO C 396 6.68 -22.44 -3.75
N GLU C 397 7.82 -22.89 -4.26
CA GLU C 397 8.47 -24.04 -3.65
C GLU C 397 9.49 -23.65 -2.59
N VAL C 398 10.03 -22.44 -2.63
CA VAL C 398 11.12 -22.03 -1.73
C VAL C 398 10.65 -22.00 -0.29
N SER C 399 11.51 -22.51 0.60
CA SER C 399 11.24 -22.48 2.03
C SER C 399 11.78 -21.23 2.72
N LYS C 400 12.98 -20.78 2.37
CA LYS C 400 13.47 -19.52 2.91
C LYS C 400 14.41 -18.87 1.92
N VAL C 401 14.37 -17.55 1.87
CA VAL C 401 15.23 -16.77 0.98
C VAL C 401 16.41 -16.28 1.80
N LEU C 402 17.62 -16.64 1.40
CA LEU C 402 18.81 -16.33 2.16
C LEU C 402 19.67 -15.40 1.31
N LEU C 403 19.68 -14.13 1.65
CA LEU C 403 20.35 -13.10 0.87
C LEU C 403 21.60 -12.63 1.57
N GLY C 404 22.38 -11.83 0.87
CA GLY C 404 23.56 -11.20 1.43
C GLY C 404 23.40 -9.69 1.38
N ALA C 405 24.02 -9.01 2.33
CA ALA C 405 23.87 -7.57 2.47
C ALA C 405 25.21 -6.92 2.19
N HIS C 406 25.20 -5.84 1.41
CA HIS C 406 26.40 -5.06 1.21
C HIS C 406 26.58 -4.00 2.27
N ALA C 407 25.49 -3.62 2.94
CA ALA C 407 25.48 -2.66 4.04
C ALA C 407 24.12 -2.71 4.69
N LEU C 408 24.09 -2.65 6.02
CA LEU C 408 22.85 -2.42 6.74
C LEU C 408 22.85 -1.02 7.29
N LEU C 409 21.82 -0.25 6.93
CA LEU C 409 21.78 1.16 7.23
C LEU C 409 21.19 1.39 8.62
N ALA C 410 21.11 2.64 9.02
CA ALA C 410 20.79 2.98 10.40
C ALA C 410 19.31 2.86 10.73
N ASN C 411 18.45 2.55 9.75
CA ASN C 411 17.06 2.26 10.03
C ASN C 411 16.68 0.80 9.83
N GLY C 412 17.61 -0.02 9.39
CA GLY C 412 17.32 -1.41 9.10
C GLY C 412 17.17 -1.73 7.63
N SER C 413 17.18 -0.72 6.76
CA SER C 413 17.14 -0.99 5.33
C SER C 413 18.41 -1.71 4.92
N VAL C 414 18.27 -2.65 4.01
CA VAL C 414 19.37 -3.50 3.59
C VAL C 414 19.83 -3.01 2.23
N MET C 415 21.00 -2.38 2.17
CA MET C 415 21.53 -1.96 0.88
C MET C 415 22.37 -3.08 0.32
N SER C 416 22.01 -3.56 -0.85
CA SER C 416 22.71 -4.69 -1.45
C SER C 416 22.46 -4.66 -2.94
N ARG C 417 22.73 -5.79 -3.59
CA ARG C 417 22.66 -5.90 -5.04
C ARG C 417 21.24 -5.63 -5.52
N VAL C 418 21.12 -5.11 -6.74
CA VAL C 418 19.92 -4.40 -7.18
C VAL C 418 18.69 -5.30 -7.22
N GLY C 419 18.87 -6.61 -7.35
CA GLY C 419 17.66 -7.42 -7.37
C GLY C 419 17.13 -7.84 -6.03
N THR C 420 17.85 -7.52 -4.95
CA THR C 420 17.56 -8.09 -3.65
C THR C 420 16.23 -7.59 -3.10
N ALA C 421 15.99 -6.29 -3.19
CA ALA C 421 14.76 -5.72 -2.62
C ALA C 421 13.53 -6.25 -3.34
N GLN C 422 13.59 -6.30 -4.66
CA GLN C 422 12.50 -6.85 -5.46
C GLN C 422 12.28 -8.32 -5.15
N LEU C 423 13.37 -9.06 -5.00
CA LEU C 423 13.28 -10.47 -4.67
C LEU C 423 12.66 -10.70 -3.30
N ALA C 424 13.03 -9.88 -2.33
CA ALA C 424 12.44 -9.98 -1.00
C ALA C 424 10.98 -9.58 -0.99
N LEU C 425 10.60 -8.64 -1.85
CA LEU C 425 9.19 -8.27 -1.95
C LEU C 425 8.35 -9.42 -2.50
N VAL C 426 8.83 -10.07 -3.56
CA VAL C 426 8.10 -11.23 -4.07
C VAL C 426 8.15 -12.37 -3.08
N ALA C 427 9.24 -12.47 -2.31
CA ALA C 427 9.35 -13.49 -1.28
C ALA C 427 8.30 -13.29 -0.19
N ARG C 428 8.07 -12.05 0.23
CA ARG C 428 7.01 -11.81 1.20
C ARG C 428 5.65 -12.03 0.59
N ALA C 429 5.46 -11.68 -0.67
CA ALA C 429 4.18 -11.93 -1.32
C ALA C 429 3.89 -13.42 -1.47
N HIS C 430 4.91 -14.28 -1.43
CA HIS C 430 4.71 -15.72 -1.37
C HIS C 430 4.88 -16.26 0.04
N ASN C 431 4.85 -15.38 1.03
CA ASN C 431 5.11 -15.60 2.46
C ASN C 431 6.20 -16.62 2.75
N VAL C 432 7.40 -16.40 2.24
CA VAL C 432 8.56 -17.19 2.64
C VAL C 432 9.45 -16.29 3.47
N PRO C 433 10.10 -16.80 4.52
CA PRO C 433 10.96 -15.94 5.33
C PRO C 433 12.19 -15.49 4.55
N VAL C 434 12.63 -14.28 4.84
CA VAL C 434 13.78 -13.68 4.19
C VAL C 434 14.86 -13.49 5.24
N LEU C 435 16.02 -14.09 5.01
CA LEU C 435 17.15 -13.99 5.90
C LEU C 435 18.25 -13.25 5.17
N VAL C 436 18.85 -12.27 5.80
CA VAL C 436 20.02 -11.61 5.23
C VAL C 436 21.18 -11.82 6.18
N CYS C 437 22.33 -12.14 5.63
CA CYS C 437 23.50 -12.50 6.41
C CYS C 437 24.53 -11.40 6.24
N CYS C 438 24.75 -10.63 7.29
CA CYS C 438 25.64 -9.49 7.21
C CYS C 438 26.51 -9.43 8.45
N GLU C 439 27.79 -9.13 8.25
CA GLU C 439 28.67 -8.92 9.37
C GLU C 439 28.37 -7.59 10.04
N THR C 440 28.92 -7.42 11.24
CA THR C 440 28.70 -6.19 12.00
C THR C 440 29.36 -5.00 11.31
N TYR C 441 30.57 -5.18 10.80
CA TYR C 441 31.37 -4.07 10.31
C TYR C 441 30.79 -3.41 9.07
N LYS C 442 29.82 -4.03 8.41
CA LYS C 442 29.14 -3.40 7.28
C LYS C 442 28.02 -2.48 7.70
N PHE C 443 27.81 -2.27 8.99
CA PHE C 443 26.69 -1.45 9.43
C PHE C 443 27.07 0.00 9.26
N CYS C 444 26.39 0.71 8.38
CA CYS C 444 26.65 2.12 8.15
C CYS C 444 25.61 2.95 8.88
N GLU C 445 26.05 4.05 9.49
CA GLU C 445 25.13 4.93 10.18
C GLU C 445 24.38 5.86 9.24
N ARG C 446 24.71 5.83 7.95
CA ARG C 446 23.90 6.50 6.95
C ARG C 446 22.51 5.89 6.92
N VAL C 447 21.49 6.72 6.72
CA VAL C 447 20.12 6.26 6.65
C VAL C 447 19.54 6.67 5.30
N GLN C 448 18.62 5.85 4.81
CA GLN C 448 18.10 6.06 3.46
C GLN C 448 16.77 5.33 3.35
N THR C 449 15.77 6.00 2.76
CA THR C 449 14.44 5.43 2.63
C THR C 449 14.27 4.70 1.30
N ASP C 450 14.40 5.42 0.20
CA ASP C 450 14.20 4.92 -1.13
C ASP C 450 15.50 4.51 -1.79
N ALA C 451 15.39 3.78 -2.90
CA ALA C 451 16.59 3.26 -3.59
C ALA C 451 17.16 4.27 -4.56
N PHE C 452 17.39 5.51 -4.11
CA PHE C 452 17.78 6.62 -4.98
C PHE C 452 18.96 7.44 -4.48
N VAL C 453 19.34 7.33 -3.21
CA VAL C 453 20.26 8.30 -2.63
C VAL C 453 21.71 7.93 -2.92
N SER C 454 22.11 6.71 -2.58
CA SER C 454 23.49 6.26 -2.77
C SER C 454 23.44 4.93 -3.50
N ASN C 455 23.48 4.99 -4.84
CA ASN C 455 23.35 3.80 -5.67
C ASN C 455 24.27 4.00 -6.87
N GLU C 456 25.43 3.37 -6.84
CA GLU C 456 26.39 3.50 -7.93
C GLU C 456 25.78 2.98 -9.22
N LEU C 457 26.15 3.63 -10.32
CA LEU C 457 25.77 3.17 -11.65
C LEU C 457 26.98 2.57 -12.33
N ASP C 458 26.87 1.30 -12.73
CA ASP C 458 27.89 0.72 -13.60
C ASP C 458 27.69 1.28 -15.00
N ASP C 459 28.65 1.02 -15.89
CA ASP C 459 28.55 1.56 -17.23
C ASP C 459 27.36 0.95 -17.97
N PRO C 460 26.60 1.77 -18.71
CA PRO C 460 25.40 1.26 -19.36
C PRO C 460 25.68 0.33 -20.52
N ASP C 461 26.92 0.32 -21.03
CA ASP C 461 27.30 -0.52 -22.15
C ASP C 461 27.24 -2.00 -21.83
N ASP C 462 27.12 -2.37 -20.56
CA ASP C 462 26.89 -3.76 -20.21
C ASP C 462 25.54 -4.27 -20.65
N LEU C 463 24.57 -3.37 -20.89
CA LEU C 463 23.18 -3.81 -20.98
C LEU C 463 22.84 -4.55 -22.27
N GLN C 464 23.44 -4.21 -23.40
CA GLN C 464 23.03 -4.83 -24.65
C GLN C 464 23.44 -6.30 -24.69
N CYS C 465 22.50 -7.15 -25.07
CA CYS C 465 22.69 -8.60 -25.08
C CYS C 465 22.62 -9.09 -26.52
N LYS C 466 23.27 -10.20 -26.80
CA LYS C 466 23.24 -10.79 -28.13
C LYS C 466 21.85 -11.36 -28.46
N VAL C 471 21.13 -7.46 -32.16
CA VAL C 471 21.42 -6.94 -30.82
C VAL C 471 20.45 -5.82 -30.44
N ALA C 472 20.07 -5.00 -31.43
CA ALA C 472 19.03 -3.98 -31.36
C ALA C 472 19.26 -2.90 -30.31
N LEU C 473 20.43 -2.86 -29.66
CA LEU C 473 20.71 -1.80 -28.71
C LEU C 473 22.15 -1.30 -28.77
N ALA C 474 22.97 -1.80 -29.71
CA ALA C 474 24.38 -1.42 -29.76
C ALA C 474 24.54 0.06 -30.03
N ASN C 475 23.75 0.60 -30.95
CA ASN C 475 23.72 2.05 -31.19
C ASN C 475 22.66 2.68 -30.30
N TRP C 476 23.03 2.85 -29.04
CA TRP C 476 22.16 3.53 -28.09
C TRP C 476 22.61 4.95 -27.78
N GLN C 477 23.88 5.26 -28.02
CA GLN C 477 24.36 6.62 -27.84
C GLN C 477 23.72 7.56 -28.85
N ASN C 478 23.55 7.10 -30.09
CA ASN C 478 22.99 7.96 -31.13
C ASN C 478 21.51 8.23 -30.96
N HIS C 479 20.80 7.41 -30.18
CA HIS C 479 19.43 7.71 -29.82
C HIS C 479 19.47 8.71 -28.67
N ALA C 480 19.02 9.94 -28.93
CA ALA C 480 19.12 10.99 -27.93
C ALA C 480 18.16 10.76 -26.77
N SER C 481 16.96 10.29 -27.06
CA SER C 481 15.97 10.10 -25.99
C SER C 481 16.28 8.87 -25.16
N LEU C 482 16.97 7.89 -25.72
CA LEU C 482 17.22 6.63 -25.04
C LEU C 482 18.37 6.76 -24.05
N ARG C 483 18.11 6.42 -22.80
CA ARG C 483 19.13 6.37 -21.77
C ARG C 483 19.13 4.99 -21.14
N LEU C 484 20.29 4.39 -21.03
CA LEU C 484 20.41 3.07 -20.43
C LEU C 484 20.81 3.22 -18.98
N LEU C 485 20.06 2.59 -18.09
CA LEU C 485 20.21 2.76 -16.65
C LEU C 485 20.39 1.39 -16.02
N ASN C 486 21.50 1.18 -15.32
CA ASN C 486 21.65 0.01 -14.48
C ASN C 486 22.18 0.44 -13.12
N LEU C 487 21.40 0.21 -12.09
CA LEU C 487 21.85 0.45 -10.74
C LEU C 487 22.70 -0.71 -10.28
N VAL C 488 23.54 -0.45 -9.30
CA VAL C 488 24.32 -1.49 -8.66
C VAL C 488 23.68 -1.92 -7.35
N TYR C 489 23.10 -0.99 -6.60
CA TYR C 489 22.55 -1.29 -5.29
C TYR C 489 21.12 -0.80 -5.18
N ASP C 490 20.34 -1.48 -4.36
CA ASP C 490 19.09 -0.94 -3.85
C ASP C 490 18.89 -1.37 -2.41
N VAL C 491 17.90 -0.75 -1.77
CA VAL C 491 17.64 -0.94 -0.35
C VAL C 491 16.31 -1.66 -0.18
N THR C 492 16.33 -2.73 0.59
CA THR C 492 15.00 -3.23 0.94
C THR C 492 14.60 -2.72 2.32
N PRO C 493 13.33 -2.40 2.51
CA PRO C 493 12.89 -1.88 3.80
C PRO C 493 12.93 -2.97 4.84
N PRO C 494 13.05 -2.60 6.13
CA PRO C 494 13.14 -3.62 7.17
C PRO C 494 11.86 -4.42 7.36
N GLU C 495 10.73 -3.99 6.81
CA GLU C 495 9.54 -4.82 6.95
C GLU C 495 9.53 -5.98 5.96
N LEU C 496 10.37 -5.95 4.94
CA LEU C 496 10.46 -7.06 4.00
C LEU C 496 11.47 -8.11 4.43
N VAL C 497 12.26 -7.84 5.47
CA VAL C 497 13.30 -8.74 5.95
C VAL C 497 12.88 -9.31 7.28
N ASP C 498 12.86 -10.63 7.38
CA ASP C 498 12.44 -11.27 8.62
C ASP C 498 13.57 -11.47 9.60
N LEU C 499 14.81 -11.50 9.15
CA LEU C 499 15.89 -11.89 10.04
C LEU C 499 17.20 -11.36 9.49
N VAL C 500 18.04 -10.83 10.38
CA VAL C 500 19.42 -10.50 10.07
C VAL C 500 20.30 -11.45 10.89
N ILE C 501 21.21 -12.13 10.22
CA ILE C 501 22.18 -12.97 10.90
C ILE C 501 23.50 -12.21 10.96
N THR C 502 24.04 -12.09 12.17
CA THR C 502 25.21 -11.27 12.44
C THR C 502 26.09 -12.09 13.37
N GLU C 503 27.38 -11.77 13.42
CA GLU C 503 28.28 -12.50 14.29
C GLU C 503 27.91 -12.36 15.76
N LEU C 504 27.16 -11.33 16.13
CA LEU C 504 26.67 -11.21 17.50
C LEU C 504 25.48 -12.14 17.73
N GLY C 505 24.63 -12.30 16.72
CA GLY C 505 23.51 -13.20 16.85
C GLY C 505 22.51 -12.94 15.74
N MET C 506 21.32 -13.48 15.92
CA MET C 506 20.21 -13.29 14.99
C MET C 506 19.31 -12.17 15.50
N ILE C 507 19.19 -11.12 14.72
CA ILE C 507 18.48 -9.91 15.15
C ILE C 507 17.38 -9.58 14.15
N PRO C 508 16.28 -8.96 14.56
CA PRO C 508 15.11 -8.87 13.68
C PRO C 508 15.08 -7.76 12.65
N CYS C 509 16.22 -7.15 12.32
CA CYS C 509 16.38 -6.15 11.25
C CYS C 509 15.77 -4.81 11.61
N SER C 510 15.08 -4.72 12.74
CA SER C 510 14.70 -3.46 13.31
C SER C 510 15.56 -3.08 14.49
N SER C 511 16.43 -3.98 14.92
CA SER C 511 17.40 -3.71 15.98
C SER C 511 18.82 -3.81 15.45
N VAL C 512 19.06 -3.42 14.20
CA VAL C 512 20.41 -3.09 13.77
C VAL C 512 20.93 -1.77 14.34
N PRO C 513 20.13 -0.73 14.67
CA PRO C 513 20.73 0.38 15.42
C PRO C 513 21.15 -0.01 16.81
N VAL C 514 20.56 -1.05 17.38
CA VAL C 514 21.06 -1.63 18.63
C VAL C 514 22.49 -2.09 18.49
N VAL C 515 22.78 -2.86 17.44
CA VAL C 515 24.13 -3.34 17.25
C VAL C 515 25.06 -2.18 16.88
N LEU C 516 24.58 -1.23 16.08
CA LEU C 516 25.35 -0.03 15.80
C LEU C 516 25.67 0.78 17.05
N ARG C 517 24.84 0.67 18.09
CA ARG C 517 25.13 1.31 19.36
C ARG C 517 26.14 0.50 20.16
N VAL C 518 25.95 -0.81 20.29
CA VAL C 518 26.76 -1.58 21.23
C VAL C 518 28.17 -1.85 20.70
N LYS C 519 28.42 -1.69 19.40
CA LYS C 519 29.78 -1.82 18.90
C LYS C 519 30.53 -0.50 18.90
N SER C 520 29.86 0.60 19.20
CA SER C 520 30.49 1.92 19.19
C SER C 520 30.31 2.63 20.52
N LEU D 179 0.47 21.14 -10.60
CA LEU D 179 0.55 20.77 -12.02
C LEU D 179 -0.74 20.15 -12.51
N PHE D 180 -1.85 20.78 -12.16
CA PHE D 180 -3.16 20.44 -12.73
C PHE D 180 -3.44 21.33 -13.94
N SER D 181 -2.51 21.29 -14.89
CA SER D 181 -2.47 22.29 -15.95
C SER D 181 -3.56 22.07 -16.99
N HIS D 182 -3.91 20.81 -17.25
CA HIS D 182 -4.87 20.51 -18.30
C HIS D 182 -6.30 20.85 -17.89
N LEU D 183 -6.51 21.18 -16.62
CA LEU D 183 -7.84 21.54 -16.14
C LEU D 183 -7.96 23.05 -16.02
N PRO D 184 -8.92 23.68 -16.70
CA PRO D 184 -9.08 25.14 -16.60
C PRO D 184 -9.30 25.64 -15.19
N GLN D 185 -8.72 26.80 -14.91
CA GLN D 185 -8.89 27.49 -13.64
C GLN D 185 -9.60 28.82 -13.92
N TYR D 186 -10.74 29.03 -13.27
CA TYR D 186 -11.64 30.12 -13.61
C TYR D 186 -11.76 31.08 -12.43
N SER D 187 -11.98 32.35 -12.73
CA SER D 187 -12.13 33.37 -11.71
C SER D 187 -13.58 33.50 -11.28
N SER D 191 -16.50 36.87 -14.56
CA SER D 191 -17.78 36.53 -15.16
C SER D 191 -17.75 36.71 -16.68
N LEU D 192 -18.16 35.67 -17.40
CA LEU D 192 -18.24 35.73 -18.86
C LEU D 192 -19.63 36.24 -19.25
N THR D 193 -19.82 37.54 -19.00
CA THR D 193 -21.08 38.19 -19.37
C THR D 193 -20.87 39.61 -19.88
N GLN D 194 -19.63 40.06 -20.02
CA GLN D 194 -19.38 41.45 -20.41
C GLN D 194 -19.43 41.62 -21.92
N PHE D 195 -18.93 40.63 -22.67
CA PHE D 195 -18.81 40.76 -24.11
C PHE D 195 -20.08 40.36 -24.86
N MET D 196 -21.06 39.77 -24.19
CA MET D 196 -22.23 39.23 -24.87
C MET D 196 -23.34 40.26 -24.96
N SER D 197 -24.14 40.15 -26.02
CA SER D 197 -25.14 41.15 -26.33
C SER D 197 -26.24 41.17 -25.28
N ILE D 198 -26.66 42.36 -24.89
CA ILE D 198 -27.61 42.54 -23.79
C ILE D 198 -29.04 42.08 -24.12
N PRO D 199 -29.56 42.11 -25.38
CA PRO D 199 -30.82 41.38 -25.61
C PRO D 199 -30.52 39.91 -25.88
N SER D 200 -31.53 39.15 -26.32
CA SER D 200 -31.32 37.76 -26.68
C SER D 200 -30.24 37.61 -27.76
N SER D 201 -29.09 37.08 -27.36
CA SER D 201 -27.94 36.89 -28.23
C SER D 201 -28.04 35.52 -28.90
N VAL D 202 -26.93 35.01 -29.42
CA VAL D 202 -26.89 33.65 -29.93
C VAL D 202 -27.27 32.66 -28.84
N ILE D 203 -26.75 32.85 -27.62
CA ILE D 203 -27.19 32.05 -26.49
C ILE D 203 -28.51 32.59 -25.96
N HIS D 204 -29.32 31.69 -25.42
CA HIS D 204 -30.67 31.99 -25.00
C HIS D 204 -30.66 32.86 -23.74
N PRO D 205 -31.75 33.61 -23.50
CA PRO D 205 -31.90 34.28 -22.20
C PRO D 205 -31.85 33.34 -21.01
N ALA D 206 -32.51 32.18 -21.12
CA ALA D 206 -32.49 31.21 -20.05
C ALA D 206 -31.08 30.65 -19.84
N MET D 207 -30.35 30.45 -20.94
CA MET D 207 -29.01 29.87 -20.83
C MET D 207 -28.01 30.87 -20.26
N VAL D 208 -28.11 32.15 -20.62
CA VAL D 208 -27.19 33.13 -20.02
C VAL D 208 -27.54 33.35 -18.55
N ARG D 209 -28.83 33.35 -18.21
CA ARG D 209 -29.24 33.44 -16.81
C ARG D 209 -28.71 32.26 -16.01
N LEU D 210 -28.83 31.06 -16.56
CA LEU D 210 -28.37 29.85 -15.87
C LEU D 210 -26.85 29.81 -15.75
N GLY D 211 -26.13 30.18 -16.82
CA GLY D 211 -24.68 30.17 -16.77
C GLY D 211 -24.13 31.20 -15.80
N LEU D 212 -24.80 32.34 -15.71
CA LEU D 212 -24.41 33.35 -14.74
C LEU D 212 -24.65 32.86 -13.31
N GLN D 213 -25.76 32.13 -13.10
CA GLN D 213 -25.99 31.52 -11.80
C GLN D 213 -24.96 30.44 -11.48
N TYR D 214 -24.52 29.70 -12.49
CA TYR D 214 -23.47 28.70 -12.29
C TYR D 214 -22.16 29.37 -11.87
N SER D 215 -21.77 30.42 -12.58
CA SER D 215 -20.48 31.05 -12.33
C SER D 215 -20.47 31.80 -11.01
N GLN D 216 -21.57 32.48 -10.67
CA GLN D 216 -21.62 33.18 -9.39
C GLN D 216 -21.70 32.19 -8.23
N GLY D 217 -22.44 31.10 -8.41
CA GLY D 217 -22.51 30.07 -7.39
C GLY D 217 -23.82 30.01 -6.64
N LEU D 218 -24.92 30.38 -7.29
CA LEU D 218 -26.22 30.30 -6.65
C LEU D 218 -26.85 28.93 -6.73
N VAL D 219 -26.34 28.03 -7.57
CA VAL D 219 -26.73 26.63 -7.58
C VAL D 219 -25.47 25.78 -7.55
N SER D 220 -25.40 24.86 -6.59
CA SER D 220 -24.14 24.19 -6.31
C SER D 220 -24.26 22.67 -6.28
N GLY D 221 -25.46 22.17 -6.01
CA GLY D 221 -25.64 20.74 -5.91
C GLY D 221 -25.53 20.06 -7.26
N SER D 222 -25.04 18.81 -7.23
CA SER D 222 -24.98 18.02 -8.46
C SER D 222 -26.36 17.72 -8.99
N ASN D 223 -27.32 17.45 -8.12
CA ASN D 223 -28.71 17.33 -8.56
C ASN D 223 -29.24 18.68 -9.03
N ALA D 224 -29.10 19.71 -8.19
CA ALA D 224 -29.73 21.00 -8.44
C ALA D 224 -29.22 21.66 -9.70
N ARG D 225 -27.99 21.37 -10.09
CA ARG D 225 -27.49 21.85 -11.38
C ARG D 225 -28.19 21.15 -12.54
N CYS D 226 -28.53 19.87 -12.39
CA CYS D 226 -29.20 19.16 -13.47
C CYS D 226 -30.63 19.64 -13.67
N ILE D 227 -31.39 19.79 -12.58
CA ILE D 227 -32.73 20.38 -12.69
C ILE D 227 -32.65 21.81 -13.19
N ALA D 228 -31.68 22.59 -12.68
CA ALA D 228 -31.53 23.98 -13.08
C ALA D 228 -31.23 24.10 -14.56
N LEU D 229 -30.35 23.24 -15.09
CA LEU D 229 -30.13 23.19 -16.53
C LEU D 229 -31.38 22.78 -17.27
N LEU D 230 -31.97 21.67 -16.86
CA LEU D 230 -32.90 20.92 -17.68
C LEU D 230 -34.34 21.37 -17.54
N ARG D 231 -34.62 22.38 -16.72
CA ARG D 231 -35.86 23.11 -16.88
C ARG D 231 -35.67 24.57 -17.25
N ALA D 232 -34.43 25.08 -17.24
CA ALA D 232 -34.13 26.25 -18.05
C ALA D 232 -34.03 25.87 -19.52
N LEU D 233 -33.75 24.60 -19.80
CA LEU D 233 -33.72 24.09 -21.17
C LEU D 233 -35.11 23.76 -21.69
N GLN D 234 -36.08 23.50 -20.82
CA GLN D 234 -37.46 23.45 -21.27
C GLN D 234 -37.90 24.80 -21.83
N GLN D 235 -37.40 25.89 -21.24
CA GLN D 235 -37.66 27.23 -21.77
C GLN D 235 -37.06 27.45 -23.14
N VAL D 236 -36.00 26.72 -23.48
CA VAL D 236 -35.38 26.84 -24.80
C VAL D 236 -36.29 26.26 -25.88
N ILE D 237 -36.98 25.15 -25.57
CA ILE D 237 -37.62 24.36 -26.61
C ILE D 237 -38.86 25.04 -27.18
N GLN D 238 -39.75 25.55 -26.31
CA GLN D 238 -40.93 26.18 -26.88
C GLN D 238 -40.61 27.55 -27.48
N ASP D 239 -39.52 28.19 -27.04
CA ASP D 239 -39.08 29.42 -27.67
C ASP D 239 -38.43 29.15 -29.02
N TYR D 240 -37.90 27.94 -29.21
CA TYR D 240 -37.35 27.57 -30.50
C TYR D 240 -38.47 27.28 -31.49
N THR D 241 -38.37 27.87 -32.68
CA THR D 241 -39.31 27.63 -33.77
C THR D 241 -38.53 27.11 -34.96
N THR D 242 -39.04 26.05 -35.59
CA THR D 242 -38.38 25.46 -36.74
C THR D 242 -38.67 26.26 -38.01
N LEU D 248 -36.93 18.86 -37.26
CA LEU D 248 -36.73 19.57 -36.00
C LEU D 248 -35.51 19.02 -35.27
N SER D 249 -35.18 17.77 -35.57
CA SER D 249 -34.13 17.07 -34.84
C SER D 249 -32.75 17.64 -35.14
N ARG D 250 -32.37 17.62 -36.43
CA ARG D 250 -31.03 18.05 -36.82
C ARG D 250 -30.79 19.53 -36.55
N ASP D 251 -31.85 20.35 -36.60
CA ASP D 251 -31.71 21.75 -36.26
C ASP D 251 -31.45 21.93 -34.77
N LEU D 252 -32.25 21.26 -33.93
CA LEU D 252 -32.18 21.49 -32.49
C LEU D 252 -30.90 20.91 -31.88
N VAL D 253 -30.41 19.79 -32.41
CA VAL D 253 -29.22 19.16 -31.82
C VAL D 253 -28.01 20.07 -31.94
N ASN D 254 -27.77 20.63 -33.13
CA ASN D 254 -26.66 21.55 -33.29
C ASN D 254 -26.98 22.96 -32.84
N LYS D 255 -28.25 23.29 -32.63
CA LYS D 255 -28.57 24.57 -32.01
C LYS D 255 -28.28 24.57 -30.51
N LEU D 256 -28.46 23.43 -29.86
CA LEU D 256 -28.24 23.36 -28.42
C LEU D 256 -26.76 23.37 -28.05
N LYS D 257 -25.86 23.01 -28.96
CA LYS D 257 -24.43 22.94 -28.64
C LYS D 257 -23.78 24.26 -28.22
N PRO D 258 -24.05 25.41 -28.84
CA PRO D 258 -23.51 26.67 -28.26
C PRO D 258 -23.96 26.93 -26.84
N TYR D 259 -25.17 26.52 -26.47
CA TYR D 259 -25.66 26.72 -25.11
C TYR D 259 -24.80 25.99 -24.10
N MET D 260 -24.58 24.70 -24.31
CA MET D 260 -23.76 23.96 -23.35
C MET D 260 -22.27 24.24 -23.50
N SER D 261 -21.81 24.74 -24.65
CA SER D 261 -20.45 25.27 -24.72
C SER D 261 -20.30 26.48 -23.80
N PHE D 262 -21.28 27.38 -23.82
CA PHE D 262 -21.26 28.52 -22.91
C PHE D 262 -21.37 28.05 -21.46
N LEU D 263 -22.19 27.03 -21.22
CA LEU D 263 -22.36 26.51 -19.86
C LEU D 263 -21.09 25.89 -19.32
N THR D 264 -20.38 25.09 -20.13
CA THR D 264 -19.13 24.53 -19.66
C THR D 264 -18.02 25.57 -19.64
N GLN D 265 -18.21 26.71 -20.31
CA GLN D 265 -17.33 27.84 -20.05
C GLN D 265 -17.60 28.45 -18.68
N CYS D 266 -18.87 28.49 -18.25
CA CYS D 266 -19.21 29.07 -16.95
C CYS D 266 -18.75 28.19 -15.80
N ARG D 267 -19.03 26.89 -15.88
CA ARG D 267 -18.64 25.94 -14.86
C ARG D 267 -18.61 24.59 -15.56
N PRO D 268 -17.56 23.80 -15.38
CA PRO D 268 -17.45 22.53 -16.11
C PRO D 268 -18.57 21.57 -15.74
N LEU D 269 -19.15 20.95 -16.76
CA LEU D 269 -20.35 20.14 -16.57
C LEU D 269 -19.99 18.85 -15.83
N SER D 270 -20.75 18.54 -14.78
CA SER D 270 -20.61 17.26 -14.12
C SER D 270 -21.46 16.21 -14.85
N ALA D 271 -21.30 14.94 -14.45
CA ALA D 271 -21.94 13.87 -15.18
C ALA D 271 -23.45 13.85 -14.99
N SER D 272 -23.96 14.46 -13.92
CA SER D 272 -25.41 14.63 -13.81
C SER D 272 -25.92 15.51 -14.93
N MET D 273 -25.16 16.55 -15.29
CA MET D 273 -25.48 17.38 -16.44
C MET D 273 -25.13 16.69 -17.75
N HIS D 274 -23.99 15.98 -17.80
CA HIS D 274 -23.53 15.35 -19.04
C HIS D 274 -24.50 14.28 -19.53
N ASN D 275 -24.92 13.38 -18.63
CA ASN D 275 -25.87 12.35 -19.03
C ASN D 275 -27.23 12.92 -19.32
N ALA D 276 -27.58 14.05 -18.68
CA ALA D 276 -28.82 14.74 -18.99
C ALA D 276 -28.80 15.25 -20.43
N ILE D 277 -27.69 15.85 -20.84
CA ILE D 277 -27.57 16.34 -22.22
C ILE D 277 -27.52 15.18 -23.20
N LYS D 278 -26.87 14.08 -22.83
CA LYS D 278 -26.82 12.92 -23.70
C LYS D 278 -28.22 12.34 -23.93
N PHE D 279 -29.01 12.21 -22.86
CA PHE D 279 -30.39 11.77 -23.01
C PHE D 279 -31.20 12.76 -23.82
N LEU D 280 -30.96 14.05 -23.62
CA LEU D 280 -31.68 15.08 -24.37
C LEU D 280 -31.42 14.98 -25.86
N ASN D 281 -30.14 14.82 -26.23
CA ASN D 281 -29.79 14.73 -27.64
C ASN D 281 -30.33 13.45 -28.26
N LYS D 282 -30.29 12.33 -27.51
CA LYS D 282 -30.89 11.10 -27.99
C LYS D 282 -32.40 11.25 -28.18
N GLU D 283 -33.05 11.98 -27.27
CA GLU D 283 -34.49 12.20 -27.38
C GLU D 283 -34.84 13.08 -28.57
N ILE D 284 -34.03 14.10 -28.83
CA ILE D 284 -34.28 14.97 -29.97
C ILE D 284 -34.06 14.23 -31.29
N THR D 285 -32.97 13.47 -31.38
CA THR D 285 -32.72 12.69 -32.59
C THR D 285 -33.71 11.54 -32.75
N SER D 286 -34.36 11.11 -31.66
CA SER D 286 -35.35 10.04 -31.78
C SER D 286 -36.60 10.52 -32.49
N VAL D 287 -37.08 11.72 -32.17
CA VAL D 287 -38.30 12.22 -32.78
C VAL D 287 -38.00 12.78 -34.17
N GLY D 288 -39.03 12.88 -34.99
CA GLY D 288 -38.86 13.35 -36.34
C GLY D 288 -40.18 13.41 -37.07
N SER D 289 -40.10 13.85 -38.33
CA SER D 289 -41.25 14.03 -39.22
C SER D 289 -42.31 14.95 -38.61
N ARG D 292 -45.48 16.96 -36.55
CA ARG D 292 -45.74 18.38 -36.37
C ARG D 292 -44.68 19.01 -35.49
N GLU D 293 -44.44 20.31 -35.69
CA GLU D 293 -43.45 21.01 -34.88
C GLU D 293 -43.97 21.32 -33.48
N GLU D 294 -45.25 21.72 -33.39
CA GLU D 294 -45.82 22.08 -32.09
C GLU D 294 -45.98 20.87 -31.20
N GLU D 295 -46.45 19.75 -31.77
CA GLU D 295 -46.60 18.52 -30.99
C GLU D 295 -45.25 18.00 -30.52
N ALA D 296 -44.23 18.08 -31.36
CA ALA D 296 -42.89 17.68 -30.96
C ALA D 296 -42.33 18.59 -29.86
N LYS D 297 -42.58 19.90 -29.98
CA LYS D 297 -42.09 20.83 -28.96
C LYS D 297 -42.80 20.62 -27.63
N SER D 298 -44.08 20.23 -27.67
CA SER D 298 -44.78 19.91 -26.43
C SER D 298 -44.32 18.58 -25.85
N GLU D 299 -44.08 17.59 -26.70
CA GLU D 299 -43.72 16.26 -26.23
C GLU D 299 -42.31 16.23 -25.68
N LEU D 300 -41.40 17.02 -26.25
CA LEU D 300 -40.05 17.11 -25.72
C LEU D 300 -40.04 17.66 -24.30
N ARG D 301 -40.67 18.82 -24.10
CA ARG D 301 -40.62 19.46 -22.79
C ARG D 301 -41.51 18.78 -21.76
N ALA D 302 -42.32 17.80 -22.17
CA ALA D 302 -43.08 16.98 -21.22
C ALA D 302 -42.33 15.69 -20.89
N ALA D 303 -41.55 15.16 -21.82
CA ALA D 303 -40.68 14.03 -21.55
C ALA D 303 -39.38 14.45 -20.87
N ILE D 304 -39.20 15.75 -20.64
CA ILE D 304 -38.11 16.23 -19.80
C ILE D 304 -38.53 16.32 -18.34
N ASP D 305 -39.79 16.66 -18.07
CA ASP D 305 -40.31 16.48 -16.70
C ASP D 305 -40.34 15.01 -16.32
N ARG D 306 -40.63 14.14 -17.29
CA ARG D 306 -40.61 12.70 -17.05
C ARG D 306 -39.21 12.24 -16.67
N TYR D 307 -38.18 12.86 -17.25
CA TYR D 307 -36.82 12.55 -16.86
C TYR D 307 -36.57 12.90 -15.40
N VAL D 308 -37.01 14.10 -14.98
CA VAL D 308 -36.80 14.53 -13.60
C VAL D 308 -37.54 13.62 -12.63
N GLN D 309 -38.79 13.28 -12.96
CA GLN D 309 -39.56 12.40 -12.10
C GLN D 309 -38.91 11.03 -11.98
N GLU D 310 -38.81 10.29 -13.08
CA GLU D 310 -38.32 8.93 -12.97
C GLU D 310 -36.80 8.80 -12.83
N LYS D 311 -36.04 9.89 -12.73
CA LYS D 311 -34.61 9.73 -12.46
C LYS D 311 -34.02 10.62 -11.38
N ILE D 312 -34.68 11.68 -10.94
CA ILE D 312 -34.10 12.49 -9.88
C ILE D 312 -35.05 12.60 -8.70
N VAL D 313 -36.35 12.51 -8.96
CA VAL D 313 -37.31 12.68 -7.88
C VAL D 313 -37.76 11.31 -7.36
N LEU D 314 -38.29 10.47 -8.25
CA LEU D 314 -38.65 9.12 -7.83
C LEU D 314 -37.43 8.29 -7.50
N ALA D 315 -36.28 8.63 -8.07
CA ALA D 315 -35.05 7.96 -7.69
C ALA D 315 -34.70 8.27 -6.24
N ALA D 316 -34.69 9.55 -5.88
CA ALA D 316 -34.20 9.97 -4.58
C ALA D 316 -35.08 9.46 -3.45
N GLN D 317 -36.36 9.22 -3.71
CA GLN D 317 -37.22 8.59 -2.72
C GLN D 317 -37.26 7.09 -2.84
N ALA D 318 -36.51 6.52 -3.79
CA ALA D 318 -36.22 5.09 -3.79
C ALA D 318 -34.85 4.79 -3.21
N ILE D 319 -33.91 5.74 -3.26
CA ILE D 319 -32.67 5.62 -2.50
C ILE D 319 -32.98 5.57 -1.02
N SER D 320 -33.94 6.40 -0.57
CA SER D 320 -34.20 6.54 0.85
C SER D 320 -34.86 5.30 1.44
N ARG D 321 -35.66 4.58 0.67
CA ARG D 321 -36.22 3.32 1.15
C ARG D 321 -35.13 2.29 1.39
N PHE D 322 -34.12 2.25 0.51
CA PHE D 322 -33.04 1.29 0.68
C PHE D 322 -32.10 1.71 1.78
N ALA D 323 -31.87 3.00 1.97
CA ALA D 323 -30.97 3.43 3.01
C ALA D 323 -31.64 3.52 4.37
N TYR D 324 -32.96 3.49 4.42
CA TYR D 324 -33.63 3.50 5.72
C TYR D 324 -33.44 2.19 6.46
N GLN D 325 -33.39 1.08 5.73
CA GLN D 325 -33.16 -0.20 6.37
C GLN D 325 -31.70 -0.43 6.72
N LYS D 326 -30.80 0.35 6.16
CA LYS D 326 -29.39 0.27 6.48
C LYS D 326 -28.98 1.23 7.60
N ILE D 327 -29.89 2.09 8.03
CA ILE D 327 -29.61 3.00 9.14
C ILE D 327 -30.18 2.38 10.41
N SER D 328 -29.32 2.10 11.38
CA SER D 328 -29.72 1.42 12.59
C SER D 328 -30.40 2.39 13.54
N ASN D 329 -30.90 1.86 14.65
CA ASN D 329 -31.76 2.61 15.55
C ASN D 329 -30.95 3.43 16.54
N GLY D 330 -29.66 3.18 16.67
CA GLY D 330 -28.88 3.93 17.63
C GLY D 330 -27.49 4.30 17.16
N ASP D 331 -27.30 4.30 15.84
CA ASP D 331 -25.96 4.43 15.30
C ASP D 331 -25.58 5.89 15.08
N VAL D 332 -24.32 6.11 14.73
CA VAL D 332 -23.78 7.43 14.43
C VAL D 332 -23.38 7.45 12.97
N ILE D 333 -23.84 8.47 12.25
CA ILE D 333 -23.66 8.57 10.81
C ILE D 333 -22.81 9.80 10.53
N LEU D 334 -21.76 9.64 9.75
CA LEU D 334 -20.90 10.74 9.38
C LEU D 334 -21.20 11.10 7.93
N VAL D 335 -21.66 12.32 7.71
CA VAL D 335 -21.89 12.83 6.37
C VAL D 335 -20.82 13.85 6.06
N TYR D 336 -20.78 14.29 4.80
CA TYR D 336 -19.73 15.22 4.37
C TYR D 336 -20.34 16.24 3.43
N GLY D 337 -20.41 17.49 3.87
CA GLY D 337 -20.88 18.55 3.01
C GLY D 337 -22.37 18.43 2.71
N CYS D 338 -22.84 19.35 1.89
CA CYS D 338 -24.23 19.34 1.50
C CYS D 338 -24.44 18.36 0.35
N SER D 339 -25.40 17.47 0.51
CA SER D 339 -25.88 16.64 -0.58
C SER D 339 -27.38 16.62 -0.52
N SER D 340 -28.03 16.81 -1.67
CA SER D 340 -29.48 16.86 -1.70
C SER D 340 -30.10 15.51 -1.38
N LEU D 341 -29.36 14.44 -1.60
CA LEU D 341 -29.83 13.08 -1.37
C LEU D 341 -29.42 12.52 -0.01
N VAL D 342 -28.19 12.81 0.42
CA VAL D 342 -27.75 12.38 1.75
C VAL D 342 -28.56 13.10 2.83
N SER D 343 -29.01 14.32 2.55
CA SER D 343 -29.88 15.00 3.49
C SER D 343 -31.35 14.66 3.29
N ARG D 344 -31.73 14.12 2.15
CA ARG D 344 -33.09 13.57 2.03
C ARG D 344 -33.21 12.27 2.81
N ILE D 345 -32.23 11.38 2.65
CA ILE D 345 -31.99 10.33 3.63
C ILE D 345 -31.62 10.99 4.96
N LEU D 346 -31.83 10.25 6.06
CA LEU D 346 -31.56 10.70 7.42
C LEU D 346 -32.27 12.00 7.78
N GLN D 347 -33.27 12.37 6.98
CA GLN D 347 -34.34 13.26 7.37
C GLN D 347 -35.69 12.65 7.03
N GLU D 348 -35.78 11.87 5.96
CA GLU D 348 -36.90 10.97 5.74
C GLU D 348 -36.75 9.67 6.53
N ALA D 349 -35.54 9.38 7.01
CA ALA D 349 -35.34 8.25 7.90
C ALA D 349 -35.62 8.60 9.35
N TRP D 350 -35.30 9.83 9.76
CA TRP D 350 -35.62 10.27 11.11
C TRP D 350 -37.12 10.39 11.31
N THR D 351 -37.83 10.92 10.30
CA THR D 351 -39.27 11.08 10.43
C THR D 351 -40.02 9.76 10.35
N GLU D 352 -39.35 8.67 10.01
CA GLU D 352 -39.91 7.33 10.15
C GLU D 352 -39.50 6.69 11.47
N GLY D 353 -39.01 7.48 12.41
CA GLY D 353 -38.74 7.03 13.76
C GLY D 353 -37.53 6.15 13.89
N ARG D 354 -36.34 6.71 13.69
CA ARG D 354 -35.15 5.89 13.70
C ARG D 354 -34.11 6.33 14.73
N ARG D 355 -33.97 7.63 14.98
CA ARG D 355 -33.24 8.18 16.14
C ARG D 355 -31.77 7.77 16.17
N PHE D 356 -31.08 8.16 15.12
CA PHE D 356 -29.63 8.06 14.98
C PHE D 356 -29.00 9.35 15.48
N ARG D 357 -27.74 9.59 15.13
CA ARG D 357 -27.06 10.84 15.48
C ARG D 357 -26.08 11.17 14.37
N VAL D 358 -26.33 12.25 13.65
CA VAL D 358 -25.50 12.59 12.50
C VAL D 358 -24.29 13.39 12.96
N VAL D 359 -23.15 13.16 12.34
CA VAL D 359 -21.95 13.96 12.52
C VAL D 359 -21.60 14.56 11.17
N VAL D 360 -21.49 15.87 11.10
CA VAL D 360 -21.28 16.56 9.83
C VAL D 360 -19.82 16.97 9.73
N VAL D 361 -19.12 16.41 8.77
CA VAL D 361 -17.73 16.76 8.50
C VAL D 361 -17.72 17.73 7.33
N ASP D 362 -17.03 18.84 7.50
CA ASP D 362 -17.00 19.88 6.47
C ASP D 362 -15.57 20.26 6.14
N SER D 363 -15.38 20.86 4.96
CA SER D 363 -14.07 21.34 4.56
C SER D 363 -14.18 22.72 3.93
N ARG D 364 -13.08 23.46 4.02
CA ARG D 364 -12.93 24.74 3.35
C ARG D 364 -12.76 24.53 1.86
N PRO D 365 -13.02 25.56 1.04
CA PRO D 365 -13.55 26.90 1.23
C PRO D 365 -15.04 26.98 1.00
N TRP D 366 -15.64 25.89 0.53
CA TRP D 366 -17.07 25.89 0.26
C TRP D 366 -17.87 26.01 1.54
N LEU D 367 -17.43 25.31 2.59
CA LEU D 367 -18.09 25.27 3.89
C LEU D 367 -19.55 24.87 3.76
N GLU D 368 -19.83 23.94 2.86
CA GLU D 368 -21.21 23.59 2.56
C GLU D 368 -21.79 22.57 3.51
N GLY D 369 -21.01 22.06 4.45
CA GLY D 369 -21.58 21.24 5.50
C GLY D 369 -22.38 22.03 6.50
N ARG D 370 -22.29 23.35 6.47
CA ARG D 370 -23.24 24.15 7.22
C ARG D 370 -24.63 24.06 6.61
N HIS D 371 -24.71 23.99 5.28
CA HIS D 371 -26.01 23.94 4.63
C HIS D 371 -26.68 22.60 4.86
N THR D 372 -25.91 21.54 5.10
CA THR D 372 -26.50 20.28 5.53
C THR D 372 -26.61 20.18 7.03
N LEU D 373 -26.19 21.21 7.76
CA LEU D 373 -26.32 21.24 9.21
C LEU D 373 -27.48 22.08 9.67
N ARG D 374 -27.72 23.23 9.03
CA ARG D 374 -28.91 24.02 9.35
C ARG D 374 -30.17 23.24 8.99
N SER D 375 -30.17 22.59 7.83
CA SER D 375 -31.37 21.90 7.36
C SER D 375 -31.56 20.56 8.02
N LEU D 376 -30.61 20.13 8.84
CA LEU D 376 -30.70 18.88 9.58
C LEU D 376 -31.02 19.09 11.05
N VAL D 377 -30.56 20.19 11.64
CA VAL D 377 -31.04 20.59 12.95
C VAL D 377 -32.52 20.97 12.91
N HIS D 378 -32.98 21.56 11.80
CA HIS D 378 -34.40 21.89 11.65
C HIS D 378 -35.26 20.64 11.68
N ALA D 379 -34.74 19.52 11.19
CA ALA D 379 -35.48 18.27 11.26
C ALA D 379 -35.53 17.74 12.69
N GLY D 380 -34.66 18.22 13.56
CA GLY D 380 -34.64 17.82 14.94
C GLY D 380 -33.65 16.73 15.28
N VAL D 381 -33.03 16.12 14.28
CA VAL D 381 -32.02 15.08 14.53
C VAL D 381 -30.78 15.69 15.19
N PRO D 382 -30.23 15.07 16.23
CA PRO D 382 -29.03 15.62 16.85
C PRO D 382 -27.87 15.61 15.88
N ALA D 383 -27.03 16.62 15.97
CA ALA D 383 -25.97 16.81 15.01
C ALA D 383 -24.67 17.10 15.73
N SER D 384 -23.60 17.07 14.96
CA SER D 384 -22.28 17.47 15.43
C SER D 384 -21.52 17.91 14.20
N TYR D 385 -20.78 19.00 14.32
CA TYR D 385 -20.11 19.60 13.18
C TYR D 385 -18.64 19.69 13.49
N LEU D 386 -17.80 19.25 12.55
CA LEU D 386 -16.38 19.48 12.70
C LEU D 386 -15.72 19.41 11.33
N LEU D 387 -14.55 20.04 11.25
CA LEU D 387 -13.85 20.15 9.99
C LEU D 387 -13.17 18.83 9.65
N ILE D 388 -12.79 18.70 8.39
CA ILE D 388 -12.25 17.44 7.88
C ILE D 388 -10.86 17.04 8.42
N PRO D 389 -9.94 17.93 8.83
CA PRO D 389 -8.72 17.40 9.46
C PRO D 389 -9.00 16.65 10.74
N ALA D 390 -10.03 17.03 11.48
CA ALA D 390 -10.49 16.21 12.58
C ALA D 390 -11.53 15.21 12.12
N ALA D 391 -11.23 14.51 11.03
CA ALA D 391 -12.06 13.41 10.59
C ALA D 391 -11.56 12.09 11.13
N SER D 392 -10.49 12.10 11.90
CA SER D 392 -9.94 10.91 12.52
C SER D 392 -10.10 10.90 14.01
N TYR D 393 -10.46 12.03 14.62
CA TYR D 393 -10.81 12.03 16.03
C TYR D 393 -12.25 11.60 16.23
N VAL D 394 -13.15 12.08 15.37
CA VAL D 394 -14.56 11.78 15.53
C VAL D 394 -14.90 10.43 14.92
N LEU D 395 -14.05 9.90 14.10
CA LEU D 395 -14.39 8.67 13.41
C LEU D 395 -14.41 7.40 14.27
N PRO D 396 -13.67 7.31 15.40
CA PRO D 396 -13.91 6.19 16.32
C PRO D 396 -15.35 6.01 16.79
N GLU D 397 -16.08 7.08 17.08
CA GLU D 397 -17.45 6.90 17.55
C GLU D 397 -18.44 6.69 16.42
N VAL D 398 -18.02 6.87 15.18
CA VAL D 398 -18.93 6.81 14.04
C VAL D 398 -19.24 5.35 13.72
N SER D 399 -20.52 5.07 13.46
CA SER D 399 -20.92 3.73 13.07
C SER D 399 -20.93 3.53 11.56
N LYS D 400 -21.32 4.54 10.78
CA LYS D 400 -21.18 4.41 9.33
C LYS D 400 -21.00 5.78 8.71
N VAL D 401 -20.42 5.79 7.52
CA VAL D 401 -20.09 7.02 6.81
C VAL D 401 -20.93 7.08 5.56
N LEU D 402 -21.89 8.00 5.54
CA LEU D 402 -22.83 8.14 4.43
C LEU D 402 -22.37 9.30 3.56
N LEU D 403 -22.06 9.04 2.30
CA LEU D 403 -21.58 10.08 1.40
C LEU D 403 -22.45 10.12 0.16
N GLY D 404 -22.32 11.20 -0.60
CA GLY D 404 -23.01 11.35 -1.86
C GLY D 404 -22.00 11.39 -2.99
N ALA D 405 -22.45 11.04 -4.18
CA ALA D 405 -21.59 10.96 -5.35
C ALA D 405 -22.02 11.99 -6.37
N HIS D 406 -21.05 12.68 -6.96
CA HIS D 406 -21.36 13.55 -8.08
C HIS D 406 -21.35 12.80 -9.39
N ALA D 407 -20.69 11.64 -9.44
CA ALA D 407 -20.64 10.75 -10.60
C ALA D 407 -20.03 9.44 -10.14
N LEU D 408 -20.53 8.34 -10.69
CA LEU D 408 -19.89 7.04 -10.48
C LEU D 408 -19.26 6.62 -11.80
N LEU D 409 -17.94 6.53 -11.80
CA LEU D 409 -17.21 6.19 -13.00
C LEU D 409 -17.36 4.71 -13.31
N ALA D 410 -17.10 4.35 -14.56
CA ALA D 410 -17.45 3.03 -15.06
C ALA D 410 -16.53 1.92 -14.57
N ASN D 411 -15.50 2.22 -13.79
CA ASN D 411 -14.80 1.19 -13.05
C ASN D 411 -15.26 1.09 -11.60
N GLY D 412 -16.31 1.82 -11.24
CA GLY D 412 -16.79 1.83 -9.88
C GLY D 412 -16.24 2.94 -9.02
N SER D 413 -15.28 3.72 -9.50
CA SER D 413 -14.75 4.81 -8.70
C SER D 413 -15.82 5.88 -8.50
N VAL D 414 -15.73 6.57 -7.37
CA VAL D 414 -16.73 7.55 -6.97
C VAL D 414 -16.12 8.94 -7.11
N MET D 415 -16.65 9.74 -8.03
CA MET D 415 -16.19 11.11 -8.20
C MET D 415 -17.17 12.02 -7.48
N SER D 416 -16.65 12.82 -6.55
CA SER D 416 -17.51 13.66 -5.74
C SER D 416 -16.66 14.81 -5.18
N ARG D 417 -17.16 15.45 -4.12
CA ARG D 417 -16.46 16.55 -3.48
C ARG D 417 -15.11 16.08 -2.94
N VAL D 418 -14.22 17.04 -2.71
CA VAL D 418 -12.79 16.77 -2.59
C VAL D 418 -12.49 15.88 -1.39
N GLY D 419 -13.10 16.15 -0.26
CA GLY D 419 -12.66 15.38 0.87
C GLY D 419 -13.26 14.01 1.02
N THR D 420 -14.08 13.59 0.05
CA THR D 420 -14.77 12.31 0.14
C THR D 420 -13.79 11.15 0.11
N ALA D 421 -12.80 11.19 -0.77
CA ALA D 421 -11.87 10.08 -0.89
C ALA D 421 -10.98 9.97 0.35
N GLN D 422 -10.51 11.12 0.85
CA GLN D 422 -9.78 11.17 2.11
C GLN D 422 -10.61 10.62 3.25
N LEU D 423 -11.88 11.01 3.29
CA LEU D 423 -12.79 10.57 4.32
C LEU D 423 -13.04 9.06 4.26
N ALA D 424 -13.21 8.53 3.05
CA ALA D 424 -13.42 7.09 2.90
C ALA D 424 -12.16 6.32 3.25
N LEU D 425 -10.98 6.88 2.97
CA LEU D 425 -9.75 6.22 3.35
C LEU D 425 -9.61 6.14 4.87
N VAL D 426 -9.89 7.24 5.56
CA VAL D 426 -9.78 7.19 7.02
C VAL D 426 -10.91 6.36 7.61
N ALA D 427 -12.06 6.31 6.93
CA ALA D 427 -13.14 5.44 7.34
C ALA D 427 -12.73 3.97 7.25
N ARG D 428 -12.04 3.60 6.18
CA ARG D 428 -11.51 2.25 6.08
C ARG D 428 -10.46 1.99 7.15
N ALA D 429 -9.64 2.99 7.44
CA ALA D 429 -8.60 2.81 8.46
C ALA D 429 -9.19 2.69 9.86
N HIS D 430 -10.40 3.17 10.10
CA HIS D 430 -11.08 2.97 11.37
C HIS D 430 -12.13 1.88 11.30
N ASN D 431 -12.09 1.06 10.25
CA ASN D 431 -13.04 0.03 9.85
C ASN D 431 -14.49 0.39 10.16
N VAL D 432 -14.95 1.54 9.67
CA VAL D 432 -16.37 1.85 9.71
C VAL D 432 -16.90 1.66 8.30
N PRO D 433 -18.07 1.05 8.14
CA PRO D 433 -18.62 0.89 6.78
C PRO D 433 -18.95 2.23 6.17
N VAL D 434 -18.75 2.33 4.87
CA VAL D 434 -18.93 3.57 4.13
C VAL D 434 -19.84 3.31 2.94
N LEU D 435 -20.84 4.17 2.79
CA LEU D 435 -21.95 4.01 1.88
C LEU D 435 -21.98 5.21 0.95
N VAL D 436 -22.37 4.98 -0.30
CA VAL D 436 -22.51 6.05 -1.28
C VAL D 436 -23.92 6.01 -1.83
N CYS D 437 -24.62 7.13 -1.75
CA CYS D 437 -25.97 7.24 -2.27
C CYS D 437 -25.91 7.96 -3.60
N CYS D 438 -26.09 7.23 -4.68
CA CYS D 438 -26.00 7.80 -6.01
C CYS D 438 -27.16 7.30 -6.86
N GLU D 439 -27.73 8.19 -7.65
CA GLU D 439 -28.75 7.79 -8.60
C GLU D 439 -28.11 7.11 -9.80
N THR D 440 -28.95 6.48 -10.62
CA THR D 440 -28.44 5.77 -11.79
C THR D 440 -27.91 6.73 -12.84
N TYR D 441 -28.57 7.86 -13.06
CA TYR D 441 -28.22 8.70 -14.21
C TYR D 441 -26.87 9.37 -14.04
N LYS D 442 -26.32 9.38 -12.82
CA LYS D 442 -24.98 9.90 -12.56
C LYS D 442 -23.90 8.88 -12.84
N PHE D 443 -24.21 7.81 -13.55
CA PHE D 443 -23.22 6.80 -13.90
C PHE D 443 -22.63 7.18 -15.24
N CYS D 444 -21.34 7.50 -15.26
CA CYS D 444 -20.67 7.91 -16.48
C CYS D 444 -19.87 6.75 -17.03
N GLU D 445 -19.88 6.58 -18.35
CA GLU D 445 -19.03 5.58 -18.98
C GLU D 445 -17.66 6.17 -19.28
N ARG D 446 -17.06 6.80 -18.28
CA ARG D 446 -15.72 7.37 -18.36
C ARG D 446 -14.97 6.85 -17.15
N VAL D 447 -13.77 6.33 -17.38
CA VAL D 447 -13.03 5.62 -16.34
C VAL D 447 -11.79 6.43 -15.99
N GLN D 448 -11.61 6.70 -14.70
CA GLN D 448 -10.46 7.45 -14.22
C GLN D 448 -9.75 6.63 -13.15
N THR D 449 -8.44 6.49 -13.29
CA THR D 449 -7.63 5.66 -12.41
C THR D 449 -6.87 6.47 -11.36
N ASP D 450 -7.11 7.76 -11.26
CA ASP D 450 -6.42 8.61 -10.29
C ASP D 450 -7.37 9.73 -9.89
N ALA D 451 -6.82 10.77 -9.27
CA ALA D 451 -7.61 11.90 -8.83
C ALA D 451 -7.12 13.21 -9.47
N PHE D 452 -6.60 13.12 -10.69
CA PHE D 452 -6.05 14.28 -11.40
C PHE D 452 -6.55 14.38 -12.83
N VAL D 453 -7.73 13.84 -13.13
CA VAL D 453 -8.34 13.91 -14.45
C VAL D 453 -9.74 14.50 -14.28
N SER D 454 -10.04 15.57 -15.02
CA SER D 454 -11.35 16.23 -15.03
C SER D 454 -11.79 16.66 -13.63
N ASN D 455 -10.83 17.05 -12.79
CA ASN D 455 -11.09 17.45 -11.42
C ASN D 455 -10.96 18.97 -11.39
N GLU D 456 -12.07 19.65 -11.63
CA GLU D 456 -12.05 21.05 -12.05
C GLU D 456 -11.43 21.95 -10.99
N LEU D 457 -10.74 22.98 -11.46
CA LEU D 457 -10.18 24.01 -10.60
C LEU D 457 -11.18 25.16 -10.52
N ASP D 458 -11.59 25.51 -9.31
CA ASP D 458 -12.44 26.67 -9.14
C ASP D 458 -11.51 27.82 -8.71
N ASP D 459 -12.09 28.95 -8.32
CA ASP D 459 -11.35 30.15 -7.94
C ASP D 459 -10.33 29.87 -6.84
N PRO D 460 -9.03 30.03 -7.12
CA PRO D 460 -8.03 29.88 -6.06
C PRO D 460 -8.15 30.93 -4.98
N ASP D 461 -8.74 32.08 -5.27
CA ASP D 461 -8.93 33.14 -4.29
C ASP D 461 -9.88 32.73 -3.18
N ASP D 462 -10.62 31.64 -3.35
CA ASP D 462 -11.43 31.11 -2.26
C ASP D 462 -10.57 30.61 -1.11
N LEU D 463 -9.32 30.24 -1.39
CA LEU D 463 -8.43 29.74 -0.33
C LEU D 463 -7.95 30.82 0.63
N GLN D 464 -8.22 32.10 0.33
CA GLN D 464 -7.77 33.16 1.22
C GLN D 464 -8.53 33.10 2.54
N CYS D 465 -7.79 33.10 3.65
CA CYS D 465 -8.35 32.73 4.94
C CYS D 465 -9.19 33.85 5.54
N LYS D 466 -8.76 35.10 5.36
CA LYS D 466 -9.27 36.26 6.10
C LYS D 466 -9.18 36.03 7.61
N ARG D 467 -8.00 35.62 8.04
CA ARG D 467 -7.71 35.33 9.44
C ARG D 467 -7.77 36.59 10.29
N HIS D 470 -3.90 38.48 11.18
CA HIS D 470 -4.58 38.82 9.94
C HIS D 470 -4.19 37.86 8.83
N VAL D 471 -4.74 38.09 7.63
CA VAL D 471 -4.52 37.21 6.50
C VAL D 471 -3.08 37.30 6.03
N ALA D 472 -2.48 36.15 5.73
CA ALA D 472 -1.13 36.09 5.20
C ALA D 472 -1.06 35.73 3.72
N LEU D 473 -2.07 35.04 3.20
CA LEU D 473 -2.07 34.57 1.83
C LEU D 473 -2.62 35.61 0.85
N ALA D 474 -3.15 36.72 1.36
CA ALA D 474 -3.73 37.75 0.50
C ALA D 474 -2.66 38.34 -0.41
N ASN D 475 -3.08 38.67 -1.64
CA ASN D 475 -2.19 39.03 -2.75
C ASN D 475 -1.16 37.92 -2.97
N TRP D 476 -1.67 36.71 -3.18
CA TRP D 476 -0.79 35.56 -3.42
C TRP D 476 -0.16 35.61 -4.79
N GLN D 477 -0.68 36.44 -5.70
CA GLN D 477 -0.04 36.60 -7.01
C GLN D 477 1.27 37.37 -6.90
N ASN D 478 1.49 38.10 -5.80
CA ASN D 478 2.74 38.84 -5.63
C ASN D 478 3.93 37.91 -5.48
N HIS D 479 3.71 36.68 -5.03
CA HIS D 479 4.76 35.66 -5.00
C HIS D 479 4.63 34.82 -6.26
N ALA D 480 5.71 34.77 -7.05
CA ALA D 480 5.65 34.04 -8.31
C ALA D 480 5.69 32.54 -8.09
N SER D 481 6.46 32.10 -7.10
CA SER D 481 6.59 30.66 -6.87
C SER D 481 5.34 30.08 -6.22
N LEU D 482 4.52 30.92 -5.63
CA LEU D 482 3.36 30.47 -4.88
C LEU D 482 2.18 30.24 -5.81
N ARG D 483 1.64 29.03 -5.80
CA ARG D 483 0.46 28.69 -6.56
C ARG D 483 -0.61 28.21 -5.59
N LEU D 484 -1.87 28.39 -5.94
CA LEU D 484 -2.98 27.92 -5.12
C LEU D 484 -3.79 26.91 -5.90
N LEU D 485 -4.04 25.77 -5.29
CA LEU D 485 -4.78 24.68 -5.92
C LEU D 485 -6.12 24.55 -5.23
N ASN D 486 -7.20 24.71 -6.00
CA ASN D 486 -8.55 24.65 -5.46
C ASN D 486 -9.29 23.55 -6.23
N LEU D 487 -9.15 22.31 -5.80
CA LEU D 487 -9.88 21.23 -6.44
C LEU D 487 -11.36 21.31 -6.05
N VAL D 488 -12.21 20.78 -6.91
CA VAL D 488 -13.61 20.61 -6.56
C VAL D 488 -14.06 19.16 -6.58
N TYR D 489 -13.33 18.26 -7.23
CA TYR D 489 -13.74 16.86 -7.32
C TYR D 489 -12.59 15.94 -6.99
N ASP D 490 -12.92 14.72 -6.59
CA ASP D 490 -11.97 13.75 -6.10
C ASP D 490 -12.58 12.38 -6.28
N VAL D 491 -11.70 11.41 -6.52
CA VAL D 491 -12.10 10.07 -6.96
C VAL D 491 -11.70 9.09 -5.86
N THR D 492 -12.69 8.41 -5.28
CA THR D 492 -12.26 7.35 -4.39
C THR D 492 -12.37 6.00 -5.08
N PRO D 493 -11.38 5.15 -4.88
CA PRO D 493 -11.35 3.85 -5.55
C PRO D 493 -12.40 2.93 -4.99
N PRO D 494 -12.85 1.93 -5.75
CA PRO D 494 -13.93 1.07 -5.28
C PRO D 494 -13.57 0.19 -4.11
N GLU D 495 -12.29 -0.03 -3.79
CA GLU D 495 -12.00 -0.82 -2.61
C GLU D 495 -12.17 -0.03 -1.33
N LEU D 496 -12.25 1.28 -1.41
CA LEU D 496 -12.41 2.11 -0.21
C LEU D 496 -13.86 2.32 0.16
N VAL D 497 -14.82 1.77 -0.60
CA VAL D 497 -16.23 2.01 -0.38
C VAL D 497 -17.01 0.70 -0.48
N ASP D 498 -17.96 0.53 0.45
CA ASP D 498 -18.67 -0.74 0.63
C ASP D 498 -19.98 -0.80 -0.15
N LEU D 499 -20.93 0.05 0.19
CA LEU D 499 -22.19 0.12 -0.53
C LEU D 499 -22.17 1.18 -1.61
N VAL D 500 -23.08 0.98 -2.57
CA VAL D 500 -23.59 2.05 -3.41
C VAL D 500 -25.09 1.86 -3.40
N ILE D 501 -25.82 2.81 -2.80
CA ILE D 501 -27.28 2.70 -2.80
C ILE D 501 -27.79 3.40 -4.05
N THR D 502 -28.43 2.64 -4.91
CA THR D 502 -28.90 3.10 -6.20
C THR D 502 -30.42 2.94 -6.20
N GLU D 503 -31.11 3.64 -7.11
CA GLU D 503 -32.57 3.55 -7.20
C GLU D 503 -33.05 2.12 -7.46
N LEU D 504 -32.18 1.26 -7.98
CA LEU D 504 -32.45 -0.14 -8.22
C LEU D 504 -31.46 -0.93 -7.37
N GLY D 505 -31.86 -1.20 -6.13
CA GLY D 505 -31.09 -2.05 -5.25
C GLY D 505 -29.86 -1.40 -4.66
N MET D 506 -29.22 -2.15 -3.78
CA MET D 506 -27.97 -1.77 -3.15
C MET D 506 -26.84 -2.59 -3.75
N ILE D 507 -25.98 -1.95 -4.54
CA ILE D 507 -24.98 -2.68 -5.30
C ILE D 507 -23.60 -2.49 -4.67
N PRO D 508 -22.72 -3.47 -4.72
CA PRO D 508 -21.44 -3.33 -4.03
C PRO D 508 -20.35 -2.64 -4.82
N CYS D 509 -20.67 -1.57 -5.53
CA CYS D 509 -19.72 -0.67 -6.19
C CYS D 509 -18.88 -1.33 -7.29
N SER D 510 -18.95 -2.65 -7.42
CA SER D 510 -18.39 -3.33 -8.57
C SER D 510 -19.48 -3.78 -9.53
N SER D 511 -20.74 -3.53 -9.19
CA SER D 511 -21.86 -3.60 -10.11
C SER D 511 -22.16 -2.25 -10.73
N VAL D 512 -21.34 -1.24 -10.44
CA VAL D 512 -21.46 0.03 -11.16
C VAL D 512 -21.27 -0.14 -12.67
N PRO D 513 -20.31 -0.92 -13.18
CA PRO D 513 -20.33 -1.20 -14.62
C PRO D 513 -21.53 -2.00 -15.07
N VAL D 514 -22.24 -2.65 -14.15
CA VAL D 514 -23.34 -3.54 -14.50
C VAL D 514 -24.66 -2.81 -14.57
N VAL D 515 -24.92 -1.89 -13.65
CA VAL D 515 -26.09 -1.04 -13.77
C VAL D 515 -25.95 -0.12 -14.98
N LEU D 516 -24.70 0.22 -15.35
CA LEU D 516 -24.45 0.88 -16.62
C LEU D 516 -24.81 0.02 -17.82
N ARG D 517 -24.95 -1.29 -17.64
CA ARG D 517 -25.33 -2.19 -18.72
C ARG D 517 -26.84 -2.45 -18.75
N VAL D 518 -27.42 -2.84 -17.61
CA VAL D 518 -28.83 -3.21 -17.59
C VAL D 518 -29.72 -1.99 -17.81
N LYS D 519 -29.19 -0.80 -17.54
CA LYS D 519 -29.79 0.43 -18.03
C LYS D 519 -29.10 0.82 -19.32
N SER D 520 -29.89 1.19 -20.32
CA SER D 520 -29.44 1.49 -21.69
C SER D 520 -28.65 0.34 -22.29
N ASP E 3 17.41 -35.61 42.39
CA ASP E 3 17.28 -35.97 40.98
C ASP E 3 15.86 -36.41 40.67
N LYS E 4 15.27 -37.14 41.62
CA LYS E 4 13.86 -37.48 41.58
C LYS E 4 13.03 -36.66 42.55
N GLU E 5 13.61 -36.30 43.70
CA GLU E 5 12.95 -35.39 44.63
C GLU E 5 12.74 -34.00 44.03
N LEU E 6 13.53 -33.65 43.02
CA LEU E 6 13.38 -32.38 42.33
C LEU E 6 12.02 -32.28 41.64
N ILE E 7 11.59 -33.35 40.97
CA ILE E 7 10.33 -33.32 40.24
C ILE E 7 9.15 -33.23 41.20
N GLU E 8 9.17 -34.01 42.28
CA GLU E 8 8.04 -33.96 43.21
C GLU E 8 8.03 -32.65 43.99
N TYR E 9 9.21 -32.05 44.22
CA TYR E 9 9.24 -30.76 44.90
C TYR E 9 8.71 -29.66 43.99
N PHE E 10 9.01 -29.74 42.69
CA PHE E 10 8.43 -28.81 41.73
C PHE E 10 6.92 -28.97 41.64
N LYS E 11 6.45 -30.22 41.67
CA LYS E 11 5.01 -30.46 41.70
C LYS E 11 4.38 -29.90 42.97
N SER E 12 5.09 -30.01 44.10
CA SER E 12 4.62 -29.39 45.34
C SER E 12 4.50 -27.88 45.19
N GLN E 13 5.56 -27.24 44.67
CA GLN E 13 5.53 -25.79 44.45
C GLN E 13 4.42 -25.38 43.50
N MET E 14 3.98 -26.27 42.61
CA MET E 14 2.67 -26.06 42.00
C MET E 14 1.55 -26.16 43.03
N LYS E 15 1.60 -27.16 43.92
CA LYS E 15 0.43 -27.48 44.74
C LYS E 15 0.08 -26.38 45.75
N GLU E 16 1.04 -25.92 46.56
CA GLU E 16 0.64 -24.96 47.58
C GLU E 16 0.34 -23.56 47.04
N ASP E 17 0.71 -23.26 45.80
CA ASP E 17 0.17 -22.06 45.17
C ASP E 17 0.08 -22.19 43.64
N PRO E 18 -1.14 -22.27 43.10
CA PRO E 18 -1.29 -22.26 41.64
C PRO E 18 -1.14 -20.88 41.03
N ASP E 19 -1.30 -19.82 41.83
CA ASP E 19 -1.16 -18.47 41.31
C ASP E 19 0.28 -18.15 40.97
N MET E 20 1.23 -18.81 41.63
CA MET E 20 2.64 -18.64 41.28
C MET E 20 2.91 -19.31 39.94
N ALA E 21 3.64 -18.60 39.08
CA ALA E 21 3.81 -19.02 37.70
C ALA E 21 4.65 -20.30 37.62
N SER E 22 4.57 -20.96 36.46
CA SER E 22 5.31 -22.19 36.26
C SER E 22 6.81 -21.94 36.28
N ALA E 23 7.25 -20.85 35.63
CA ALA E 23 8.67 -20.54 35.63
C ALA E 23 9.15 -20.15 37.02
N VAL E 24 8.32 -19.44 37.78
CA VAL E 24 8.71 -19.08 39.15
C VAL E 24 8.80 -20.31 40.03
N ALA E 25 7.91 -21.29 39.82
CA ALA E 25 8.01 -22.56 40.52
C ALA E 25 9.29 -23.29 40.15
N ALA E 26 9.66 -23.23 38.87
CA ALA E 26 10.92 -23.81 38.43
C ALA E 26 12.11 -23.13 39.09
N ILE E 27 12.06 -21.80 39.22
CA ILE E 27 13.16 -21.07 39.85
C ILE E 27 13.26 -21.43 41.33
N ARG E 28 12.12 -21.55 42.00
CA ARG E 28 12.13 -21.86 43.42
C ARG E 28 12.69 -23.26 43.67
N THR E 29 12.22 -24.27 42.92
CA THR E 29 12.77 -25.60 43.12
C THR E 29 14.22 -25.68 42.64
N LEU E 30 14.60 -24.88 41.65
CA LEU E 30 15.98 -24.85 41.18
C LEU E 30 16.91 -24.28 42.23
N LEU E 31 16.48 -23.19 42.88
CA LEU E 31 17.31 -22.56 43.89
C LEU E 31 17.38 -23.42 45.14
N GLU E 32 16.29 -24.11 45.49
CA GLU E 32 16.37 -25.01 46.63
C GLU E 32 17.21 -26.24 46.31
N PHE E 33 17.26 -26.64 45.03
CA PHE E 33 18.24 -27.64 44.64
C PHE E 33 19.66 -27.09 44.75
N LEU E 34 19.85 -25.80 44.48
CA LEU E 34 21.17 -25.20 44.61
C LEU E 34 21.62 -25.15 46.07
N LYS E 35 20.70 -25.23 47.03
CA LYS E 35 21.07 -25.32 48.43
C LYS E 35 21.82 -26.60 48.76
N ARG E 36 21.73 -27.63 47.92
CA ARG E 36 22.35 -28.91 48.21
C ARG E 36 23.52 -29.19 47.27
N THR E 41 33.70 -28.58 44.03
CA THR E 41 32.41 -29.12 43.64
C THR E 41 31.56 -28.04 42.99
N ILE E 42 31.65 -26.81 43.52
CA ILE E 42 30.92 -25.69 42.94
C ILE E 42 31.52 -25.29 41.60
N GLN E 43 32.74 -25.73 41.31
CA GLN E 43 33.31 -25.59 39.98
C GLN E 43 32.56 -26.51 39.02
N GLY E 44 32.09 -25.95 37.92
CA GLY E 44 31.28 -26.72 37.00
C GLY E 44 29.94 -27.14 37.59
N LEU E 45 29.37 -26.30 38.45
CA LEU E 45 28.04 -26.53 39.00
C LEU E 45 26.96 -26.18 37.99
N ARG E 46 27.32 -25.51 36.89
CA ARG E 46 26.38 -25.32 35.80
C ARG E 46 25.98 -26.65 35.18
N ALA E 47 26.87 -27.64 35.22
CA ALA E 47 26.54 -28.98 34.72
C ALA E 47 25.46 -29.63 35.57
N ASN E 48 25.54 -29.46 36.89
CA ASN E 48 24.50 -30.00 37.77
C ASN E 48 23.16 -29.32 37.53
N LEU E 49 23.17 -28.00 37.35
CA LEU E 49 21.92 -27.27 37.21
C LEU E 49 21.32 -27.43 35.82
N THR E 50 22.15 -27.69 34.81
CA THR E 50 21.62 -27.92 33.46
C THR E 50 20.82 -29.21 33.40
N SER E 51 21.27 -30.23 34.13
CA SER E 51 20.48 -31.45 34.25
C SER E 51 19.16 -31.19 34.94
N ALA E 52 19.16 -30.31 35.95
CA ALA E 52 17.93 -29.93 36.62
C ALA E 52 16.99 -29.20 35.66
N ILE E 53 17.54 -28.33 34.81
CA ILE E 53 16.73 -27.64 33.81
C ILE E 53 16.12 -28.62 32.82
N GLU E 54 16.91 -29.58 32.36
CA GLU E 54 16.41 -30.57 31.40
C GLU E 54 15.32 -31.44 32.02
N THR E 55 15.51 -31.86 33.27
CA THR E 55 14.48 -32.67 33.92
C THR E 55 13.25 -31.85 34.26
N LEU E 56 13.42 -30.56 34.52
CA LEU E 56 12.26 -29.71 34.82
C LEU E 56 11.48 -29.41 33.56
N CYS E 57 12.16 -29.24 32.43
CA CYS E 57 11.49 -29.08 31.16
C CYS E 57 10.92 -30.40 30.66
N GLY E 58 11.38 -31.51 31.20
CA GLY E 58 10.77 -32.79 30.88
C GLY E 58 9.35 -32.89 31.39
N VAL E 59 9.11 -32.45 32.63
CA VAL E 59 7.79 -32.61 33.22
C VAL E 59 6.84 -31.52 32.74
N ASP E 60 7.36 -30.33 32.43
CA ASP E 60 6.55 -29.22 31.95
C ASP E 60 7.09 -28.73 30.62
N SER E 61 6.25 -28.76 29.60
CA SER E 61 6.68 -28.47 28.24
C SER E 61 6.65 -26.99 27.89
N SER E 62 6.29 -26.14 28.84
CA SER E 62 6.07 -24.73 28.54
C SER E 62 7.38 -24.02 28.24
N VAL E 63 7.29 -22.93 27.49
CA VAL E 63 8.47 -22.15 27.13
C VAL E 63 9.08 -21.50 28.35
N ALA E 64 8.24 -21.03 29.28
CA ALA E 64 8.73 -20.24 30.41
C ALA E 64 9.59 -21.08 31.35
N VAL E 65 9.29 -22.37 31.46
CA VAL E 65 10.10 -23.23 32.32
C VAL E 65 11.50 -23.41 31.76
N SER E 66 11.63 -23.60 30.46
CA SER E 66 12.94 -23.70 29.84
C SER E 66 13.54 -22.33 29.55
N SER E 67 12.80 -21.24 29.77
CA SER E 67 13.35 -19.91 29.62
C SER E 67 13.73 -19.27 30.94
N GLY E 68 12.77 -19.19 31.88
CA GLY E 68 13.07 -18.63 33.18
C GLY E 68 14.14 -19.40 33.92
N GLY E 69 14.12 -20.73 33.79
CA GLY E 69 15.19 -21.54 34.35
C GLY E 69 16.52 -21.31 33.65
N GLU E 70 16.48 -20.94 32.37
CA GLU E 70 17.73 -20.63 31.66
C GLU E 70 18.32 -19.31 32.15
N LEU E 71 17.48 -18.31 32.41
CA LEU E 71 17.99 -17.08 33.02
C LEU E 71 18.60 -17.33 34.39
N PHE E 72 17.98 -18.17 35.22
CA PHE E 72 18.60 -18.50 36.49
C PHE E 72 19.87 -19.31 36.33
N LEU E 73 20.01 -20.03 35.22
CA LEU E 73 21.29 -20.67 34.95
C LEU E 73 22.37 -19.64 34.62
N ARG E 74 21.97 -18.45 34.17
CA ARG E 74 22.94 -17.43 33.80
C ARG E 74 22.86 -16.18 34.64
N PHE E 75 21.77 -15.93 35.38
CA PHE E 75 21.79 -14.84 36.33
C PHE E 75 22.69 -15.16 37.52
N ILE E 76 22.96 -16.44 37.74
CA ILE E 76 23.97 -16.84 38.70
C ILE E 76 25.34 -16.91 38.04
N SER E 77 25.37 -17.19 36.73
CA SER E 77 26.62 -17.28 35.99
C SER E 77 27.12 -15.95 35.45
N LEU E 78 26.39 -14.85 35.69
CA LEU E 78 26.95 -13.53 35.40
C LEU E 78 27.89 -13.08 36.50
N ALA E 79 27.89 -13.77 37.63
CA ALA E 79 28.81 -13.45 38.72
C ALA E 79 30.20 -13.98 38.44
N SER E 80 30.34 -14.78 37.38
CA SER E 80 31.64 -15.31 36.98
C SER E 80 32.11 -14.66 35.69
N LYS E 88 31.91 -20.04 49.87
CA LYS E 88 32.57 -19.60 48.65
C LYS E 88 31.63 -18.81 47.76
N CYS E 89 31.79 -18.98 46.43
CA CYS E 89 30.92 -18.29 45.48
C CYS E 89 29.51 -18.87 45.49
N LYS E 90 29.28 -19.99 46.17
CA LYS E 90 27.94 -20.55 46.28
C LYS E 90 27.05 -19.67 47.15
N LYS E 91 27.64 -18.99 48.14
CA LYS E 91 26.83 -18.14 49.02
C LYS E 91 26.41 -16.84 48.32
N ILE E 92 27.31 -16.22 47.57
CA ILE E 92 26.92 -15.07 46.77
C ILE E 92 25.98 -15.51 45.66
N MET E 93 26.10 -16.76 45.22
CA MET E 93 25.16 -17.31 44.24
C MET E 93 23.75 -17.38 44.82
N ILE E 94 23.61 -17.94 46.02
CA ILE E 94 22.26 -18.05 46.59
C ILE E 94 21.73 -16.70 47.00
N GLU E 95 22.61 -15.75 47.35
CA GLU E 95 22.15 -14.40 47.68
C GLU E 95 21.63 -13.69 46.44
N ARG E 96 22.36 -13.76 45.33
CA ARG E 96 21.90 -13.11 44.11
C ARG E 96 20.67 -13.81 43.54
N GLY E 97 20.59 -15.13 43.73
CA GLY E 97 19.40 -15.85 43.31
C GLY E 97 18.17 -15.50 44.13
N GLU E 98 18.35 -15.32 45.44
CA GLU E 98 17.24 -14.88 46.27
C GLU E 98 16.80 -13.47 45.89
N LEU E 99 17.74 -12.62 45.51
CA LEU E 99 17.38 -11.31 44.97
C LEU E 99 16.59 -11.45 43.68
N PHE E 100 16.99 -12.40 42.83
CA PHE E 100 16.25 -12.66 41.59
C PHE E 100 14.82 -13.08 41.88
N LEU E 101 14.62 -13.95 42.88
CA LEU E 101 13.26 -14.34 43.24
C LEU E 101 12.49 -13.19 43.87
N ARG E 102 13.18 -12.32 44.60
CA ARG E 102 12.48 -11.17 45.19
C ARG E 102 12.04 -10.17 44.13
N ARG E 103 12.76 -10.11 43.01
CA ARG E 103 12.39 -9.15 41.98
C ARG E 103 11.49 -9.73 40.88
N ILE E 104 11.11 -10.99 40.97
CA ILE E 104 10.10 -11.54 40.05
C ILE E 104 8.80 -11.86 40.78
N SER E 105 8.76 -11.66 42.09
CA SER E 105 7.50 -11.69 42.81
C SER E 105 6.73 -10.39 42.64
N LEU E 106 7.36 -9.36 42.10
CA LEU E 106 6.75 -8.07 41.88
C LEU E 106 6.51 -7.79 40.40
N SER E 107 6.62 -8.81 39.55
CA SER E 107 6.48 -8.60 38.11
C SER E 107 5.06 -8.22 37.75
N ARG E 108 4.08 -9.02 38.20
CA ARG E 108 2.69 -8.83 37.80
C ARG E 108 2.15 -7.49 38.28
N ASN E 109 2.63 -7.01 39.42
CA ASN E 109 2.20 -5.71 39.91
C ASN E 109 2.71 -4.58 39.02
N LYS E 110 3.97 -4.65 38.59
CA LYS E 110 4.48 -3.64 37.66
C LYS E 110 3.75 -3.69 36.33
N ILE E 111 3.47 -4.89 35.84
CA ILE E 111 2.75 -5.04 34.58
C ILE E 111 1.35 -4.45 34.69
N ALA E 112 0.67 -4.73 35.80
CA ALA E 112 -0.67 -4.19 36.02
C ALA E 112 -0.65 -2.67 36.10
N ASP E 113 0.34 -2.10 36.80
CA ASP E 113 0.44 -0.65 36.92
C ASP E 113 0.70 0.00 35.58
N LEU E 114 1.49 -0.63 34.72
CA LEU E 114 1.71 -0.04 33.40
C LEU E 114 0.53 -0.24 32.48
N CYS E 115 -0.18 -1.36 32.60
CA CYS E 115 -1.13 -1.73 31.57
C CYS E 115 -2.55 -1.27 31.84
N HIS E 116 -2.95 -1.09 33.11
CA HIS E 116 -4.33 -0.70 33.37
C HIS E 116 -4.60 0.72 32.91
N THR E 117 -3.55 1.52 32.74
CA THR E 117 -3.71 2.86 32.20
C THR E 117 -3.99 2.84 30.70
N PHE E 118 -3.86 1.70 30.03
CA PHE E 118 -4.12 1.61 28.60
C PHE E 118 -5.53 1.18 28.29
N ILE E 119 -6.34 0.88 29.30
CA ILE E 119 -7.73 0.49 29.13
C ILE E 119 -8.60 1.73 29.34
N LYS E 120 -9.29 2.16 28.30
CA LYS E 120 -10.19 3.29 28.44
C LYS E 120 -11.39 2.91 29.29
N ASP E 121 -12.03 3.92 29.88
CA ASP E 121 -13.27 3.67 30.61
C ASP E 121 -14.37 3.30 29.63
N GLY E 122 -15.13 2.28 29.97
CA GLY E 122 -16.16 1.81 29.07
C GLY E 122 -15.65 1.02 27.90
N ALA E 123 -14.42 0.55 27.95
CA ALA E 123 -13.85 -0.22 26.86
C ALA E 123 -14.46 -1.61 26.85
N THR E 124 -14.04 -2.39 25.86
CA THR E 124 -14.47 -3.78 25.72
C THR E 124 -13.30 -4.60 25.20
N ILE E 125 -12.57 -5.21 26.13
CA ILE E 125 -11.34 -5.87 25.75
C ILE E 125 -11.70 -7.25 25.24
N LEU E 126 -10.76 -7.87 24.54
CA LEU E 126 -10.87 -9.26 24.14
C LEU E 126 -9.59 -9.95 24.57
N THR E 127 -9.73 -11.04 25.28
CA THR E 127 -8.56 -11.75 25.78
C THR E 127 -8.57 -13.17 25.25
N HIS E 128 -7.61 -13.95 25.70
CA HIS E 128 -7.49 -15.35 25.33
C HIS E 128 -7.46 -16.17 26.61
N ALA E 129 -7.03 -17.42 26.49
CA ALA E 129 -7.39 -18.55 27.34
C ALA E 129 -7.49 -18.29 28.82
N TYR E 130 -6.36 -18.10 29.49
CA TYR E 130 -6.32 -17.83 30.91
C TYR E 130 -4.91 -17.43 31.28
N SER E 131 -4.75 -16.34 32.00
CA SER E 131 -3.43 -15.92 32.39
C SER E 131 -3.53 -15.10 33.66
N ARG E 132 -2.64 -15.38 34.61
CA ARG E 132 -2.62 -14.64 35.85
C ARG E 132 -2.19 -13.19 35.65
N VAL E 133 -1.69 -12.83 34.49
CA VAL E 133 -1.25 -11.47 34.24
C VAL E 133 -2.37 -10.62 33.68
N VAL E 134 -3.10 -11.12 32.67
CA VAL E 134 -4.27 -10.39 32.17
C VAL E 134 -5.30 -10.26 33.27
N LEU E 135 -5.48 -11.32 34.06
CA LEU E 135 -6.39 -11.26 35.20
C LEU E 135 -5.95 -10.20 36.19
N ARG E 136 -4.64 -10.08 36.40
N ARG E 136 -4.64 -10.07 36.39
CA ARG E 136 -4.12 -9.05 37.29
CA ARG E 136 -4.14 -9.04 37.30
C ARG E 136 -4.21 -7.66 36.68
C ARG E 136 -4.22 -7.66 36.68
N VAL E 137 -4.06 -7.55 35.36
CA VAL E 137 -4.24 -6.26 34.69
C VAL E 137 -5.67 -5.77 34.86
N LEU E 138 -6.64 -6.66 34.70
CA LEU E 138 -8.03 -6.29 34.90
C LEU E 138 -8.38 -6.08 36.36
N GLU E 139 -7.75 -6.82 37.25
CA GLU E 139 -7.96 -6.61 38.68
C GLU E 139 -7.45 -5.25 39.12
N ALA E 140 -6.33 -4.80 38.56
CA ALA E 140 -5.86 -3.46 38.83
C ALA E 140 -6.67 -2.40 38.11
N ALA E 141 -7.26 -2.75 36.97
CA ALA E 141 -8.05 -1.77 36.24
C ALA E 141 -9.39 -1.51 36.92
N VAL E 142 -9.99 -2.54 37.52
CA VAL E 142 -11.20 -2.27 38.29
C VAL E 142 -10.90 -1.65 39.64
N ALA E 143 -9.68 -1.79 40.15
CA ALA E 143 -9.32 -1.11 41.38
C ALA E 143 -8.97 0.34 41.14
N ALA E 144 -8.82 0.75 39.89
CA ALA E 144 -8.65 2.15 39.54
C ALA E 144 -9.95 2.77 39.05
N LYS E 145 -11.08 2.14 39.39
CA LYS E 145 -12.43 2.61 39.08
C LYS E 145 -12.62 2.81 37.57
N LYS E 146 -12.05 1.91 36.78
CA LYS E 146 -12.39 1.80 35.37
C LYS E 146 -13.46 0.74 35.22
N ARG E 147 -14.33 0.93 34.24
CA ARG E 147 -15.38 -0.03 33.95
C ARG E 147 -15.24 -0.46 32.50
N PHE E 148 -15.42 -1.75 32.25
CA PHE E 148 -15.23 -2.31 30.92
C PHE E 148 -15.98 -3.62 30.84
N SER E 149 -15.86 -4.28 29.70
CA SER E 149 -16.37 -5.62 29.52
C SER E 149 -15.29 -6.48 28.87
N VAL E 150 -15.28 -7.75 29.23
CA VAL E 150 -14.21 -8.66 28.82
C VAL E 150 -14.83 -9.75 27.95
N TYR E 151 -14.27 -9.94 26.77
CA TYR E 151 -14.58 -11.08 25.93
C TYR E 151 -13.44 -12.07 26.07
N VAL E 152 -13.74 -13.29 26.51
CA VAL E 152 -12.73 -14.32 26.67
C VAL E 152 -13.15 -15.50 25.81
N THR E 153 -12.20 -16.07 25.08
CA THR E 153 -12.46 -17.22 24.25
C THR E 153 -12.26 -18.49 25.07
N GLU E 154 -13.26 -19.35 25.06
CA GLU E 154 -13.09 -20.67 25.65
C GLU E 154 -12.10 -21.43 24.78
N SER E 155 -10.86 -21.50 25.23
CA SER E 155 -9.79 -22.03 24.41
C SER E 155 -9.79 -23.54 24.51
N GLN E 156 -9.89 -24.21 23.38
CA GLN E 156 -9.80 -25.64 23.37
C GLN E 156 -8.33 -26.06 23.44
N PRO E 157 -8.03 -27.25 24.00
CA PRO E 157 -8.91 -28.27 24.56
C PRO E 157 -9.10 -28.23 26.07
N ASP E 158 -8.35 -27.40 26.78
CA ASP E 158 -8.40 -27.41 28.23
C ASP E 158 -9.46 -26.50 28.81
N LEU E 159 -10.15 -25.72 27.96
CA LEU E 159 -11.31 -24.92 28.36
C LEU E 159 -10.96 -23.91 29.44
N SER E 160 -9.77 -23.31 29.33
CA SER E 160 -9.36 -22.37 30.36
C SER E 160 -9.98 -20.99 30.19
N GLY E 161 -10.68 -20.74 29.08
CA GLY E 161 -11.47 -19.53 28.98
C GLY E 161 -12.57 -19.49 30.01
N LYS E 162 -13.23 -20.62 30.23
CA LYS E 162 -14.25 -20.69 31.27
C LYS E 162 -13.63 -20.54 32.65
N LYS E 163 -12.41 -21.07 32.84
CA LYS E 163 -11.73 -20.89 34.11
C LYS E 163 -11.40 -19.43 34.37
N MET E 164 -10.96 -18.71 33.34
CA MET E 164 -10.72 -17.30 33.51
C MET E 164 -12.00 -16.53 33.79
N ALA E 165 -13.06 -16.82 33.05
CA ALA E 165 -14.30 -16.08 33.25
C ALA E 165 -14.94 -16.40 34.59
N LYS E 166 -14.73 -17.59 35.13
CA LYS E 166 -15.16 -17.85 36.50
C LYS E 166 -14.25 -17.18 37.50
N ALA E 167 -12.97 -17.00 37.15
CA ALA E 167 -12.05 -16.30 38.04
C ALA E 167 -12.13 -14.80 37.90
N LEU E 168 -12.91 -14.30 36.94
CA LEU E 168 -13.02 -12.88 36.68
C LEU E 168 -14.44 -12.37 36.90
N CYS E 169 -15.40 -13.27 37.08
CA CYS E 169 -16.74 -12.84 37.44
C CYS E 169 -16.81 -12.35 38.88
N HIS E 170 -15.88 -12.78 39.74
CA HIS E 170 -15.84 -12.27 41.10
C HIS E 170 -15.45 -10.81 41.18
N LEU E 171 -14.85 -10.27 40.12
CA LEU E 171 -14.45 -8.87 40.05
C LEU E 171 -15.59 -7.96 39.65
N ASN E 172 -16.78 -8.51 39.43
CA ASN E 172 -17.97 -7.79 38.97
C ASN E 172 -17.66 -7.07 37.66
N VAL E 173 -17.24 -7.86 36.67
CA VAL E 173 -16.97 -7.39 35.33
C VAL E 173 -17.90 -8.14 34.39
N PRO E 174 -18.51 -7.50 33.42
CA PRO E 174 -19.29 -8.25 32.43
C PRO E 174 -18.38 -9.06 31.52
N VAL E 175 -18.34 -10.37 31.73
CA VAL E 175 -17.44 -11.26 31.01
C VAL E 175 -18.27 -12.21 30.15
N THR E 176 -17.83 -12.43 28.92
CA THR E 176 -18.55 -13.26 27.97
C THR E 176 -17.61 -14.34 27.45
N VAL E 177 -18.00 -15.60 27.60
CA VAL E 177 -17.15 -16.72 27.20
C VAL E 177 -17.47 -16.99 25.74
N VAL E 178 -16.82 -16.26 24.85
CA VAL E 178 -17.13 -16.38 23.44
C VAL E 178 -16.56 -17.70 22.91
N LEU E 179 -17.11 -18.16 21.80
CA LEU E 179 -16.66 -19.41 21.19
C LEU E 179 -15.22 -19.26 20.70
N ASP E 180 -14.54 -20.40 20.61
CA ASP E 180 -13.16 -20.40 20.16
C ASP E 180 -13.06 -20.00 18.69
N ALA E 181 -14.08 -20.31 17.91
CA ALA E 181 -14.12 -19.98 16.50
C ALA E 181 -14.57 -18.55 16.24
N ALA E 182 -15.19 -17.89 17.21
CA ALA E 182 -15.89 -16.63 16.97
C ALA E 182 -15.02 -15.41 17.22
N VAL E 183 -13.71 -15.52 17.07
CA VAL E 183 -12.85 -14.36 17.30
C VAL E 183 -13.03 -13.33 16.20
N GLY E 184 -13.11 -13.78 14.95
CA GLY E 184 -13.33 -12.85 13.86
C GLY E 184 -14.69 -12.19 13.89
N TYR E 185 -15.67 -12.83 14.53
CA TYR E 185 -16.97 -12.21 14.70
C TYR E 185 -16.91 -11.08 15.72
N ILE E 186 -16.31 -11.32 16.88
CA ILE E 186 -16.41 -10.35 17.96
C ILE E 186 -15.20 -9.43 17.99
N MET E 187 -14.34 -9.52 16.98
CA MET E 187 -13.19 -8.62 16.99
C MET E 187 -13.60 -7.17 16.78
N GLU E 188 -14.65 -6.94 15.99
CA GLU E 188 -15.13 -5.58 15.82
C GLU E 188 -15.82 -5.04 17.06
N LYS E 189 -16.29 -5.92 17.95
CA LYS E 189 -16.81 -5.49 19.24
C LYS E 189 -15.75 -5.47 20.32
N ALA E 190 -14.49 -5.29 19.94
CA ALA E 190 -13.39 -5.27 20.87
C ALA E 190 -12.58 -4.01 20.67
N ASP E 191 -12.35 -3.26 21.74
CA ASP E 191 -11.56 -2.05 21.63
C ASP E 191 -10.07 -2.35 21.56
N LEU E 192 -9.63 -3.40 22.23
CA LEU E 192 -8.23 -3.76 22.37
C LEU E 192 -8.15 -5.22 22.76
N VAL E 193 -7.02 -5.84 22.42
CA VAL E 193 -6.81 -7.26 22.69
C VAL E 193 -5.65 -7.39 23.67
N ILE E 194 -5.89 -8.04 24.80
CA ILE E 194 -4.87 -8.23 25.82
C ILE E 194 -4.68 -9.72 26.02
N VAL E 195 -3.48 -10.21 25.75
CA VAL E 195 -3.15 -11.61 25.92
C VAL E 195 -1.90 -11.72 26.78
N GLY E 196 -1.76 -12.85 27.43
CA GLY E 196 -0.57 -13.10 28.21
C GLY E 196 0.36 -14.06 27.50
N ALA E 197 1.59 -13.65 27.25
CA ALA E 197 2.52 -14.48 26.52
C ALA E 197 3.04 -15.60 27.40
N GLU E 198 3.23 -16.77 26.81
CA GLU E 198 3.90 -17.87 27.48
C GLU E 198 5.40 -17.84 27.24
N GLY E 199 5.85 -17.07 26.26
CA GLY E 199 7.24 -16.82 26.02
C GLY E 199 7.36 -15.73 24.98
N VAL E 200 8.36 -14.85 25.12
CA VAL E 200 8.60 -13.80 24.15
C VAL E 200 9.89 -14.10 23.42
N VAL E 201 9.80 -14.36 22.13
CA VAL E 201 10.93 -14.77 21.32
C VAL E 201 11.74 -13.55 20.90
N GLU E 202 12.90 -13.78 20.29
CA GLU E 202 13.92 -12.74 20.14
C GLU E 202 13.52 -11.61 19.20
N ASN E 203 12.52 -11.78 18.34
CA ASN E 203 12.15 -10.69 17.47
C ASN E 203 11.05 -9.81 18.05
N GLY E 204 10.61 -10.08 19.26
CA GLY E 204 9.53 -9.34 19.85
C GLY E 204 8.18 -10.01 19.76
N GLY E 205 8.03 -11.02 18.94
CA GLY E 205 6.80 -11.78 18.89
C GLY E 205 6.67 -12.65 20.11
N ILE E 206 5.53 -13.32 20.22
CA ILE E 206 5.24 -14.10 21.41
C ILE E 206 4.86 -15.51 21.04
N ILE E 207 5.02 -16.40 22.00
CA ILE E 207 4.57 -17.78 21.92
C ILE E 207 3.50 -17.93 22.99
N ASN E 208 2.27 -18.19 22.58
CA ASN E 208 1.15 -18.22 23.49
C ASN E 208 0.23 -19.36 23.08
N LYS E 209 -0.68 -19.72 23.99
CA LYS E 209 -1.72 -20.73 23.85
C LYS E 209 -2.37 -20.72 22.48
N ILE E 210 -2.70 -21.90 21.95
CA ILE E 210 -3.06 -22.04 20.54
C ILE E 210 -4.32 -21.24 20.24
N GLY E 211 -4.26 -20.44 19.18
CA GLY E 211 -5.32 -19.52 18.86
C GLY E 211 -4.99 -18.07 19.08
N THR E 212 -3.85 -17.77 19.72
CA THR E 212 -3.43 -16.39 19.88
C THR E 212 -3.06 -15.77 18.54
N ASN E 213 -2.51 -16.55 17.62
CA ASN E 213 -2.09 -16.02 16.33
C ASN E 213 -3.26 -15.48 15.53
N GLN E 214 -4.32 -16.28 15.39
CA GLN E 214 -5.47 -15.80 14.64
C GLN E 214 -6.26 -14.76 15.39
N MET E 215 -6.07 -14.64 16.70
CA MET E 215 -6.56 -13.46 17.41
C MET E 215 -5.82 -12.22 16.95
N ALA E 216 -4.51 -12.32 16.74
CA ALA E 216 -3.74 -11.17 16.32
C ALA E 216 -4.01 -10.82 14.87
N VAL E 217 -4.06 -11.84 14.01
CA VAL E 217 -4.23 -11.62 12.57
C VAL E 217 -5.57 -10.98 12.28
N CYS E 218 -6.61 -11.40 13.00
CA CYS E 218 -7.89 -10.72 12.91
C CYS E 218 -7.81 -9.30 13.44
N ALA E 219 -7.09 -9.10 14.55
CA ALA E 219 -7.03 -7.78 15.17
C ALA E 219 -6.35 -6.78 14.27
N LYS E 220 -5.21 -7.16 13.68
CA LYS E 220 -4.56 -6.27 12.72
C LYS E 220 -5.39 -6.09 11.46
N ALA E 221 -6.31 -7.01 11.16
CA ALA E 221 -7.19 -6.80 10.02
C ALA E 221 -8.18 -5.68 10.29
N GLN E 222 -8.42 -5.35 11.56
CA GLN E 222 -9.32 -4.28 11.93
C GLN E 222 -8.63 -3.20 12.73
N ASN E 223 -7.30 -3.23 12.81
CA ASN E 223 -6.48 -2.24 13.50
C ASN E 223 -6.83 -2.10 14.97
N LYS E 224 -7.32 -3.16 15.59
CA LYS E 224 -7.47 -3.17 17.02
C LYS E 224 -6.09 -3.33 17.65
N PRO E 225 -5.76 -2.56 18.68
CA PRO E 225 -4.46 -2.73 19.34
C PRO E 225 -4.38 -4.07 20.05
N PHE E 226 -3.28 -4.78 19.83
CA PHE E 226 -3.05 -6.11 20.37
C PHE E 226 -1.96 -5.97 21.43
N TYR E 227 -2.35 -5.97 22.69
CA TYR E 227 -1.41 -5.78 23.77
C TYR E 227 -1.04 -7.13 24.38
N VAL E 228 0.22 -7.28 24.73
CA VAL E 228 0.74 -8.50 25.31
C VAL E 228 1.28 -8.16 26.68
N VAL E 229 0.87 -8.91 27.70
CA VAL E 229 1.42 -8.68 29.02
C VAL E 229 2.25 -9.88 29.45
N ALA E 230 3.54 -9.84 29.16
CA ALA E 230 4.45 -10.89 29.56
C ALA E 230 5.26 -10.42 30.75
N GLU E 231 6.19 -11.25 31.20
CA GLU E 231 7.08 -10.91 32.29
C GLU E 231 8.52 -10.99 31.81
N SER E 232 9.45 -10.64 32.71
CA SER E 232 10.86 -10.54 32.30
C SER E 232 11.46 -11.91 32.07
N PHE E 233 11.08 -12.91 32.86
CA PHE E 233 11.70 -14.23 32.73
C PHE E 233 11.16 -15.03 31.56
N LYS E 234 10.15 -14.54 30.86
CA LYS E 234 9.60 -15.24 29.72
C LYS E 234 10.33 -14.91 28.42
N PHE E 235 11.44 -14.19 28.49
CA PHE E 235 12.18 -13.77 27.31
C PHE E 235 13.06 -14.94 26.90
N VAL E 236 12.63 -15.66 25.87
CA VAL E 236 13.39 -16.81 25.41
C VAL E 236 14.12 -16.44 24.12
N ARG E 237 15.21 -17.17 23.84
CA ARG E 237 16.14 -16.80 22.78
C ARG E 237 15.77 -17.36 21.42
N LEU E 238 14.59 -17.96 21.28
CA LEU E 238 14.14 -18.48 19.99
C LEU E 238 13.94 -17.37 18.99
N PHE E 239 14.04 -17.72 17.71
CA PHE E 239 13.73 -16.80 16.62
C PHE E 239 12.93 -17.53 15.55
N PRO E 240 11.65 -17.76 15.77
CA PRO E 240 10.85 -18.42 14.75
C PRO E 240 10.64 -17.55 13.53
N LEU E 241 10.51 -18.19 12.38
CA LEU E 241 10.13 -17.53 11.15
C LEU E 241 8.75 -17.92 10.67
N ASN E 242 8.21 -19.01 11.19
CA ASN E 242 6.86 -19.47 10.90
C ASN E 242 6.44 -20.33 12.08
N GLN E 243 5.27 -20.96 11.98
CA GLN E 243 4.87 -21.86 13.05
C GLN E 243 5.64 -23.15 13.03
N GLN E 244 6.39 -23.44 11.96
CA GLN E 244 7.26 -24.60 11.93
C GLN E 244 8.40 -24.47 12.92
N ASP E 245 8.99 -23.27 13.00
CA ASP E 245 10.23 -23.09 13.75
C ASP E 245 10.04 -23.12 15.25
N VAL E 246 8.81 -23.11 15.74
CA VAL E 246 8.59 -23.41 17.16
C VAL E 246 8.90 -24.88 17.40
N PRO E 247 9.74 -25.21 18.38
CA PRO E 247 10.14 -26.60 18.56
C PRO E 247 8.98 -27.47 19.02
N ASP E 248 9.09 -28.76 18.73
CA ASP E 248 8.10 -29.70 19.22
C ASP E 248 8.18 -29.92 20.71
N LYS E 249 9.23 -29.40 21.37
CA LYS E 249 9.26 -29.43 22.82
C LYS E 249 8.10 -28.63 23.40
N PHE E 250 7.84 -27.47 22.81
CA PHE E 250 6.91 -26.49 23.35
C PHE E 250 5.49 -26.68 22.84
N LYS E 251 5.35 -27.08 21.58
CA LYS E 251 4.02 -27.16 20.97
C LYS E 251 3.21 -28.31 21.55
N TYR E 252 3.81 -29.48 21.66
CA TYR E 252 3.08 -30.67 22.07
C TYR E 252 3.36 -30.92 23.54
N LYS E 253 2.32 -30.74 24.36
CA LYS E 253 2.49 -30.82 25.80
C LYS E 253 2.65 -32.27 26.25
N ALA E 254 3.66 -32.51 27.07
CA ALA E 254 3.96 -33.84 27.57
C ALA E 254 4.80 -33.77 28.83
N LEU E 266 -9.76 -39.44 11.34
CA LEU E 266 -9.70 -38.77 12.63
C LEU E 266 -8.29 -38.70 13.19
N LYS E 267 -7.36 -38.19 12.39
CA LYS E 267 -6.03 -37.84 12.86
C LYS E 267 -6.08 -36.40 13.37
N GLU E 268 -5.31 -36.11 14.40
CA GLU E 268 -5.36 -34.81 15.05
C GLU E 268 -3.98 -34.18 15.09
N GLU E 269 -3.92 -32.89 14.78
CA GLU E 269 -2.68 -32.13 14.91
C GLU E 269 -2.46 -31.71 16.35
N HIS E 270 -3.31 -30.82 16.87
CA HIS E 270 -3.31 -30.38 18.25
C HIS E 270 -1.98 -29.89 18.82
N PRO E 271 -1.50 -28.72 18.40
CA PRO E 271 -0.45 -28.06 19.17
C PRO E 271 -1.04 -27.45 20.43
N TRP E 272 -0.17 -26.85 21.23
CA TRP E 272 -0.65 -26.06 22.35
C TRP E 272 -0.17 -24.64 22.34
N VAL E 273 0.79 -24.29 21.48
CA VAL E 273 1.26 -22.92 21.35
C VAL E 273 1.38 -22.60 19.87
N ASP E 274 1.42 -21.31 19.56
CA ASP E 274 1.75 -20.88 18.22
C ASP E 274 2.39 -19.51 18.26
N TYR E 275 3.18 -19.22 17.25
CA TYR E 275 3.99 -18.02 17.22
C TYR E 275 3.20 -16.87 16.63
N THR E 276 3.23 -15.73 17.30
CA THR E 276 2.61 -14.50 16.81
C THR E 276 3.70 -13.56 16.34
N ALA E 277 3.60 -13.12 15.09
CA ALA E 277 4.63 -12.28 14.51
C ALA E 277 4.68 -10.93 15.21
N PRO E 278 5.85 -10.29 15.27
CA PRO E 278 5.95 -9.01 15.98
C PRO E 278 5.26 -7.87 15.29
N SER E 279 4.93 -8.01 14.01
CA SER E 279 4.18 -6.97 13.33
C SER E 279 2.74 -6.91 13.81
N LEU E 280 2.22 -8.02 14.30
CA LEU E 280 0.85 -8.08 14.80
C LEU E 280 0.70 -7.51 16.20
N ILE E 281 1.79 -7.30 16.93
CA ILE E 281 1.75 -6.90 18.32
C ILE E 281 1.94 -5.40 18.41
N THR E 282 1.04 -4.72 19.12
CA THR E 282 1.16 -3.28 19.27
C THR E 282 2.17 -2.92 20.35
N LEU E 283 2.03 -3.49 21.54
CA LEU E 283 2.94 -3.20 22.64
C LEU E 283 3.04 -4.40 23.55
N LEU E 284 4.18 -4.56 24.19
CA LEU E 284 4.37 -5.56 25.25
C LEU E 284 4.51 -4.86 26.58
N PHE E 285 3.71 -5.25 27.54
CA PHE E 285 3.80 -4.66 28.87
C PHE E 285 4.59 -5.60 29.78
N THR E 286 5.88 -5.73 29.49
CA THR E 286 6.69 -6.65 30.26
C THR E 286 7.02 -6.06 31.63
N ASP E 287 7.74 -6.85 32.42
CA ASP E 287 8.14 -6.45 33.76
C ASP E 287 9.01 -5.22 33.73
N LEU E 288 9.94 -5.17 32.80
CA LEU E 288 10.94 -4.11 32.69
C LEU E 288 10.49 -2.96 31.81
N GLY E 289 9.25 -2.52 32.04
CA GLY E 289 8.71 -1.37 31.36
C GLY E 289 7.95 -1.74 30.09
N VAL E 290 7.18 -0.78 29.61
CA VAL E 290 6.45 -0.95 28.36
C VAL E 290 7.45 -0.95 27.21
N LEU E 291 7.32 -1.91 26.31
CA LEU E 291 8.20 -2.06 25.18
C LEU E 291 7.40 -2.12 23.90
N THR E 292 7.91 -1.54 22.84
CA THR E 292 7.49 -1.94 21.52
C THR E 292 8.05 -3.33 21.24
N PRO E 293 7.51 -4.07 20.26
CA PRO E 293 8.11 -5.36 19.94
C PRO E 293 9.57 -5.26 19.54
N SER E 294 9.91 -4.22 18.78
CA SER E 294 11.31 -3.99 18.41
C SER E 294 12.18 -3.69 19.60
N ALA E 295 11.59 -3.23 20.70
CA ALA E 295 12.36 -2.98 21.91
C ALA E 295 12.65 -4.25 22.69
N VAL E 296 12.07 -5.38 22.29
CA VAL E 296 12.33 -6.61 23.03
C VAL E 296 13.75 -7.09 22.78
N SER E 297 14.23 -6.94 21.54
CA SER E 297 15.41 -7.66 21.08
C SER E 297 16.66 -7.26 21.86
N ASP E 298 16.87 -5.96 22.08
CA ASP E 298 18.05 -5.59 22.85
C ASP E 298 17.90 -5.96 24.32
N GLU E 299 16.66 -6.01 24.82
CA GLU E 299 16.46 -6.53 26.16
C GLU E 299 16.79 -8.01 26.26
N LEU E 300 16.89 -8.70 25.13
CA LEU E 300 17.52 -10.01 25.10
C LEU E 300 19.00 -9.93 24.75
N ILE E 301 19.40 -8.92 24.00
CA ILE E 301 20.82 -8.77 23.67
C ILE E 301 21.61 -8.40 24.90
N LYS E 302 21.02 -7.58 25.78
CA LYS E 302 21.70 -7.18 27.02
C LYS E 302 21.98 -8.38 27.91
N LEU E 303 21.00 -9.28 28.06
CA LEU E 303 21.24 -10.50 28.83
C LEU E 303 22.10 -11.48 28.05
N TYR E 304 22.22 -11.29 26.74
CA TYR E 304 22.97 -12.16 25.82
C TYR E 304 22.52 -13.62 25.89
N ASP F 3 -50.64 -26.86 7.60
CA ASP F 3 -50.11 -25.76 8.39
C ASP F 3 -49.21 -26.29 9.50
N LYS F 4 -49.56 -27.46 10.01
CA LYS F 4 -48.72 -28.21 10.94
C LYS F 4 -48.13 -29.46 10.31
N GLU F 5 -48.86 -30.09 9.39
CA GLU F 5 -48.32 -31.20 8.61
C GLU F 5 -47.19 -30.75 7.69
N LEU F 6 -47.11 -29.46 7.40
CA LEU F 6 -46.00 -28.90 6.64
C LEU F 6 -44.67 -29.11 7.36
N ILE F 7 -44.64 -28.79 8.65
CA ILE F 7 -43.44 -28.97 9.45
C ILE F 7 -43.10 -30.44 9.57
N GLU F 8 -44.11 -31.29 9.73
CA GLU F 8 -43.89 -32.73 9.84
C GLU F 8 -43.29 -33.30 8.56
N TYR F 9 -43.79 -32.83 7.41
CA TYR F 9 -43.28 -33.32 6.13
C TYR F 9 -41.85 -32.83 5.91
N PHE F 10 -41.56 -31.59 6.31
CA PHE F 10 -40.20 -31.06 6.20
C PHE F 10 -39.22 -31.85 7.06
N LYS F 11 -39.63 -32.19 8.29
CA LYS F 11 -38.80 -33.04 9.14
C LYS F 11 -38.64 -34.42 8.51
N SER F 12 -39.69 -34.94 7.86
CA SER F 12 -39.57 -36.22 7.19
C SER F 12 -38.56 -36.16 6.03
N GLN F 13 -38.60 -35.08 5.25
CA GLN F 13 -37.64 -34.91 4.17
C GLN F 13 -36.22 -34.80 4.71
N MET F 14 -36.07 -34.27 5.93
CA MET F 14 -34.79 -34.43 6.61
C MET F 14 -34.49 -35.88 6.92
N LYS F 15 -35.49 -36.65 7.37
CA LYS F 15 -35.26 -38.00 7.88
C LYS F 15 -34.82 -38.95 6.76
N GLU F 16 -35.68 -39.17 5.77
CA GLU F 16 -35.30 -40.09 4.71
C GLU F 16 -34.36 -39.48 3.66
N ASP F 17 -33.77 -38.32 3.92
CA ASP F 17 -32.73 -37.78 3.04
C ASP F 17 -31.88 -36.80 3.84
N PRO F 18 -30.78 -37.28 4.43
CA PRO F 18 -29.88 -36.37 5.14
C PRO F 18 -28.90 -35.68 4.20
N ASP F 19 -28.57 -36.35 3.09
CA ASP F 19 -27.64 -35.78 2.13
C ASP F 19 -28.27 -34.65 1.34
N MET F 20 -29.59 -34.64 1.24
CA MET F 20 -30.30 -33.55 0.59
C MET F 20 -30.24 -32.30 1.44
N ALA F 21 -29.99 -31.16 0.78
CA ALA F 21 -29.77 -29.90 1.48
C ALA F 21 -31.03 -29.44 2.17
N SER F 22 -30.86 -28.54 3.15
CA SER F 22 -31.99 -28.03 3.89
C SER F 22 -32.91 -27.20 3.01
N ALA F 23 -32.33 -26.40 2.13
CA ALA F 23 -33.14 -25.59 1.23
C ALA F 23 -33.90 -26.47 0.25
N VAL F 24 -33.30 -27.56 -0.22
CA VAL F 24 -34.00 -28.46 -1.13
C VAL F 24 -35.14 -29.17 -0.42
N ALA F 25 -34.95 -29.51 0.86
CA ALA F 25 -36.05 -30.06 1.65
C ALA F 25 -37.18 -29.05 1.78
N ALA F 26 -36.84 -27.78 1.98
CA ALA F 26 -37.85 -26.73 2.01
C ALA F 26 -38.58 -26.63 0.68
N ILE F 27 -37.84 -26.74 -0.42
CA ILE F 27 -38.44 -26.67 -1.76
C ILE F 27 -39.43 -27.82 -1.94
N ARG F 28 -39.03 -29.03 -1.54
CA ARG F 28 -39.90 -30.18 -1.74
C ARG F 28 -41.16 -30.10 -0.91
N THR F 29 -41.04 -29.77 0.38
CA THR F 29 -42.24 -29.72 1.20
C THR F 29 -43.12 -28.53 0.80
N LEU F 30 -42.52 -27.42 0.35
CA LEU F 30 -43.31 -26.29 -0.09
C LEU F 30 -43.98 -26.59 -1.42
N LEU F 31 -43.34 -27.42 -2.24
CA LEU F 31 -43.94 -27.79 -3.52
C LEU F 31 -45.13 -28.71 -3.32
N GLU F 32 -45.02 -29.64 -2.36
CA GLU F 32 -46.17 -30.45 -2.02
C GLU F 32 -47.29 -29.61 -1.44
N PHE F 33 -46.95 -28.61 -0.61
CA PHE F 33 -47.96 -27.68 -0.13
C PHE F 33 -48.58 -26.89 -1.28
N LEU F 34 -47.81 -26.59 -2.31
CA LEU F 34 -48.36 -25.98 -3.52
C LEU F 34 -49.33 -26.93 -4.21
N LYS F 35 -49.06 -28.23 -4.16
CA LYS F 35 -50.04 -29.20 -4.68
C LYS F 35 -51.30 -29.32 -3.83
N ARG F 36 -51.52 -28.55 -2.77
CA ARG F 36 -52.74 -28.69 -1.97
C ARG F 36 -53.45 -27.35 -1.82
N ILE F 42 -55.27 -18.28 -6.51
CA ILE F 42 -55.20 -17.16 -7.45
C ILE F 42 -54.00 -16.30 -7.04
N GLN F 43 -54.21 -15.41 -6.07
CA GLN F 43 -53.13 -14.64 -5.46
C GLN F 43 -53.11 -14.79 -3.94
N GLY F 44 -54.12 -15.44 -3.36
CA GLY F 44 -54.01 -15.84 -1.96
C GLY F 44 -53.11 -17.03 -1.79
N LEU F 45 -52.90 -17.80 -2.85
CA LEU F 45 -51.98 -18.94 -2.78
C LEU F 45 -50.54 -18.46 -2.62
N ARG F 46 -50.22 -17.30 -3.19
CA ARG F 46 -48.92 -16.68 -2.92
C ARG F 46 -48.78 -16.31 -1.44
N ALA F 47 -49.86 -15.86 -0.82
CA ALA F 47 -49.83 -15.58 0.62
C ALA F 47 -49.67 -16.85 1.42
N ASN F 48 -50.32 -17.94 0.99
CA ASN F 48 -50.12 -19.23 1.64
C ASN F 48 -48.67 -19.69 1.54
N LEU F 49 -48.05 -19.50 0.37
CA LEU F 49 -46.65 -19.88 0.21
C LEU F 49 -45.73 -18.99 1.05
N THR F 50 -46.08 -17.71 1.20
CA THR F 50 -45.30 -16.84 2.08
C THR F 50 -45.42 -17.27 3.54
N SER F 51 -46.61 -17.69 3.95
CA SER F 51 -46.78 -18.25 5.28
C SER F 51 -45.98 -19.53 5.44
N ALA F 52 -45.89 -20.34 4.38
CA ALA F 52 -45.05 -21.53 4.41
C ALA F 52 -43.58 -21.17 4.57
N ILE F 53 -43.14 -20.10 3.90
CA ILE F 53 -41.78 -19.57 4.10
C ILE F 53 -41.55 -19.20 5.55
N GLU F 54 -42.50 -18.48 6.15
CA GLU F 54 -42.32 -18.02 7.52
C GLU F 54 -42.27 -19.18 8.50
N THR F 55 -43.17 -20.16 8.33
CA THR F 55 -43.18 -21.31 9.23
C THR F 55 -41.99 -22.23 9.02
N LEU F 56 -41.48 -22.31 7.79
CA LEU F 56 -40.32 -23.16 7.53
C LEU F 56 -39.04 -22.50 8.01
N CYS F 57 -38.94 -21.18 7.89
CA CYS F 57 -37.75 -20.49 8.37
C CYS F 57 -37.78 -20.37 9.89
N GLY F 58 -38.98 -20.46 10.48
CA GLY F 58 -39.07 -20.37 11.92
C GLY F 58 -38.58 -21.60 12.65
N VAL F 59 -38.33 -22.70 11.95
CA VAL F 59 -37.98 -23.95 12.61
C VAL F 59 -36.58 -24.41 12.23
N ASP F 60 -35.98 -23.78 11.22
CA ASP F 60 -34.62 -24.11 10.82
C ASP F 60 -33.68 -22.93 10.95
N SER F 61 -34.10 -21.76 10.48
CA SER F 61 -33.42 -20.48 10.63
C SER F 61 -32.09 -20.40 9.90
N SER F 62 -31.81 -21.33 8.98
CA SER F 62 -30.63 -21.18 8.16
C SER F 62 -30.88 -20.14 7.09
N VAL F 63 -29.80 -19.57 6.57
CA VAL F 63 -29.92 -18.61 5.48
C VAL F 63 -30.43 -19.31 4.24
N ALA F 64 -30.04 -20.56 4.04
CA ALA F 64 -30.39 -21.28 2.82
C ALA F 64 -31.89 -21.54 2.74
N VAL F 65 -32.55 -21.79 3.87
CA VAL F 65 -33.98 -22.09 3.85
C VAL F 65 -34.77 -20.85 3.47
N SER F 66 -34.49 -19.73 4.14
CA SER F 66 -35.21 -18.50 3.83
C SER F 66 -34.73 -17.85 2.54
N SER F 67 -33.69 -18.39 1.90
CA SER F 67 -33.34 -17.96 0.56
C SER F 67 -33.78 -18.96 -0.49
N GLY F 68 -33.54 -20.24 -0.24
CA GLY F 68 -33.94 -21.26 -1.19
C GLY F 68 -35.44 -21.29 -1.41
N GLY F 69 -36.21 -21.20 -0.32
CA GLY F 69 -37.64 -21.07 -0.48
C GLY F 69 -38.07 -19.74 -1.07
N GLU F 70 -37.27 -18.69 -0.88
CA GLU F 70 -37.65 -17.38 -1.36
C GLU F 70 -37.45 -17.23 -2.86
N LEU F 71 -36.43 -17.87 -3.43
CA LEU F 71 -36.36 -17.98 -4.89
C LEU F 71 -37.53 -18.77 -5.45
N PHE F 72 -38.01 -19.78 -4.71
CA PHE F 72 -39.15 -20.52 -5.22
C PHE F 72 -40.43 -19.70 -5.13
N LEU F 73 -40.49 -18.74 -4.21
CA LEU F 73 -41.57 -17.77 -4.25
C LEU F 73 -41.45 -16.86 -5.46
N ARG F 74 -40.26 -16.74 -6.05
CA ARG F 74 -40.07 -15.91 -7.23
C ARG F 74 -39.95 -16.70 -8.53
N PHE F 75 -39.48 -17.94 -8.49
CA PHE F 75 -39.38 -18.70 -9.73
C PHE F 75 -40.76 -19.15 -10.22
N ILE F 76 -41.73 -19.18 -9.32
CA ILE F 76 -43.10 -19.50 -9.72
C ILE F 76 -43.88 -18.22 -10.02
N SER F 77 -43.58 -17.15 -9.28
CA SER F 77 -44.29 -15.88 -9.52
C SER F 77 -43.78 -15.19 -10.78
N LEU F 78 -42.64 -15.63 -11.32
CA LEU F 78 -42.21 -15.14 -12.62
C LEU F 78 -43.11 -15.65 -13.73
N ALA F 79 -43.58 -16.90 -13.59
CA ALA F 79 -44.52 -17.45 -14.58
C ALA F 79 -45.87 -16.77 -14.48
N SER F 80 -46.24 -16.31 -13.29
CA SER F 80 -47.51 -15.59 -13.14
C SER F 80 -47.45 -14.21 -13.77
N LEU F 81 -46.24 -13.69 -14.01
CA LEU F 81 -46.11 -12.45 -14.77
C LEU F 81 -46.41 -12.69 -16.24
N GLU F 82 -46.17 -13.91 -16.73
CA GLU F 82 -46.45 -14.22 -18.12
C GLU F 82 -47.95 -14.40 -18.37
N TYR F 83 -48.64 -15.08 -17.47
CA TYR F 83 -50.05 -15.37 -17.66
C TYR F 83 -50.72 -15.53 -16.31
N SER F 84 -52.05 -15.36 -16.30
CA SER F 84 -52.85 -15.46 -15.09
C SER F 84 -54.01 -16.42 -15.32
N ASP F 85 -54.31 -17.22 -14.30
CA ASP F 85 -55.39 -18.20 -14.34
C ASP F 85 -55.73 -18.56 -12.89
N TYR F 86 -56.53 -19.62 -12.73
CA TYR F 86 -57.01 -20.02 -11.41
C TYR F 86 -56.59 -21.44 -11.09
N SER F 87 -56.61 -22.32 -12.08
CA SER F 87 -56.11 -23.68 -11.94
C SER F 87 -55.13 -24.05 -13.04
N LYS F 88 -55.22 -23.39 -14.20
CA LYS F 88 -54.18 -23.50 -15.22
C LYS F 88 -52.88 -22.90 -14.71
N CYS F 89 -52.98 -21.81 -13.96
CA CYS F 89 -51.78 -21.21 -13.37
C CYS F 89 -51.17 -22.13 -12.32
N LYS F 90 -52.00 -22.88 -11.59
CA LYS F 90 -51.47 -23.84 -10.63
C LYS F 90 -50.75 -24.99 -11.33
N LYS F 91 -51.25 -25.43 -12.48
CA LYS F 91 -50.56 -26.52 -13.15
C LYS F 91 -49.30 -26.04 -13.87
N ILE F 92 -49.30 -24.83 -14.42
CA ILE F 92 -48.03 -24.31 -14.96
C ILE F 92 -47.06 -24.05 -13.82
N MET F 93 -47.57 -23.75 -12.62
CA MET F 93 -46.72 -23.63 -11.45
C MET F 93 -46.08 -24.96 -11.08
N ILE F 94 -46.84 -26.05 -11.10
CA ILE F 94 -46.26 -27.34 -10.69
C ILE F 94 -45.31 -27.90 -11.76
N GLU F 95 -45.65 -27.79 -13.06
CA GLU F 95 -44.63 -28.15 -14.05
C GLU F 95 -43.47 -27.17 -14.18
N ARG F 96 -43.54 -25.97 -13.61
CA ARG F 96 -42.32 -25.18 -13.61
C ARG F 96 -41.50 -25.39 -12.34
N GLY F 97 -42.17 -25.60 -11.20
CA GLY F 97 -41.48 -25.91 -9.97
C GLY F 97 -40.80 -27.25 -9.99
N GLU F 98 -41.37 -28.23 -10.67
CA GLU F 98 -40.69 -29.51 -10.80
C GLU F 98 -39.42 -29.37 -11.62
N LEU F 99 -39.45 -28.52 -12.65
CA LEU F 99 -38.24 -28.22 -13.41
C LEU F 99 -37.19 -27.54 -12.54
N PHE F 100 -37.62 -26.59 -11.71
CA PHE F 100 -36.68 -25.92 -10.80
C PHE F 100 -36.08 -26.91 -9.82
N LEU F 101 -36.89 -27.83 -9.31
CA LEU F 101 -36.42 -28.77 -8.30
C LEU F 101 -35.48 -29.81 -8.91
N ARG F 102 -35.77 -30.26 -10.12
CA ARG F 102 -34.87 -31.21 -10.76
C ARG F 102 -33.66 -30.53 -11.39
N ARG F 103 -33.66 -29.20 -11.46
CA ARG F 103 -32.49 -28.47 -11.94
C ARG F 103 -31.51 -28.13 -10.85
N ILE F 104 -31.87 -28.33 -9.58
CA ILE F 104 -30.94 -28.17 -8.47
C ILE F 104 -30.58 -29.48 -7.82
N SER F 105 -31.13 -30.59 -8.31
CA SER F 105 -30.60 -31.90 -7.92
C SER F 105 -29.28 -32.18 -8.60
N LEU F 106 -28.94 -31.43 -9.63
CA LEU F 106 -27.68 -31.56 -10.35
C LEU F 106 -26.67 -30.52 -9.95
N SER F 107 -26.93 -29.80 -8.84
CA SER F 107 -26.09 -28.66 -8.50
C SER F 107 -24.71 -29.09 -8.01
N ARG F 108 -24.68 -30.05 -7.09
CA ARG F 108 -23.42 -30.45 -6.46
C ARG F 108 -22.47 -31.08 -7.46
N ASN F 109 -23.01 -31.82 -8.43
CA ASN F 109 -22.17 -32.41 -9.46
C ASN F 109 -21.54 -31.34 -10.34
N LYS F 110 -22.29 -30.31 -10.71
CA LYS F 110 -21.74 -29.23 -11.50
C LYS F 110 -20.67 -28.46 -10.74
N ILE F 111 -20.92 -28.21 -9.46
CA ILE F 111 -19.93 -27.52 -8.63
C ILE F 111 -18.66 -28.36 -8.52
N ALA F 112 -18.81 -29.67 -8.33
CA ALA F 112 -17.65 -30.55 -8.23
C ALA F 112 -16.86 -30.56 -9.53
N ASP F 113 -17.55 -30.63 -10.67
CA ASP F 113 -16.87 -30.61 -11.96
C ASP F 113 -16.11 -29.31 -12.19
N LEU F 114 -16.64 -28.19 -11.71
CA LEU F 114 -15.91 -26.94 -11.86
C LEU F 114 -14.76 -26.83 -10.87
N CYS F 115 -14.92 -27.32 -9.65
CA CYS F 115 -13.97 -26.98 -8.59
C CYS F 115 -12.84 -27.99 -8.44
N HIS F 116 -13.06 -29.26 -8.79
CA HIS F 116 -12.00 -30.25 -8.61
C HIS F 116 -10.84 -30.03 -9.55
N THR F 117 -10.98 -29.20 -10.58
CA THR F 117 -9.86 -28.85 -11.42
C THR F 117 -8.99 -27.76 -10.82
N PHE F 118 -9.41 -27.18 -9.70
CA PHE F 118 -8.64 -26.13 -9.04
C PHE F 118 -7.74 -26.67 -7.94
N ILE F 119 -7.81 -27.96 -7.64
CA ILE F 119 -6.98 -28.60 -6.64
C ILE F 119 -5.77 -29.19 -7.36
N LYS F 120 -4.57 -28.72 -7.01
CA LYS F 120 -3.37 -29.29 -7.60
C LYS F 120 -3.16 -30.70 -7.08
N ASP F 121 -2.38 -31.48 -7.84
CA ASP F 121 -1.98 -32.79 -7.35
C ASP F 121 -0.98 -32.62 -6.23
N GLY F 122 -1.17 -33.38 -5.15
CA GLY F 122 -0.28 -33.22 -4.01
C GLY F 122 -0.57 -31.99 -3.19
N ALA F 123 -1.75 -31.40 -3.35
CA ALA F 123 -2.11 -30.21 -2.59
C ALA F 123 -2.44 -30.58 -1.16
N THR F 124 -2.80 -29.56 -0.39
CA THR F 124 -3.18 -29.75 1.00
C THR F 124 -4.21 -28.68 1.36
N ILE F 125 -5.47 -29.04 1.29
CA ILE F 125 -6.52 -28.05 1.41
C ILE F 125 -6.84 -27.86 2.88
N LEU F 126 -7.54 -26.79 3.20
CA LEU F 126 -8.08 -26.58 4.53
C LEU F 126 -9.55 -26.29 4.37
N THR F 127 -10.38 -26.94 5.17
CA THR F 127 -11.82 -26.77 5.06
C THR F 127 -12.42 -26.58 6.43
N HIS F 128 -13.56 -25.92 6.46
CA HIS F 128 -14.29 -25.69 7.70
C HIS F 128 -15.28 -26.85 7.90
N ALA F 129 -16.33 -26.63 8.69
CA ALA F 129 -16.94 -27.66 9.52
C ALA F 129 -17.36 -28.91 8.77
N TYR F 130 -18.39 -28.80 7.95
CA TYR F 130 -18.92 -29.94 7.22
C TYR F 130 -19.79 -29.43 6.11
N SER F 131 -19.38 -29.72 4.89
CA SER F 131 -20.15 -29.31 3.74
C SER F 131 -20.38 -30.52 2.87
N ARG F 132 -21.61 -30.73 2.48
CA ARG F 132 -21.93 -31.77 1.52
C ARG F 132 -21.49 -31.39 0.12
N VAL F 133 -21.06 -30.15 -0.09
CA VAL F 133 -20.52 -29.69 -1.36
C VAL F 133 -19.01 -29.79 -1.38
N VAL F 134 -18.33 -29.39 -0.30
CA VAL F 134 -16.89 -29.60 -0.20
C VAL F 134 -16.59 -31.08 -0.25
N LEU F 135 -17.40 -31.89 0.43
CA LEU F 135 -17.23 -33.33 0.39
C LEU F 135 -17.38 -33.85 -1.04
N ARG F 136 -18.32 -33.29 -1.79
N ARG F 136 -18.33 -33.30 -1.79
CA ARG F 136 -18.48 -33.70 -3.18
CA ARG F 136 -18.48 -33.70 -3.18
C ARG F 136 -17.36 -33.18 -4.06
C ARG F 136 -17.35 -33.19 -4.06
N VAL F 137 -16.81 -32.00 -3.75
CA VAL F 137 -15.66 -31.50 -4.51
C VAL F 137 -14.47 -32.43 -4.32
N LEU F 138 -14.23 -32.87 -3.09
CA LEU F 138 -13.14 -33.80 -2.84
C LEU F 138 -13.43 -35.19 -3.37
N GLU F 139 -14.69 -35.61 -3.35
CA GLU F 139 -15.05 -36.90 -3.91
C GLU F 139 -14.84 -36.93 -5.41
N ALA F 140 -15.12 -35.83 -6.10
CA ALA F 140 -14.81 -35.75 -7.51
C ALA F 140 -13.33 -35.55 -7.77
N ALA F 141 -12.61 -34.95 -6.82
CA ALA F 141 -11.18 -34.76 -7.01
C ALA F 141 -10.40 -36.06 -6.83
N VAL F 142 -10.84 -36.95 -5.95
CA VAL F 142 -10.19 -38.25 -5.88
C VAL F 142 -10.66 -39.18 -6.99
N ALA F 143 -11.81 -38.92 -7.59
CA ALA F 143 -12.23 -39.71 -8.74
C ALA F 143 -11.55 -39.27 -10.02
N ALA F 144 -10.85 -38.15 -10.00
CA ALA F 144 -10.02 -37.73 -11.12
C ALA F 144 -8.55 -38.03 -10.87
N LYS F 145 -8.27 -38.95 -9.95
CA LYS F 145 -6.92 -39.43 -9.63
C LYS F 145 -6.00 -38.29 -9.20
N LYS F 146 -6.53 -37.37 -8.40
CA LYS F 146 -5.72 -36.41 -7.68
C LYS F 146 -5.57 -36.90 -6.26
N ARG F 147 -4.40 -36.64 -5.67
CA ARG F 147 -4.15 -37.00 -4.29
C ARG F 147 -3.73 -35.76 -3.53
N PHE F 148 -4.28 -35.59 -2.33
CA PHE F 148 -4.09 -34.37 -1.57
C PHE F 148 -4.24 -34.69 -0.09
N SER F 149 -4.10 -33.66 0.73
CA SER F 149 -4.36 -33.75 2.16
C SER F 149 -5.46 -32.77 2.52
N VAL F 150 -6.27 -33.14 3.50
CA VAL F 150 -7.39 -32.31 3.94
C VAL F 150 -7.16 -31.97 5.40
N TYR F 151 -7.15 -30.68 5.71
CA TYR F 151 -7.21 -30.21 7.08
C TYR F 151 -8.62 -29.72 7.34
N VAL F 152 -9.24 -30.19 8.41
CA VAL F 152 -10.60 -29.77 8.74
C VAL F 152 -10.63 -29.35 10.20
N THR F 153 -11.24 -28.21 10.46
CA THR F 153 -11.41 -27.76 11.83
C THR F 153 -12.60 -28.45 12.45
N GLU F 154 -12.48 -28.81 13.73
CA GLU F 154 -13.56 -29.52 14.40
C GLU F 154 -14.80 -28.66 14.52
N SER F 155 -14.63 -27.35 14.64
CA SER F 155 -15.69 -26.36 14.47
C SER F 155 -16.83 -26.54 15.49
N GLN F 156 -16.49 -26.26 16.73
CA GLN F 156 -17.41 -26.14 17.86
C GLN F 156 -18.60 -25.24 17.52
N PRO F 157 -19.77 -25.46 18.14
CA PRO F 157 -20.11 -26.37 19.23
C PRO F 157 -20.60 -27.76 18.83
N ASP F 158 -20.97 -27.97 17.57
CA ASP F 158 -21.59 -29.24 17.20
C ASP F 158 -20.59 -30.26 16.68
N LEU F 159 -19.31 -29.90 16.58
CA LEU F 159 -18.23 -30.80 16.16
C LEU F 159 -18.51 -31.40 14.78
N SER F 160 -18.85 -30.53 13.83
CA SER F 160 -19.13 -31.01 12.49
C SER F 160 -17.86 -31.41 11.75
N GLY F 161 -16.70 -30.91 12.19
CA GLY F 161 -15.45 -31.30 11.55
C GLY F 161 -15.13 -32.76 11.73
N LYS F 162 -15.43 -33.31 12.91
CA LYS F 162 -15.25 -34.73 13.11
C LYS F 162 -16.21 -35.54 12.25
N LYS F 163 -17.44 -35.05 12.07
CA LYS F 163 -18.38 -35.73 11.19
C LYS F 163 -17.89 -35.71 9.74
N MET F 164 -17.32 -34.59 9.31
CA MET F 164 -16.78 -34.55 7.96
C MET F 164 -15.59 -35.47 7.80
N ALA F 165 -14.66 -35.46 8.76
CA ALA F 165 -13.48 -36.30 8.64
C ALA F 165 -13.83 -37.78 8.75
N LYS F 166 -14.89 -38.13 9.46
CA LYS F 166 -15.38 -39.50 9.42
C LYS F 166 -16.05 -39.80 8.09
N ALA F 167 -16.70 -38.81 7.48
CA ALA F 167 -17.34 -39.00 6.19
C ALA F 167 -16.36 -38.90 5.03
N LEU F 168 -15.13 -38.48 5.29
CA LEU F 168 -14.13 -38.28 4.25
C LEU F 168 -12.96 -39.24 4.39
N CYS F 169 -12.88 -39.98 5.50
CA CYS F 169 -11.86 -41.01 5.63
C CYS F 169 -12.17 -42.21 4.77
N HIS F 170 -13.45 -42.43 4.42
CA HIS F 170 -13.82 -43.52 3.53
C HIS F 170 -13.30 -43.31 2.11
N LEU F 171 -12.97 -42.09 1.75
CA LEU F 171 -12.42 -41.75 0.44
C LEU F 171 -10.93 -42.01 0.34
N ASN F 172 -10.31 -42.52 1.40
CA ASN F 172 -8.87 -42.78 1.49
C ASN F 172 -8.09 -41.50 1.19
N VAL F 173 -8.39 -40.48 1.98
CA VAL F 173 -7.72 -39.18 1.92
C VAL F 173 -7.07 -38.95 3.28
N PRO F 174 -5.84 -38.46 3.33
CA PRO F 174 -5.27 -38.11 4.65
C PRO F 174 -5.95 -36.87 5.20
N VAL F 175 -6.82 -37.07 6.20
CA VAL F 175 -7.60 -35.98 6.76
C VAL F 175 -7.18 -35.77 8.21
N THR F 176 -7.07 -34.51 8.61
CA THR F 176 -6.62 -34.15 9.95
C THR F 176 -7.65 -33.24 10.60
N VAL F 177 -8.18 -33.65 11.74
CA VAL F 177 -9.17 -32.85 12.44
C VAL F 177 -8.44 -31.84 13.31
N VAL F 178 -8.09 -30.69 12.73
CA VAL F 178 -7.30 -29.73 13.46
C VAL F 178 -8.20 -29.05 14.48
N LEU F 179 -7.59 -28.50 15.53
CA LEU F 179 -8.32 -27.82 16.57
C LEU F 179 -8.96 -26.56 16.02
N ASP F 180 -10.06 -26.14 16.65
CA ASP F 180 -10.81 -24.99 16.15
C ASP F 180 -10.01 -23.70 16.25
N ALA F 181 -9.11 -23.62 17.22
CA ALA F 181 -8.29 -22.42 17.42
C ALA F 181 -7.08 -22.38 16.51
N ALA F 182 -6.72 -23.49 15.88
CA ALA F 182 -5.42 -23.60 15.23
C ALA F 182 -5.47 -23.36 13.73
N VAL F 183 -6.35 -22.47 13.26
CA VAL F 183 -6.36 -22.15 11.84
C VAL F 183 -5.13 -21.33 11.48
N GLY F 184 -4.78 -20.34 12.29
CA GLY F 184 -3.60 -19.55 12.03
C GLY F 184 -2.31 -20.32 12.13
N TYR F 185 -2.31 -21.43 12.86
CA TYR F 185 -1.14 -22.29 12.93
C TYR F 185 -0.97 -23.06 11.62
N ILE F 186 -1.98 -23.84 11.23
CA ILE F 186 -1.82 -24.72 10.09
C ILE F 186 -2.07 -23.98 8.80
N MET F 187 -2.23 -22.68 8.86
CA MET F 187 -2.67 -21.97 7.68
C MET F 187 -1.58 -21.92 6.63
N GLU F 188 -0.32 -21.92 7.07
CA GLU F 188 0.80 -22.03 6.14
C GLU F 188 0.96 -23.44 5.59
N LYS F 189 0.39 -24.44 6.24
CA LYS F 189 0.35 -25.79 5.71
C LYS F 189 -0.80 -26.02 4.75
N ALA F 190 -1.40 -24.98 4.21
CA ALA F 190 -2.59 -25.11 3.37
C ALA F 190 -2.32 -24.45 2.03
N ASP F 191 -2.58 -25.18 0.95
CA ASP F 191 -2.42 -24.58 -0.37
C ASP F 191 -3.62 -23.74 -0.76
N LEU F 192 -4.81 -24.12 -0.32
CA LEU F 192 -6.05 -23.48 -0.70
C LEU F 192 -7.10 -23.81 0.35
N VAL F 193 -8.11 -22.97 0.44
CA VAL F 193 -9.17 -23.12 1.43
C VAL F 193 -10.48 -23.29 0.71
N ILE F 194 -11.18 -24.38 0.97
CA ILE F 194 -12.47 -24.65 0.36
C ILE F 194 -13.51 -24.72 1.46
N VAL F 195 -14.49 -23.83 1.42
CA VAL F 195 -15.57 -23.82 2.38
C VAL F 195 -16.88 -23.83 1.61
N GLY F 196 -17.94 -24.32 2.26
CA GLY F 196 -19.25 -24.31 1.68
C GLY F 196 -20.11 -23.26 2.36
N ALA F 197 -20.59 -22.31 1.57
CA ALA F 197 -21.39 -21.22 2.10
C ALA F 197 -22.78 -21.72 2.48
N GLU F 198 -23.31 -21.19 3.58
CA GLU F 198 -24.71 -21.39 3.92
C GLU F 198 -25.60 -20.33 3.30
N GLY F 199 -25.02 -19.29 2.73
CA GLY F 199 -25.73 -18.28 2.00
C GLY F 199 -24.75 -17.31 1.39
N VAL F 200 -25.02 -16.81 0.20
CA VAL F 200 -24.14 -15.85 -0.46
C VAL F 200 -24.88 -14.53 -0.55
N VAL F 201 -24.38 -13.52 0.13
CA VAL F 201 -25.03 -12.22 0.23
C VAL F 201 -24.72 -11.37 -1.00
N GLU F 202 -25.37 -10.21 -1.11
CA GLU F 202 -25.41 -9.46 -2.36
C GLU F 202 -24.07 -8.88 -2.78
N ASN F 203 -23.11 -8.74 -1.89
CA ASN F 203 -21.82 -8.22 -2.34
C ASN F 203 -20.86 -9.31 -2.78
N GLY F 204 -21.29 -10.57 -2.75
CA GLY F 204 -20.43 -11.67 -3.10
C GLY F 204 -19.79 -12.36 -1.93
N GLY F 205 -19.86 -11.79 -0.75
CA GLY F 205 -19.40 -12.47 0.44
C GLY F 205 -20.35 -13.57 0.81
N ILE F 206 -19.97 -14.33 1.84
CA ILE F 206 -20.72 -15.51 2.22
C ILE F 206 -21.08 -15.46 3.69
N ILE F 207 -22.04 -16.29 4.05
CA ILE F 207 -22.43 -16.52 5.43
C ILE F 207 -22.29 -18.01 5.66
N ASN F 208 -21.29 -18.40 6.46
CA ASN F 208 -21.00 -19.80 6.73
C ASN F 208 -20.94 -19.97 8.24
N LYS F 209 -20.74 -21.21 8.69
CA LYS F 209 -20.69 -21.51 10.13
C LYS F 209 -19.56 -20.73 10.79
N ILE F 210 -19.76 -20.43 12.08
CA ILE F 210 -18.91 -19.51 12.81
C ILE F 210 -17.47 -19.99 12.80
N GLY F 211 -16.55 -19.09 12.49
CA GLY F 211 -15.16 -19.43 12.31
C GLY F 211 -14.71 -19.40 10.87
N THR F 212 -15.63 -19.28 9.93
CA THR F 212 -15.24 -19.14 8.53
C THR F 212 -14.55 -17.80 8.28
N ASN F 213 -14.97 -16.76 8.99
CA ASN F 213 -14.40 -15.44 8.77
C ASN F 213 -12.92 -15.40 9.11
N GLN F 214 -12.56 -15.92 10.29
CA GLN F 214 -11.15 -15.92 10.67
C GLN F 214 -10.35 -16.94 9.89
N MET F 215 -11.00 -17.92 9.25
CA MET F 215 -10.30 -18.72 8.26
C MET F 215 -9.94 -17.88 7.05
N ALA F 216 -10.82 -16.98 6.64
CA ALA F 216 -10.55 -16.15 5.48
C ALA F 216 -9.54 -15.06 5.79
N VAL F 217 -9.65 -14.44 6.97
CA VAL F 217 -8.76 -13.33 7.33
C VAL F 217 -7.33 -13.82 7.45
N CYS F 218 -7.14 -15.04 7.97
CA CYS F 218 -5.82 -15.65 7.96
C CYS F 218 -5.38 -15.95 6.53
N ALA F 219 -6.32 -16.38 5.67
CA ALA F 219 -5.99 -16.72 4.29
C ALA F 219 -5.41 -15.53 3.54
N LYS F 220 -6.11 -14.41 3.56
CA LYS F 220 -5.58 -13.22 2.92
C LYS F 220 -4.33 -12.69 3.62
N ALA F 221 -4.12 -13.08 4.88
CA ALA F 221 -2.87 -12.69 5.53
C ALA F 221 -1.68 -13.43 4.96
N GLN F 222 -1.91 -14.58 4.31
CA GLN F 222 -0.85 -15.36 3.72
C GLN F 222 -1.08 -15.61 2.24
N ASN F 223 -2.08 -14.95 1.65
CA ASN F 223 -2.42 -15.05 0.22
C ASN F 223 -2.73 -16.48 -0.20
N LYS F 224 -3.25 -17.29 0.71
CA LYS F 224 -3.79 -18.57 0.30
C LYS F 224 -5.12 -18.33 -0.39
N PRO F 225 -5.38 -18.97 -1.54
CA PRO F 225 -6.67 -18.80 -2.19
C PRO F 225 -7.79 -19.40 -1.34
N PHE F 226 -8.87 -18.63 -1.20
CA PHE F 226 -10.02 -18.99 -0.37
C PHE F 226 -11.18 -19.25 -1.32
N TYR F 227 -11.47 -20.51 -1.57
CA TYR F 227 -12.51 -20.87 -2.51
C TYR F 227 -13.78 -21.22 -1.76
N VAL F 228 -14.91 -20.82 -2.32
CA VAL F 228 -16.22 -21.05 -1.74
C VAL F 228 -17.02 -21.89 -2.72
N VAL F 229 -17.58 -22.99 -2.25
CA VAL F 229 -18.43 -23.78 -3.12
C VAL F 229 -19.88 -23.71 -2.64
N ALA F 230 -20.61 -22.74 -3.14
CA ALA F 230 -22.02 -22.58 -2.82
C ALA F 230 -22.85 -23.09 -3.97
N GLU F 231 -24.16 -22.99 -3.84
CA GLU F 231 -25.10 -23.39 -4.88
C GLU F 231 -25.92 -22.19 -5.30
N SER F 232 -26.76 -22.40 -6.32
CA SER F 232 -27.50 -21.28 -6.90
C SER F 232 -28.60 -20.79 -5.97
N PHE F 233 -29.26 -21.69 -5.26
CA PHE F 233 -30.38 -21.28 -4.40
C PHE F 233 -29.93 -20.64 -3.11
N LYS F 234 -28.65 -20.62 -2.80
CA LYS F 234 -28.16 -20.01 -1.59
C LYS F 234 -27.91 -18.52 -1.74
N PHE F 235 -28.23 -17.95 -2.90
CA PHE F 235 -27.99 -16.54 -3.14
C PHE F 235 -29.06 -15.73 -2.42
N VAL F 236 -28.72 -15.23 -1.25
CA VAL F 236 -29.66 -14.45 -0.45
C VAL F 236 -29.41 -12.98 -0.75
N ARG F 237 -30.44 -12.16 -0.55
CA ARG F 237 -30.45 -10.77 -1.00
C ARG F 237 -29.91 -9.81 0.07
N LEU F 238 -29.41 -10.34 1.19
CA LEU F 238 -28.85 -9.52 2.26
C LEU F 238 -27.62 -8.75 1.79
N PHE F 239 -27.30 -7.68 2.50
CA PHE F 239 -26.08 -6.92 2.26
C PHE F 239 -25.48 -6.51 3.59
N PRO F 240 -24.77 -7.40 4.27
CA PRO F 240 -24.12 -7.01 5.52
C PRO F 240 -22.95 -6.08 5.28
N LEU F 241 -22.68 -5.26 6.28
CA LEU F 241 -21.48 -4.43 6.30
C LEU F 241 -20.54 -4.80 7.43
N ASN F 242 -21.04 -5.49 8.44
CA ASN F 242 -20.23 -6.01 9.54
C ASN F 242 -20.93 -7.25 10.05
N GLN F 243 -20.42 -7.79 11.16
CA GLN F 243 -21.04 -9.00 11.68
C GLN F 243 -22.34 -8.68 12.43
N GLN F 244 -22.59 -7.43 12.80
CA GLN F 244 -23.89 -7.12 13.39
C GLN F 244 -24.99 -7.11 12.34
N ASP F 245 -24.67 -6.78 11.10
CA ASP F 245 -25.69 -6.66 10.06
C ASP F 245 -26.28 -7.98 9.63
N VAL F 246 -25.66 -9.10 9.99
CA VAL F 246 -26.33 -10.39 9.82
C VAL F 246 -27.51 -10.45 10.77
N PRO F 247 -28.70 -10.82 10.30
CA PRO F 247 -29.87 -10.82 11.18
C PRO F 247 -29.75 -11.85 12.28
N ASP F 248 -30.39 -11.56 13.41
CA ASP F 248 -30.42 -12.52 14.50
C ASP F 248 -31.30 -13.73 14.19
N LYS F 249 -32.05 -13.68 13.09
CA LYS F 249 -32.74 -14.89 12.64
C LYS F 249 -31.75 -15.99 12.32
N PHE F 250 -30.68 -15.64 11.62
CA PHE F 250 -29.74 -16.60 11.07
C PHE F 250 -28.62 -16.95 12.01
N LYS F 251 -28.25 -16.03 12.89
CA LYS F 251 -27.07 -16.23 13.73
C LYS F 251 -27.34 -17.22 14.84
N TYR F 252 -28.55 -17.22 15.38
CA TYR F 252 -28.87 -18.04 16.54
C TYR F 252 -29.90 -19.08 16.19
N LYS F 253 -29.58 -20.36 16.45
CA LYS F 253 -30.52 -21.44 16.22
C LYS F 253 -31.61 -21.52 17.28
N ALA F 254 -31.40 -20.93 18.45
CA ALA F 254 -32.39 -20.95 19.52
C ALA F 254 -33.11 -19.62 19.62
N LEU F 266 -20.04 -14.87 33.29
CA LEU F 266 -19.77 -16.17 32.68
C LEU F 266 -20.92 -16.59 31.78
N LYS F 267 -21.27 -15.73 30.82
CA LYS F 267 -22.38 -15.98 29.91
C LYS F 267 -21.84 -16.29 28.52
N GLU F 268 -22.44 -17.28 27.87
CA GLU F 268 -21.99 -17.72 26.56
C GLU F 268 -22.64 -16.84 25.51
N GLU F 269 -21.99 -16.66 24.36
CA GLU F 269 -22.63 -15.90 23.29
C GLU F 269 -23.18 -16.80 22.20
N HIS F 270 -22.32 -17.56 21.52
CA HIS F 270 -22.69 -18.49 20.45
C HIS F 270 -23.56 -17.95 19.33
N PRO F 271 -23.01 -17.15 18.43
CA PRO F 271 -23.59 -17.07 17.09
C PRO F 271 -23.24 -18.34 16.34
N TRP F 272 -24.05 -18.68 15.34
CA TRP F 272 -23.76 -19.88 14.57
C TRP F 272 -23.22 -19.57 13.19
N VAL F 273 -23.35 -18.34 12.71
CA VAL F 273 -22.86 -17.95 11.40
C VAL F 273 -22.11 -16.64 11.53
N ASP F 274 -21.28 -16.34 10.54
CA ASP F 274 -20.67 -15.02 10.47
C ASP F 274 -20.38 -14.67 9.03
N TYR F 275 -20.29 -13.38 8.78
CA TYR F 275 -20.18 -12.86 7.42
C TYR F 275 -18.72 -12.77 7.03
N THR F 276 -18.39 -13.25 5.84
CA THR F 276 -17.07 -13.16 5.27
C THR F 276 -17.08 -12.12 4.16
N ALA F 277 -16.20 -11.13 4.26
CA ALA F 277 -16.19 -10.04 3.30
C ALA F 277 -15.78 -10.54 1.92
N PRO F 278 -16.27 -9.93 0.84
CA PRO F 278 -15.95 -10.43 -0.49
C PRO F 278 -14.52 -10.20 -0.91
N SER F 279 -13.81 -9.30 -0.23
CA SER F 279 -12.39 -9.12 -0.52
C SER F 279 -11.57 -10.32 -0.08
N LEU F 280 -12.05 -11.08 0.89
CA LEU F 280 -11.33 -12.24 1.38
C LEU F 280 -11.54 -13.47 0.52
N ILE F 281 -12.51 -13.46 -0.39
CA ILE F 281 -12.88 -14.63 -1.17
C ILE F 281 -12.23 -14.55 -2.53
N THR F 282 -11.55 -15.62 -2.93
CA THR F 282 -10.90 -15.62 -4.23
C THR F 282 -11.88 -15.94 -5.35
N LEU F 283 -12.63 -17.03 -5.22
CA LEU F 283 -13.59 -17.41 -6.24
C LEU F 283 -14.74 -18.16 -5.58
N LEU F 284 -15.91 -18.09 -6.21
CA LEU F 284 -17.06 -18.88 -5.78
C LEU F 284 -17.39 -19.89 -6.86
N PHE F 285 -17.50 -21.16 -6.48
CA PHE F 285 -17.83 -22.19 -7.44
C PHE F 285 -19.31 -22.54 -7.32
N THR F 286 -20.14 -21.60 -7.76
CA THR F 286 -21.57 -21.82 -7.64
C THR F 286 -22.05 -22.76 -8.73
N ASP F 287 -23.35 -23.08 -8.69
CA ASP F 287 -23.97 -23.87 -9.74
C ASP F 287 -23.81 -23.24 -11.11
N LEU F 288 -24.09 -21.96 -11.20
CA LEU F 288 -24.14 -21.25 -12.47
C LEU F 288 -22.79 -20.71 -12.92
N GLY F 289 -21.78 -21.56 -12.80
CA GLY F 289 -20.45 -21.26 -13.26
C GLY F 289 -19.55 -20.74 -12.16
N VAL F 290 -18.25 -20.74 -12.45
CA VAL F 290 -17.28 -20.13 -11.55
C VAL F 290 -17.49 -18.62 -11.57
N LEU F 291 -17.48 -18.01 -10.40
CA LEU F 291 -17.83 -16.61 -10.25
C LEU F 291 -16.74 -15.88 -9.49
N THR F 292 -16.38 -14.73 -9.99
CA THR F 292 -15.68 -13.74 -9.19
C THR F 292 -16.66 -13.29 -8.10
N PRO F 293 -16.18 -12.86 -6.93
CA PRO F 293 -17.12 -12.33 -5.93
C PRO F 293 -17.95 -11.15 -6.42
N SER F 294 -17.43 -10.35 -7.34
CA SER F 294 -18.24 -9.30 -7.94
C SER F 294 -19.37 -9.89 -8.78
N ALA F 295 -19.08 -10.96 -9.51
CA ALA F 295 -20.03 -11.53 -10.46
C ALA F 295 -21.31 -11.97 -9.79
N VAL F 296 -21.21 -12.38 -8.52
CA VAL F 296 -22.36 -12.83 -7.75
C VAL F 296 -23.44 -11.77 -7.74
N SER F 297 -23.05 -10.51 -7.57
CA SER F 297 -24.02 -9.43 -7.50
C SER F 297 -24.87 -9.37 -8.74
N ASP F 298 -24.25 -9.51 -9.93
CA ASP F 298 -25.00 -9.50 -11.17
C ASP F 298 -26.02 -10.59 -11.18
N GLU F 299 -25.60 -11.79 -10.76
CA GLU F 299 -26.48 -12.94 -10.80
C GLU F 299 -27.65 -12.73 -9.87
N LEU F 300 -27.40 -12.09 -8.73
CA LEU F 300 -28.49 -11.80 -7.81
C LEU F 300 -29.50 -10.86 -8.44
N ILE F 301 -29.01 -9.85 -9.16
CA ILE F 301 -29.91 -8.98 -9.91
C ILE F 301 -30.71 -9.79 -10.91
N LYS F 302 -30.05 -10.72 -11.60
CA LYS F 302 -30.74 -11.54 -12.59
C LYS F 302 -31.71 -12.50 -11.93
N LEU F 303 -31.47 -12.86 -10.68
CA LEU F 303 -32.40 -13.77 -10.02
C LEU F 303 -33.54 -13.01 -9.37
N TYR F 304 -33.47 -11.68 -9.37
CA TYR F 304 -34.56 -10.82 -8.91
C TYR F 304 -34.77 -9.58 -9.75
N LEU F 305 -34.49 -9.64 -11.06
CA LEU F 305 -34.89 -8.63 -12.05
C LEU F 305 -34.44 -7.19 -11.76
N PRO G 41 16.08 -22.73 -54.87
CA PRO G 41 15.79 -24.13 -55.17
C PRO G 41 15.29 -24.87 -53.94
N PRO G 42 14.58 -25.98 -54.13
CA PRO G 42 14.14 -26.78 -52.98
C PRO G 42 15.33 -27.41 -52.26
N LEU G 43 15.18 -27.60 -50.96
CA LEU G 43 16.22 -28.20 -50.14
C LEU G 43 15.94 -29.69 -49.98
N GLN G 44 16.93 -30.51 -50.27
CA GLN G 44 16.83 -31.95 -50.12
C GLN G 44 17.56 -32.38 -48.85
N ALA G 45 17.54 -33.67 -48.58
CA ALA G 45 18.36 -34.23 -47.50
C ALA G 45 18.58 -35.70 -47.75
N VAL G 46 19.72 -36.17 -47.28
CA VAL G 46 20.05 -37.59 -47.26
C VAL G 46 20.20 -38.01 -45.81
N LEU G 47 19.48 -39.05 -45.42
CA LEU G 47 19.39 -39.50 -44.05
C LEU G 47 19.84 -40.95 -44.03
N VAL G 48 21.06 -41.17 -43.55
CA VAL G 48 21.63 -42.51 -43.52
C VAL G 48 21.08 -43.22 -42.30
N ALA G 49 19.98 -43.95 -42.47
CA ALA G 49 19.25 -44.50 -41.35
C ALA G 49 19.83 -45.79 -40.83
N ASP G 50 21.09 -46.08 -41.13
CA ASP G 50 21.79 -47.23 -40.56
C ASP G 50 23.19 -46.75 -40.19
N SER G 51 23.42 -46.52 -38.91
CA SER G 51 24.75 -46.17 -38.44
C SER G 51 25.65 -47.39 -38.59
N PHE G 52 26.77 -47.21 -39.30
CA PHE G 52 27.55 -48.34 -39.77
C PHE G 52 28.66 -48.74 -38.82
N ASP G 53 28.70 -48.16 -37.63
CA ASP G 53 29.60 -48.59 -36.58
C ASP G 53 28.82 -49.52 -35.66
N ARG G 54 29.41 -50.67 -35.35
CA ARG G 54 28.70 -51.68 -34.56
C ARG G 54 28.85 -51.25 -33.10
N ARG G 55 28.06 -50.25 -32.72
CA ARG G 55 28.32 -49.50 -31.50
C ARG G 55 27.33 -49.80 -30.39
N PHE G 56 26.06 -50.03 -30.71
CA PHE G 56 25.06 -50.32 -29.70
C PHE G 56 24.89 -51.81 -29.46
N PHE G 57 25.76 -52.63 -30.01
CA PHE G 57 25.91 -54.07 -29.81
C PHE G 57 25.88 -54.37 -28.32
N PRO G 58 24.96 -55.22 -27.81
CA PRO G 58 23.94 -56.07 -28.42
C PRO G 58 22.54 -55.50 -28.57
N ILE G 59 22.34 -54.21 -28.27
CA ILE G 59 21.01 -53.63 -28.48
C ILE G 59 20.72 -53.55 -29.97
N SER G 60 21.76 -53.41 -30.80
CA SER G 60 21.58 -53.37 -32.24
C SER G 60 21.20 -54.72 -32.83
N LYS G 61 21.29 -55.81 -32.07
CA LYS G 61 20.99 -57.13 -32.61
C LYS G 61 19.48 -57.32 -32.78
N ASP G 62 18.68 -56.84 -31.84
CA ASP G 62 17.24 -57.09 -31.85
C ASP G 62 16.41 -55.87 -32.25
N GLN G 63 16.93 -54.66 -32.13
CA GLN G 63 16.30 -53.46 -32.65
C GLN G 63 17.39 -52.64 -33.32
N PRO G 64 17.12 -52.03 -34.47
CA PRO G 64 18.10 -51.15 -35.07
C PRO G 64 18.33 -49.94 -34.19
N ARG G 65 19.57 -49.45 -34.17
CA ARG G 65 19.96 -48.38 -33.27
C ARG G 65 19.51 -47.01 -33.75
N VAL G 66 18.64 -46.98 -34.75
CA VAL G 66 17.96 -45.76 -35.16
C VAL G 66 16.51 -45.77 -34.68
N LEU G 67 15.95 -46.93 -34.40
CA LEU G 67 14.55 -47.08 -34.00
C LEU G 67 14.34 -47.29 -32.52
N LEU G 68 15.39 -47.41 -31.74
CA LEU G 68 15.23 -47.56 -30.30
C LEU G 68 14.77 -46.24 -29.70
N PRO G 69 13.83 -46.25 -28.76
CA PRO G 69 13.26 -44.98 -28.29
C PRO G 69 14.23 -44.18 -27.44
N LEU G 70 14.33 -42.89 -27.74
CA LEU G 70 15.14 -42.01 -26.90
C LEU G 70 14.39 -41.62 -25.63
N ALA G 71 13.35 -40.82 -25.77
CA ALA G 71 12.46 -40.48 -24.68
C ALA G 71 11.08 -40.76 -25.23
N ASN G 72 10.69 -42.03 -25.18
CA ASN G 72 9.46 -42.60 -25.73
C ASN G 72 9.31 -42.40 -27.23
N VAL G 73 10.33 -41.87 -27.90
CA VAL G 73 10.28 -41.52 -29.31
C VAL G 73 11.55 -42.05 -29.95
N ALA G 74 11.41 -42.72 -31.10
CA ALA G 74 12.56 -43.24 -31.81
C ALA G 74 13.43 -42.09 -32.31
N LEU G 75 14.73 -42.36 -32.43
CA LEU G 75 15.69 -41.33 -32.80
C LEU G 75 15.43 -40.76 -34.18
N ILE G 76 14.99 -41.59 -35.12
CA ILE G 76 14.76 -41.09 -36.47
C ILE G 76 13.64 -40.07 -36.46
N ASP G 77 12.64 -40.26 -35.59
CA ASP G 77 11.55 -39.31 -35.46
C ASP G 77 12.02 -37.98 -34.91
N TYR G 78 13.18 -37.92 -34.28
CA TYR G 78 13.77 -36.61 -34.02
C TYR G 78 14.36 -36.03 -35.29
N THR G 79 15.29 -36.75 -35.93
CA THR G 79 16.04 -36.14 -37.02
C THR G 79 15.15 -35.83 -38.20
N LEU G 80 14.17 -36.70 -38.49
CA LEU G 80 13.18 -36.41 -39.51
C LEU G 80 12.43 -35.14 -39.19
N GLU G 81 11.98 -35.01 -37.93
CA GLU G 81 11.30 -33.79 -37.51
C GLU G 81 12.25 -32.61 -37.61
N PHE G 82 13.52 -32.83 -37.25
CA PHE G 82 14.55 -31.82 -37.45
C PHE G 82 14.56 -31.32 -38.87
N LEU G 83 14.56 -32.24 -39.84
CA LEU G 83 14.61 -31.82 -41.23
C LEU G 83 13.34 -31.09 -41.61
N THR G 84 12.20 -31.54 -41.07
CA THR G 84 10.95 -30.85 -41.33
C THR G 84 10.95 -29.46 -40.72
N ALA G 85 11.66 -29.28 -39.61
CA ALA G 85 11.77 -27.95 -39.04
C ALA G 85 12.67 -27.06 -39.85
N THR G 86 13.65 -27.66 -40.56
CA THR G 86 14.61 -26.86 -41.31
C THR G 86 13.98 -26.29 -42.57
N GLY G 87 13.07 -27.03 -43.19
CA GLY G 87 12.47 -26.62 -44.44
C GLY G 87 12.81 -27.59 -45.54
N VAL G 88 12.98 -28.85 -45.17
CA VAL G 88 13.52 -29.87 -46.06
C VAL G 88 12.37 -30.65 -46.68
N GLN G 89 12.35 -30.69 -48.00
CA GLN G 89 11.57 -31.68 -48.73
C GLN G 89 12.50 -32.76 -49.24
N GLU G 90 11.92 -33.89 -49.65
CA GLU G 90 12.64 -34.98 -50.32
C GLU G 90 13.78 -35.54 -49.46
N THR G 91 13.41 -36.06 -48.30
CA THR G 91 14.38 -36.57 -47.33
C THR G 91 14.62 -38.05 -47.59
N PHE G 92 15.58 -38.35 -48.46
CA PHE G 92 15.90 -39.74 -48.77
C PHE G 92 16.37 -40.48 -47.55
N VAL G 93 15.86 -41.69 -47.34
CA VAL G 93 16.17 -42.48 -46.15
C VAL G 93 16.82 -43.76 -46.61
N PHE G 94 18.08 -43.94 -46.24
CA PHE G 94 18.86 -45.09 -46.68
C PHE G 94 18.93 -46.10 -45.55
N CYS G 95 18.39 -47.29 -45.77
CA CYS G 95 18.37 -48.34 -44.77
C CYS G 95 19.04 -49.59 -45.32
N CYS G 96 20.01 -50.12 -44.56
CA CYS G 96 20.59 -51.41 -44.88
C CYS G 96 20.34 -52.45 -43.79
N TRP G 97 20.75 -52.18 -42.56
CA TRP G 97 20.68 -53.17 -41.49
C TRP G 97 19.27 -53.14 -40.89
N LYS G 98 18.54 -54.23 -41.09
CA LYS G 98 17.17 -54.40 -40.59
C LYS G 98 16.25 -53.29 -41.09
N ALA G 99 16.11 -53.23 -42.42
CA ALA G 99 15.25 -52.23 -43.03
C ALA G 99 13.78 -52.57 -42.89
N ALA G 100 13.44 -53.80 -42.50
CA ALA G 100 12.04 -54.17 -42.33
C ALA G 100 11.40 -53.37 -41.21
N GLN G 101 12.04 -53.35 -40.04
CA GLN G 101 11.52 -52.60 -38.91
C GLN G 101 11.47 -51.10 -39.21
N ILE G 102 12.53 -50.58 -39.83
CA ILE G 102 12.61 -49.16 -40.09
C ILE G 102 11.55 -48.71 -41.08
N LYS G 103 11.37 -49.48 -42.16
CA LYS G 103 10.38 -49.10 -43.16
C LYS G 103 8.96 -49.27 -42.62
N GLU G 104 8.69 -50.37 -41.91
CA GLU G 104 7.36 -50.56 -41.37
C GLU G 104 7.05 -49.58 -40.25
N HIS G 105 8.06 -48.98 -39.63
CA HIS G 105 7.79 -47.93 -38.67
C HIS G 105 7.61 -46.58 -39.36
N LEU G 106 8.38 -46.33 -40.42
CA LEU G 106 8.26 -45.07 -41.14
C LEU G 106 6.91 -44.93 -41.80
N LEU G 107 6.41 -46.00 -42.43
CA LEU G 107 5.12 -45.90 -43.11
C LEU G 107 3.97 -45.75 -42.13
N LYS G 108 4.15 -46.12 -40.86
CA LYS G 108 3.18 -45.81 -39.83
C LYS G 108 3.59 -44.60 -39.01
N SER G 109 4.52 -43.80 -39.50
CA SER G 109 4.96 -42.60 -38.82
C SER G 109 4.33 -41.37 -39.44
N LYS G 110 4.71 -40.20 -38.93
CA LYS G 110 4.08 -38.95 -39.30
C LYS G 110 4.46 -38.49 -40.71
N TRP G 111 5.68 -38.77 -41.14
CA TRP G 111 6.21 -38.16 -42.35
C TRP G 111 5.90 -38.95 -43.61
N CYS G 112 5.31 -40.13 -43.49
CA CYS G 112 4.86 -40.88 -44.65
C CYS G 112 3.40 -40.63 -45.01
N ARG G 113 2.71 -39.78 -44.27
CA ARG G 113 1.38 -39.40 -44.72
C ARG G 113 1.49 -38.27 -45.75
N PRO G 114 0.51 -38.16 -46.66
CA PRO G 114 0.58 -37.11 -47.69
C PRO G 114 0.45 -35.69 -47.14
N THR G 115 0.03 -35.53 -45.88
CA THR G 115 -0.09 -34.21 -45.31
C THR G 115 1.27 -33.59 -45.06
N SER G 116 2.28 -34.41 -44.79
CA SER G 116 3.61 -33.90 -44.46
C SER G 116 4.27 -33.27 -45.67
N LEU G 117 4.85 -32.09 -45.45
CA LEU G 117 5.62 -31.40 -46.49
C LEU G 117 7.08 -31.81 -46.44
N ASN G 118 7.30 -33.12 -46.32
CA ASN G 118 8.65 -33.67 -46.31
C ASN G 118 8.50 -35.12 -46.79
N VAL G 119 8.65 -35.33 -48.09
CA VAL G 119 8.50 -36.68 -48.63
C VAL G 119 9.78 -37.44 -48.38
N VAL G 120 9.68 -38.75 -48.17
CA VAL G 120 10.80 -39.53 -47.67
C VAL G 120 11.47 -40.36 -48.77
N ARG G 121 10.73 -41.19 -49.50
CA ARG G 121 11.28 -42.07 -50.53
C ARG G 121 12.40 -42.95 -49.97
N ILE G 122 12.00 -43.88 -49.10
CA ILE G 122 12.92 -44.83 -48.48
C ILE G 122 13.68 -45.60 -49.55
N ILE G 123 15.01 -45.55 -49.48
CA ILE G 123 15.86 -46.34 -50.36
C ILE G 123 16.40 -47.52 -49.56
N THR G 124 16.02 -48.72 -49.95
CA THR G 124 16.39 -49.94 -49.24
C THR G 124 17.36 -50.75 -50.08
N SER G 125 18.54 -51.03 -49.53
CA SER G 125 19.49 -51.91 -50.20
C SER G 125 20.44 -52.49 -49.17
N GLU G 126 20.85 -53.72 -49.41
CA GLU G 126 21.85 -54.40 -48.58
C GLU G 126 23.26 -54.18 -49.09
N LEU G 127 23.44 -53.39 -50.14
CA LEU G 127 24.76 -53.16 -50.70
C LEU G 127 25.59 -52.24 -49.82
N TYR G 128 24.93 -51.42 -49.01
CA TYR G 128 25.66 -50.42 -48.22
C TYR G 128 26.38 -51.08 -47.06
N ARG G 129 27.68 -50.89 -47.00
CA ARG G 129 28.46 -51.26 -45.84
C ARG G 129 28.97 -50.07 -45.05
N SER G 130 28.94 -48.87 -45.64
CA SER G 130 29.39 -47.67 -44.96
C SER G 130 28.69 -46.47 -45.58
N LEU G 131 28.96 -45.28 -45.01
CA LEU G 131 28.41 -44.05 -45.54
C LEU G 131 28.92 -43.78 -46.95
N GLY G 132 30.13 -44.27 -47.26
CA GLY G 132 30.67 -44.10 -48.59
C GLY G 132 29.84 -44.79 -49.64
N ASP G 133 29.33 -45.99 -49.33
CA ASP G 133 28.45 -46.68 -50.26
C ASP G 133 27.14 -45.93 -50.43
N VAL G 134 26.68 -45.25 -49.38
CA VAL G 134 25.45 -44.49 -49.46
C VAL G 134 25.61 -43.29 -50.37
N LEU G 135 26.69 -42.52 -50.18
CA LEU G 135 26.88 -41.33 -51.02
C LEU G 135 27.33 -41.71 -52.42
N ARG G 136 27.90 -42.90 -52.60
CA ARG G 136 28.17 -43.37 -53.95
C ARG G 136 26.91 -43.85 -54.64
N ASP G 137 25.93 -44.30 -53.85
CA ASP G 137 24.65 -44.71 -54.44
C ASP G 137 23.79 -43.49 -54.76
N VAL G 138 24.14 -42.33 -54.20
CA VAL G 138 23.48 -41.10 -54.63
C VAL G 138 23.81 -40.81 -56.08
N ASP G 139 25.08 -40.94 -56.47
CA ASP G 139 25.41 -40.97 -57.87
C ASP G 139 25.02 -42.31 -58.47
N ALA G 140 24.95 -42.34 -59.80
CA ALA G 140 24.31 -43.34 -60.66
C ALA G 140 22.80 -43.37 -60.45
N LYS G 141 22.26 -42.50 -59.59
CA LYS G 141 20.83 -42.28 -59.44
C LYS G 141 20.48 -40.80 -59.43
N ALA G 142 21.45 -39.91 -59.21
CA ALA G 142 21.32 -38.46 -59.36
C ALA G 142 20.20 -37.89 -58.50
N LEU G 143 20.09 -38.42 -57.28
CA LEU G 143 18.96 -38.07 -56.41
C LEU G 143 19.01 -36.61 -55.99
N VAL G 144 20.20 -36.03 -55.88
CA VAL G 144 20.35 -34.65 -55.47
C VAL G 144 20.80 -33.86 -56.69
N ARG G 145 20.26 -32.64 -56.82
CA ARG G 145 20.62 -31.74 -57.90
C ARG G 145 20.99 -30.36 -57.40
N SER G 146 20.86 -30.12 -56.10
CA SER G 146 21.37 -28.94 -55.45
C SER G 146 22.04 -29.39 -54.15
N ASP G 147 22.47 -28.43 -53.36
CA ASP G 147 23.07 -28.76 -52.07
C ASP G 147 22.03 -29.36 -51.14
N PHE G 148 22.44 -30.36 -50.38
CA PHE G 148 21.54 -31.14 -49.54
C PHE G 148 22.14 -31.28 -48.16
N LEU G 149 21.28 -31.56 -47.18
CA LEU G 149 21.71 -31.82 -45.82
C LEU G 149 22.05 -33.29 -45.70
N LEU G 150 23.19 -33.61 -45.12
CA LEU G 150 23.52 -34.99 -44.82
C LEU G 150 23.52 -35.15 -43.31
N VAL G 151 22.35 -35.48 -42.75
CA VAL G 151 22.30 -35.91 -41.36
C VAL G 151 22.57 -37.39 -41.40
N TYR G 152 22.90 -37.98 -40.26
CA TYR G 152 23.38 -39.35 -40.25
C TYR G 152 22.34 -40.28 -39.61
N GLY G 153 21.10 -39.82 -39.49
CA GLY G 153 20.00 -40.68 -39.15
C GLY G 153 19.70 -40.80 -37.68
N ASP G 154 20.64 -40.45 -36.81
CA ASP G 154 20.41 -40.46 -35.37
C ASP G 154 20.74 -39.11 -34.74
N VAL G 155 20.79 -38.05 -35.55
CA VAL G 155 20.97 -36.70 -35.06
C VAL G 155 19.73 -36.28 -34.26
N ILE G 156 19.93 -35.46 -33.25
CA ILE G 156 18.84 -34.91 -32.44
C ILE G 156 19.14 -33.44 -32.26
N SER G 157 18.33 -32.58 -32.85
CA SER G 157 18.69 -31.17 -32.89
C SER G 157 17.47 -30.32 -33.21
N ASN G 158 17.56 -29.04 -32.83
CA ASN G 158 16.62 -28.03 -33.25
C ASN G 158 17.31 -26.97 -34.10
N ILE G 159 18.36 -27.35 -34.83
CA ILE G 159 19.12 -26.42 -35.63
C ILE G 159 18.26 -25.91 -36.77
N ASN G 160 18.39 -24.62 -37.07
CA ASN G 160 17.74 -24.01 -38.23
C ASN G 160 18.83 -23.78 -39.27
N ILE G 161 18.86 -24.63 -40.29
CA ILE G 161 19.80 -24.46 -41.40
C ILE G 161 19.10 -23.56 -42.41
N THR G 162 19.13 -22.29 -42.13
CA THR G 162 18.85 -21.25 -43.11
C THR G 162 19.94 -20.20 -43.11
N ARG G 163 20.46 -19.83 -41.94
CA ARG G 163 21.64 -18.99 -41.87
C ARG G 163 22.83 -19.73 -42.44
N ALA G 164 23.03 -20.97 -42.02
CA ALA G 164 24.15 -21.77 -42.52
C ALA G 164 23.98 -22.11 -43.98
N LEU G 165 22.77 -22.42 -44.41
CA LEU G 165 22.54 -22.74 -45.82
C LEU G 165 22.73 -21.52 -46.70
N GLU G 166 22.27 -20.35 -46.25
CA GLU G 166 22.47 -19.14 -47.04
C GLU G 166 23.93 -18.71 -47.06
N GLU G 167 24.67 -18.94 -45.97
CA GLU G 167 26.09 -18.66 -45.99
C GLU G 167 26.82 -19.64 -46.88
N HIS G 168 26.38 -20.90 -46.92
CA HIS G 168 27.00 -21.89 -47.79
C HIS G 168 26.76 -21.55 -49.25
N ARG G 169 25.53 -21.20 -49.60
CA ARG G 169 25.22 -20.85 -50.99
C ARG G 169 25.88 -19.53 -51.38
N LEU G 170 26.10 -18.64 -50.43
CA LEU G 170 26.73 -17.36 -50.74
C LEU G 170 28.17 -17.54 -51.19
N ARG G 171 28.92 -18.42 -50.53
CA ARG G 171 30.31 -18.68 -50.90
C ARG G 171 30.46 -19.92 -51.77
N ARG G 172 29.36 -20.36 -52.39
CA ARG G 172 29.34 -21.42 -53.37
C ARG G 172 29.31 -20.89 -54.80
N LYS G 173 28.42 -19.95 -55.07
CA LYS G 173 28.42 -19.25 -56.35
C LYS G 173 29.55 -18.24 -56.46
N LEU G 174 30.02 -17.72 -55.32
CA LEU G 174 30.99 -16.64 -55.34
C LEU G 174 32.37 -17.11 -55.81
N GLU G 175 32.86 -18.22 -55.25
CA GLU G 175 34.17 -18.74 -55.60
C GLU G 175 34.10 -19.95 -56.52
N LYS G 176 32.92 -20.25 -57.07
CA LYS G 176 32.74 -21.20 -58.17
C LYS G 176 33.24 -22.60 -57.80
N ASN G 177 32.52 -23.21 -56.86
CA ASN G 177 32.72 -24.59 -56.40
C ASN G 177 34.05 -24.77 -55.68
N VAL G 178 34.52 -23.74 -54.99
CA VAL G 178 35.63 -23.93 -54.07
C VAL G 178 35.19 -24.78 -52.89
N SER G 179 34.04 -24.46 -52.31
CA SER G 179 33.51 -25.16 -51.15
C SER G 179 32.66 -26.35 -51.57
N VAL G 180 32.73 -27.43 -50.78
CA VAL G 180 31.94 -28.61 -51.08
C VAL G 180 31.06 -28.99 -49.90
N MET G 181 31.36 -28.47 -48.72
CA MET G 181 30.64 -28.87 -47.52
C MET G 181 30.66 -27.71 -46.54
N THR G 182 29.66 -27.69 -45.65
CA THR G 182 29.59 -26.72 -44.57
C THR G 182 29.16 -27.48 -43.32
N MET G 183 30.14 -27.96 -42.56
CA MET G 183 29.86 -28.72 -41.34
C MET G 183 29.22 -27.83 -40.30
N ILE G 184 28.30 -28.39 -39.53
CA ILE G 184 27.61 -27.65 -38.49
C ILE G 184 28.08 -28.13 -37.14
N PHE G 185 28.77 -27.25 -36.43
CA PHE G 185 29.29 -27.54 -35.10
C PHE G 185 28.53 -26.71 -34.08
N LYS G 186 28.34 -27.26 -32.90
CA LYS G 186 27.71 -26.54 -31.80
C LYS G 186 28.78 -26.01 -30.88
N GLU G 187 28.65 -24.75 -30.48
CA GLU G 187 29.64 -24.16 -29.59
C GLU G 187 29.46 -24.73 -28.20
N SER G 188 30.20 -25.77 -27.89
CA SER G 188 30.10 -26.46 -26.63
C SER G 188 31.22 -26.02 -25.70
N SER G 189 31.38 -26.74 -24.60
CA SER G 189 32.54 -26.61 -23.73
C SER G 189 33.13 -27.99 -23.57
N PRO G 190 34.46 -28.13 -23.59
CA PRO G 190 35.07 -29.47 -23.73
C PRO G 190 34.77 -30.42 -22.59
N SER G 191 34.37 -29.91 -21.43
CA SER G 191 33.96 -30.76 -20.31
C SER G 191 32.44 -30.72 -20.22
N HIS G 192 31.80 -31.52 -21.05
CA HIS G 192 30.36 -31.61 -21.09
C HIS G 192 29.95 -33.07 -21.22
N PRO G 193 28.82 -33.46 -20.63
CA PRO G 193 28.34 -34.83 -20.81
C PRO G 193 28.04 -35.20 -22.24
N THR G 194 27.61 -34.24 -23.06
CA THR G 194 27.29 -34.51 -24.45
C THR G 194 28.54 -34.80 -25.27
N ARG G 195 29.70 -34.33 -24.85
CA ARG G 195 30.94 -34.63 -25.53
C ARG G 195 31.54 -35.91 -24.96
N CYS G 196 31.53 -36.97 -25.76
CA CYS G 196 31.70 -38.32 -25.22
C CYS G 196 33.15 -38.66 -24.89
N HIS G 197 34.11 -37.80 -25.25
CA HIS G 197 35.54 -38.11 -25.29
C HIS G 197 35.82 -39.31 -26.18
N GLU G 198 34.97 -39.50 -27.19
CA GLU G 198 35.21 -40.44 -28.27
C GLU G 198 35.06 -39.76 -29.63
N ASP G 199 34.51 -38.56 -29.70
CA ASP G 199 34.48 -37.79 -30.93
C ASP G 199 35.40 -36.60 -30.83
N ASN G 200 35.11 -35.64 -29.93
CA ASN G 200 35.94 -34.52 -29.50
C ASN G 200 36.86 -33.92 -30.56
N VAL G 201 36.32 -33.63 -31.74
CA VAL G 201 37.16 -33.23 -32.84
C VAL G 201 37.68 -31.82 -32.62
N VAL G 202 38.98 -31.64 -32.82
CA VAL G 202 39.61 -30.32 -32.81
C VAL G 202 39.81 -29.90 -34.25
N VAL G 203 39.63 -28.61 -34.52
CA VAL G 203 39.76 -28.08 -35.88
C VAL G 203 40.68 -26.88 -35.85
N ALA G 204 41.20 -26.54 -37.02
CA ALA G 204 41.93 -25.30 -37.24
C ALA G 204 41.14 -24.51 -38.27
N VAL G 205 40.60 -23.37 -37.85
CA VAL G 205 39.64 -22.64 -38.65
C VAL G 205 40.19 -21.25 -38.94
N ASP G 206 40.02 -20.79 -40.17
CA ASP G 206 40.36 -19.43 -40.56
C ASP G 206 39.20 -18.53 -40.15
N SER G 207 39.38 -17.76 -39.08
CA SER G 207 38.27 -17.08 -38.43
C SER G 207 37.63 -16.00 -39.29
N THR G 208 38.30 -15.55 -40.35
CA THR G 208 37.71 -14.53 -41.20
C THR G 208 36.76 -15.11 -42.25
N THR G 209 36.90 -16.39 -42.59
CA THR G 209 36.07 -17.01 -43.60
C THR G 209 35.50 -18.36 -43.16
N ASN G 210 35.77 -18.79 -41.93
CA ASN G 210 35.24 -20.00 -41.31
C ASN G 210 35.63 -21.27 -42.06
N ARG G 211 36.69 -21.22 -42.85
CA ARG G 211 37.13 -22.42 -43.56
C ARG G 211 37.82 -23.38 -42.59
N VAL G 212 37.46 -24.66 -42.67
CA VAL G 212 38.15 -25.68 -41.89
C VAL G 212 39.45 -26.03 -42.59
N LEU G 213 40.57 -25.85 -41.89
CA LEU G 213 41.89 -26.17 -42.45
C LEU G 213 42.46 -27.46 -41.90
N HIS G 214 42.10 -27.83 -40.67
CA HIS G 214 42.53 -29.10 -40.09
C HIS G 214 41.35 -29.71 -39.37
N PHE G 215 41.38 -31.04 -39.23
CA PHE G 215 40.28 -31.75 -38.61
C PHE G 215 40.78 -33.13 -38.20
N GLN G 216 40.68 -33.45 -36.92
CA GLN G 216 41.06 -34.79 -36.49
C GLN G 216 40.26 -35.18 -35.26
N LYS G 217 39.98 -36.48 -35.16
CA LYS G 217 39.30 -37.03 -33.99
C LYS G 217 40.32 -37.25 -32.89
N THR G 218 40.09 -36.65 -31.74
CA THR G 218 41.01 -36.78 -30.61
C THR G 218 40.52 -37.83 -29.63
N GLN G 219 40.45 -39.08 -30.11
CA GLN G 219 39.95 -40.15 -29.27
C GLN G 219 40.97 -40.53 -28.22
N GLY G 220 42.11 -41.08 -28.64
CA GLY G 220 43.21 -41.27 -27.72
C GLY G 220 44.36 -40.34 -28.04
N LEU G 221 44.49 -39.26 -27.25
CA LEU G 221 45.50 -38.25 -27.51
C LEU G 221 45.68 -37.42 -26.25
N ARG G 222 46.91 -36.96 -26.03
CA ARG G 222 47.21 -36.01 -24.97
C ARG G 222 47.72 -34.68 -25.49
N ARG G 223 48.50 -34.69 -26.57
CA ARG G 223 48.95 -33.48 -27.24
C ARG G 223 48.55 -33.55 -28.71
N PHE G 224 48.06 -32.43 -29.24
CA PHE G 224 47.43 -32.41 -30.56
C PHE G 224 48.40 -31.87 -31.60
N ALA G 225 48.62 -32.64 -32.66
CA ALA G 225 49.59 -32.28 -33.68
C ALA G 225 48.90 -31.52 -34.81
N PHE G 226 49.28 -30.26 -35.01
CA PHE G 226 48.76 -29.44 -36.10
C PHE G 226 49.90 -29.12 -37.05
N PRO G 227 49.85 -29.58 -38.30
CA PRO G 227 50.94 -29.28 -39.24
C PRO G 227 51.03 -27.79 -39.54
N LEU G 228 52.25 -27.34 -39.81
CA LEU G 228 52.53 -25.93 -40.01
C LEU G 228 52.24 -25.47 -41.43
N SER G 229 51.80 -26.37 -42.32
CA SER G 229 51.47 -26.00 -43.68
C SER G 229 50.26 -25.08 -43.77
N LEU G 230 49.40 -25.11 -42.76
CA LEU G 230 48.15 -24.33 -42.75
C LEU G 230 48.34 -22.91 -42.27
N PHE G 231 49.37 -22.23 -42.75
CA PHE G 231 49.66 -20.87 -42.34
C PHE G 231 50.07 -20.01 -43.53
N VAL G 238 44.24 -17.73 -37.87
CA VAL G 238 44.02 -19.16 -38.00
C VAL G 238 43.75 -19.74 -36.61
N GLU G 239 42.51 -19.61 -36.18
CA GLU G 239 42.11 -20.07 -34.85
C GLU G 239 42.13 -21.60 -34.78
N VAL G 240 42.37 -22.11 -33.58
CA VAL G 240 42.29 -23.54 -33.30
C VAL G 240 41.26 -23.72 -32.19
N ARG G 241 40.19 -24.46 -32.49
CA ARG G 241 39.04 -24.55 -31.61
C ARG G 241 38.82 -25.98 -31.15
N TYR G 242 38.65 -26.15 -29.85
CA TYR G 242 38.28 -27.44 -29.27
C TYR G 242 36.85 -27.43 -28.73
N ASP G 243 36.22 -26.27 -28.64
CA ASP G 243 34.87 -26.15 -28.10
C ASP G 243 33.81 -26.37 -29.18
N LEU G 244 33.93 -27.46 -29.92
CA LEU G 244 33.04 -27.71 -31.04
C LEU G 244 32.47 -29.12 -30.92
N LEU G 245 31.19 -29.21 -30.56
CA LEU G 245 30.47 -30.46 -30.65
C LEU G 245 30.18 -30.75 -32.12
N ASP G 246 30.49 -31.98 -32.55
CA ASP G 246 30.58 -32.32 -33.97
C ASP G 246 29.22 -32.22 -34.66
N CYS G 247 28.21 -32.87 -34.08
CA CYS G 247 26.79 -32.67 -34.37
C CYS G 247 26.32 -33.24 -35.71
N HIS G 248 27.24 -33.54 -36.63
CA HIS G 248 27.01 -34.33 -37.85
C HIS G 248 25.82 -33.85 -38.70
N ILE G 249 25.77 -32.55 -38.98
CA ILE G 249 24.71 -31.99 -39.83
C ILE G 249 25.34 -31.29 -41.03
N SER G 250 26.36 -31.90 -41.62
CA SER G 250 27.00 -31.32 -42.80
C SER G 250 26.00 -31.06 -43.92
N ILE G 251 26.26 -29.98 -44.68
CA ILE G 251 25.33 -29.42 -45.66
C ILE G 251 25.94 -29.63 -47.04
N CYS G 252 26.55 -30.78 -47.23
CA CYS G 252 27.42 -31.03 -48.38
C CYS G 252 26.72 -30.84 -49.72
N SER G 253 27.41 -30.13 -50.61
CA SER G 253 26.96 -29.91 -51.98
C SER G 253 27.05 -31.22 -52.75
N PRO G 254 26.34 -31.35 -53.89
CA PRO G 254 26.35 -32.62 -54.63
C PRO G 254 27.71 -33.05 -55.16
N GLN G 255 28.67 -32.12 -55.27
CA GLN G 255 30.05 -32.49 -55.62
C GLN G 255 30.62 -33.51 -54.65
N VAL G 256 30.20 -33.46 -53.38
CA VAL G 256 30.63 -34.45 -52.40
C VAL G 256 30.23 -35.85 -52.84
N ALA G 257 29.01 -36.01 -53.36
CA ALA G 257 28.62 -37.30 -53.92
C ALA G 257 29.48 -37.66 -55.13
N GLN G 258 29.92 -36.64 -55.89
CA GLN G 258 30.93 -36.88 -56.92
C GLN G 258 32.27 -37.25 -56.30
N LEU G 259 32.67 -36.57 -55.23
CA LEU G 259 33.98 -36.83 -54.62
C LEU G 259 34.02 -38.13 -53.83
N PHE G 260 32.90 -38.79 -53.61
CA PHE G 260 32.94 -40.13 -53.03
C PHE G 260 33.04 -41.21 -54.08
N THR G 261 32.60 -40.94 -55.31
CA THR G 261 32.56 -41.97 -56.33
C THR G 261 33.91 -42.15 -57.02
N ASP G 262 34.53 -41.04 -57.44
CA ASP G 262 35.81 -41.13 -58.14
C ASP G 262 36.90 -41.65 -57.22
N ASN G 263 36.91 -41.19 -55.96
CA ASN G 263 37.81 -41.73 -54.94
C ASN G 263 37.02 -42.78 -54.18
N PHE G 264 37.06 -44.01 -54.67
CA PHE G 264 36.29 -45.11 -54.08
C PHE G 264 36.76 -45.46 -52.68
N ASP G 265 37.97 -45.05 -52.29
CA ASP G 265 38.56 -45.46 -51.02
C ASP G 265 37.85 -44.89 -49.80
N TYR G 266 37.04 -43.83 -49.97
CA TYR G 266 36.40 -43.25 -48.80
C TYR G 266 35.28 -44.12 -48.29
N GLN G 267 35.06 -44.07 -46.98
CA GLN G 267 34.01 -44.86 -46.37
C GLN G 267 33.08 -44.00 -45.52
N THR G 268 33.62 -42.97 -44.88
CA THR G 268 32.82 -42.17 -43.96
C THR G 268 33.20 -40.70 -44.09
N ARG G 269 32.43 -39.86 -43.42
CA ARG G 269 32.60 -38.41 -43.53
C ARG G 269 33.93 -37.97 -42.92
N ASP G 270 34.35 -38.62 -41.84
CA ASP G 270 35.64 -38.32 -41.24
C ASP G 270 36.77 -38.61 -42.21
N ASP G 271 36.68 -39.74 -42.91
CA ASP G 271 37.65 -40.06 -43.96
C ASP G 271 37.63 -39.01 -45.05
N PHE G 272 36.44 -38.51 -45.40
CA PHE G 272 36.33 -37.52 -46.48
C PHE G 272 36.98 -36.20 -46.09
N VAL G 273 36.69 -35.71 -44.88
CA VAL G 273 37.24 -34.43 -44.46
C VAL G 273 38.75 -34.54 -44.26
N ARG G 274 39.23 -35.67 -43.72
CA ARG G 274 40.67 -35.83 -43.59
C ARG G 274 41.34 -35.98 -44.94
N GLY G 275 40.72 -36.71 -45.87
CA GLY G 275 41.35 -36.98 -47.15
C GLY G 275 41.25 -35.86 -48.16
N LEU G 276 40.39 -34.87 -47.92
CA LEU G 276 40.36 -33.75 -48.84
C LEU G 276 41.08 -32.52 -48.28
N LEU G 277 41.28 -32.45 -46.97
CA LEU G 277 42.15 -31.42 -46.42
C LEU G 277 43.63 -31.71 -46.63
N VAL G 278 43.99 -32.81 -47.26
CA VAL G 278 45.36 -33.06 -47.70
C VAL G 278 45.55 -32.82 -49.19
N ASN G 279 44.47 -32.61 -49.94
CA ASN G 279 44.57 -32.38 -51.37
C ASN G 279 44.77 -30.89 -51.67
N ASN G 285 36.71 -28.01 -53.22
CA ASN G 285 37.68 -28.72 -52.40
C ASN G 285 38.05 -27.92 -51.16
N GLN G 286 37.05 -27.42 -50.43
CA GLN G 286 37.30 -26.54 -49.30
C GLN G 286 36.14 -26.69 -48.32
N ILE G 287 36.29 -27.53 -47.31
CA ILE G 287 35.25 -27.67 -46.29
C ILE G 287 35.22 -26.41 -45.44
N HIS G 288 34.09 -25.73 -45.44
CA HIS G 288 33.90 -24.62 -44.52
C HIS G 288 33.04 -25.11 -43.37
N MET G 289 32.65 -24.21 -42.47
CA MET G 289 31.84 -24.62 -41.34
C MET G 289 31.01 -23.44 -40.85
N HIS G 290 29.97 -23.78 -40.10
CA HIS G 290 29.13 -22.80 -39.42
C HIS G 290 28.92 -23.26 -38.00
N VAL G 291 29.06 -22.36 -37.04
CA VAL G 291 29.02 -22.70 -35.63
C VAL G 291 27.78 -22.07 -35.02
N THR G 292 26.93 -22.88 -34.42
CA THR G 292 25.75 -22.42 -33.73
C THR G 292 26.03 -22.32 -32.23
N ALA G 293 25.27 -21.45 -31.57
CA ALA G 293 25.50 -21.24 -30.15
C ALA G 293 24.20 -21.30 -29.37
N LYS G 294 23.09 -21.01 -30.03
CA LYS G 294 21.80 -20.91 -29.37
C LYS G 294 20.88 -22.09 -29.68
N GLU G 295 21.38 -23.11 -30.37
CA GLU G 295 20.53 -24.22 -30.76
C GLU G 295 21.23 -25.54 -30.51
N TYR G 296 20.47 -26.53 -30.04
CA TYR G 296 21.03 -27.82 -29.67
C TYR G 296 21.34 -28.66 -30.89
N GLY G 297 22.36 -29.49 -30.77
CA GLY G 297 22.63 -30.47 -31.79
C GLY G 297 23.64 -31.50 -31.37
N ALA G 298 23.30 -32.77 -31.52
CA ALA G 298 24.14 -33.88 -31.09
C ALA G 298 23.59 -35.17 -31.65
N ARG G 299 24.44 -36.09 -32.11
CA ARG G 299 23.91 -37.39 -32.45
C ARG G 299 24.11 -38.37 -31.31
N VAL G 300 23.68 -39.61 -31.54
CA VAL G 300 23.57 -40.59 -30.46
C VAL G 300 24.50 -41.77 -30.77
N SER G 301 25.73 -41.45 -31.15
CA SER G 301 26.79 -42.40 -31.53
C SER G 301 26.85 -43.57 -30.56
N ASN G 302 27.03 -43.37 -29.27
CA ASN G 302 27.14 -44.47 -28.34
C ASN G 302 26.12 -44.35 -27.20
N LEU G 303 26.15 -45.30 -26.27
CA LEU G 303 25.14 -45.34 -25.24
C LEU G 303 25.39 -44.32 -24.15
N HIS G 304 26.65 -43.89 -23.98
CA HIS G 304 26.95 -42.76 -23.10
C HIS G 304 26.29 -41.49 -23.59
N MET G 305 26.50 -41.16 -24.86
CA MET G 305 25.96 -39.90 -25.36
C MET G 305 24.47 -40.06 -25.65
N TYR G 306 23.98 -41.30 -25.69
CA TYR G 306 22.55 -41.55 -25.60
C TYR G 306 21.99 -41.00 -24.30
N SER G 307 22.62 -41.35 -23.18
CA SER G 307 22.14 -40.88 -21.89
C SER G 307 22.26 -39.36 -21.80
N ALA G 308 23.33 -38.80 -22.35
CA ALA G 308 23.49 -37.34 -22.32
C ALA G 308 22.39 -36.65 -23.13
N VAL G 309 22.10 -37.12 -24.34
CA VAL G 309 21.10 -36.45 -25.16
C VAL G 309 19.70 -36.71 -24.62
N CYS G 310 19.44 -37.88 -24.04
CA CYS G 310 18.14 -38.13 -23.46
C CYS G 310 17.91 -37.29 -22.21
N ALA G 311 18.96 -37.02 -21.44
CA ALA G 311 18.79 -36.10 -20.32
C ALA G 311 18.68 -34.67 -20.78
N ASP G 312 19.25 -34.34 -21.95
CA ASP G 312 19.11 -32.98 -22.47
C ASP G 312 17.73 -32.75 -23.07
N VAL G 313 17.11 -33.77 -23.65
CA VAL G 313 15.79 -33.61 -24.23
C VAL G 313 14.74 -33.44 -23.14
N ILE G 314 14.86 -34.21 -22.06
CA ILE G 314 13.93 -34.11 -20.94
C ILE G 314 14.00 -32.74 -20.30
N ARG G 315 15.21 -32.20 -20.17
CA ARG G 315 15.39 -30.88 -19.59
C ARG G 315 15.16 -29.75 -20.58
N ARG G 316 14.46 -30.03 -21.68
CA ARG G 316 13.96 -29.05 -22.63
C ARG G 316 15.06 -28.28 -23.35
N TRP G 317 16.24 -28.88 -23.51
CA TRP G 317 17.29 -28.18 -24.23
C TRP G 317 17.07 -28.16 -25.73
N VAL G 318 16.05 -28.86 -26.22
CA VAL G 318 15.85 -29.05 -27.65
C VAL G 318 14.45 -28.49 -27.92
N TYR G 319 14.12 -27.36 -27.24
CA TYR G 319 12.77 -26.89 -26.85
C TYR G 319 11.61 -27.20 -27.81
N PRO G 320 11.68 -27.01 -29.13
CA PRO G 320 10.56 -27.47 -29.96
C PRO G 320 10.39 -28.98 -29.96
N LEU G 321 11.31 -29.74 -29.37
CA LEU G 321 11.27 -31.20 -29.36
C LEU G 321 11.21 -31.74 -27.95
N THR G 322 10.48 -31.09 -27.07
CA THR G 322 10.27 -31.63 -25.73
C THR G 322 9.22 -32.73 -25.77
N PRO G 323 9.24 -33.65 -24.78
CA PRO G 323 8.28 -34.76 -24.79
C PRO G 323 6.83 -34.35 -24.71
N GLU G 324 6.52 -33.24 -24.06
CA GLU G 324 5.15 -32.78 -23.99
C GLU G 324 4.70 -32.05 -25.24
N ALA G 325 5.63 -31.69 -26.13
CA ALA G 325 5.25 -31.05 -27.38
C ALA G 325 4.56 -32.04 -28.30
N ASN G 326 4.90 -33.32 -28.19
CA ASN G 326 4.37 -34.40 -29.03
C ASN G 326 4.57 -34.08 -30.51
N PHE G 327 5.84 -33.89 -30.87
CA PHE G 327 6.17 -33.46 -32.22
C PHE G 327 5.84 -34.55 -33.24
N THR G 328 5.94 -35.80 -32.85
CA THR G 328 5.26 -36.86 -33.60
C THR G 328 3.80 -36.88 -33.14
N ASP G 329 2.89 -36.91 -34.10
CA ASP G 329 1.48 -36.78 -33.75
C ASP G 329 0.84 -38.12 -33.41
N SER G 330 1.48 -38.86 -32.52
CA SER G 330 0.93 -40.11 -32.03
C SER G 330 0.00 -39.83 -30.87
N THR G 331 -1.04 -40.64 -30.75
CA THR G 331 -1.99 -40.49 -29.65
C THR G 331 -1.49 -41.13 -28.37
N THR G 332 -0.42 -41.92 -28.43
CA THR G 332 0.09 -42.66 -27.30
C THR G 332 1.33 -42.02 -26.68
N GLN G 333 1.58 -40.75 -26.97
CA GLN G 333 2.76 -40.08 -26.44
C GLN G 333 2.46 -38.66 -26.00
N SER G 334 1.24 -38.40 -25.55
CA SER G 334 0.91 -37.10 -24.99
C SER G 334 1.47 -37.01 -23.57
N CYS G 335 1.79 -35.79 -23.15
CA CYS G 335 2.41 -35.59 -21.84
C CYS G 335 1.97 -34.25 -21.28
N THR G 336 2.22 -34.05 -20.01
CA THR G 336 1.97 -32.78 -19.32
C THR G 336 3.22 -32.43 -18.52
N HIS G 337 3.93 -31.41 -18.96
CA HIS G 337 5.13 -30.95 -18.25
C HIS G 337 4.71 -30.29 -16.95
N SER G 338 4.88 -30.98 -15.83
CA SER G 338 4.25 -30.44 -14.63
C SER G 338 5.07 -29.38 -13.90
N ARG G 339 6.13 -29.75 -13.18
CA ARG G 339 6.78 -28.74 -12.36
C ARG G 339 8.30 -28.75 -12.42
N HIS G 340 8.89 -29.94 -12.40
CA HIS G 340 10.34 -30.07 -12.37
C HIS G 340 10.78 -30.91 -13.55
N ASN G 341 10.23 -30.59 -14.72
CA ASN G 341 10.31 -31.43 -15.92
C ASN G 341 9.79 -32.83 -15.62
N ILE G 342 8.72 -32.91 -14.84
CA ILE G 342 8.04 -34.16 -14.57
C ILE G 342 6.90 -34.28 -15.57
N TYR G 343 7.06 -35.16 -16.54
CA TYR G 343 6.04 -35.41 -17.54
C TYR G 343 5.37 -36.72 -17.23
N ARG G 344 4.05 -36.72 -17.14
CA ARG G 344 3.28 -37.94 -16.97
C ARG G 344 2.31 -38.09 -18.12
N GLY G 345 2.32 -39.25 -18.76
CA GLY G 345 1.44 -39.48 -19.87
C GLY G 345 0.01 -39.68 -19.44
N PRO G 346 -0.85 -39.98 -20.41
CA PRO G 346 -2.27 -40.19 -20.08
C PRO G 346 -2.47 -41.53 -19.41
N GLU G 347 -3.27 -41.52 -18.34
CA GLU G 347 -3.61 -42.71 -17.55
C GLU G 347 -2.35 -43.39 -17.00
N VAL G 348 -1.64 -42.66 -16.16
CA VAL G 348 -0.39 -43.18 -15.61
C VAL G 348 -0.61 -43.82 -14.23
N SER G 349 -1.49 -43.26 -13.40
CA SER G 349 -1.87 -43.80 -12.09
C SER G 349 -0.64 -43.96 -11.18
N LEU G 350 -0.10 -42.80 -10.81
CA LEU G 350 0.96 -42.76 -9.82
C LEU G 350 0.47 -43.28 -8.48
N GLY G 351 1.34 -43.99 -7.78
CA GLY G 351 0.97 -44.63 -6.52
C GLY G 351 0.89 -43.63 -5.38
N HIS G 352 0.85 -44.17 -4.16
CA HIS G 352 0.70 -43.36 -2.97
C HIS G 352 2.04 -43.21 -2.27
N GLY G 353 2.42 -41.97 -1.99
CA GLY G 353 3.67 -41.70 -1.33
C GLY G 353 4.90 -41.76 -2.21
N SER G 354 4.73 -42.09 -3.49
CA SER G 354 5.85 -42.10 -4.41
C SER G 354 6.23 -40.69 -4.79
N ILE G 355 7.53 -40.45 -4.89
CA ILE G 355 8.06 -39.11 -5.15
C ILE G 355 8.77 -39.13 -6.49
N LEU G 356 8.30 -38.31 -7.42
CA LEU G 356 9.03 -38.02 -8.64
C LEU G 356 9.70 -36.67 -8.44
N GLU G 357 11.01 -36.68 -8.22
CA GLU G 357 11.69 -35.44 -7.87
C GLU G 357 11.81 -34.52 -9.08
N GLU G 358 12.51 -34.96 -10.12
CA GLU G 358 12.73 -34.09 -11.26
C GLU G 358 13.10 -34.92 -12.48
N ASN G 359 12.86 -34.32 -13.65
CA ASN G 359 13.29 -34.85 -14.95
C ASN G 359 12.78 -36.26 -15.21
N VAL G 360 11.53 -36.51 -14.85
CA VAL G 360 10.90 -37.81 -15.04
C VAL G 360 9.98 -37.75 -16.24
N LEU G 361 10.01 -38.78 -17.06
CA LEU G 361 9.06 -38.95 -18.14
C LEU G 361 8.35 -40.27 -17.96
N LEU G 362 7.02 -40.24 -17.90
CA LEU G 362 6.21 -41.42 -17.69
C LEU G 362 5.31 -41.63 -18.89
N GLY G 363 5.32 -42.82 -19.46
CA GLY G 363 4.50 -43.11 -20.61
C GLY G 363 3.07 -43.41 -20.22
N SER G 364 2.28 -43.78 -21.22
CA SER G 364 0.86 -44.03 -21.01
C SER G 364 0.66 -45.47 -20.53
N GLY G 365 0.12 -45.62 -19.32
CA GLY G 365 -0.11 -46.94 -18.77
C GLY G 365 1.03 -47.39 -17.87
N THR G 366 1.42 -46.54 -16.94
CA THR G 366 2.67 -46.63 -16.21
C THR G 366 2.40 -46.62 -14.72
N VAL G 367 1.58 -47.59 -14.28
CA VAL G 367 1.25 -47.70 -12.86
C VAL G 367 2.53 -47.83 -12.03
N ILE G 368 2.65 -46.97 -11.04
CA ILE G 368 3.81 -46.89 -10.16
C ILE G 368 3.35 -47.33 -8.77
N GLY G 369 4.19 -48.09 -8.08
CA GLY G 369 3.83 -48.56 -6.76
C GLY G 369 3.81 -47.48 -5.69
N SER G 370 3.87 -47.90 -4.43
CA SER G 370 3.77 -46.99 -3.30
C SER G 370 5.15 -46.74 -2.71
N ASN G 371 5.39 -45.49 -2.30
CA ASN G 371 6.64 -45.04 -1.69
C ASN G 371 7.85 -45.31 -2.59
N CYS G 372 7.70 -45.06 -3.88
CA CYS G 372 8.79 -45.15 -4.82
C CYS G 372 9.58 -43.84 -4.83
N PHE G 373 10.63 -43.79 -5.66
CA PHE G 373 11.43 -42.58 -5.76
C PHE G 373 12.10 -42.58 -7.13
N ILE G 374 11.53 -41.83 -8.06
CA ILE G 374 11.98 -41.84 -9.45
C ILE G 374 12.54 -40.46 -9.78
N THR G 375 13.81 -40.42 -10.18
CA THR G 375 14.44 -39.18 -10.59
C THR G 375 15.13 -39.38 -11.93
N ASN G 376 15.19 -38.30 -12.70
CA ASN G 376 16.12 -38.15 -13.83
C ASN G 376 15.99 -39.26 -14.86
N SER G 377 14.81 -39.84 -15.01
CA SER G 377 14.70 -41.07 -15.77
C SER G 377 13.51 -41.03 -16.71
N VAL G 378 13.42 -42.05 -17.55
CA VAL G 378 12.34 -42.22 -18.52
C VAL G 378 11.79 -43.62 -18.33
N ILE G 379 10.48 -43.72 -18.10
CA ILE G 379 9.90 -44.99 -17.68
C ILE G 379 9.19 -45.75 -18.79
N GLY G 380 8.76 -45.08 -19.86
CA GLY G 380 8.34 -45.80 -21.04
C GLY G 380 6.85 -45.95 -21.18
N PRO G 381 6.39 -46.11 -22.42
CA PRO G 381 4.95 -46.09 -22.70
C PRO G 381 4.25 -47.39 -22.40
N GLY G 382 3.90 -47.59 -21.14
CA GLY G 382 3.11 -48.73 -20.74
C GLY G 382 3.98 -49.77 -20.09
N CYS G 383 4.01 -49.77 -18.76
CA CYS G 383 4.90 -50.66 -18.02
C CYS G 383 4.47 -50.64 -16.57
N HIS G 384 4.95 -51.63 -15.82
CA HIS G 384 4.52 -51.84 -14.44
C HIS G 384 5.71 -51.68 -13.52
N ILE G 385 5.63 -50.71 -12.62
CA ILE G 385 6.66 -50.48 -11.61
C ILE G 385 6.02 -50.71 -10.24
N GLY G 386 6.64 -51.57 -9.45
CA GLY G 386 6.11 -51.96 -8.17
C GLY G 386 6.48 -51.02 -7.04
N ASP G 387 6.47 -51.56 -5.83
CA ASP G 387 6.56 -50.76 -4.62
C ASP G 387 8.00 -50.50 -4.21
N ASN G 388 8.22 -49.33 -3.63
CA ASN G 388 9.44 -48.99 -2.88
C ASN G 388 10.69 -49.05 -3.75
N VAL G 389 10.55 -48.87 -5.06
CA VAL G 389 11.69 -48.93 -5.95
C VAL G 389 12.44 -47.60 -5.91
N VAL G 390 13.66 -47.63 -6.44
CA VAL G 390 14.43 -46.43 -6.69
C VAL G 390 14.90 -46.49 -8.14
N LEU G 391 14.56 -45.47 -8.91
CA LEU G 391 14.86 -45.44 -10.34
C LEU G 391 15.55 -44.12 -10.62
N ASP G 392 16.87 -44.10 -10.56
CA ASP G 392 17.60 -42.84 -10.66
C ASP G 392 18.46 -43.00 -11.92
N GLN G 393 18.50 -41.96 -12.76
CA GLN G 393 19.06 -41.98 -14.13
C GLN G 393 18.71 -43.23 -14.94
N THR G 394 17.58 -43.89 -14.71
CA THR G 394 17.32 -45.08 -15.49
C THR G 394 16.69 -44.72 -16.83
N TYR G 395 16.52 -45.72 -17.69
CA TYR G 395 15.80 -45.53 -18.94
C TYR G 395 15.08 -46.85 -19.20
N LEU G 396 13.75 -46.83 -19.06
CA LEU G 396 12.95 -48.03 -19.14
C LEU G 396 12.08 -47.96 -20.40
N TRP G 397 12.16 -48.98 -21.23
CA TRP G 397 11.45 -48.92 -22.51
C TRP G 397 10.08 -49.57 -22.35
N GLN G 398 9.40 -49.85 -23.47
CA GLN G 398 7.98 -50.20 -23.44
C GLN G 398 7.76 -51.57 -22.80
N GLY G 399 7.24 -51.55 -21.57
CA GLY G 399 6.91 -52.77 -20.88
C GLY G 399 8.06 -53.23 -20.02
N VAL G 400 7.96 -53.03 -18.71
CA VAL G 400 8.90 -53.63 -17.76
C VAL G 400 8.11 -54.09 -16.54
N ARG G 401 8.66 -55.09 -15.88
CA ARG G 401 8.19 -55.59 -14.60
C ARG G 401 9.30 -55.31 -13.59
N VAL G 402 9.16 -54.24 -12.83
CA VAL G 402 10.03 -53.96 -11.70
C VAL G 402 9.21 -54.24 -10.44
N ALA G 403 9.63 -55.25 -9.69
CA ALA G 403 8.71 -55.89 -8.74
C ALA G 403 8.61 -55.10 -7.43
N ALA G 404 9.72 -54.99 -6.69
CA ALA G 404 9.66 -54.35 -5.39
C ALA G 404 11.06 -54.02 -4.92
N GLY G 405 11.21 -52.86 -4.27
CA GLY G 405 12.39 -52.53 -3.51
C GLY G 405 13.68 -52.43 -4.29
N ALA G 406 13.60 -52.35 -5.62
CA ALA G 406 14.79 -52.37 -6.43
C ALA G 406 15.50 -51.02 -6.39
N GLN G 407 16.78 -51.04 -6.74
CA GLN G 407 17.68 -49.90 -6.53
C GLN G 407 18.43 -49.56 -7.82
N ILE G 408 17.70 -49.35 -8.90
CA ILE G 408 18.32 -49.16 -10.21
C ILE G 408 18.86 -47.74 -10.29
N HIS G 409 20.15 -47.60 -10.64
CA HIS G 409 20.76 -46.29 -10.44
C HIS G 409 21.45 -45.60 -11.62
N GLN G 410 21.95 -46.31 -12.65
CA GLN G 410 22.30 -45.61 -13.88
C GLN G 410 22.02 -46.44 -15.13
N SER G 411 21.00 -47.29 -15.08
CA SER G 411 20.96 -48.40 -16.02
C SER G 411 20.32 -48.02 -17.35
N LEU G 412 20.02 -49.05 -18.13
CA LEU G 412 19.11 -48.97 -19.27
C LEU G 412 18.38 -50.30 -19.33
N LEU G 413 17.07 -50.28 -19.15
CA LEU G 413 16.25 -51.48 -19.25
C LEU G 413 15.49 -51.42 -20.57
N CYS G 414 15.75 -52.36 -21.46
CA CYS G 414 15.08 -52.36 -22.75
C CYS G 414 13.65 -52.86 -22.59
N ASP G 415 12.95 -52.94 -23.72
CA ASP G 415 11.54 -53.28 -23.70
C ASP G 415 11.31 -54.75 -23.35
N ASN G 416 10.20 -55.00 -22.66
CA ASN G 416 9.77 -56.32 -22.19
C ASN G 416 10.78 -56.96 -21.24
N ALA G 417 11.60 -56.16 -20.57
CA ALA G 417 12.57 -56.67 -19.61
C ALA G 417 11.94 -56.73 -18.23
N GLU G 418 12.04 -57.88 -17.58
CA GLU G 418 11.45 -58.11 -16.27
C GLU G 418 12.54 -58.23 -15.23
N VAL G 419 12.30 -57.69 -14.04
CA VAL G 419 13.17 -57.95 -12.90
C VAL G 419 12.30 -58.34 -11.71
N LYS G 420 12.88 -59.14 -10.82
CA LYS G 420 12.14 -59.74 -9.72
C LYS G 420 12.25 -58.85 -8.48
N GLU G 421 11.89 -59.40 -7.33
CA GLU G 421 11.91 -58.65 -6.09
C GLU G 421 13.33 -58.57 -5.53
N ARG G 422 13.66 -57.41 -4.96
CA ARG G 422 14.95 -57.14 -4.30
C ARG G 422 16.14 -57.38 -5.24
N VAL G 423 16.17 -56.59 -6.31
CA VAL G 423 17.25 -56.61 -7.29
C VAL G 423 17.94 -55.25 -7.27
N THR G 424 19.26 -55.25 -7.35
CA THR G 424 20.05 -54.07 -7.03
C THR G 424 21.02 -53.80 -8.18
N LEU G 425 20.45 -53.60 -9.37
CA LEU G 425 21.23 -53.18 -10.54
C LEU G 425 22.08 -51.97 -10.23
N LYS G 426 23.35 -52.04 -10.58
CA LYS G 426 24.32 -51.00 -10.34
C LYS G 426 24.47 -50.12 -11.58
N PRO G 427 25.18 -49.00 -11.48
CA PRO G 427 25.37 -48.11 -12.65
C PRO G 427 25.88 -48.78 -13.92
N ARG G 428 25.49 -48.19 -15.05
CA ARG G 428 25.97 -48.53 -16.39
C ARG G 428 25.59 -49.95 -16.80
N SER G 429 24.57 -50.52 -16.17
CA SER G 429 24.10 -51.85 -16.51
C SER G 429 23.05 -51.75 -17.60
N VAL G 430 23.08 -52.68 -18.55
CA VAL G 430 22.15 -52.70 -19.67
C VAL G 430 21.41 -54.03 -19.67
N LEU G 431 20.09 -53.96 -19.71
CA LEU G 431 19.25 -55.15 -19.80
C LEU G 431 18.54 -55.10 -21.14
N THR G 432 18.90 -56.02 -22.04
CA THR G 432 18.39 -56.00 -23.40
C THR G 432 16.96 -56.58 -23.38
N SER G 433 16.32 -56.70 -24.53
CA SER G 433 14.89 -57.01 -24.60
C SER G 433 14.59 -58.42 -24.08
N GLN G 434 13.43 -58.54 -23.44
CA GLN G 434 12.83 -59.80 -23.00
C GLN G 434 13.67 -60.56 -21.99
N VAL G 435 14.56 -59.88 -21.26
CA VAL G 435 15.36 -60.56 -20.26
C VAL G 435 14.59 -60.59 -18.94
N VAL G 436 14.96 -61.56 -18.09
CA VAL G 436 14.40 -61.70 -16.75
C VAL G 436 15.57 -61.82 -15.79
N VAL G 437 15.54 -61.04 -14.71
CA VAL G 437 16.59 -61.06 -13.70
C VAL G 437 15.96 -61.46 -12.37
N GLY G 438 16.52 -62.50 -11.74
CA GLY G 438 15.88 -63.16 -10.62
C GLY G 438 15.92 -62.38 -9.32
N PRO G 439 15.50 -63.01 -8.23
CA PRO G 439 15.17 -62.28 -7.00
C PRO G 439 16.36 -61.93 -6.11
N ASN G 440 17.59 -62.20 -6.50
CA ASN G 440 18.71 -61.84 -5.64
C ASN G 440 19.93 -61.32 -6.41
N ILE G 441 19.80 -61.07 -7.72
CA ILE G 441 20.96 -60.78 -8.55
C ILE G 441 21.35 -59.33 -8.33
N THR G 442 22.30 -59.09 -7.42
CA THR G 442 22.94 -57.79 -7.30
C THR G 442 24.06 -57.78 -8.33
N LEU G 443 23.69 -57.54 -9.57
CA LEU G 443 24.60 -57.64 -10.70
C LEU G 443 25.53 -56.43 -10.77
N PRO G 444 26.79 -56.63 -11.15
CA PRO G 444 27.78 -55.56 -11.02
C PRO G 444 27.61 -54.48 -12.07
N GLU G 445 28.42 -53.44 -11.91
CA GLU G 445 28.36 -52.28 -12.79
C GLU G 445 28.92 -52.63 -14.17
N GLY G 446 28.31 -52.04 -15.19
CA GLY G 446 28.76 -52.21 -16.55
C GLY G 446 28.56 -53.59 -17.12
N SER G 447 27.43 -54.23 -16.86
CA SER G 447 27.16 -55.58 -17.32
C SER G 447 25.96 -55.58 -18.26
N VAL G 448 26.15 -56.09 -19.46
CA VAL G 448 25.08 -56.21 -20.45
C VAL G 448 24.49 -57.60 -20.35
N ILE G 449 23.16 -57.66 -20.28
CA ILE G 449 22.43 -58.92 -20.17
C ILE G 449 21.49 -59.01 -21.36
N SER G 450 21.61 -60.08 -22.14
CA SER G 450 20.82 -60.25 -23.34
C SER G 450 20.48 -61.71 -23.54
N LEU G 451 19.42 -61.95 -24.32
CA LEU G 451 19.06 -63.32 -24.70
C LEU G 451 20.13 -63.97 -25.56
N HIS G 452 20.87 -63.19 -26.33
CA HIS G 452 21.98 -63.73 -27.09
C HIS G 452 23.11 -64.08 -26.14
N PRO G 453 23.59 -65.32 -26.12
CA PRO G 453 24.63 -65.73 -25.16
C PRO G 453 25.97 -65.04 -25.38
N PRO G 454 26.59 -65.04 -26.58
CA PRO G 454 27.97 -64.56 -26.65
C PRO G 454 28.11 -63.05 -26.61
N ASP G 455 27.07 -62.30 -26.99
CA ASP G 455 27.10 -60.84 -27.02
C ASP G 455 26.54 -60.24 -25.74
N ALA G 456 27.06 -60.65 -24.60
CA ALA G 456 26.58 -60.22 -23.30
C ALA G 456 27.61 -60.61 -22.25
N GLU G 457 27.23 -60.47 -20.98
CA GLU G 457 27.93 -61.11 -19.87
C GLU G 457 26.98 -61.95 -19.03
N GLU G 458 25.78 -62.23 -19.54
CA GLU G 458 24.81 -63.08 -18.87
C GLU G 458 23.76 -63.51 -19.88
N ASP G 459 22.67 -64.10 -19.39
CA ASP G 459 21.55 -64.54 -20.20
C ASP G 459 20.28 -64.19 -19.45
N GLU G 460 19.15 -64.77 -19.85
CA GLU G 460 17.84 -64.33 -19.38
C GLU G 460 17.42 -64.95 -18.06
N ASP G 461 18.36 -65.35 -17.22
CA ASP G 461 18.05 -65.98 -15.94
C ASP G 461 18.62 -65.14 -14.79
N ASP G 462 18.55 -65.69 -13.59
CA ASP G 462 18.93 -64.99 -12.36
C ASP G 462 20.44 -64.82 -12.25
N GLY G 463 20.95 -63.68 -12.73
CA GLY G 463 22.36 -63.33 -12.57
C GLY G 463 23.33 -64.30 -13.19
N GLU G 464 23.03 -64.76 -14.41
CA GLU G 464 23.80 -65.79 -15.12
C GLU G 464 23.98 -67.08 -14.30
N PRO H 41 0.98 53.37 30.03
CA PRO H 41 0.60 53.47 31.44
C PRO H 41 -0.03 52.17 31.95
N PRO H 42 -0.06 51.99 33.27
CA PRO H 42 -0.76 50.82 33.82
C PRO H 42 -2.25 50.84 33.50
N LEU H 43 -2.82 49.67 33.34
CA LEU H 43 -4.24 49.51 33.06
C LEU H 43 -4.97 49.10 34.32
N GLN H 44 -6.05 49.79 34.63
CA GLN H 44 -6.86 49.51 35.80
C GLN H 44 -8.20 48.95 35.36
N ALA H 45 -9.04 48.63 36.34
CA ALA H 45 -10.40 48.19 36.04
C ALA H 45 -11.27 48.49 37.24
N VAL H 46 -12.55 48.64 36.99
CA VAL H 46 -13.55 48.79 38.03
C VAL H 46 -14.53 47.64 37.88
N LEU H 47 -14.79 46.93 38.97
CA LEU H 47 -15.58 45.71 38.95
C LEU H 47 -16.69 45.88 39.97
N VAL H 48 -17.91 46.10 39.49
CA VAL H 48 -19.03 46.47 40.35
C VAL H 48 -19.63 45.17 40.86
N ALA H 49 -19.07 44.64 41.94
CA ALA H 49 -19.43 43.32 42.42
C ALA H 49 -20.79 43.27 43.11
N ASP H 50 -21.60 44.31 42.97
CA ASP H 50 -23.01 44.24 43.34
C ASP H 50 -23.82 44.55 42.09
N SER H 51 -24.51 43.54 41.57
CA SER H 51 -25.44 43.80 40.48
C SER H 51 -26.66 44.51 41.04
N PHE H 52 -27.02 45.64 40.44
CA PHE H 52 -27.99 46.56 41.05
C PHE H 52 -29.39 46.37 40.49
N ASP H 53 -29.72 45.13 40.16
CA ASP H 53 -31.07 44.71 39.87
C ASP H 53 -31.48 43.66 40.88
N ARG H 54 -32.66 43.07 40.66
CA ARG H 54 -33.13 41.94 41.43
C ARG H 54 -33.58 40.83 40.49
N ARG H 55 -32.76 40.56 39.47
CA ARG H 55 -33.13 39.56 38.48
C ARG H 55 -33.11 38.15 39.07
N PHE H 56 -32.16 37.88 39.95
CA PHE H 56 -32.12 36.61 40.68
C PHE H 56 -32.82 36.72 42.02
N PHE H 57 -34.06 37.21 42.02
CA PHE H 57 -34.71 37.67 43.26
C PHE H 57 -34.86 36.61 44.35
N PRO H 58 -35.25 35.35 44.09
CA PRO H 58 -35.18 34.35 45.16
C PRO H 58 -33.77 33.84 45.43
N ILE H 59 -32.81 34.13 44.56
CA ILE H 59 -31.45 33.62 44.70
C ILE H 59 -30.50 34.71 45.19
N SER H 60 -30.67 35.95 44.72
CA SER H 60 -29.87 37.06 45.23
C SER H 60 -30.23 37.43 46.66
N LYS H 61 -31.32 36.87 47.19
CA LYS H 61 -31.75 37.20 48.54
C LYS H 61 -30.79 36.65 49.59
N ASP H 62 -30.29 35.43 49.39
CA ASP H 62 -29.38 34.82 50.35
C ASP H 62 -27.93 34.77 49.87
N GLN H 63 -27.70 34.45 48.60
CA GLN H 63 -26.37 34.46 48.04
C GLN H 63 -26.22 35.64 47.09
N PRO H 64 -25.16 36.43 47.21
CA PRO H 64 -24.94 37.52 46.26
C PRO H 64 -24.72 36.98 44.87
N ARG H 65 -25.06 37.78 43.87
CA ARG H 65 -25.11 37.27 42.50
C ARG H 65 -23.74 36.88 41.99
N VAL H 66 -22.71 37.67 42.27
CA VAL H 66 -21.40 37.23 41.83
C VAL H 66 -20.72 36.44 42.93
N LEU H 67 -21.33 35.32 43.32
CA LEU H 67 -20.72 34.18 43.97
C LEU H 67 -21.36 32.89 43.54
N LEU H 68 -22.42 32.92 42.76
CA LEU H 68 -23.16 31.72 42.47
C LEU H 68 -22.49 30.98 41.34
N PRO H 69 -22.15 29.71 41.51
CA PRO H 69 -21.21 29.05 40.61
C PRO H 69 -21.79 28.84 39.22
N LEU H 70 -21.04 29.24 38.21
CA LEU H 70 -21.47 29.02 36.84
C LEU H 70 -21.19 27.58 36.43
N ALA H 71 -19.92 27.22 36.37
CA ALA H 71 -19.50 25.87 36.03
C ALA H 71 -18.65 25.36 37.19
N ASN H 72 -19.21 25.49 38.40
CA ASN H 72 -18.68 25.14 39.71
C ASN H 72 -17.65 26.14 40.21
N VAL H 73 -17.40 27.22 39.48
CA VAL H 73 -16.63 28.34 39.99
C VAL H 73 -17.48 29.59 39.86
N ALA H 74 -17.28 30.52 40.80
CA ALA H 74 -18.18 31.65 40.96
C ALA H 74 -18.07 32.61 39.79
N LEU H 75 -19.10 33.45 39.64
CA LEU H 75 -19.15 34.37 38.52
C LEU H 75 -18.11 35.48 38.62
N ILE H 76 -17.71 35.86 39.83
CA ILE H 76 -16.67 36.86 39.96
C ILE H 76 -15.31 36.31 39.57
N ASP H 77 -15.17 34.99 39.49
CA ASP H 77 -13.90 34.42 39.07
C ASP H 77 -13.68 34.54 37.58
N TYR H 78 -14.75 34.48 36.77
CA TYR H 78 -14.55 34.60 35.33
C TYR H 78 -14.18 36.02 34.95
N THR H 79 -14.84 37.01 35.56
CA THR H 79 -14.48 38.39 35.24
C THR H 79 -13.11 38.75 35.79
N LEU H 80 -12.73 38.22 36.95
CA LEU H 80 -11.41 38.50 37.47
C LEU H 80 -10.32 37.84 36.63
N GLU H 81 -10.57 36.61 36.18
CA GLU H 81 -9.60 35.96 35.32
C GLU H 81 -9.53 36.62 33.95
N PHE H 82 -10.66 37.11 33.44
CA PHE H 82 -10.63 37.88 32.20
C PHE H 82 -9.83 39.16 32.38
N LEU H 83 -10.01 39.86 33.49
CA LEU H 83 -9.27 41.08 33.73
C LEU H 83 -7.77 40.79 33.84
N THR H 84 -7.41 39.71 34.52
CA THR H 84 -6.00 39.35 34.64
C THR H 84 -5.41 38.96 33.29
N ALA H 85 -6.18 38.24 32.47
CA ALA H 85 -5.69 37.83 31.16
C ALA H 85 -5.53 39.02 30.22
N THR H 86 -6.40 40.02 30.35
CA THR H 86 -6.32 41.21 29.51
C THR H 86 -5.05 42.00 29.79
N GLY H 87 -4.69 42.15 31.05
CA GLY H 87 -3.50 42.90 31.41
C GLY H 87 -3.76 43.88 32.54
N VAL H 88 -4.91 43.76 33.18
CA VAL H 88 -5.29 44.68 34.25
C VAL H 88 -4.42 44.42 35.46
N GLN H 89 -3.87 45.48 36.05
CA GLN H 89 -3.01 45.35 37.21
C GLN H 89 -3.59 45.93 38.50
N GLU H 90 -4.62 46.76 38.41
CA GLU H 90 -5.15 47.47 39.57
C GLU H 90 -6.66 47.43 39.60
N THR H 91 -7.23 46.22 39.52
CA THR H 91 -8.68 46.05 39.66
C THR H 91 -9.16 46.62 40.99
N PHE H 92 -10.27 47.34 40.96
CA PHE H 92 -11.00 47.73 42.16
C PHE H 92 -12.31 46.95 42.17
N VAL H 93 -12.70 46.48 43.35
CA VAL H 93 -13.91 45.67 43.49
C VAL H 93 -14.85 46.42 44.42
N PHE H 94 -16.02 46.79 43.91
CA PHE H 94 -17.02 47.54 44.66
C PHE H 94 -18.14 46.62 45.08
N CYS H 95 -18.37 46.50 46.38
CA CYS H 95 -19.41 45.63 46.91
C CYS H 95 -20.34 46.43 47.80
N CYS H 96 -21.64 46.28 47.59
CA CYS H 96 -22.64 46.87 48.47
C CYS H 96 -23.52 45.83 49.13
N TRP H 97 -24.16 44.96 48.35
CA TRP H 97 -25.10 43.98 48.86
C TRP H 97 -24.36 42.68 49.13
N LYS H 98 -24.46 42.19 50.37
CA LYS H 98 -23.79 40.97 50.83
C LYS H 98 -22.28 41.04 50.60
N ALA H 99 -21.70 42.17 51.01
CA ALA H 99 -20.26 42.37 50.83
C ALA H 99 -19.42 41.45 51.70
N ALA H 100 -19.98 40.96 52.81
CA ALA H 100 -19.25 40.04 53.66
C ALA H 100 -18.93 38.74 52.92
N GLN H 101 -19.93 38.18 52.24
CA GLN H 101 -19.70 36.96 51.48
C GLN H 101 -18.72 37.18 50.34
N ILE H 102 -18.84 38.32 49.65
CA ILE H 102 -17.98 38.61 48.51
C ILE H 102 -16.53 38.76 48.96
N LYS H 103 -16.29 39.55 50.01
CA LYS H 103 -14.92 39.76 50.47
C LYS H 103 -14.34 38.48 51.07
N GLU H 104 -15.15 37.72 51.81
CA GLU H 104 -14.68 36.47 52.38
C GLU H 104 -14.28 35.48 51.29
N HIS H 105 -15.09 35.38 50.23
CA HIS H 105 -14.73 34.52 49.11
C HIS H 105 -13.51 35.05 48.36
N LEU H 106 -13.37 36.37 48.26
CA LEU H 106 -12.27 36.93 47.49
C LEU H 106 -10.94 36.68 48.17
N LEU H 107 -10.86 36.84 49.49
CA LEU H 107 -9.59 36.59 50.18
C LEU H 107 -9.15 35.14 50.09
N LYS H 108 -10.08 34.19 50.07
CA LYS H 108 -9.70 32.81 49.78
C LYS H 108 -9.83 32.50 48.29
N SER H 109 -9.25 33.36 47.46
CA SER H 109 -9.26 33.17 46.02
C SER H 109 -7.88 33.52 45.48
N LYS H 110 -7.73 33.34 44.16
CA LYS H 110 -6.42 33.40 43.53
C LYS H 110 -5.88 34.82 43.47
N TRP H 111 -6.74 35.82 43.39
CA TRP H 111 -6.26 37.16 43.08
C TRP H 111 -5.94 38.00 44.31
N CYS H 112 -6.21 37.48 45.51
CA CYS H 112 -5.78 38.17 46.74
C CYS H 112 -4.47 37.64 47.28
N ARG H 113 -3.84 36.68 46.63
CA ARG H 113 -2.51 36.32 47.05
C ARG H 113 -1.48 37.27 46.45
N PRO H 114 -0.34 37.48 47.11
CA PRO H 114 0.66 38.42 46.57
C PRO H 114 1.31 37.95 45.28
N THR H 115 1.11 36.69 44.89
CA THR H 115 1.59 36.20 43.61
C THR H 115 0.90 36.91 42.46
N SER H 116 -0.39 37.21 42.60
CA SER H 116 -1.21 37.71 41.50
C SER H 116 -0.73 39.08 41.03
N LEU H 117 -0.70 39.25 39.71
CA LEU H 117 -0.33 40.51 39.07
C LEU H 117 -1.52 41.41 38.84
N ASN H 118 -2.56 41.27 39.64
CA ASN H 118 -3.80 42.02 39.48
C ASN H 118 -4.36 42.21 40.90
N VAL H 119 -4.02 43.33 41.52
CA VAL H 119 -4.50 43.60 42.87
C VAL H 119 -5.98 43.93 42.81
N VAL H 120 -6.69 43.71 43.91
CA VAL H 120 -8.14 43.69 43.89
C VAL H 120 -8.74 44.89 44.61
N ARG H 121 -8.13 45.36 45.69
CA ARG H 121 -8.49 46.58 46.43
C ARG H 121 -10.00 46.68 46.68
N ILE H 122 -10.48 45.73 47.50
CA ILE H 122 -11.92 45.63 47.74
C ILE H 122 -12.42 46.87 48.46
N ILE H 123 -13.50 47.45 47.94
CA ILE H 123 -14.10 48.65 48.50
C ILE H 123 -15.52 48.30 48.91
N THR H 124 -15.73 48.08 50.19
CA THR H 124 -17.05 47.76 50.72
C THR H 124 -17.74 49.05 51.15
N SER H 125 -18.91 49.31 50.60
CA SER H 125 -19.68 50.49 50.98
C SER H 125 -21.16 50.20 50.80
N GLU H 126 -21.93 50.33 51.87
CA GLU H 126 -23.36 50.08 51.84
C GLU H 126 -24.16 51.26 51.30
N LEU H 127 -23.51 52.39 51.03
CA LEU H 127 -24.21 53.57 50.54
C LEU H 127 -24.53 53.50 49.06
N TYR H 128 -24.04 52.49 48.35
CA TYR H 128 -24.30 52.37 46.92
C TYR H 128 -25.75 51.95 46.67
N ARG H 129 -26.30 52.43 45.56
CA ARG H 129 -27.61 52.00 45.14
C ARG H 129 -27.70 51.72 43.64
N SER H 130 -26.69 52.07 42.85
CA SER H 130 -26.70 51.86 41.42
C SER H 130 -25.26 51.85 40.92
N LEU H 131 -25.10 51.72 39.61
CA LEU H 131 -23.77 51.90 39.04
C LEU H 131 -23.34 53.36 39.09
N GLY H 132 -24.31 54.26 39.18
CA GLY H 132 -24.00 55.68 39.11
C GLY H 132 -23.20 56.18 40.29
N ASP H 133 -23.66 55.87 41.50
CA ASP H 133 -22.92 56.34 42.66
C ASP H 133 -21.67 55.52 42.91
N VAL H 134 -21.61 54.30 42.36
CA VAL H 134 -20.37 53.54 42.37
C VAL H 134 -19.32 54.23 41.51
N LEU H 135 -19.69 54.61 40.29
CA LEU H 135 -18.72 55.15 39.36
C LEU H 135 -18.45 56.63 39.61
N ARG H 136 -19.32 57.33 40.34
CA ARG H 136 -18.99 58.66 40.82
C ARG H 136 -18.39 58.64 42.21
N ASP H 137 -18.36 57.49 42.88
CA ASP H 137 -17.51 57.30 44.05
C ASP H 137 -16.06 57.14 43.66
N VAL H 138 -15.76 56.95 42.37
CA VAL H 138 -14.38 56.95 41.91
C VAL H 138 -13.77 58.33 42.08
N ASP H 139 -14.48 59.37 41.64
CA ASP H 139 -13.97 60.73 41.81
C ASP H 139 -14.08 61.22 43.24
N ALA H 140 -14.83 60.54 44.10
CA ALA H 140 -14.74 60.84 45.51
C ALA H 140 -13.44 60.32 46.12
N LYS H 141 -12.73 59.44 45.42
CA LYS H 141 -11.45 58.94 45.87
C LYS H 141 -10.35 59.04 44.82
N ALA H 142 -10.66 59.52 43.62
CA ALA H 142 -9.69 59.78 42.55
C ALA H 142 -8.87 58.54 42.20
N LEU H 143 -9.54 57.38 42.18
CA LEU H 143 -8.84 56.10 42.04
C LEU H 143 -8.15 55.96 40.70
N VAL H 144 -8.78 56.39 39.63
CA VAL H 144 -8.23 56.19 38.30
C VAL H 144 -7.49 57.45 37.87
N ARG H 145 -6.45 57.26 37.06
CA ARG H 145 -5.71 58.37 36.47
C ARG H 145 -5.57 58.27 34.96
N SER H 146 -5.71 57.07 34.38
CA SER H 146 -5.75 56.91 32.94
C SER H 146 -7.03 56.18 32.59
N ASP H 147 -7.18 55.78 31.33
CA ASP H 147 -8.37 55.08 30.89
C ASP H 147 -8.46 53.71 31.55
N PHE H 148 -9.42 53.57 32.47
CA PHE H 148 -9.64 52.29 33.13
C PHE H 148 -10.55 51.44 32.26
N LEU H 149 -11.06 50.35 32.80
CA LEU H 149 -11.77 49.36 32.01
C LEU H 149 -12.90 48.82 32.87
N LEU H 150 -14.10 49.37 32.72
CA LEU H 150 -15.21 49.05 33.59
C LEU H 150 -15.92 47.81 33.06
N VAL H 151 -15.75 46.69 33.74
CA VAL H 151 -16.58 45.53 33.53
C VAL H 151 -17.65 45.59 34.61
N TYR H 152 -18.71 44.82 34.43
CA TYR H 152 -19.81 45.06 35.34
C TYR H 152 -19.63 44.25 36.62
N GLY H 153 -19.10 43.03 36.53
CA GLY H 153 -18.88 42.26 37.73
C GLY H 153 -19.20 40.79 37.58
N ASP H 154 -19.98 40.45 36.56
CA ASP H 154 -20.26 39.06 36.21
C ASP H 154 -20.10 38.82 34.72
N VAL H 155 -19.27 39.65 34.07
CA VAL H 155 -18.87 39.41 32.71
C VAL H 155 -18.09 38.10 32.63
N ILE H 156 -18.38 37.31 31.60
CA ILE H 156 -17.74 36.02 31.40
C ILE H 156 -17.17 36.04 29.98
N SER H 157 -15.87 36.21 29.86
CA SER H 157 -15.33 36.46 28.54
C SER H 157 -13.87 36.06 28.47
N ASN H 158 -13.40 35.85 27.25
CA ASN H 158 -11.99 35.70 26.96
C ASN H 158 -11.51 36.82 26.04
N ILE H 159 -12.13 37.98 26.16
CA ILE H 159 -11.79 39.13 25.32
C ILE H 159 -10.39 39.60 25.65
N ASN H 160 -9.63 39.96 24.63
CA ASN H 160 -8.32 40.58 24.79
C ASN H 160 -8.47 42.05 24.45
N ILE H 161 -8.48 42.89 25.47
CA ILE H 161 -8.53 44.34 25.28
C ILE H 161 -7.08 44.79 25.14
N THR H 162 -6.55 44.62 23.97
CA THR H 162 -5.31 45.28 23.58
C THR H 162 -5.46 45.98 22.25
N ARG H 163 -6.19 45.38 21.31
CA ARG H 163 -6.54 46.09 20.08
C ARG H 163 -7.54 47.19 20.37
N ALA H 164 -8.56 46.88 21.17
CA ALA H 164 -9.56 47.88 21.51
C ALA H 164 -8.98 49.00 22.36
N LEU H 165 -8.12 48.66 23.32
CA LEU H 165 -7.52 49.69 24.16
C LEU H 165 -6.55 50.57 23.37
N GLU H 166 -5.78 49.97 22.46
CA GLU H 166 -4.87 50.78 21.66
C GLU H 166 -5.64 51.65 20.67
N GLU H 167 -6.76 51.16 20.13
CA GLU H 167 -7.59 52.01 19.28
C GLU H 167 -8.20 53.15 20.10
N HIS H 168 -8.63 52.85 21.33
CA HIS H 168 -9.23 53.86 22.18
C HIS H 168 -8.23 54.95 22.53
N ARG H 169 -6.99 54.56 22.85
CA ARG H 169 -5.97 55.56 23.14
C ARG H 169 -5.61 56.36 21.89
N LEU H 170 -5.55 55.68 20.74
CA LEU H 170 -5.19 56.35 19.49
C LEU H 170 -6.20 57.41 19.11
N ARG H 171 -7.49 57.11 19.21
CA ARG H 171 -8.51 58.12 18.96
C ARG H 171 -8.84 58.96 20.18
N ARG H 172 -8.20 58.67 21.31
CA ARG H 172 -8.29 59.55 22.47
C ARG H 172 -7.37 60.74 22.30
N LYS H 173 -6.10 60.48 22.00
CA LYS H 173 -5.12 61.55 21.91
C LYS H 173 -5.24 62.34 20.61
N LEU H 174 -5.72 61.72 19.53
CA LEU H 174 -5.63 62.36 18.22
C LEU H 174 -6.69 63.44 18.06
N GLU H 175 -7.93 63.17 18.46
CA GLU H 175 -9.00 64.15 18.39
C GLU H 175 -9.19 64.93 19.68
N LYS H 176 -8.14 65.00 20.50
CA LYS H 176 -8.05 65.92 21.65
C LYS H 176 -9.18 65.67 22.66
N ASN H 177 -9.09 64.49 23.30
CA ASN H 177 -9.95 64.12 24.43
C ASN H 177 -11.42 64.09 24.04
N VAL H 178 -11.70 63.66 22.80
CA VAL H 178 -13.08 63.66 22.32
C VAL H 178 -13.82 62.42 22.78
N SER H 179 -13.30 61.23 22.47
CA SER H 179 -13.94 60.00 22.88
C SER H 179 -13.79 59.77 24.37
N VAL H 180 -14.83 59.28 25.03
CA VAL H 180 -14.76 58.97 26.44
C VAL H 180 -15.05 57.51 26.76
N MET H 181 -15.52 56.72 25.81
CA MET H 181 -15.80 55.32 26.10
C MET H 181 -15.56 54.53 24.83
N THR H 182 -15.20 53.26 24.98
CA THR H 182 -15.15 52.32 23.87
C THR H 182 -15.95 51.09 24.28
N MET H 183 -17.19 51.04 23.85
CA MET H 183 -18.08 49.92 24.13
C MET H 183 -17.53 48.68 23.45
N ILE H 184 -17.57 47.54 24.13
CA ILE H 184 -17.12 46.29 23.53
C ILE H 184 -18.33 45.43 23.23
N PHE H 185 -18.54 45.13 21.96
CA PHE H 185 -19.64 44.31 21.50
C PHE H 185 -19.10 43.08 20.81
N LYS H 186 -19.80 41.97 20.96
CA LYS H 186 -19.46 40.74 20.27
C LYS H 186 -20.36 40.59 19.06
N GLU H 187 -19.78 40.25 17.92
CA GLU H 187 -20.58 40.12 16.71
C GLU H 187 -21.37 38.83 16.77
N SER H 188 -22.57 38.90 17.35
CA SER H 188 -23.43 37.74 17.47
C SER H 188 -24.39 37.69 16.30
N SER H 189 -25.41 36.86 16.39
CA SER H 189 -26.53 36.83 15.47
C SER H 189 -27.79 36.92 16.30
N PRO H 190 -28.80 37.68 15.86
CA PRO H 190 -29.90 38.05 16.76
C PRO H 190 -30.73 36.88 17.27
N SER H 191 -30.70 35.74 16.59
CA SER H 191 -31.39 34.54 17.05
C SER H 191 -30.35 33.62 17.69
N HIS H 192 -29.94 33.97 18.91
CA HIS H 192 -28.97 33.19 19.65
C HIS H 192 -29.47 33.04 21.08
N PRO H 193 -29.17 31.90 21.72
CA PRO H 193 -29.52 31.77 23.14
C PRO H 193 -28.83 32.77 24.04
N THR H 194 -27.65 33.23 23.66
CA THR H 194 -26.93 34.19 24.47
C THR H 194 -27.52 35.59 24.32
N ARG H 195 -28.39 35.81 23.36
CA ARG H 195 -29.02 37.12 23.19
C ARG H 195 -30.41 37.05 23.79
N CYS H 196 -30.50 37.29 25.09
CA CYS H 196 -31.79 37.28 25.76
C CYS H 196 -32.45 38.63 25.62
N HIS H 197 -33.78 38.64 25.62
CA HIS H 197 -34.53 39.78 25.11
C HIS H 197 -34.48 41.01 26.01
N GLU H 198 -34.15 40.86 27.30
CA GLU H 198 -33.92 42.05 28.10
C GLU H 198 -32.67 42.80 27.64
N ASP H 199 -31.56 42.10 27.50
CA ASP H 199 -30.29 42.76 27.18
C ASP H 199 -30.13 43.08 25.71
N ASN H 200 -31.15 42.87 24.90
CA ASN H 200 -31.02 43.04 23.47
C ASN H 200 -30.99 44.53 23.13
N VAL H 201 -29.98 44.95 22.36
CA VAL H 201 -29.83 46.35 22.00
C VAL H 201 -29.60 46.47 20.50
N VAL H 202 -29.86 47.68 19.99
CA VAL H 202 -29.59 48.02 18.60
C VAL H 202 -28.80 49.32 18.59
N VAL H 203 -27.92 49.46 17.60
CA VAL H 203 -27.06 50.63 17.51
C VAL H 203 -27.09 51.18 16.09
N ALA H 204 -26.74 52.45 15.98
CA ALA H 204 -26.50 53.10 14.71
C ALA H 204 -25.14 53.76 14.80
N VAL H 205 -24.21 53.31 13.95
CA VAL H 205 -22.80 53.63 14.09
C VAL H 205 -22.27 54.24 12.79
N ASP H 206 -21.14 54.92 12.90
CA ASP H 206 -20.60 55.63 11.76
C ASP H 206 -19.93 54.70 10.75
N SER H 207 -19.46 53.54 11.20
CA SER H 207 -19.00 52.42 10.38
C SER H 207 -17.74 52.71 9.57
N THR H 208 -17.23 53.93 9.60
CA THR H 208 -15.92 54.24 9.05
C THR H 208 -14.88 54.48 10.13
N THR H 209 -15.28 55.15 11.21
CA THR H 209 -14.70 54.96 12.53
C THR H 209 -15.85 54.52 13.42
N ASN H 210 -15.66 53.45 14.17
CA ASN H 210 -16.77 52.82 14.87
C ASN H 210 -17.22 53.74 15.99
N ARG H 211 -18.26 54.51 15.74
CA ARG H 211 -18.66 55.61 16.61
C ARG H 211 -20.16 55.50 16.84
N VAL H 212 -20.55 55.28 18.09
CA VAL H 212 -21.95 55.06 18.42
C VAL H 212 -22.73 56.36 18.27
N LEU H 213 -23.51 56.46 17.20
CA LEU H 213 -24.36 57.62 16.99
C LEU H 213 -25.73 57.45 17.63
N HIS H 214 -26.21 56.22 17.73
CA HIS H 214 -27.46 55.93 18.41
C HIS H 214 -27.38 54.57 19.07
N PHE H 215 -28.04 54.44 20.21
CA PHE H 215 -27.96 53.21 21.00
C PHE H 215 -29.24 53.08 21.78
N GLN H 216 -29.98 51.99 21.59
CA GLN H 216 -31.17 51.82 22.42
C GLN H 216 -31.44 50.35 22.67
N LYS H 217 -31.97 50.08 23.86
CA LYS H 217 -32.34 48.73 24.26
C LYS H 217 -33.69 48.37 23.65
N THR H 218 -33.74 47.23 22.96
CA THR H 218 -34.97 46.77 22.32
C THR H 218 -35.69 45.76 23.21
N GLN H 219 -36.01 46.19 24.43
CA GLN H 219 -36.69 45.31 25.38
C GLN H 219 -38.06 44.91 24.89
N GLY H 220 -38.97 45.87 24.78
CA GLY H 220 -40.22 45.62 24.10
C GLY H 220 -40.44 46.60 22.97
N LEU H 221 -40.35 46.13 21.73
CA LEU H 221 -40.50 46.95 20.54
C LEU H 221 -40.58 46.03 19.33
N ARG H 222 -41.43 46.39 18.38
CA ARG H 222 -41.53 45.67 17.12
C ARG H 222 -40.88 46.41 15.96
N ARG H 223 -41.01 47.73 15.94
CA ARG H 223 -40.34 48.58 14.97
C ARG H 223 -39.46 49.56 15.72
N PHE H 224 -38.23 49.75 15.25
CA PHE H 224 -37.22 50.50 15.99
C PHE H 224 -37.17 51.93 15.46
N ALA H 225 -37.39 52.89 16.35
CA ALA H 225 -37.44 54.30 15.98
C ALA H 225 -36.03 54.88 16.07
N PHE H 226 -35.40 55.07 14.92
CA PHE H 226 -34.10 55.71 14.87
C PHE H 226 -34.27 57.18 14.54
N PRO H 227 -33.90 58.09 15.44
CA PRO H 227 -34.05 59.52 15.14
C PRO H 227 -33.19 59.95 13.96
N LEU H 228 -33.65 61.00 13.28
CA LEU H 228 -32.93 61.53 12.14
C LEU H 228 -31.80 62.43 12.62
N SER H 229 -31.18 63.14 11.68
CA SER H 229 -30.08 64.09 11.87
C SER H 229 -28.80 63.47 12.39
N LEU H 230 -28.75 62.14 12.58
CA LEU H 230 -27.51 61.47 12.91
C LEU H 230 -26.80 60.95 11.67
N PHE H 231 -27.30 61.27 10.48
CA PHE H 231 -26.66 60.92 9.23
C PHE H 231 -25.68 62.00 8.77
N GLN H 232 -26.15 63.25 8.72
CA GLN H 232 -25.33 64.36 8.29
C GLN H 232 -24.44 64.81 9.43
N VAL H 238 -23.35 55.34 7.62
CA VAL H 238 -24.01 55.24 8.91
C VAL H 238 -24.77 53.93 9.00
N GLU H 239 -24.06 52.87 9.37
CA GLU H 239 -24.64 51.55 9.49
C GLU H 239 -25.59 51.48 10.66
N VAL H 240 -26.54 50.55 10.60
CA VAL H 240 -27.42 50.23 11.70
C VAL H 240 -27.26 48.75 11.99
N ARG H 241 -26.89 48.41 13.21
CA ARG H 241 -26.48 47.07 13.56
C ARG H 241 -27.34 46.52 14.69
N TYR H 242 -27.86 45.32 14.48
CA TYR H 242 -28.55 44.55 15.49
C TYR H 242 -27.77 43.32 15.90
N ASP H 243 -26.73 42.95 15.17
CA ASP H 243 -25.94 41.76 15.48
C ASP H 243 -24.82 42.07 16.47
N LEU H 244 -25.14 42.75 17.56
CA LEU H 244 -24.14 43.12 18.55
C LEU H 244 -24.62 42.66 19.92
N LEU H 245 -23.93 41.71 20.50
CA LEU H 245 -24.14 41.34 21.88
C LEU H 245 -23.52 42.39 22.78
N ASP H 246 -24.27 42.80 23.81
CA ASP H 246 -23.91 44.00 24.56
C ASP H 246 -22.60 43.84 25.32
N CYS H 247 -22.46 42.76 26.07
CA CYS H 247 -21.22 42.21 26.59
C CYS H 247 -20.57 43.02 27.72
N HIS H 248 -21.00 44.28 27.91
CA HIS H 248 -20.70 45.11 29.09
C HIS H 248 -19.23 45.16 29.49
N ILE H 249 -18.35 45.43 28.53
CA ILE H 249 -16.91 45.55 28.80
C ILE H 249 -16.45 46.94 28.36
N SER H 250 -17.24 47.96 28.67
CA SER H 250 -16.87 49.33 28.34
C SER H 250 -15.49 49.69 28.90
N ILE H 251 -14.76 50.53 28.15
CA ILE H 251 -13.35 50.80 28.38
C ILE H 251 -13.28 52.28 28.78
N CYS H 252 -14.28 52.72 29.53
CA CYS H 252 -14.54 54.14 29.72
C CYS H 252 -13.37 54.86 30.38
N SER H 253 -12.99 55.98 29.78
CA SER H 253 -11.92 56.83 30.27
C SER H 253 -12.37 57.58 31.52
N PRO H 254 -11.44 58.13 32.31
CA PRO H 254 -11.85 58.75 33.60
C PRO H 254 -12.79 59.94 33.47
N GLN H 255 -12.87 60.55 32.28
CA GLN H 255 -13.85 61.61 32.04
C GLN H 255 -15.27 61.12 32.30
N VAL H 256 -15.53 59.84 32.07
CA VAL H 256 -16.82 59.24 32.38
C VAL H 256 -17.11 59.33 33.87
N ALA H 257 -16.10 59.07 34.70
CA ALA H 257 -16.28 59.27 36.14
C ALA H 257 -16.54 60.72 36.46
N GLN H 258 -16.01 61.64 35.65
CA GLN H 258 -16.37 63.04 35.79
C GLN H 258 -17.79 63.29 35.29
N LEU H 259 -18.20 62.59 34.22
CA LEU H 259 -19.51 62.84 33.64
C LEU H 259 -20.62 62.26 34.51
N PHE H 260 -20.31 61.22 35.27
CA PHE H 260 -21.26 60.75 36.27
C PHE H 260 -21.30 61.68 37.47
N THR H 261 -20.20 62.41 37.70
CA THR H 261 -20.09 63.21 38.92
C THR H 261 -20.93 64.48 38.84
N ASP H 262 -20.76 65.26 37.78
CA ASP H 262 -21.44 66.54 37.69
C ASP H 262 -22.93 66.36 37.44
N ASN H 263 -23.31 65.33 36.69
CA ASN H 263 -24.70 64.99 36.46
C ASN H 263 -25.07 63.84 37.39
N PHE H 264 -25.65 64.17 38.54
CA PHE H 264 -26.02 63.18 39.54
C PHE H 264 -27.13 62.26 39.05
N ASP H 265 -27.93 62.71 38.08
CA ASP H 265 -29.12 62.00 37.66
C ASP H 265 -28.83 60.66 37.00
N TYR H 266 -27.61 60.40 36.56
CA TYR H 266 -27.32 59.11 35.95
C TYR H 266 -27.27 58.01 37.01
N GLN H 267 -27.68 56.82 36.61
CA GLN H 267 -27.70 55.69 37.54
C GLN H 267 -26.98 54.49 36.95
N THR H 268 -26.99 54.34 35.63
CA THR H 268 -26.41 53.17 35.02
C THR H 268 -25.79 53.55 33.68
N ARG H 269 -25.07 52.59 33.11
CA ARG H 269 -24.33 52.84 31.87
C ARG H 269 -25.27 53.09 30.70
N ASP H 270 -26.43 52.40 30.69
CA ASP H 270 -27.43 52.63 29.65
C ASP H 270 -27.95 54.06 29.71
N ASP H 271 -28.21 54.55 30.93
CA ASP H 271 -28.61 55.94 31.10
C ASP H 271 -27.52 56.89 30.62
N PHE H 272 -26.24 56.51 30.82
CA PHE H 272 -25.17 57.41 30.43
C PHE H 272 -25.01 57.48 28.92
N VAL H 273 -25.09 56.33 28.25
CA VAL H 273 -24.96 56.33 26.80
C VAL H 273 -26.16 57.01 26.15
N ARG H 274 -27.36 56.80 26.71
CA ARG H 274 -28.53 57.49 26.16
C ARG H 274 -28.48 58.98 26.42
N GLY H 275 -28.08 59.38 27.62
CA GLY H 275 -28.02 60.78 27.98
C GLY H 275 -26.86 61.54 27.43
N LEU H 276 -25.87 60.86 26.86
CA LEU H 276 -24.83 61.63 26.20
C LEU H 276 -25.15 61.84 24.72
N LEU H 277 -25.79 60.87 24.08
CA LEU H 277 -26.12 60.99 22.67
C LEU H 277 -27.27 61.96 22.42
N VAL H 278 -27.89 62.51 23.47
CA VAL H 278 -28.79 63.64 23.32
C VAL H 278 -28.06 64.97 23.48
N ASN H 279 -26.79 64.96 23.86
CA ASN H 279 -26.02 66.18 24.05
C ASN H 279 -25.23 66.53 22.79
N ASN H 285 -20.22 65.18 23.11
CA ASN H 285 -19.11 64.33 23.50
C ASN H 285 -19.20 63.06 22.64
N GLN H 286 -18.50 61.99 22.98
CA GLN H 286 -18.41 60.84 22.07
C GLN H 286 -18.49 59.54 22.85
N ILE H 287 -19.03 58.50 22.20
CA ILE H 287 -18.79 57.11 22.59
C ILE H 287 -18.50 56.33 21.32
N HIS H 288 -17.38 55.66 21.28
CA HIS H 288 -17.03 54.83 20.15
C HIS H 288 -17.26 53.37 20.54
N MET H 289 -16.89 52.44 19.67
CA MET H 289 -16.97 51.05 20.09
C MET H 289 -15.83 50.27 19.45
N HIS H 290 -15.77 48.99 19.81
CA HIS H 290 -14.94 48.01 19.13
C HIS H 290 -15.71 46.70 19.13
N VAL H 291 -15.76 46.05 17.97
CA VAL H 291 -16.58 44.86 17.78
C VAL H 291 -15.66 43.67 17.59
N THR H 292 -15.80 42.68 18.46
CA THR H 292 -15.01 41.46 18.37
C THR H 292 -15.81 40.36 17.69
N ALA H 293 -15.10 39.43 17.08
CA ALA H 293 -15.78 38.37 16.33
C ALA H 293 -15.25 37.00 16.69
N LYS H 294 -14.00 36.94 17.15
CA LYS H 294 -13.35 35.67 17.41
C LYS H 294 -13.22 35.35 18.89
N GLU H 295 -13.83 36.16 19.76
CA GLU H 295 -13.67 35.96 21.19
C GLU H 295 -15.00 36.10 21.90
N TYR H 296 -15.24 35.24 22.88
CA TYR H 296 -16.51 35.21 23.58
C TYR H 296 -16.63 36.36 24.57
N GLY H 297 -17.85 36.84 24.71
CA GLY H 297 -18.14 37.81 25.75
C GLY H 297 -19.61 37.85 26.09
N ALA H 298 -19.93 37.77 27.38
CA ALA H 298 -21.32 37.76 27.80
C ALA H 298 -21.39 38.17 29.26
N ARG H 299 -22.58 38.58 29.68
CA ARG H 299 -22.83 38.98 31.06
C ARG H 299 -24.09 38.30 31.53
N VAL H 300 -24.00 37.53 32.61
CA VAL H 300 -25.15 36.77 33.08
C VAL H 300 -26.09 37.67 33.88
N SER H 301 -26.99 38.35 33.17
CA SER H 301 -27.91 39.27 33.82
C SER H 301 -29.05 38.53 34.48
N ASN H 302 -29.77 37.71 33.73
CA ASN H 302 -30.89 36.92 34.24
C ASN H 302 -30.56 35.44 34.12
N LEU H 303 -31.42 34.60 34.66
CA LEU H 303 -31.12 33.17 34.76
C LEU H 303 -31.21 32.47 33.41
N HIS H 304 -31.95 33.03 32.45
CA HIS H 304 -31.85 32.57 31.08
C HIS H 304 -30.45 32.75 30.53
N MET H 305 -29.87 33.91 30.78
CA MET H 305 -28.50 34.17 30.39
C MET H 305 -27.54 33.25 31.14
N TYR H 306 -27.88 32.92 32.39
CA TYR H 306 -27.05 31.99 33.15
C TYR H 306 -26.99 30.64 32.46
N SER H 307 -28.13 30.14 32.01
CA SER H 307 -28.16 28.86 31.31
C SER H 307 -27.39 28.93 30.00
N ALA H 308 -27.55 30.03 29.25
CA ALA H 308 -26.88 30.15 27.96
C ALA H 308 -25.36 30.22 28.13
N VAL H 309 -24.88 31.02 29.08
CA VAL H 309 -23.44 31.15 29.26
C VAL H 309 -22.85 29.92 29.92
N CYS H 310 -23.61 29.23 30.79
CA CYS H 310 -23.08 28.00 31.36
C CYS H 310 -22.98 26.90 30.30
N ALA H 311 -23.92 26.87 29.37
CA ALA H 311 -23.80 25.90 28.28
C ALA H 311 -22.70 26.31 27.31
N ASP H 312 -22.40 27.60 27.20
CA ASP H 312 -21.31 28.03 26.34
C ASP H 312 -19.95 27.76 26.95
N VAL H 313 -19.82 27.85 28.28
CA VAL H 313 -18.55 27.60 28.92
C VAL H 313 -18.21 26.12 28.87
N ILE H 314 -19.20 25.25 29.10
CA ILE H 314 -18.99 23.81 29.05
C ILE H 314 -18.57 23.37 27.66
N ARG H 315 -19.17 23.95 26.64
CA ARG H 315 -18.83 23.63 25.26
C ARG H 315 -17.58 24.36 24.77
N ARG H 316 -16.77 24.88 25.69
CA ARG H 316 -15.44 25.42 25.42
C ARG H 316 -15.46 26.64 24.53
N TRP H 317 -16.54 27.43 24.56
CA TRP H 317 -16.56 28.64 23.76
C TRP H 317 -15.72 29.75 24.36
N VAL H 318 -15.19 29.56 25.57
CA VAL H 318 -14.52 30.62 26.32
C VAL H 318 -13.11 30.07 26.56
N TYR H 319 -12.55 29.37 25.54
CA TYR H 319 -11.52 28.33 25.61
C TYR H 319 -10.44 28.46 26.69
N PRO H 320 -9.79 29.61 26.92
CA PRO H 320 -8.87 29.66 28.07
C PRO H 320 -9.55 29.49 29.42
N LEU H 321 -10.88 29.58 29.48
CA LEU H 321 -11.63 29.48 30.73
C LEU H 321 -12.56 28.28 30.72
N THR H 322 -12.11 27.16 30.18
CA THR H 322 -12.88 25.92 30.27
C THR H 322 -12.76 25.31 31.66
N PRO H 323 -13.73 24.47 32.07
CA PRO H 323 -13.67 23.90 33.43
C PRO H 323 -12.47 23.03 33.70
N GLU H 324 -11.93 22.36 32.70
CA GLU H 324 -10.77 21.51 32.91
C GLU H 324 -9.48 22.30 32.99
N ALA H 325 -9.50 23.57 32.60
CA ALA H 325 -8.28 24.37 32.70
C ALA H 325 -7.96 24.71 34.15
N ASN H 326 -8.97 24.72 35.01
CA ASN H 326 -8.84 25.06 36.43
C ASN H 326 -8.17 26.41 36.60
N PHE H 327 -8.74 27.43 35.95
CA PHE H 327 -8.14 28.74 35.93
C PHE H 327 -8.15 29.41 37.30
N THR H 328 -9.01 28.98 38.20
CA THR H 328 -9.04 29.50 39.55
C THR H 328 -8.11 28.75 40.49
N ASP H 329 -7.34 27.79 39.94
CA ASP H 329 -6.28 26.96 40.55
C ASP H 329 -6.60 26.47 41.96
N SER H 330 -7.87 26.25 42.25
CA SER H 330 -8.24 25.59 43.49
C SER H 330 -7.97 24.10 43.37
N THR H 331 -7.78 23.45 44.51
CA THR H 331 -7.52 22.02 44.52
C THR H 331 -8.80 21.20 44.36
N THR H 332 -9.96 21.81 44.55
CA THR H 332 -11.23 21.12 44.56
C THR H 332 -12.02 21.30 43.29
N GLN H 333 -11.40 21.79 42.23
CA GLN H 333 -12.10 22.06 40.97
C GLN H 333 -11.26 21.61 39.79
N SER H 334 -10.54 20.51 39.94
CA SER H 334 -9.82 19.92 38.83
C SER H 334 -10.75 19.02 38.04
N CYS H 335 -10.47 18.88 36.76
CA CYS H 335 -11.35 18.12 35.88
C CYS H 335 -10.53 17.45 34.80
N THR H 336 -11.13 16.44 34.17
CA THR H 336 -10.54 15.76 33.03
C THR H 336 -11.54 15.82 31.88
N HIS H 337 -11.22 16.62 30.87
CA HIS H 337 -12.10 16.74 29.71
C HIS H 337 -12.04 15.46 28.90
N SER H 338 -13.09 14.67 28.95
CA SER H 338 -13.16 13.45 28.16
C SER H 338 -13.82 13.77 26.82
N ARG H 339 -14.22 12.74 26.09
CA ARG H 339 -14.91 12.92 24.83
C ARG H 339 -16.31 13.48 25.09
N HIS H 340 -16.86 14.13 24.06
CA HIS H 340 -18.20 14.73 24.08
C HIS H 340 -18.35 15.78 25.17
N ASN H 341 -17.28 16.49 25.49
CA ASN H 341 -17.27 17.56 26.49
C ASN H 341 -17.70 17.06 27.86
N ILE H 342 -17.38 15.83 28.19
CA ILE H 342 -17.72 15.27 29.50
C ILE H 342 -16.54 15.53 30.43
N TYR H 343 -16.80 16.25 31.52
CA TYR H 343 -15.80 16.53 32.53
C TYR H 343 -16.18 15.81 33.81
N ARG H 344 -15.26 15.07 34.38
CA ARG H 344 -15.49 14.47 35.69
C ARG H 344 -14.37 14.88 36.62
N GLY H 345 -14.73 15.36 37.80
CA GLY H 345 -13.75 15.81 38.75
C GLY H 345 -13.05 14.65 39.42
N PRO H 346 -12.20 14.94 40.40
CA PRO H 346 -11.48 13.87 41.08
C PRO H 346 -12.38 13.15 42.07
N GLU H 347 -12.28 11.82 42.06
CA GLU H 347 -13.04 10.93 42.94
C GLU H 347 -14.54 11.13 42.78
N VAL H 348 -15.02 10.87 41.56
CA VAL H 348 -16.43 11.08 41.26
C VAL H 348 -17.24 9.80 41.47
N SER H 349 -16.67 8.63 41.17
CA SER H 349 -17.29 7.32 41.41
C SER H 349 -18.63 7.20 40.68
N LEU H 350 -18.53 7.17 39.36
CA LEU H 350 -19.68 6.94 38.51
C LEU H 350 -20.28 5.55 38.74
N GLY H 351 -21.60 5.47 38.63
CA GLY H 351 -22.31 4.22 38.84
C GLY H 351 -22.17 3.28 37.67
N HIS H 352 -22.97 2.23 37.69
CA HIS H 352 -22.93 1.19 36.68
C HIS H 352 -24.11 1.34 35.74
N GLY H 353 -23.83 1.36 34.44
CA GLY H 353 -24.87 1.52 33.45
C GLY H 353 -25.35 2.94 33.25
N SER H 354 -24.82 3.89 33.99
CA SER H 354 -25.21 5.28 33.82
C SER H 354 -24.55 5.84 32.56
N ILE H 355 -25.32 6.63 31.82
CA ILE H 355 -24.88 7.17 30.53
C ILE H 355 -24.72 8.67 30.68
N LEU H 356 -23.51 9.16 30.43
CA LEU H 356 -23.24 10.59 30.34
C LEU H 356 -23.16 10.92 28.86
N GLU H 357 -24.21 11.55 28.33
CA GLU H 357 -24.26 11.72 26.88
C GLU H 357 -23.26 12.76 26.42
N GLU H 358 -23.42 14.01 26.86
CA GLU H 358 -22.54 15.08 26.41
C GLU H 358 -22.67 16.27 27.34
N ASN H 359 -21.64 17.12 27.32
CA ASN H 359 -21.62 18.43 27.97
C ASN H 359 -21.91 18.34 29.47
N VAL H 360 -21.37 17.32 30.13
CA VAL H 360 -21.60 17.09 31.54
C VAL H 360 -20.39 17.58 32.31
N LEU H 361 -20.61 18.28 33.40
CA LEU H 361 -19.54 18.65 34.32
C LEU H 361 -19.86 18.06 35.68
N LEU H 362 -18.91 17.33 36.24
CA LEU H 362 -19.10 16.62 37.49
C LEU H 362 -18.10 17.11 38.52
N GLY H 363 -18.56 17.51 39.69
CA GLY H 363 -17.69 17.98 40.73
C GLY H 363 -16.99 16.84 41.45
N SER H 364 -16.19 17.21 42.43
CA SER H 364 -15.42 16.23 43.18
C SER H 364 -16.26 15.63 44.30
N GLY H 365 -16.49 14.33 44.25
CA GLY H 365 -17.29 13.66 45.25
C GLY H 365 -18.74 13.53 44.85
N THR H 366 -18.97 13.05 43.64
CA THR H 366 -20.25 13.16 42.94
C THR H 366 -20.73 11.79 42.53
N VAL H 367 -20.90 10.91 43.52
CA VAL H 367 -21.39 9.56 43.27
C VAL H 367 -22.73 9.62 42.52
N ILE H 368 -22.78 8.91 41.40
CA ILE H 368 -23.96 8.84 40.55
C ILE H 368 -24.51 7.43 40.64
N GLY H 369 -25.82 7.28 40.61
CA GLY H 369 -26.43 5.98 40.71
C GLY H 369 -26.30 5.13 39.46
N SER H 370 -27.19 4.16 39.30
CA SER H 370 -27.13 3.20 38.22
C SER H 370 -28.20 3.50 37.19
N ASN H 371 -27.83 3.38 35.91
CA ASN H 371 -28.72 3.58 34.76
C ASN H 371 -29.30 4.99 34.76
N CYS H 372 -28.42 5.99 34.84
CA CYS H 372 -28.79 7.39 34.74
C CYS H 372 -28.57 7.90 33.32
N PHE H 373 -29.27 8.96 32.96
CA PHE H 373 -29.10 9.60 31.67
C PHE H 373 -28.81 11.08 31.85
N ILE H 374 -27.84 11.35 32.71
CA ILE H 374 -27.36 12.70 32.93
C ILE H 374 -26.71 13.25 31.65
N THR H 375 -27.12 14.45 31.25
CA THR H 375 -26.56 15.10 30.07
C THR H 375 -26.76 16.60 30.16
N ASN H 376 -25.91 17.34 29.45
CA ASN H 376 -26.01 18.79 29.28
C ASN H 376 -26.09 19.54 30.60
N SER H 377 -25.47 19.03 31.65
CA SER H 377 -25.72 19.53 32.99
C SER H 377 -24.42 19.80 33.73
N VAL H 378 -24.55 20.45 34.88
CA VAL H 378 -23.44 20.80 35.76
C VAL H 378 -23.85 20.41 37.17
N ILE H 379 -23.03 19.60 37.84
CA ILE H 379 -23.49 18.83 38.99
C ILE H 379 -22.83 19.23 40.31
N GLY H 380 -21.68 19.88 40.30
CA GLY H 380 -21.26 20.61 41.48
C GLY H 380 -20.36 19.86 42.45
N PRO H 381 -19.57 20.61 43.23
CA PRO H 381 -18.54 20.00 44.08
C PRO H 381 -19.07 19.15 45.21
N GLY H 382 -19.45 17.92 44.91
CA GLY H 382 -19.72 16.98 45.97
C GLY H 382 -21.20 16.89 46.25
N CYS H 383 -21.83 15.85 45.71
CA CYS H 383 -23.27 15.71 45.84
C CYS H 383 -23.64 14.29 45.46
N HIS H 384 -24.81 13.87 45.91
CA HIS H 384 -25.25 12.49 45.76
C HIS H 384 -26.40 12.44 44.77
N ILE H 385 -26.21 11.70 43.68
CA ILE H 385 -27.25 11.47 42.69
C ILE H 385 -27.56 9.99 42.69
N GLY H 386 -28.84 9.65 42.84
CA GLY H 386 -29.26 8.29 43.00
C GLY H 386 -29.52 7.58 41.70
N ASP H 387 -30.32 6.53 41.77
CA ASP H 387 -30.49 5.60 40.66
C ASP H 387 -31.55 6.09 39.68
N ASN H 388 -31.33 5.77 38.40
CA ASN H 388 -32.33 5.85 37.34
C ASN H 388 -32.83 7.28 37.11
N VAL H 389 -32.02 8.27 37.45
CA VAL H 389 -32.42 9.67 37.28
C VAL H 389 -32.23 10.08 35.84
N VAL H 390 -32.83 11.21 35.49
CA VAL H 390 -32.61 11.86 34.20
C VAL H 390 -32.36 13.33 34.47
N LEU H 391 -31.23 13.84 33.99
CA LEU H 391 -30.84 15.22 34.20
C LEU H 391 -30.55 15.84 32.83
N ASP H 392 -31.47 16.66 32.34
CA ASP H 392 -31.32 17.31 31.04
C ASP H 392 -31.30 18.82 31.24
N GLN H 393 -30.22 19.45 30.78
CA GLN H 393 -30.00 20.90 30.91
C GLN H 393 -30.17 21.40 32.33
N THR H 394 -29.85 20.58 33.32
CA THR H 394 -30.00 20.98 34.71
C THR H 394 -28.71 21.62 35.20
N TYR H 395 -28.78 22.25 36.36
CA TYR H 395 -27.60 22.83 36.99
C TYR H 395 -27.73 22.61 38.49
N LEU H 396 -26.86 21.78 39.03
CA LEU H 396 -26.94 21.35 40.42
C LEU H 396 -25.72 21.88 41.16
N TRP H 397 -25.94 22.59 42.25
CA TRP H 397 -24.83 23.24 42.93
C TRP H 397 -24.26 22.32 44.00
N GLN H 398 -23.42 22.86 44.89
CA GLN H 398 -22.61 22.04 45.79
C GLN H 398 -23.48 21.36 46.84
N GLY H 399 -23.72 20.07 46.64
CA GLY H 399 -24.47 19.30 47.60
C GLY H 399 -25.93 19.23 47.23
N VAL H 400 -26.37 18.09 46.71
CA VAL H 400 -27.78 17.82 46.50
C VAL H 400 -28.04 16.35 46.84
N ARG H 401 -29.28 16.05 47.12
CA ARG H 401 -29.77 14.71 47.35
C ARG H 401 -30.85 14.44 46.31
N VAL H 402 -30.45 13.81 45.21
CA VAL H 402 -31.41 13.34 44.22
C VAL H 402 -31.57 11.84 44.44
N ALA H 403 -32.76 11.43 44.86
CA ALA H 403 -32.90 10.17 45.57
C ALA H 403 -32.90 8.97 44.62
N ALA H 404 -33.91 8.86 43.76
CA ALA H 404 -34.04 7.71 42.88
C ALA H 404 -35.07 7.96 41.78
N GLY H 405 -34.70 7.71 40.54
CA GLY H 405 -35.66 7.72 39.44
C GLY H 405 -36.29 9.05 39.14
N ALA H 406 -35.76 10.13 39.72
CA ALA H 406 -36.36 11.44 39.59
C ALA H 406 -35.94 12.06 38.26
N GLN H 407 -36.92 12.43 37.45
CA GLN H 407 -36.65 13.03 36.15
C GLN H 407 -36.61 14.54 36.35
N ILE H 408 -35.41 15.12 36.34
CA ILE H 408 -35.23 16.55 36.45
C ILE H 408 -34.83 17.04 35.07
N HIS H 409 -35.73 17.75 34.41
CA HIS H 409 -35.38 18.44 33.17
C HIS H 409 -34.94 19.86 33.53
N GLN H 410 -34.93 20.76 32.54
CA GLN H 410 -34.28 22.07 32.58
C GLN H 410 -34.56 22.84 33.85
N SER H 411 -33.56 23.03 34.70
CA SER H 411 -33.85 23.49 36.05
C SER H 411 -32.61 24.14 36.64
N LEU H 412 -32.67 24.37 37.95
CA LEU H 412 -31.52 24.86 38.70
C LEU H 412 -31.74 24.47 40.15
N LEU H 413 -30.98 23.50 40.62
CA LEU H 413 -31.05 23.07 42.01
C LEU H 413 -29.88 23.70 42.74
N CYS H 414 -30.17 24.62 43.67
CA CYS H 414 -29.12 25.30 44.38
C CYS H 414 -28.47 24.38 45.41
N ASP H 415 -27.53 24.92 46.17
CA ASP H 415 -26.75 24.11 47.10
C ASP H 415 -27.60 23.61 48.26
N ASN H 416 -27.25 22.42 48.74
CA ASN H 416 -27.92 21.72 49.84
C ASN H 416 -29.39 21.43 49.55
N ALA H 417 -29.75 21.32 48.27
CA ALA H 417 -31.12 20.99 47.91
C ALA H 417 -31.41 19.52 48.16
N GLU H 418 -32.70 19.21 48.30
CA GLU H 418 -33.17 17.87 48.64
C GLU H 418 -34.35 17.56 47.73
N VAL H 419 -34.29 16.43 47.04
CA VAL H 419 -35.47 15.89 46.36
C VAL H 419 -35.58 14.41 46.67
N LYS H 420 -36.82 13.95 46.85
CA LYS H 420 -37.08 12.58 47.28
C LYS H 420 -37.29 11.68 46.06
N GLU H 421 -37.82 10.48 46.30
CA GLU H 421 -38.01 9.51 45.24
C GLU H 421 -39.20 9.88 44.36
N ARG H 422 -39.05 9.63 43.06
CA ARG H 422 -40.11 9.80 42.06
C ARG H 422 -40.64 11.24 42.02
N VAL H 423 -39.74 12.17 41.70
CA VAL H 423 -40.07 13.58 41.54
C VAL H 423 -39.76 13.99 40.11
N THR H 424 -40.65 14.79 39.52
CA THR H 424 -40.67 15.00 38.08
C THR H 424 -40.67 16.50 37.78
N LEU H 425 -39.65 17.20 38.30
CA LEU H 425 -39.45 18.61 38.00
C LEU H 425 -39.45 18.87 36.49
N LYS H 426 -40.24 19.83 36.07
CA LYS H 426 -40.39 20.20 34.68
C LYS H 426 -39.46 21.37 34.34
N PRO H 427 -39.35 21.74 33.06
CA PRO H 427 -38.47 22.87 32.67
C PRO H 427 -38.66 24.16 33.45
N ARG H 428 -37.57 24.90 33.58
CA ARG H 428 -37.51 26.25 34.12
C ARG H 428 -37.90 26.31 35.60
N SER H 429 -37.67 25.24 36.34
CA SER H 429 -37.97 25.19 37.76
C SER H 429 -36.71 25.48 38.57
N VAL H 430 -36.82 26.34 39.57
CA VAL H 430 -35.68 26.77 40.37
C VAL H 430 -35.89 26.31 41.80
N LEU H 431 -34.89 25.63 42.36
CA LEU H 431 -34.92 25.17 43.74
C LEU H 431 -33.79 25.86 44.48
N THR H 432 -34.14 26.70 45.45
CA THR H 432 -33.15 27.56 46.11
C THR H 432 -32.48 26.70 47.21
N SER H 433 -31.66 27.30 48.07
CA SER H 433 -30.84 26.56 49.00
C SER H 433 -31.67 25.87 50.08
N GLN H 434 -31.20 24.68 50.48
CA GLN H 434 -31.73 23.90 51.61
C GLN H 434 -33.18 23.48 51.43
N VAL H 435 -33.71 23.52 50.23
CA VAL H 435 -35.11 23.15 50.04
C VAL H 435 -35.23 21.65 49.94
N VAL H 436 -36.40 21.14 50.31
CA VAL H 436 -36.75 19.73 50.21
C VAL H 436 -38.00 19.62 49.36
N VAL H 437 -38.08 18.57 48.54
CA VAL H 437 -39.26 18.31 47.72
C VAL H 437 -39.70 16.87 47.96
N GLY H 438 -40.98 16.70 48.28
CA GLY H 438 -41.48 15.44 48.76
C GLY H 438 -41.53 14.37 47.69
N PRO H 439 -41.97 13.16 48.08
CA PRO H 439 -41.82 11.98 47.23
C PRO H 439 -42.88 11.83 46.15
N ASN H 440 -43.73 12.83 45.90
CA ASN H 440 -44.73 12.68 44.86
C ASN H 440 -44.94 13.95 44.04
N ILE H 441 -44.11 14.96 44.21
CA ILE H 441 -44.36 16.26 43.59
C ILE H 441 -44.00 16.21 42.11
N THR H 442 -44.80 16.89 41.30
CA THR H 442 -44.49 17.17 39.91
C THR H 442 -44.66 18.67 39.75
N LEU H 443 -43.56 19.41 39.89
CA LEU H 443 -43.64 20.86 39.95
C LEU H 443 -43.93 21.43 38.57
N PRO H 444 -44.79 22.45 38.49
CA PRO H 444 -45.12 23.03 37.19
C PRO H 444 -43.93 23.76 36.57
N GLU H 445 -44.04 23.98 35.26
CA GLU H 445 -42.97 24.62 34.50
C GLU H 445 -42.88 26.08 34.91
N GLY H 446 -41.80 26.45 35.60
CA GLY H 446 -41.60 27.81 36.03
C GLY H 446 -41.92 28.02 37.50
N SER H 447 -41.52 27.07 38.34
CA SER H 447 -41.83 27.10 39.75
C SER H 447 -40.56 27.34 40.55
N VAL H 448 -40.53 28.43 41.31
CA VAL H 448 -39.42 28.72 42.20
C VAL H 448 -39.79 28.30 43.62
N ILE H 449 -38.87 27.61 44.28
CA ILE H 449 -39.09 27.06 45.61
C ILE H 449 -37.94 27.51 46.49
N SER H 450 -38.26 28.10 47.64
CA SER H 450 -37.23 28.58 48.56
C SER H 450 -37.73 28.42 49.98
N LEU H 451 -36.82 28.60 50.93
CA LEU H 451 -37.17 28.64 52.34
C LEU H 451 -37.88 29.93 52.74
N HIS H 452 -37.98 30.90 51.84
CA HIS H 452 -38.71 32.13 52.11
C HIS H 452 -39.99 32.13 51.27
N PRO H 453 -41.14 31.81 51.85
CA PRO H 453 -42.40 31.75 51.08
C PRO H 453 -42.82 33.08 50.45
N PRO H 454 -42.53 34.26 51.03
CA PRO H 454 -42.82 35.49 50.28
C PRO H 454 -42.06 35.63 48.97
N ASP H 455 -40.83 35.14 48.90
CA ASP H 455 -40.02 35.34 47.70
C ASP H 455 -40.35 34.32 46.61
N ALA H 456 -40.48 33.06 47.00
CA ALA H 456 -40.71 31.97 46.05
C ALA H 456 -42.20 31.74 45.86
N GLU H 457 -42.54 30.61 45.23
CA GLU H 457 -43.92 30.15 45.11
C GLU H 457 -44.18 28.90 45.93
N GLU H 458 -43.29 28.55 46.85
CA GLU H 458 -43.47 27.38 47.69
C GLU H 458 -42.61 27.54 48.95
N ASP H 459 -42.40 26.45 49.67
CA ASP H 459 -41.80 26.47 51.00
C ASP H 459 -40.85 25.28 51.08
N GLU H 460 -40.45 24.90 52.31
CA GLU H 460 -39.43 23.89 52.56
C GLU H 460 -39.83 22.47 52.17
N ASP H 461 -41.04 22.25 51.67
CA ASP H 461 -41.46 20.90 51.30
C ASP H 461 -42.12 20.99 49.92
N ASP H 462 -42.84 19.96 49.49
CA ASP H 462 -43.41 19.92 48.15
C ASP H 462 -44.58 20.90 48.04
N GLY H 463 -45.26 20.86 46.89
CA GLY H 463 -46.25 21.87 46.58
C GLY H 463 -47.49 21.80 47.46
N GLU H 464 -48.09 22.97 47.67
CA GLU H 464 -49.32 23.21 48.43
C GLU H 464 -49.18 22.92 49.92
N PHE H 465 -47.96 22.88 50.46
CA PHE H 465 -47.75 22.72 51.89
C PHE H 465 -46.77 23.78 52.38
N SER H 466 -46.68 23.89 53.70
CA SER H 466 -45.79 24.85 54.34
C SER H 466 -44.61 24.16 54.99
N MET I 1 58.89 3.23 -5.96
CA MET I 1 59.28 2.86 -7.32
C MET I 1 58.67 1.54 -7.71
N GLU I 2 57.49 1.61 -8.34
CA GLU I 2 56.83 0.40 -8.84
C GLU I 2 57.66 -0.28 -9.91
N PHE I 3 57.84 0.39 -11.05
CA PHE I 3 58.54 -0.15 -12.19
C PHE I 3 59.90 0.51 -12.29
N GLN I 4 60.92 -0.30 -12.59
CA GLN I 4 62.28 0.19 -12.77
C GLN I 4 62.72 -0.24 -14.16
N ALA I 5 62.57 0.67 -15.14
CA ALA I 5 62.75 0.32 -16.53
C ALA I 5 64.22 0.15 -16.88
N VAL I 6 64.52 -0.91 -17.61
CA VAL I 6 65.88 -1.30 -17.97
C VAL I 6 66.01 -1.20 -19.48
N VAL I 7 67.09 -0.58 -19.95
CA VAL I 7 67.35 -0.40 -21.37
C VAL I 7 68.56 -1.24 -21.75
N MET I 8 68.37 -2.12 -22.74
CA MET I 8 69.44 -2.97 -23.23
C MET I 8 70.47 -2.17 -24.03
N ALA I 9 71.63 -2.79 -24.25
CA ALA I 9 72.68 -2.22 -25.08
C ALA I 9 73.58 -3.31 -25.61
N ILE I 36 68.90 5.91 -29.75
CA ILE I 36 68.76 5.54 -28.35
C ILE I 36 67.95 6.60 -27.61
N TRP I 37 67.70 7.72 -28.28
CA TRP I 37 66.93 8.78 -27.64
C TRP I 37 65.45 8.44 -27.58
N TYR I 38 64.95 7.61 -28.49
CA TYR I 38 63.54 7.25 -28.49
C TYR I 38 63.09 6.50 -27.25
N PRO I 39 63.78 5.44 -26.76
CA PRO I 39 63.32 4.82 -25.50
C PRO I 39 63.41 5.73 -24.30
N LEU I 40 64.48 6.52 -24.17
CA LEU I 40 64.61 7.41 -23.02
C LEU I 40 63.58 8.52 -23.05
N ASN I 41 63.26 9.03 -24.25
CA ASN I 41 62.20 10.03 -24.37
C ASN I 41 60.83 9.44 -24.09
N LEU I 42 60.58 8.19 -24.51
CA LEU I 42 59.32 7.53 -24.17
C LEU I 42 59.20 7.33 -22.66
N LEU I 43 60.31 6.94 -22.01
CA LEU I 43 60.30 6.74 -20.57
C LEU I 43 60.10 8.05 -19.82
N GLU I 44 60.72 9.13 -20.29
CA GLU I 44 60.52 10.43 -19.66
C GLU I 44 59.12 10.97 -19.93
N ARG I 45 58.53 10.62 -21.07
CA ARG I 45 57.16 11.02 -21.35
C ARG I 45 56.17 10.25 -20.48
N VAL I 46 56.47 8.98 -20.20
CA VAL I 46 55.63 8.21 -19.30
C VAL I 46 55.71 8.77 -17.88
N GLY I 47 56.91 9.12 -17.42
CA GLY I 47 57.09 9.66 -16.10
C GLY I 47 58.21 9.00 -15.31
N PHE I 48 59.05 8.23 -16.00
CA PHE I 48 60.15 7.53 -15.34
C PHE I 48 61.24 8.51 -14.94
N GLU I 49 61.77 8.32 -13.72
CA GLU I 49 62.80 9.23 -13.22
C GLU I 49 64.21 8.75 -13.56
N GLU I 50 64.41 7.44 -13.73
CA GLU I 50 65.73 6.89 -14.03
C GLU I 50 65.59 5.74 -15.01
N VAL I 51 66.60 5.58 -15.85
CA VAL I 51 66.60 4.55 -16.89
C VAL I 51 67.99 3.93 -16.99
N ILE I 52 68.16 2.75 -16.40
CA ILE I 52 69.44 2.07 -16.45
C ILE I 52 69.72 1.58 -17.87
N VAL I 53 70.93 1.84 -18.35
CA VAL I 53 71.41 1.33 -19.63
C VAL I 53 72.56 0.39 -19.34
N VAL I 54 72.44 -0.85 -19.79
CA VAL I 54 73.40 -1.89 -19.46
C VAL I 54 74.59 -1.84 -20.41
N ILE I 75 70.76 11.12 -14.58
CA ILE I 75 70.05 10.15 -13.74
C ILE I 75 69.93 8.82 -14.48
N VAL I 76 70.91 8.52 -15.32
CA VAL I 76 70.96 7.28 -16.08
C VAL I 76 72.23 6.54 -15.72
N CYS I 77 72.09 5.27 -15.37
CA CYS I 77 73.22 4.46 -14.92
C CYS I 77 74.02 3.93 -16.10
N ILE I 78 75.32 4.12 -16.05
CA ILE I 78 76.27 3.58 -17.01
C ILE I 78 76.36 2.07 -16.81
N PRO I 79 76.88 1.28 -17.78
CA PRO I 79 77.03 -0.16 -17.52
C PRO I 79 78.03 -0.48 -16.41
N ALA I 87 69.21 -12.31 -24.40
CA ALA I 87 69.43 -11.02 -23.76
C ALA I 87 69.61 -11.18 -22.26
N ASP I 88 70.76 -11.72 -21.85
CA ASP I 88 71.10 -11.90 -20.45
C ASP I 88 71.77 -10.68 -19.85
N SER I 89 71.57 -9.50 -20.45
CA SER I 89 72.20 -8.29 -19.93
C SER I 89 71.54 -7.81 -18.65
N LEU I 90 70.26 -8.13 -18.44
CA LEU I 90 69.60 -7.78 -17.20
C LEU I 90 70.16 -8.51 -16.00
N ARG I 91 70.78 -9.68 -16.22
CA ARG I 91 71.45 -10.39 -15.13
C ARG I 91 72.69 -9.64 -14.66
N TYR I 92 73.35 -8.92 -15.57
CA TYR I 92 74.51 -8.11 -15.19
C TYR I 92 74.11 -6.79 -14.54
N ILE I 93 72.85 -6.39 -14.64
CA ILE I 93 72.34 -5.23 -13.94
C ILE I 93 71.53 -5.62 -12.71
N TYR I 94 71.76 -6.82 -12.18
CA TYR I 94 70.98 -7.31 -11.04
C TYR I 94 71.15 -6.49 -9.76
N PRO I 95 72.37 -5.97 -9.37
CA PRO I 95 72.48 -5.21 -8.10
C PRO I 95 71.64 -3.93 -7.98
N LYS I 96 70.80 -3.66 -8.96
CA LYS I 96 69.70 -2.72 -8.83
C LYS I 96 68.74 -3.15 -7.72
N LEU I 97 67.82 -2.24 -7.39
CA LEU I 97 66.72 -2.58 -6.49
C LEU I 97 65.82 -3.61 -7.15
N LYS I 98 65.31 -4.53 -6.34
CA LYS I 98 64.50 -5.61 -6.87
C LYS I 98 63.03 -5.21 -6.97
N THR I 99 62.75 -4.11 -7.66
CA THR I 99 61.38 -3.73 -7.95
C THR I 99 60.96 -4.42 -9.25
N ASP I 100 59.75 -4.14 -9.70
CA ASP I 100 59.31 -4.63 -10.99
C ASP I 100 60.14 -3.96 -12.08
N VAL I 101 60.54 -4.73 -13.09
CA VAL I 101 61.38 -4.21 -14.14
C VAL I 101 60.56 -4.08 -15.42
N LEU I 102 61.08 -3.30 -16.35
CA LEU I 102 60.52 -3.14 -17.69
C LEU I 102 61.70 -3.27 -18.62
N VAL I 103 62.05 -4.49 -18.98
CA VAL I 103 63.22 -4.75 -19.81
C VAL I 103 62.92 -4.31 -21.23
N LEU I 104 63.74 -3.41 -21.76
CA LEU I 104 63.45 -2.76 -23.02
C LEU I 104 64.73 -2.72 -23.85
N SER I 105 64.57 -2.82 -25.17
CA SER I 105 65.68 -2.69 -26.10
C SER I 105 65.42 -1.51 -27.03
N CYS I 106 66.48 -0.75 -27.31
CA CYS I 106 66.33 0.53 -28.00
C CYS I 106 65.94 0.38 -29.47
N ASP I 107 66.07 -0.81 -30.04
CA ASP I 107 65.77 -1.01 -31.45
C ASP I 107 64.29 -1.30 -31.66
N LEU I 108 63.74 -0.72 -32.74
CA LEU I 108 62.36 -0.98 -33.20
C LEU I 108 61.32 -0.65 -32.13
N ILE I 109 61.55 0.43 -31.40
CA ILE I 109 60.58 0.95 -30.44
C ILE I 109 60.35 2.42 -30.74
N THR I 110 59.09 2.80 -30.89
CA THR I 110 58.76 4.18 -31.26
C THR I 110 57.33 4.48 -30.86
N ASP I 111 57.18 5.37 -29.87
CA ASP I 111 55.94 6.07 -29.53
C ASP I 111 54.74 5.17 -29.31
N VAL I 112 54.96 3.91 -28.94
CA VAL I 112 53.86 3.06 -28.56
C VAL I 112 53.32 3.49 -27.20
N ALA I 113 52.01 3.39 -27.04
CA ALA I 113 51.39 3.65 -25.74
C ALA I 113 51.68 2.46 -24.84
N LEU I 114 52.93 2.44 -24.33
CA LEU I 114 53.38 1.31 -23.51
C LEU I 114 52.65 1.26 -22.18
N HIS I 115 52.11 2.41 -21.76
CA HIS I 115 51.25 2.50 -20.57
C HIS I 115 50.15 1.44 -20.58
N GLU I 116 49.49 1.28 -21.73
CA GLU I 116 48.44 0.27 -21.85
C GLU I 116 48.99 -1.13 -21.62
N VAL I 117 50.18 -1.42 -22.16
CA VAL I 117 50.83 -2.70 -21.87
C VAL I 117 51.15 -2.80 -20.38
N VAL I 118 51.57 -1.69 -19.77
CA VAL I 118 51.82 -1.66 -18.33
C VAL I 118 50.53 -1.92 -17.57
N ASP I 119 49.39 -1.52 -18.13
CA ASP I 119 48.12 -1.80 -17.48
C ASP I 119 47.85 -3.30 -17.44
N LEU I 120 48.29 -4.04 -18.46
CA LEU I 120 48.14 -5.50 -18.43
C LEU I 120 49.04 -6.13 -17.38
N PHE I 121 49.99 -5.35 -16.85
CA PHE I 121 50.79 -5.82 -15.73
C PHE I 121 50.13 -5.49 -14.41
N ARG I 122 49.32 -4.43 -14.38
CA ARG I 122 48.75 -3.97 -13.12
C ARG I 122 47.34 -4.50 -12.93
N ALA I 123 46.63 -4.75 -14.03
CA ALA I 123 45.27 -5.29 -13.95
C ALA I 123 45.27 -6.70 -13.40
N TYR I 124 46.10 -7.56 -13.96
CA TYR I 124 46.00 -8.99 -13.78
C TYR I 124 47.06 -9.53 -12.85
N ASP I 125 47.95 -8.67 -12.35
CA ASP I 125 49.19 -9.08 -11.69
C ASP I 125 49.92 -10.13 -12.52
N ALA I 126 50.05 -9.83 -13.80
CA ALA I 126 50.67 -10.75 -14.75
C ALA I 126 52.12 -10.97 -14.40
N SER I 127 52.56 -12.22 -14.46
CA SER I 127 53.98 -12.51 -14.28
C SER I 127 54.81 -11.82 -15.34
N LEU I 128 54.32 -11.82 -16.58
CA LEU I 128 54.98 -11.14 -17.68
C LEU I 128 53.93 -10.38 -18.48
N ALA I 129 54.31 -9.20 -18.97
CA ALA I 129 53.52 -8.46 -19.94
C ALA I 129 54.43 -8.09 -21.11
N MET I 130 53.98 -8.39 -22.32
CA MET I 130 54.80 -8.23 -23.50
C MET I 130 54.11 -7.26 -24.46
N LEU I 131 54.92 -6.57 -25.26
CA LEU I 131 54.43 -5.73 -26.33
C LEU I 131 54.77 -6.34 -27.68
N MET I 132 53.77 -6.50 -28.53
CA MET I 132 53.96 -6.88 -29.92
C MET I 132 53.14 -5.97 -30.81
N ARG I 133 53.64 -5.73 -32.01
CA ARG I 133 52.99 -4.79 -32.91
C ARG I 133 52.73 -5.42 -34.27
N ARG I 155 58.43 -15.94 -38.00
CA ARG I 155 59.14 -17.18 -37.71
C ARG I 155 58.56 -17.88 -36.49
N ASP I 156 58.11 -17.10 -35.52
CA ASP I 156 57.52 -17.60 -34.29
C ASP I 156 56.03 -17.31 -34.30
N PHE I 157 55.24 -18.33 -33.97
CA PHE I 157 53.80 -18.20 -33.90
C PHE I 157 53.37 -18.08 -32.45
N ILE I 158 52.51 -17.11 -32.15
CA ILE I 158 51.95 -17.00 -30.81
C ILE I 158 50.49 -17.44 -30.89
N GLY I 159 50.02 -17.96 -29.77
CA GLY I 159 48.64 -18.35 -29.64
C GLY I 159 48.06 -17.69 -28.40
N VAL I 160 47.10 -16.81 -28.62
CA VAL I 160 46.51 -16.02 -27.56
C VAL I 160 45.13 -16.57 -27.24
N ASP I 161 44.56 -16.12 -26.13
CA ASP I 161 43.26 -16.57 -25.69
C ASP I 161 42.16 -15.88 -26.50
N SER I 162 40.92 -16.25 -26.21
CA SER I 162 39.79 -15.65 -26.90
C SER I 162 39.63 -14.17 -26.56
N THR I 163 40.10 -13.75 -25.39
CA THR I 163 40.05 -12.33 -25.03
C THR I 163 41.11 -11.51 -25.73
N GLY I 164 42.07 -12.14 -26.41
CA GLY I 164 43.07 -11.41 -27.15
C GLY I 164 44.10 -10.70 -26.30
N LYS I 165 44.29 -11.13 -25.06
CA LYS I 165 45.30 -10.53 -24.19
C LYS I 165 46.15 -11.55 -23.44
N ARG I 166 45.74 -12.81 -23.36
CA ARG I 166 46.42 -13.84 -22.59
C ARG I 166 47.25 -14.70 -23.52
N LEU I 167 48.57 -14.70 -23.33
CA LEU I 167 49.44 -15.58 -24.10
C LEU I 167 49.25 -17.02 -23.64
N LEU I 168 49.14 -17.94 -24.59
CA LEU I 168 48.98 -19.35 -24.28
C LEU I 168 50.06 -20.22 -24.90
N PHE I 169 50.44 -19.97 -26.15
CA PHE I 169 51.42 -20.84 -26.79
C PHE I 169 52.36 -20.01 -27.66
N MET I 170 53.56 -19.73 -27.18
CA MET I 170 54.59 -19.10 -27.99
C MET I 170 55.54 -20.18 -28.49
N ALA I 171 55.65 -20.30 -29.81
CA ALA I 171 56.50 -21.33 -30.39
C ALA I 171 57.97 -20.93 -30.34
N ALA I 174 60.29 -19.55 -32.40
CA ALA I 174 60.57 -19.72 -33.82
C ALA I 174 59.96 -21.00 -34.34
N ASP I 175 60.06 -21.22 -35.65
CA ASP I 175 59.52 -22.42 -36.29
C ASP I 175 60.50 -23.59 -36.20
N LEU I 176 60.92 -23.92 -34.97
CA LEU I 176 61.88 -25.00 -34.79
C LEU I 176 61.26 -26.36 -35.08
N ASP I 177 60.02 -26.57 -34.62
CA ASP I 177 59.36 -27.86 -34.80
C ASP I 177 58.76 -27.96 -36.19
N GLU I 178 58.59 -29.20 -36.65
CA GLU I 178 57.89 -29.44 -37.91
C GLU I 178 56.38 -29.32 -37.76
N GLU I 179 55.86 -29.59 -36.56
CA GLU I 179 54.43 -29.60 -36.29
C GLU I 179 54.15 -28.73 -35.07
N LEU I 180 53.07 -27.96 -35.14
CA LEU I 180 52.64 -27.13 -34.02
C LEU I 180 51.88 -27.99 -33.03
N VAL I 181 52.63 -28.77 -32.25
CA VAL I 181 52.00 -29.61 -31.23
C VAL I 181 51.55 -28.73 -30.06
N ILE I 182 50.33 -28.98 -29.59
CA ILE I 182 49.74 -28.20 -28.51
C ILE I 182 49.35 -29.17 -27.40
N LYS I 183 49.72 -28.82 -26.17
CA LYS I 183 49.26 -29.58 -25.01
C LYS I 183 47.75 -29.52 -24.93
N GLY I 184 47.12 -30.68 -24.72
CA GLY I 184 45.67 -30.74 -24.67
C GLY I 184 45.07 -29.98 -23.50
N SER I 185 45.79 -29.88 -22.39
CA SER I 185 45.25 -29.23 -21.20
C SER I 185 45.04 -27.74 -21.41
N ILE I 186 45.87 -27.11 -22.25
CA ILE I 186 45.63 -25.74 -22.67
C ILE I 186 44.29 -25.64 -23.38
N LEU I 187 44.02 -26.61 -24.27
CA LEU I 187 42.81 -26.54 -25.06
C LEU I 187 41.56 -26.87 -24.25
N GLN I 188 41.69 -27.69 -23.22
CA GLN I 188 40.56 -27.88 -22.32
C GLN I 188 40.36 -26.70 -21.39
N LYS I 189 41.43 -26.00 -21.02
CA LYS I 189 41.27 -24.77 -20.24
C LYS I 189 40.84 -23.62 -21.14
N HIS I 190 41.61 -23.34 -22.18
CA HIS I 190 41.28 -22.29 -23.15
C HIS I 190 40.93 -22.95 -24.47
N PRO I 191 39.66 -23.00 -24.85
CA PRO I 191 39.30 -23.72 -26.07
C PRO I 191 39.59 -22.97 -27.36
N ARG I 192 39.42 -21.66 -27.36
CA ARG I 192 39.63 -20.85 -28.56
C ARG I 192 41.00 -20.18 -28.49
N ILE I 193 41.96 -20.72 -29.24
CA ILE I 193 43.29 -20.15 -29.31
C ILE I 193 43.45 -19.46 -30.66
N ARG I 194 43.57 -18.14 -30.64
CA ARG I 194 43.79 -17.37 -31.85
C ARG I 194 45.29 -17.38 -32.14
N PHE I 195 45.68 -17.87 -33.30
CA PHE I 195 47.09 -17.96 -33.63
C PHE I 195 47.50 -16.80 -34.53
N HIS I 196 48.46 -16.01 -34.06
CA HIS I 196 49.07 -14.95 -34.84
C HIS I 196 50.44 -15.41 -35.31
N THR I 197 50.75 -15.14 -36.58
CA THR I 197 51.97 -15.61 -37.20
C THR I 197 52.90 -14.44 -37.47
N GLY I 198 54.10 -14.50 -36.89
CA GLY I 198 55.15 -13.53 -37.15
C GLY I 198 54.85 -12.10 -36.70
N LEU I 199 54.30 -11.93 -35.50
CA LEU I 199 54.11 -10.60 -34.97
C LEU I 199 55.44 -9.95 -34.64
N VAL I 200 55.50 -8.63 -34.82
CA VAL I 200 56.75 -7.90 -34.57
C VAL I 200 56.94 -7.78 -33.07
N ASP I 201 58.02 -8.38 -32.56
CA ASP I 201 58.39 -8.25 -31.16
C ASP I 201 58.86 -6.83 -30.91
N ALA I 202 58.12 -6.09 -30.08
CA ALA I 202 58.34 -4.66 -29.94
C ALA I 202 59.54 -4.30 -29.05
N HIS I 203 60.37 -5.28 -28.70
CA HIS I 203 61.57 -5.13 -27.88
C HIS I 203 61.26 -4.59 -26.49
N LEU I 204 60.02 -4.76 -26.02
CA LEU I 204 59.59 -4.31 -24.70
C LEU I 204 59.16 -5.53 -23.90
N TYR I 205 59.60 -5.63 -22.66
CA TYR I 205 59.31 -6.79 -21.84
C TYR I 205 59.06 -6.30 -20.42
N CYS I 206 57.97 -6.73 -19.81
CA CYS I 206 57.66 -6.40 -18.42
C CYS I 206 57.74 -7.66 -17.58
N LEU I 207 58.52 -7.61 -16.50
CA LEU I 207 58.73 -8.75 -15.64
C LEU I 207 58.50 -8.35 -14.18
N LYS I 208 58.11 -9.32 -13.36
CA LYS I 208 58.16 -9.09 -11.92
C LYS I 208 59.57 -9.33 -11.42
N LYS I 209 59.77 -9.09 -10.12
CA LYS I 209 61.11 -9.13 -9.55
C LYS I 209 61.65 -10.55 -9.39
N TYR I 210 60.82 -11.58 -9.59
CA TYR I 210 61.30 -12.94 -9.39
C TYR I 210 61.70 -13.64 -10.68
N ILE I 211 61.24 -13.18 -11.84
CA ILE I 211 61.70 -13.76 -13.10
C ILE I 211 63.18 -13.49 -13.28
N VAL I 212 63.62 -12.28 -12.93
CA VAL I 212 65.04 -12.09 -12.67
C VAL I 212 65.34 -12.76 -11.32
N ASP I 213 66.03 -13.90 -11.40
CA ASP I 213 66.20 -14.77 -10.23
C ASP I 213 67.66 -15.04 -9.90
N PHE I 214 68.48 -15.34 -10.90
CA PHE I 214 69.90 -15.58 -10.67
C PHE I 214 70.73 -14.36 -11.02
N SER I 226 63.75 -15.87 -28.10
CA SER I 226 64.12 -15.07 -26.95
C SER I 226 64.43 -15.98 -25.76
N GLU I 227 65.01 -15.38 -24.72
CA GLU I 227 65.39 -16.10 -23.50
C GLU I 227 64.31 -15.91 -22.45
N LEU I 228 63.74 -17.02 -21.98
CA LEU I 228 62.75 -17.12 -20.91
C LEU I 228 61.40 -16.51 -21.27
N ILE I 229 61.27 -15.94 -22.47
CA ILE I 229 59.98 -15.42 -22.91
C ILE I 229 59.11 -16.55 -23.47
N PRO I 230 59.59 -17.49 -24.28
CA PRO I 230 58.77 -18.68 -24.56
C PRO I 230 58.85 -19.74 -23.48
N TYR I 231 59.82 -19.67 -22.58
CA TYR I 231 59.90 -20.64 -21.50
C TYR I 231 58.83 -20.39 -20.45
N LEU I 232 58.63 -19.13 -20.09
CA LEU I 232 57.72 -18.82 -19.00
C LEU I 232 56.26 -19.03 -19.39
N VAL I 233 55.93 -18.89 -20.67
CA VAL I 233 54.56 -19.12 -21.10
C VAL I 233 54.20 -20.60 -21.08
N ARG I 234 55.20 -21.47 -21.02
CA ARG I 234 54.97 -22.89 -20.77
C ARG I 234 54.88 -23.19 -19.29
N LYS I 235 55.47 -22.34 -18.45
CA LYS I 235 55.61 -22.64 -17.03
C LYS I 235 54.27 -22.58 -16.28
N GLN I 236 53.24 -22.01 -16.88
CA GLN I 236 51.92 -22.14 -16.26
C GLN I 236 51.24 -23.45 -16.63
N PHE I 237 51.86 -24.26 -17.48
CA PHE I 237 51.43 -25.62 -17.79
C PHE I 237 50.00 -25.71 -18.34
N ALA I 240 61.59 -22.79 -11.29
CA ALA I 240 60.53 -22.13 -12.03
C ALA I 240 59.68 -21.26 -11.10
N SER I 241 59.41 -21.77 -9.91
CA SER I 241 58.60 -21.08 -8.91
C SER I 241 59.52 -20.43 -7.90
N SER I 242 59.66 -19.12 -7.97
CA SER I 242 60.47 -18.33 -7.06
C SER I 242 59.70 -17.14 -6.54
N GLN I 243 58.39 -17.32 -6.34
CA GLN I 243 57.51 -16.26 -5.87
C GLN I 243 57.77 -15.93 -4.40
N SER I 260 48.92 -21.28 -11.76
CA SER I 260 50.12 -20.67 -11.22
C SER I 260 50.29 -19.25 -11.74
N LEU I 261 51.40 -18.99 -12.42
CA LEU I 261 51.66 -17.67 -12.98
C LEU I 261 50.78 -17.44 -14.20
N ASP I 262 50.71 -16.18 -14.62
CA ASP I 262 49.92 -15.78 -15.77
C ASP I 262 50.66 -14.69 -16.54
N ILE I 263 50.61 -14.78 -17.87
CA ILE I 263 51.40 -13.96 -18.77
C ILE I 263 50.50 -13.37 -19.84
N TYR I 264 50.57 -12.05 -20.02
CA TYR I 264 49.67 -11.36 -20.93
C TYR I 264 50.45 -10.59 -21.98
N SER I 265 49.79 -10.30 -23.10
CA SER I 265 50.42 -9.62 -24.23
C SER I 265 49.50 -8.54 -24.76
N PHE I 266 50.09 -7.52 -25.37
CA PHE I 266 49.36 -6.44 -26.00
C PHE I 266 49.75 -6.32 -27.47
N ILE I 267 48.74 -6.24 -28.34
CA ILE I 267 48.97 -6.12 -29.76
C ILE I 267 48.46 -4.77 -30.26
N MET J 1 -35.90 38.20 -27.45
CA MET J 1 -36.14 39.46 -26.77
C MET J 1 -36.30 39.24 -25.28
N GLU J 2 -35.17 39.10 -24.57
CA GLU J 2 -35.21 38.97 -23.12
C GLU J 2 -35.70 40.26 -22.47
N PHE J 3 -35.21 41.40 -22.92
CA PHE J 3 -35.52 42.70 -22.33
C PHE J 3 -36.18 43.60 -23.36
N GLN J 4 -36.82 44.65 -22.86
CA GLN J 4 -37.41 45.68 -23.71
C GLN J 4 -37.19 47.03 -23.04
N ALA J 5 -36.22 47.78 -23.54
CA ALA J 5 -35.90 49.07 -22.95
C ALA J 5 -37.01 50.08 -23.26
N VAL J 6 -37.46 50.78 -22.22
CA VAL J 6 -38.50 51.80 -22.33
C VAL J 6 -37.86 53.13 -21.99
N VAL J 7 -37.93 54.08 -22.91
CA VAL J 7 -37.38 55.41 -22.72
C VAL J 7 -38.53 56.38 -22.48
N MET J 8 -38.44 57.14 -21.39
CA MET J 8 -39.52 58.02 -20.98
C MET J 8 -39.60 59.24 -21.88
N ALA J 9 -40.73 59.94 -21.78
CA ALA J 9 -40.95 61.15 -22.55
C ALA J 9 -41.96 62.05 -21.86
N ILE J 36 -31.89 63.27 -26.17
CA ILE J 36 -32.14 61.91 -25.71
C ILE J 36 -31.28 60.92 -26.47
N TRP J 37 -30.20 61.40 -27.08
CA TRP J 37 -29.31 60.51 -27.81
C TRP J 37 -28.48 59.65 -26.88
N TYR J 38 -28.21 60.12 -25.66
CA TYR J 38 -27.47 59.32 -24.69
C TYR J 38 -28.25 58.07 -24.25
N PRO J 39 -29.56 58.11 -23.98
CA PRO J 39 -30.27 56.84 -23.76
C PRO J 39 -30.32 55.94 -24.98
N LEU J 40 -30.67 56.48 -26.14
CA LEU J 40 -30.92 55.65 -27.32
C LEU J 40 -29.66 54.98 -27.83
N ASN J 41 -28.48 55.53 -27.53
CA ASN J 41 -27.23 54.89 -27.90
C ASN J 41 -26.41 54.44 -26.70
N LEU J 42 -27.00 54.42 -25.51
CA LEU J 42 -26.45 53.60 -24.43
C LEU J 42 -26.80 52.14 -24.62
N LEU J 43 -27.73 51.84 -25.52
CA LEU J 43 -28.16 50.49 -25.81
C LEU J 43 -27.35 49.83 -26.91
N GLU J 44 -26.14 50.34 -27.17
CA GLU J 44 -25.27 50.04 -28.33
C GLU J 44 -25.97 49.51 -29.59
N PHE J 48 -29.27 46.11 -27.50
CA PHE J 48 -30.68 46.19 -27.84
C PHE J 48 -30.89 46.62 -29.28
N GLU J 49 -32.13 46.51 -29.74
CA GLU J 49 -32.47 46.86 -31.12
C GLU J 49 -33.76 47.66 -31.25
N GLU J 50 -34.43 47.99 -30.15
CA GLU J 50 -35.66 48.75 -30.21
C GLU J 50 -35.88 49.49 -28.89
N VAL J 51 -36.51 50.65 -28.97
CA VAL J 51 -36.86 51.47 -27.82
C VAL J 51 -38.35 51.74 -27.86
N ILE J 52 -38.88 52.21 -26.75
CA ILE J 52 -40.30 52.55 -26.65
C ILE J 52 -40.39 54.04 -26.35
N VAL J 53 -39.45 54.81 -26.90
CA VAL J 53 -39.35 56.25 -26.62
C VAL J 53 -40.60 57.02 -27.01
N ILE J 75 -38.09 50.84 -32.13
CA ILE J 75 -37.78 52.16 -32.65
C ILE J 75 -39.05 52.99 -32.72
N VAL J 76 -40.15 52.40 -32.28
CA VAL J 76 -41.46 53.04 -32.38
C VAL J 76 -41.65 53.99 -31.22
N CYS J 77 -42.00 55.23 -31.53
CA CYS J 77 -42.26 56.26 -30.53
C CYS J 77 -43.76 56.40 -30.36
N ILE J 78 -44.26 56.10 -29.17
CA ILE J 78 -45.69 56.19 -28.89
C ILE J 78 -45.96 57.14 -27.75
N ALA J 87 -43.45 58.75 -15.27
CA ALA J 87 -43.45 57.54 -14.45
C ALA J 87 -44.56 56.59 -14.88
N ASP J 88 -45.70 57.14 -15.27
CA ASP J 88 -46.85 56.35 -15.67
C ASP J 88 -46.87 56.06 -17.16
N SER J 89 -45.83 56.45 -17.91
CA SER J 89 -45.79 56.19 -19.34
C SER J 89 -45.59 54.72 -19.66
N LEU J 90 -44.98 53.95 -18.75
CA LEU J 90 -44.85 52.51 -18.96
C LEU J 90 -46.20 51.82 -18.95
N ARG J 91 -47.17 52.38 -18.22
CA ARG J 91 -48.54 51.87 -18.29
C ARG J 91 -49.19 52.21 -19.62
N TYR J 92 -48.80 53.33 -20.24
CA TYR J 92 -49.26 53.66 -21.58
C TYR J 92 -48.46 52.95 -22.67
N ILE J 93 -47.31 52.36 -22.32
CA ILE J 93 -46.57 51.52 -23.25
C ILE J 93 -46.82 50.05 -22.97
N TYR J 94 -47.91 49.74 -22.27
CA TYR J 94 -48.21 48.35 -21.89
C TYR J 94 -48.45 47.38 -23.06
N PRO J 95 -49.14 47.74 -24.17
CA PRO J 95 -49.34 46.74 -25.24
C PRO J 95 -48.06 46.21 -25.89
N LYS J 96 -46.90 46.78 -25.62
CA LYS J 96 -45.66 46.13 -26.01
C LYS J 96 -45.47 44.85 -25.21
N LEU J 97 -44.74 43.89 -25.79
CA LEU J 97 -44.59 42.56 -25.21
C LEU J 97 -43.92 42.63 -23.84
N LYS J 98 -44.68 42.33 -22.80
CA LYS J 98 -44.23 42.49 -21.41
C LYS J 98 -43.22 41.38 -21.11
N THR J 99 -41.96 41.64 -21.46
CA THR J 99 -40.87 40.70 -21.23
C THR J 99 -39.70 41.46 -20.64
N ASP J 100 -39.70 41.61 -19.31
CA ASP J 100 -38.58 42.16 -18.53
C ASP J 100 -38.18 43.55 -19.03
N VAL J 101 -39.09 44.50 -18.82
CA VAL J 101 -38.85 45.87 -19.27
C VAL J 101 -37.67 46.47 -18.54
N LEU J 102 -36.97 47.38 -19.21
CA LEU J 102 -35.80 48.07 -18.68
C LEU J 102 -36.06 49.56 -18.84
N VAL J 103 -36.73 50.16 -17.86
CA VAL J 103 -37.11 51.56 -17.94
C VAL J 103 -35.87 52.43 -17.77
N LEU J 104 -35.61 53.27 -18.77
CA LEU J 104 -34.49 54.21 -18.72
C LEU J 104 -35.00 55.58 -18.31
N SER J 105 -34.09 56.55 -18.34
CA SER J 105 -34.38 57.90 -17.86
C SER J 105 -34.28 58.90 -19.02
N CYS J 106 -35.05 59.98 -18.90
CA CYS J 106 -34.92 61.07 -19.86
C CYS J 106 -33.58 61.78 -19.70
N ASP J 107 -33.13 61.98 -18.47
CA ASP J 107 -31.93 62.75 -18.20
C ASP J 107 -31.10 62.08 -17.12
N LEU J 108 -29.91 62.65 -16.87
CA LEU J 108 -28.96 62.19 -15.85
C LEU J 108 -28.58 60.73 -16.03
N ILE J 109 -28.39 60.32 -17.28
CA ILE J 109 -27.84 59.01 -17.61
C ILE J 109 -26.51 59.23 -18.31
N THR J 110 -25.46 58.58 -17.81
CA THR J 110 -24.09 58.92 -18.16
C THR J 110 -23.28 57.67 -18.46
N ASP J 111 -23.86 56.78 -19.28
CA ASP J 111 -23.14 55.68 -19.93
C ASP J 111 -22.48 54.73 -18.93
N VAL J 112 -23.16 54.46 -17.83
CA VAL J 112 -22.74 53.36 -16.96
C VAL J 112 -22.99 52.05 -17.67
N ALA J 113 -22.10 51.08 -17.46
CA ALA J 113 -22.23 49.82 -18.16
C ALA J 113 -23.39 49.01 -17.59
N LEU J 114 -24.28 48.56 -18.48
CA LEU J 114 -25.44 47.75 -18.09
C LEU J 114 -25.04 46.39 -17.58
N HIS J 115 -23.83 45.92 -17.93
CA HIS J 115 -23.44 44.54 -17.63
C HIS J 115 -23.36 44.28 -16.14
N GLU J 116 -23.06 45.31 -15.33
CA GLU J 116 -23.07 45.12 -13.90
C GLU J 116 -24.45 45.27 -13.28
N VAL J 117 -25.38 45.93 -13.95
CA VAL J 117 -26.71 46.12 -13.37
C VAL J 117 -27.64 44.98 -13.77
N VAL J 118 -27.65 44.63 -15.05
CA VAL J 118 -28.49 43.56 -15.56
C VAL J 118 -28.07 42.21 -14.97
N ASP J 119 -26.79 42.07 -14.61
CA ASP J 119 -26.37 40.85 -13.94
C ASP J 119 -26.88 40.75 -12.51
N LEU J 120 -27.43 41.82 -11.94
CA LEU J 120 -28.20 41.76 -10.71
C LEU J 120 -29.67 41.48 -10.96
N PHE J 121 -30.01 41.03 -12.16
CA PHE J 121 -31.38 40.74 -12.53
C PHE J 121 -31.42 39.40 -13.25
N ARG J 122 -30.28 38.99 -13.80
CA ARG J 122 -30.13 37.72 -14.49
C ARG J 122 -29.37 36.68 -13.67
N ALA J 123 -28.92 37.01 -12.47
CA ALA J 123 -28.29 36.04 -11.59
C ALA J 123 -29.13 35.80 -10.35
N TYR J 124 -29.46 36.86 -9.64
CA TYR J 124 -30.21 36.79 -8.40
C TYR J 124 -31.71 36.67 -8.64
N ASP J 125 -32.14 36.77 -9.90
CA ASP J 125 -33.56 36.80 -10.28
C ASP J 125 -34.32 37.82 -9.45
N ALA J 126 -33.80 39.03 -9.44
CA ALA J 126 -34.41 40.12 -8.69
C ALA J 126 -35.78 40.45 -9.27
N SER J 127 -36.72 40.78 -8.40
CA SER J 127 -37.97 41.33 -8.89
C SER J 127 -37.76 42.69 -9.53
N LEU J 128 -36.75 43.42 -9.07
CA LEU J 128 -36.48 44.78 -9.52
C LEU J 128 -35.00 45.04 -9.34
N ALA J 129 -34.43 45.83 -10.23
CA ALA J 129 -33.01 46.16 -10.14
C ALA J 129 -32.79 47.58 -10.61
N MET J 130 -32.16 48.39 -9.77
CA MET J 130 -31.95 49.80 -10.05
C MET J 130 -30.47 50.08 -10.25
N LEU J 131 -30.18 51.30 -10.70
CA LEU J 131 -28.82 51.81 -10.79
C LEU J 131 -28.78 53.16 -10.10
N MET J 132 -27.90 53.27 -9.10
CA MET J 132 -27.64 54.53 -8.43
C MET J 132 -26.14 54.82 -8.46
N ARG J 133 -25.80 56.09 -8.47
CA ARG J 133 -24.41 56.49 -8.62
C ARG J 133 -24.02 57.50 -7.54
N ARG J 155 -32.25 63.24 0.34
CA ARG J 155 -33.64 63.22 0.74
C ARG J 155 -34.18 61.81 0.74
N ASP J 156 -33.63 60.98 -0.15
CA ASP J 156 -33.99 59.58 -0.25
C ASP J 156 -32.91 58.75 0.44
N PHE J 157 -33.28 58.01 1.47
CA PHE J 157 -32.36 57.20 2.24
C PHE J 157 -32.56 55.75 1.88
N ILE J 158 -31.48 55.09 1.45
CA ILE J 158 -31.51 53.67 1.13
C ILE J 158 -30.71 52.91 2.17
N GLY J 159 -31.24 51.77 2.57
CA GLY J 159 -30.57 50.84 3.45
C GLY J 159 -30.29 49.58 2.68
N VAL J 160 -29.01 49.37 2.40
CA VAL J 160 -28.51 48.25 1.61
C VAL J 160 -28.04 47.17 2.57
N ASP J 161 -28.13 45.92 2.14
CA ASP J 161 -27.65 44.81 2.94
C ASP J 161 -26.13 44.83 3.05
N SER J 162 -25.60 43.95 3.91
CA SER J 162 -24.16 43.88 4.15
C SER J 162 -23.38 43.43 2.91
N THR J 163 -24.04 42.75 1.96
CA THR J 163 -23.37 42.38 0.72
C THR J 163 -23.21 43.55 -0.23
N GLY J 164 -23.84 44.69 0.04
CA GLY J 164 -23.69 45.85 -0.80
C GLY J 164 -24.43 45.79 -2.12
N LYS J 165 -25.38 44.87 -2.27
CA LYS J 165 -26.12 44.78 -3.51
C LYS J 165 -27.62 44.54 -3.33
N ARG J 166 -28.11 44.47 -2.10
CA ARG J 166 -29.50 44.15 -1.81
C ARG J 166 -30.18 45.32 -1.13
N LEU J 167 -31.23 45.85 -1.75
CA LEU J 167 -32.02 46.91 -1.14
C LEU J 167 -32.89 46.35 -0.03
N LEU J 168 -32.88 47.01 1.12
CA LEU J 168 -33.72 46.61 2.24
C LEU J 168 -34.68 47.72 2.66
N PHE J 169 -34.21 48.95 2.82
CA PHE J 169 -35.09 50.01 3.31
C PHE J 169 -34.93 51.26 2.47
N MET J 170 -35.81 51.45 1.50
CA MET J 170 -35.85 52.69 0.74
C MET J 170 -36.90 53.62 1.32
N ALA J 171 -36.51 54.87 1.56
CA ALA J 171 -37.42 55.89 2.07
C ALA J 171 -37.09 57.17 1.32
N ASN J 172 -37.82 57.43 0.23
CA ASN J 172 -37.62 58.67 -0.51
C ASN J 172 -38.11 59.87 0.29
N GLU J 173 -39.13 59.67 1.12
CA GLU J 173 -39.68 60.74 1.93
C GLU J 173 -38.71 61.07 3.06
N ALA J 174 -38.05 62.21 2.97
CA ALA J 174 -37.34 62.76 4.13
C ALA J 174 -38.29 63.47 5.09
N ASP J 175 -39.55 63.63 4.71
CA ASP J 175 -40.55 64.30 5.52
C ASP J 175 -41.17 63.41 6.59
N LEU J 176 -40.58 62.24 6.85
CA LEU J 176 -40.96 61.48 8.04
C LEU J 176 -40.57 62.27 9.29
N ASP J 177 -41.31 62.05 10.37
CA ASP J 177 -41.21 62.93 11.54
C ASP J 177 -39.91 62.71 12.31
N GLU J 178 -38.78 62.99 11.66
CA GLU J 178 -37.43 62.91 12.23
C GLU J 178 -37.11 61.52 12.79
N GLU J 179 -37.79 60.49 12.28
CA GLU J 179 -37.62 59.12 12.79
C GLU J 179 -37.63 58.16 11.61
N LEU J 180 -36.45 57.65 11.26
CA LEU J 180 -36.35 56.59 10.25
C LEU J 180 -36.67 55.27 10.94
N VAL J 181 -37.97 54.97 11.01
CA VAL J 181 -38.41 53.76 11.68
C VAL J 181 -38.13 52.54 10.80
N ILE J 182 -37.59 51.50 11.41
CA ILE J 182 -37.23 50.27 10.71
C ILE J 182 -37.99 49.12 11.35
N LYS J 183 -38.59 48.27 10.53
CA LYS J 183 -39.22 47.06 11.03
C LYS J 183 -38.17 46.15 11.66
N GLY J 184 -38.52 45.53 12.79
CA GLY J 184 -37.59 44.64 13.44
C GLY J 184 -37.35 43.35 12.67
N SER J 185 -38.28 42.97 11.80
CA SER J 185 -38.15 41.71 11.08
C SER J 185 -36.99 41.74 10.10
N ILE J 186 -36.79 42.86 9.40
CA ILE J 186 -35.63 42.97 8.52
C ILE J 186 -34.34 43.04 9.34
N LEU J 187 -34.39 43.62 10.53
CA LEU J 187 -33.17 43.70 11.32
C LEU J 187 -32.80 42.35 11.91
N GLN J 188 -33.79 41.49 12.15
CA GLN J 188 -33.49 40.12 12.55
C GLN J 188 -33.06 39.26 11.37
N LYS J 189 -33.62 39.49 10.19
CA LYS J 189 -33.20 38.72 9.02
C LYS J 189 -31.90 39.27 8.45
N HIS J 190 -31.81 40.59 8.28
CA HIS J 190 -30.61 41.26 7.79
C HIS J 190 -30.06 42.12 8.91
N PRO J 191 -29.02 41.68 9.62
CA PRO J 191 -28.60 42.43 10.81
C PRO J 191 -27.86 43.72 10.50
N ARG J 192 -26.98 43.73 9.50
CA ARG J 192 -26.19 44.91 9.18
C ARG J 192 -26.84 45.64 8.01
N ILE J 193 -27.51 46.75 8.30
CA ILE J 193 -28.09 47.60 7.27
C ILE J 193 -27.21 48.83 7.11
N ARG J 194 -26.58 48.97 5.95
CA ARG J 194 -25.70 50.09 5.65
C ARG J 194 -26.52 51.17 4.95
N PHE J 195 -26.56 52.35 5.52
CA PHE J 195 -27.41 53.41 5.00
C PHE J 195 -26.58 54.38 4.16
N HIS J 196 -27.07 54.68 2.97
CA HIS J 196 -26.44 55.64 2.08
C HIS J 196 -27.30 56.90 2.01
N THR J 197 -26.64 58.05 1.98
CA THR J 197 -27.30 59.35 2.11
C THR J 197 -27.41 60.01 0.74
N GLY J 198 -28.63 60.04 0.21
CA GLY J 198 -28.95 60.80 -0.98
C GLY J 198 -28.24 60.39 -2.25
N LEU J 199 -28.20 59.09 -2.54
CA LEU J 199 -27.57 58.63 -3.77
C LEU J 199 -28.35 59.07 -4.99
N VAL J 200 -27.63 59.38 -6.06
CA VAL J 200 -28.26 59.87 -7.27
C VAL J 200 -29.00 58.73 -7.96
N ASP J 201 -30.29 58.93 -8.20
CA ASP J 201 -31.13 57.92 -8.84
C ASP J 201 -31.02 58.09 -10.35
N ALA J 202 -30.39 57.12 -11.01
CA ALA J 202 -30.23 57.17 -12.46
C ALA J 202 -31.50 56.76 -13.19
N HIS J 203 -32.51 56.27 -12.48
CA HIS J 203 -33.78 55.80 -13.03
C HIS J 203 -33.60 54.72 -14.08
N LEU J 204 -32.63 53.83 -13.86
CA LEU J 204 -32.44 52.67 -14.73
C LEU J 204 -33.11 51.49 -14.04
N TYR J 205 -34.43 51.42 -14.23
CA TYR J 205 -35.26 50.42 -13.58
C TYR J 205 -35.24 49.14 -14.41
N CYS J 206 -34.80 48.04 -13.80
CA CYS J 206 -34.94 46.73 -14.42
C CYS J 206 -36.14 45.99 -13.80
N LEU J 207 -37.33 46.49 -14.13
CA LEU J 207 -38.55 45.86 -13.65
C LEU J 207 -38.73 44.50 -14.28
N LYS J 208 -39.15 43.52 -13.49
CA LYS J 208 -39.56 42.26 -14.07
C LYS J 208 -40.96 42.41 -14.66
N LYS J 209 -41.31 41.50 -15.57
CA LYS J 209 -42.46 41.69 -16.45
C LYS J 209 -43.79 41.71 -15.73
N TYR J 210 -43.86 41.28 -14.47
CA TYR J 210 -45.15 41.31 -13.78
C TYR J 210 -45.39 42.58 -13.00
N ILE J 211 -44.34 43.39 -12.75
CA ILE J 211 -44.53 44.62 -12.00
C ILE J 211 -45.34 45.63 -12.81
N VAL J 212 -45.07 45.72 -14.11
CA VAL J 212 -45.90 46.56 -14.97
C VAL J 212 -47.32 46.02 -15.07
N ASP J 213 -47.49 44.70 -14.93
CA ASP J 213 -48.83 44.14 -14.84
C ASP J 213 -49.46 44.41 -13.48
N PHE J 214 -48.65 44.35 -12.42
CA PHE J 214 -49.18 44.56 -11.07
C PHE J 214 -49.61 46.01 -10.84
N LEU J 215 -49.01 46.95 -11.57
CA LEU J 215 -49.47 48.34 -11.51
C LEU J 215 -50.81 48.50 -12.20
N MET J 216 -51.09 47.68 -13.21
CA MET J 216 -52.35 47.79 -13.96
C MET J 216 -53.54 47.38 -13.11
N GLU J 217 -53.39 46.34 -12.30
CA GLU J 217 -54.47 45.89 -11.44
C GLU J 217 -54.58 46.76 -10.20
N SER J 226 -40.11 57.47 -5.69
CA SER J 226 -40.91 57.08 -6.84
C SER J 226 -42.27 56.52 -6.43
N GLU J 227 -42.70 55.47 -7.11
CA GLU J 227 -44.04 54.93 -6.90
C GLU J 227 -44.00 53.43 -6.65
N LEU J 228 -42.99 52.75 -7.19
CA LEU J 228 -42.87 51.31 -7.06
C LEU J 228 -41.55 50.87 -6.45
N ILE J 229 -40.48 51.61 -6.69
CA ILE J 229 -39.20 51.33 -6.02
C ILE J 229 -39.29 51.41 -4.50
N PRO J 230 -39.92 52.42 -3.88
CA PRO J 230 -40.11 52.34 -2.43
C PRO J 230 -41.34 51.54 -2.02
N TYR J 231 -42.08 50.96 -2.96
CA TYR J 231 -43.16 50.06 -2.59
C TYR J 231 -42.70 48.61 -2.65
N LEU J 232 -41.93 48.24 -3.69
CA LEU J 232 -41.45 46.88 -3.82
C LEU J 232 -40.52 46.49 -2.69
N VAL J 233 -39.69 47.42 -2.20
CA VAL J 233 -38.84 47.13 -1.06
C VAL J 233 -39.65 46.93 0.21
N ARG J 234 -40.88 47.44 0.26
CA ARG J 234 -41.75 47.21 1.39
C ARG J 234 -42.66 46.02 1.18
N LYS J 235 -42.94 45.66 -0.08
CA LYS J 235 -43.80 44.50 -0.36
C LYS J 235 -43.14 43.21 0.05
N GLN J 236 -41.83 43.11 -0.09
CA GLN J 236 -41.11 41.99 0.49
C GLN J 236 -41.12 42.09 2.00
N PHE J 237 -41.08 40.91 2.65
CA PHE J 237 -41.25 40.69 4.10
C PHE J 237 -42.27 41.62 4.77
N ALA J 240 -50.40 42.75 -4.82
CA ALA J 240 -48.96 42.92 -4.80
C ALA J 240 -48.24 41.70 -5.37
N SER J 241 -48.89 40.54 -5.27
CA SER J 241 -48.35 39.28 -5.77
C SER J 241 -49.06 38.93 -7.06
N SER J 242 -48.38 39.14 -8.18
CA SER J 242 -48.88 38.82 -9.52
C SER J 242 -47.85 38.01 -10.29
N GLN J 243 -47.21 37.06 -9.61
CA GLN J 243 -46.18 36.23 -10.22
C GLN J 243 -46.78 35.21 -11.18
N LYS J 259 -44.03 33.33 -4.41
CA LYS J 259 -42.68 33.50 -3.89
C LYS J 259 -42.54 34.85 -3.18
N SER J 260 -41.39 35.07 -2.57
CA SER J 260 -41.07 36.34 -1.93
C SER J 260 -40.16 37.13 -2.85
N LEU J 261 -40.58 38.32 -3.24
CA LEU J 261 -39.83 39.12 -4.19
C LEU J 261 -38.58 39.69 -3.55
N ASP J 262 -37.60 40.03 -4.38
CA ASP J 262 -36.33 40.56 -3.93
C ASP J 262 -35.85 41.63 -4.91
N ILE J 263 -35.25 42.68 -4.35
CA ILE J 263 -34.89 43.89 -5.10
C ILE J 263 -33.43 44.21 -4.83
N TYR J 264 -32.65 44.36 -5.90
CA TYR J 264 -31.21 44.51 -5.77
C TYR J 264 -30.75 45.81 -6.44
N SER J 265 -29.74 46.45 -5.86
CA SER J 265 -29.30 47.76 -6.33
C SER J 265 -27.80 47.75 -6.62
N PHE J 266 -27.41 48.56 -7.60
CA PHE J 266 -26.01 48.76 -7.95
C PHE J 266 -25.58 50.18 -7.63
N ILE J 267 -24.39 50.32 -7.06
CA ILE J 267 -23.82 51.62 -6.73
C ILE J 267 -22.51 51.82 -7.47
O1 F6P K . -0.49 -21.50 27.45
C1 F6P K . -0.93 -21.56 28.78
C2 F6P K . -1.22 -20.15 29.27
O2 F6P K . -1.83 -20.18 30.50
C3 F6P K . -1.95 -19.48 28.42
O3 F6P K . -3.34 -19.72 28.70
C4 F6P K . -1.61 -17.93 28.75
O4 F6P K . -2.02 -17.12 27.67
C5 F6P K . -0.26 -17.90 28.89
O5 F6P K . 0.14 -19.30 29.33
C6 F6P K . 0.14 -16.92 29.99
O6 F6P K . 0.57 -17.65 31.11
P F6P K . 0.52 -16.90 32.57
O1P F6P K . -0.60 -17.47 33.39
O2P F6P K . 1.82 -17.12 33.29
O3P F6P K . 0.32 -15.43 32.34
O1 F6P L . -23.59 -23.73 8.66
C1 F6P L . -23.88 -25.10 8.64
C2 F6P L . -23.19 -25.73 7.43
O2 F6P L . -23.53 -27.06 7.33
C3 F6P L . -21.89 -25.61 7.51
O3 F6P L . -21.35 -26.76 8.17
C4 F6P L . -21.39 -25.63 5.96
O4 F6P L . -20.15 -24.95 5.88
C5 F6P L . -22.34 -24.99 5.23
O5 F6P L . -23.60 -24.95 6.10
C6 F6P L . -22.65 -25.77 3.96
O6 F6P L . -23.80 -26.56 4.14
P F6P L . -24.03 -27.79 3.07
O1P F6P L . -24.27 -29.09 3.79
O2P F6P L . -22.81 -27.89 2.20
O3P F6P L . -25.22 -27.50 2.21
#